data_7JFO
#
_entry.id   7JFO
#
loop_
_entity.id
_entity.type
_entity.pdbx_description
1 polymer 'Ribulose bisphosphate carboxylase large chain'
2 polymer 'Ribulose bisphosphate carboxylase small chain 2, chloroplastic'
3 polymer LCI5
4 water water
#
loop_
_entity_poly.entity_id
_entity_poly.type
_entity_poly.pdbx_seq_one_letter_code
_entity_poly.pdbx_strand_id
1 'polypeptide(L)'
;MVPQTETKAGAGFKAGVKDYRLTYYTPDYVVRDTDILAAFRMTPQPGVPPEECGAAVAAESSTGTWTTVWTDGLTSLDRY
KGRCYDIEPVPGEDNQYIAYVAYPIDLFEEGSVTNMFTSIVGNVFGFKALRALRLEDLRIPPAYVKTFVGPPHGIQVERD
KLNKYGRGLLGCTIKPKLGLSAKNYGRAVYECLRGGLDFTKDDENVNSQPFMRWRDRFLFVAEAIYKAQAETGEVKGHYL
NATAGTCEEMMKRAV(SMC)AKELGVPIIMHDYLTGGFTANTSLAIYCRDNGLLLHIHRAMHAVIDRQRNHGIHFRVLAK
ALRMSGGDHLHSGTVVGKLEGEREVTLGFVDLMRDDYVEKDRSRGIYFTQDWCSMPGVMPVASGGIHVWHMPALVEIFGD
DACLQFGGGTLGHPWGNAPGAAANRVALEACTQARNEGRDLAREGGDVIRSACKWSPELAAACEVWKEIKFEFDTIDKL
;
A,C,E,G,I,K,M,O
2 'polypeptide(L)'
;MAAVIAKSSVSAAVARPARSSVRPMAALKPAVKAAPVAAPAQANQMMVWTPVNNKMFETFSYLPPLSDEQIAAQVDYIVA
NGWIPCLEFAESDKAYVSNESAIRFGSVSCLYYDNRYWTMWKLPMFGCRDPMQVLREIVACTKAFPDAYVRLVAFDNQKQ
VQIMGFLVQRPKSARDWQPANKRSV
;
B,D,F,H,J,L,N,P
3 'polypeptide(L)' TNRVSPTRSVLPANWRQELESLRN q,r,s,t,u,v,w,x
#
# COMPACT_ATOMS: atom_id res chain seq x y z
N LYS A 18 -26.09 -0.27 43.73
CA LYS A 18 -26.80 -1.34 43.05
C LYS A 18 -28.22 -1.59 43.56
N ASP A 19 -29.22 -1.01 42.88
CA ASP A 19 -30.65 -1.21 43.17
C ASP A 19 -30.96 -0.82 44.61
N TYR A 20 -30.73 0.44 44.92
CA TYR A 20 -31.01 0.93 46.28
C TYR A 20 -32.48 1.23 46.41
N ARG A 21 -33.15 1.38 45.26
CA ARG A 21 -34.46 1.94 44.95
C ARG A 21 -34.50 3.46 45.12
N LEU A 22 -33.58 4.07 45.85
CA LEU A 22 -33.77 5.48 46.12
C LEU A 22 -32.71 6.30 45.39
N THR A 23 -31.59 5.67 45.11
CA THR A 23 -30.63 6.32 44.23
C THR A 23 -31.14 6.33 42.79
N TYR A 24 -31.79 5.25 42.35
CA TYR A 24 -31.94 5.01 40.91
C TYR A 24 -33.34 5.28 40.44
N TYR A 25 -34.30 5.19 41.32
CA TYR A 25 -35.66 5.56 41.02
C TYR A 25 -35.86 6.98 41.50
N THR A 26 -35.87 7.92 40.56
CA THR A 26 -35.89 9.35 40.84
C THR A 26 -37.06 9.95 40.11
N PRO A 27 -38.27 9.81 40.63
CA PRO A 27 -39.45 10.16 39.85
C PRO A 27 -39.67 11.65 39.63
N ASP A 28 -38.86 12.51 40.23
CA ASP A 28 -38.94 13.93 39.93
C ASP A 28 -37.78 14.41 39.03
N TYR A 29 -36.99 13.51 38.46
CA TYR A 29 -35.94 13.86 37.49
C TYR A 29 -36.55 14.53 36.26
N VAL A 30 -35.96 15.61 35.81
CA VAL A 30 -36.34 16.20 34.54
C VAL A 30 -35.45 15.65 33.42
N VAL A 31 -36.11 15.10 32.41
CA VAL A 31 -35.45 14.51 31.26
C VAL A 31 -34.73 15.60 30.47
N ARG A 32 -33.44 15.43 30.28
CA ARG A 32 -32.64 16.30 29.45
C ARG A 32 -32.85 16.01 27.96
N ASP A 33 -32.53 16.98 27.11
CA ASP A 33 -32.70 16.80 25.68
C ASP A 33 -31.69 15.84 25.07
N THR A 34 -30.52 15.74 25.66
CA THR A 34 -29.48 14.88 25.16
C THR A 34 -29.55 13.47 25.72
N ASP A 35 -30.42 13.19 26.68
CA ASP A 35 -30.57 11.85 27.22
C ASP A 35 -31.13 10.87 26.21
N ILE A 36 -30.68 9.66 26.32
CA ILE A 36 -31.26 8.50 25.67
C ILE A 36 -32.32 7.91 26.59
N LEU A 37 -33.52 7.77 26.12
CA LEU A 37 -34.57 7.24 26.97
C LEU A 37 -34.88 5.81 26.55
N ALA A 38 -35.26 5.01 27.48
CA ALA A 38 -35.68 3.64 27.22
C ALA A 38 -36.99 3.36 27.92
N ALA A 39 -37.86 2.63 27.26
CA ALA A 39 -39.09 2.12 27.90
C ALA A 39 -39.03 0.60 27.97
N PHE A 40 -38.89 0.09 29.16
CA PHE A 40 -38.90 -1.33 29.44
C PHE A 40 -40.26 -1.82 29.96
N ARG A 41 -40.86 -2.74 29.23
CA ARG A 41 -41.95 -3.55 29.76
C ARG A 41 -41.37 -4.62 30.67
N MET A 42 -41.78 -4.59 31.91
CA MET A 42 -41.10 -5.20 33.01
C MET A 42 -42.05 -6.15 33.75
N THR A 43 -41.61 -7.37 34.01
CA THR A 43 -42.39 -8.36 34.76
C THR A 43 -41.66 -8.78 36.03
N PRO A 44 -41.91 -8.12 37.15
CA PRO A 44 -41.19 -8.42 38.38
C PRO A 44 -41.52 -9.80 38.95
N GLN A 45 -40.56 -10.38 39.62
CA GLN A 45 -40.83 -11.57 40.41
C GLN A 45 -41.84 -11.24 41.49
N PRO A 46 -42.75 -12.18 41.80
CA PRO A 46 -43.84 -11.90 42.73
C PRO A 46 -43.35 -11.55 44.11
N GLY A 47 -43.89 -10.46 44.64
CA GLY A 47 -43.40 -9.87 45.86
C GLY A 47 -42.34 -8.80 45.73
N VAL A 48 -41.82 -8.55 44.53
CA VAL A 48 -40.80 -7.53 44.32
C VAL A 48 -41.50 -6.28 43.81
N PRO A 49 -41.38 -5.15 44.48
CA PRO A 49 -42.17 -3.99 44.12
C PRO A 49 -41.67 -3.37 42.83
N PRO A 50 -42.53 -2.67 42.09
CA PRO A 50 -42.13 -2.13 40.78
C PRO A 50 -41.01 -1.10 40.83
N GLU A 51 -40.94 -0.35 41.91
CA GLU A 51 -39.94 0.70 42.05
C GLU A 51 -38.57 0.09 42.26
N GLU A 52 -38.51 -1.06 42.91
CA GLU A 52 -37.26 -1.77 43.06
C GLU A 52 -36.79 -2.36 41.73
N CYS A 53 -37.71 -2.82 40.90
CA CYS A 53 -37.31 -3.40 39.62
C CYS A 53 -36.86 -2.33 38.63
N GLY A 54 -37.63 -1.24 38.53
CA GLY A 54 -37.24 -0.14 37.67
C GLY A 54 -35.89 0.42 38.01
N ALA A 55 -35.60 0.54 39.32
CA ALA A 55 -34.31 0.99 39.80
C ALA A 55 -33.18 0.03 39.46
N ALA A 56 -33.43 -1.28 39.61
CA ALA A 56 -32.46 -2.30 39.25
C ALA A 56 -32.11 -2.26 37.75
N VAL A 57 -33.11 -2.07 36.89
CA VAL A 57 -32.86 -1.94 35.45
C VAL A 57 -32.08 -0.67 35.16
N ALA A 58 -32.41 0.43 35.86
CA ALA A 58 -31.65 1.67 35.75
C ALA A 58 -30.19 1.45 36.17
N ALA A 59 -29.98 0.68 37.23
CA ALA A 59 -28.66 0.57 37.81
C ALA A 59 -27.71 -0.39 37.05
N GLU A 60 -28.23 -1.44 36.41
CA GLU A 60 -27.43 -2.57 35.84
C GLU A 60 -26.39 -3.04 36.86
N SER A 61 -26.88 -3.48 37.99
CA SER A 61 -26.07 -3.90 39.13
C SER A 61 -25.04 -4.95 38.72
N SER A 62 -23.90 -4.97 39.39
CA SER A 62 -22.87 -5.89 38.93
C SER A 62 -23.11 -7.30 39.50
N THR A 63 -24.20 -7.47 40.26
CA THR A 63 -24.71 -8.78 40.66
C THR A 63 -26.13 -8.99 40.09
N GLY A 64 -26.25 -9.98 39.21
CA GLY A 64 -27.50 -10.24 38.51
C GLY A 64 -28.25 -11.38 39.16
N THR A 65 -27.52 -12.20 39.95
CA THR A 65 -28.07 -13.28 40.75
C THR A 65 -28.66 -12.82 42.10
N TRP A 66 -27.97 -11.92 42.77
CA TRP A 66 -28.38 -11.46 44.10
C TRP A 66 -29.65 -10.64 44.27
N THR A 67 -29.85 -9.68 43.37
CA THR A 67 -30.97 -8.72 43.39
C THR A 67 -30.97 -7.83 44.65
N THR A 68 -29.77 -7.54 45.17
CA THR A 68 -29.60 -6.69 46.35
C THR A 68 -28.29 -5.91 46.27
N VAL A 69 -28.25 -4.76 46.93
CA VAL A 69 -27.02 -3.98 46.94
C VAL A 69 -25.96 -4.76 47.69
N TRP A 70 -24.74 -4.76 47.19
CA TRP A 70 -23.63 -5.44 47.83
C TRP A 70 -22.43 -4.51 47.93
N THR A 71 -21.88 -4.11 46.76
CA THR A 71 -20.80 -3.13 46.65
C THR A 71 -21.42 -1.85 46.10
N ASP A 72 -21.55 -0.83 46.95
CA ASP A 72 -22.25 0.40 46.59
C ASP A 72 -21.33 1.60 46.77
N GLY A 73 -21.24 2.41 45.71
CA GLY A 73 -20.49 3.66 45.60
C GLY A 73 -19.40 3.67 44.53
N LEU A 74 -19.73 4.16 43.34
CA LEU A 74 -18.84 4.09 42.18
C LEU A 74 -18.79 5.43 41.47
N THR A 75 -17.74 5.61 40.66
CA THR A 75 -17.81 6.68 39.68
C THR A 75 -18.35 6.20 38.36
N SER A 76 -18.63 4.90 38.23
CA SER A 76 -19.51 4.48 37.15
C SER A 76 -20.96 4.56 37.53
N LEU A 77 -21.29 4.70 38.84
CA LEU A 77 -22.67 4.81 39.34
C LEU A 77 -22.97 6.13 40.06
N ASP A 78 -22.33 7.25 39.71
CA ASP A 78 -22.72 8.52 40.35
C ASP A 78 -23.23 9.53 39.32
N ARG A 79 -22.57 9.63 38.14
CA ARG A 79 -22.93 10.60 37.09
C ARG A 79 -23.14 9.88 35.76
N TYR A 80 -22.77 8.61 35.70
CA TYR A 80 -22.91 7.84 34.48
C TYR A 80 -24.00 6.79 34.66
N LYS A 81 -24.96 7.13 35.52
CA LYS A 81 -26.05 6.24 35.83
C LYS A 81 -27.37 6.55 35.12
N GLY A 82 -27.99 5.50 34.59
CA GLY A 82 -29.31 5.60 34.03
C GLY A 82 -30.25 5.76 35.23
N ARG A 83 -31.29 6.58 35.12
CA ARG A 83 -32.22 6.77 36.24
C ARG A 83 -33.64 6.36 35.86
N CYS A 84 -34.31 5.60 36.70
CA CYS A 84 -35.67 5.25 36.38
C CYS A 84 -36.56 6.40 36.82
N TYR A 85 -37.08 7.16 35.87
CA TYR A 85 -37.78 8.40 36.23
C TYR A 85 -39.30 8.28 36.23
N ASP A 86 -39.86 7.13 35.89
CA ASP A 86 -41.31 6.92 35.78
C ASP A 86 -41.60 5.44 35.65
N ILE A 87 -42.55 4.96 36.43
CA ILE A 87 -43.09 3.61 36.30
C ILE A 87 -44.59 3.70 36.15
N GLU A 88 -45.13 3.11 35.08
CA GLU A 88 -46.56 3.08 34.83
C GLU A 88 -47.08 1.65 34.75
N PRO A 89 -48.30 1.41 35.24
CA PRO A 89 -48.94 0.10 35.03
C PRO A 89 -49.38 -0.10 33.60
N VAL A 90 -49.42 -1.35 33.19
CA VAL A 90 -49.87 -1.75 31.85
C VAL A 90 -51.34 -2.13 31.98
N PRO A 91 -52.24 -1.51 31.21
CA PRO A 91 -53.68 -1.77 31.39
C PRO A 91 -54.11 -3.15 30.92
N GLY A 92 -54.87 -3.84 31.74
CA GLY A 92 -55.28 -5.19 31.44
C GLY A 92 -54.33 -6.24 31.93
N GLU A 93 -53.13 -5.85 32.32
CA GLU A 93 -52.13 -6.75 32.86
C GLU A 93 -52.09 -6.49 34.36
N ASP A 94 -51.63 -7.48 35.11
CA ASP A 94 -51.67 -7.37 36.56
C ASP A 94 -50.27 -7.28 37.15
N ASN A 95 -49.28 -7.86 36.47
CA ASN A 95 -47.92 -7.85 36.99
C ASN A 95 -46.94 -7.23 36.00
N GLN A 96 -47.38 -6.36 35.10
CA GLN A 96 -46.50 -5.74 34.13
C GLN A 96 -46.50 -4.23 34.24
N TYR A 97 -45.32 -3.63 34.12
CA TYR A 97 -45.14 -2.19 34.23
C TYR A 97 -44.26 -1.70 33.09
N ILE A 98 -44.44 -0.46 32.69
CA ILE A 98 -43.49 0.23 31.83
C ILE A 98 -42.58 1.05 32.71
N ALA A 99 -41.29 0.74 32.73
CA ALA A 99 -40.29 1.55 33.38
C ALA A 99 -39.52 2.40 32.35
N TYR A 100 -39.48 3.70 32.57
CA TYR A 100 -38.78 4.68 31.74
C TYR A 100 -37.42 5.01 32.33
N VAL A 101 -36.37 4.80 31.57
CA VAL A 101 -35.02 5.00 32.06
C VAL A 101 -34.34 6.04 31.20
N ALA A 102 -33.76 7.02 31.84
CA ALA A 102 -32.95 8.00 31.17
C ALA A 102 -31.46 7.63 31.30
N TYR A 103 -30.73 7.70 30.21
CA TYR A 103 -29.29 7.48 30.19
C TYR A 103 -28.58 8.76 29.73
N PRO A 104 -27.57 9.24 30.42
CA PRO A 104 -26.83 10.42 29.92
C PRO A 104 -26.02 10.06 28.66
N ILE A 105 -25.98 11.00 27.73
CA ILE A 105 -25.37 10.81 26.42
C ILE A 105 -23.86 10.51 26.55
N ASP A 106 -23.23 10.97 27.61
CA ASP A 106 -21.85 10.63 27.92
C ASP A 106 -21.57 9.16 28.09
N LEU A 107 -22.58 8.33 28.34
CA LEU A 107 -22.39 6.90 28.42
C LEU A 107 -22.03 6.26 27.08
N PHE A 108 -22.28 6.89 25.96
CA PHE A 108 -22.36 6.16 24.71
C PHE A 108 -21.19 6.53 23.77
N GLU A 109 -20.62 5.54 23.09
CA GLU A 109 -19.65 5.81 22.05
C GLU A 109 -20.34 6.40 20.81
N GLU A 110 -19.89 7.59 20.39
CA GLU A 110 -20.46 8.31 19.25
C GLU A 110 -20.47 7.45 17.99
N GLY A 111 -21.63 7.23 17.42
CA GLY A 111 -21.67 6.52 16.16
C GLY A 111 -21.60 5.02 16.27
N SER A 112 -21.82 4.43 17.44
CA SER A 112 -21.64 3.00 17.60
C SER A 112 -22.94 2.37 18.10
N VAL A 113 -23.76 1.87 17.19
CA VAL A 113 -24.95 1.11 17.59
C VAL A 113 -24.56 -0.04 18.51
N THR A 114 -23.45 -0.75 18.17
CA THR A 114 -22.93 -1.83 19.00
C THR A 114 -22.82 -1.41 20.48
N ASN A 115 -22.29 -0.22 20.71
CA ASN A 115 -22.03 0.19 22.07
C ASN A 115 -23.31 0.65 22.77
N MET A 116 -24.28 1.13 22.02
CA MET A 116 -25.53 1.52 22.68
C MET A 116 -26.33 0.30 23.16
N PHE A 117 -26.38 -0.77 22.36
CA PHE A 117 -26.99 -1.98 22.84
C PHE A 117 -26.20 -2.61 23.97
N THR A 118 -24.88 -2.53 23.94
CA THR A 118 -24.11 -3.06 25.06
C THR A 118 -24.44 -2.29 26.37
N SER A 119 -24.58 -0.98 26.26
CA SER A 119 -24.87 -0.17 27.44
C SER A 119 -26.30 -0.40 27.95
N ILE A 120 -27.28 -0.52 27.06
CA ILE A 120 -28.68 -0.59 27.47
C ILE A 120 -29.13 -2.05 27.71
N VAL A 121 -28.87 -2.95 26.80
CA VAL A 121 -29.38 -4.32 26.91
C VAL A 121 -28.30 -5.33 27.25
N GLY A 122 -27.10 -4.86 27.64
CA GLY A 122 -25.98 -5.76 27.81
C GLY A 122 -26.19 -6.80 28.91
N ASN A 123 -26.74 -6.39 30.04
CA ASN A 123 -26.84 -7.23 31.23
C ASN A 123 -28.22 -7.38 31.89
N VAL A 124 -29.12 -6.40 31.82
CA VAL A 124 -30.31 -6.38 32.69
C VAL A 124 -31.33 -7.46 32.36
N PHE A 125 -31.21 -8.14 31.21
CA PHE A 125 -32.27 -9.08 30.89
C PHE A 125 -32.12 -10.37 31.69
N GLY A 126 -30.97 -10.61 32.28
CA GLY A 126 -30.73 -11.68 33.22
C GLY A 126 -31.00 -11.39 34.69
N PHE A 127 -31.52 -10.22 35.06
CA PHE A 127 -31.55 -9.86 36.47
C PHE A 127 -32.62 -10.69 37.18
N LYS A 128 -32.28 -11.24 38.34
CA LYS A 128 -33.15 -12.26 38.93
C LYS A 128 -34.41 -11.67 39.54
N ALA A 129 -34.41 -10.39 39.88
CA ALA A 129 -35.58 -9.72 40.42
C ALA A 129 -36.70 -9.58 39.38
N LEU A 130 -36.36 -9.73 38.11
CA LEU A 130 -37.28 -9.68 36.99
C LEU A 130 -37.59 -11.12 36.62
N ARG A 131 -38.83 -11.39 36.30
CA ARG A 131 -39.17 -12.64 35.64
C ARG A 131 -39.02 -12.53 34.13
N ALA A 132 -39.44 -11.39 33.56
CA ALA A 132 -39.36 -11.13 32.13
C ALA A 132 -39.12 -9.63 31.92
N LEU A 133 -38.50 -9.29 30.82
CA LEU A 133 -38.14 -7.91 30.51
C LEU A 133 -38.15 -7.74 29.01
N ARG A 134 -38.93 -6.78 28.53
CA ARG A 134 -38.94 -6.44 27.12
C ARG A 134 -38.66 -4.95 26.94
N LEU A 135 -37.72 -4.64 26.04
CA LEU A 135 -37.38 -3.27 25.62
C LEU A 135 -38.26 -2.84 24.45
N GLU A 136 -39.16 -1.92 24.74
CA GLU A 136 -40.22 -1.52 23.82
C GLU A 136 -39.77 -0.42 22.88
N ASP A 137 -39.07 0.58 23.38
CA ASP A 137 -38.82 1.78 22.61
C ASP A 137 -37.59 2.51 23.14
N LEU A 138 -37.01 3.31 22.31
CA LEU A 138 -35.90 4.14 22.70
C LEU A 138 -36.09 5.53 22.15
N ARG A 139 -35.77 6.51 22.91
CA ARG A 139 -35.71 7.88 22.42
C ARG A 139 -34.23 8.16 22.12
N ILE A 140 -33.90 8.31 20.85
CA ILE A 140 -32.54 8.64 20.44
C ILE A 140 -32.50 10.16 20.28
N PRO A 141 -31.74 10.88 21.09
CA PRO A 141 -31.72 12.34 21.03
C PRO A 141 -30.99 12.82 19.78
N PRO A 142 -31.39 14.00 19.26
CA PRO A 142 -30.63 14.68 18.20
C PRO A 142 -29.12 14.74 18.41
N ALA A 143 -28.65 14.92 19.63
CA ALA A 143 -27.21 14.98 19.84
C ALA A 143 -26.54 13.62 19.59
N TYR A 144 -27.23 12.50 19.84
CA TYR A 144 -26.66 11.21 19.53
C TYR A 144 -26.86 10.84 18.06
N VAL A 145 -28.06 11.11 17.52
CA VAL A 145 -28.40 10.85 16.11
C VAL A 145 -27.35 11.42 15.18
N LYS A 146 -26.84 12.64 15.44
CA LYS A 146 -25.93 13.29 14.50
C LYS A 146 -24.53 12.70 14.53
N THR A 147 -24.19 11.83 15.48
CA THR A 147 -22.88 11.16 15.44
C THR A 147 -22.81 10.00 14.43
N PHE A 148 -23.92 9.59 13.83
CA PHE A 148 -23.99 8.40 12.97
C PHE A 148 -23.94 8.82 11.51
N VAL A 149 -23.24 8.04 10.72
CA VAL A 149 -23.32 8.22 9.29
C VAL A 149 -24.72 7.94 8.81
N GLY A 150 -25.34 6.88 9.31
CA GLY A 150 -26.65 6.50 8.88
C GLY A 150 -26.76 5.85 7.50
N PRO A 151 -27.99 5.78 6.98
CA PRO A 151 -28.24 5.09 5.70
C PRO A 151 -27.41 5.68 4.57
N PRO A 152 -26.88 4.85 3.69
CA PRO A 152 -26.02 5.35 2.62
C PRO A 152 -26.74 6.34 1.74
N HIS A 153 -27.99 6.12 1.40
CA HIS A 153 -28.77 7.03 0.55
C HIS A 153 -30.12 7.44 1.16
N GLY A 154 -30.90 6.53 1.66
CA GLY A 154 -32.22 6.84 2.10
C GLY A 154 -33.17 6.96 0.92
N ILE A 155 -34.45 6.92 1.28
CA ILE A 155 -35.56 6.74 0.34
C ILE A 155 -35.50 7.73 -0.83
N GLN A 156 -35.40 9.01 -0.54
CA GLN A 156 -35.37 10.08 -1.56
C GLN A 156 -34.25 9.87 -2.59
N VAL A 157 -33.01 9.81 -2.08
CA VAL A 157 -31.86 9.66 -2.95
C VAL A 157 -32.02 8.43 -3.78
N GLU A 158 -32.51 7.34 -3.15
CA GLU A 158 -32.75 6.08 -3.84
C GLU A 158 -33.71 6.26 -5.02
N ARG A 159 -34.85 6.91 -4.79
CA ARG A 159 -35.79 7.20 -5.88
C ARG A 159 -35.14 8.06 -6.97
N ASP A 160 -34.32 9.05 -6.61
CA ASP A 160 -33.64 9.83 -7.63
C ASP A 160 -32.64 8.96 -8.40
N LYS A 161 -31.92 8.09 -7.71
CA LYS A 161 -30.91 7.30 -8.40
C LYS A 161 -31.58 6.23 -9.25
N LEU A 162 -32.68 5.68 -8.79
CA LEU A 162 -33.40 4.68 -9.56
C LEU A 162 -34.34 5.28 -10.60
N ASN A 163 -34.60 6.58 -10.59
CA ASN A 163 -35.54 7.26 -11.50
C ASN A 163 -36.97 6.69 -11.41
N LYS A 164 -37.47 6.46 -10.21
CA LYS A 164 -38.72 5.72 -10.02
C LYS A 164 -39.57 6.44 -8.98
N TYR A 165 -40.67 7.01 -9.40
CA TYR A 165 -41.47 7.94 -8.60
C TYR A 165 -42.93 7.56 -8.64
N GLY A 166 -43.61 7.82 -7.52
CA GLY A 166 -45.07 7.79 -7.45
C GLY A 166 -45.75 6.43 -7.35
N ARG A 167 -45.02 5.37 -7.00
CA ARG A 167 -45.55 4.03 -6.76
C ARG A 167 -44.57 3.30 -5.83
N GLY A 168 -45.01 2.20 -5.22
CA GLY A 168 -44.10 1.28 -4.60
C GLY A 168 -43.11 0.63 -5.57
N LEU A 169 -42.01 0.15 -5.03
CA LEU A 169 -41.07 -0.66 -5.80
C LEU A 169 -41.50 -2.12 -5.68
N LEU A 170 -41.16 -2.92 -6.66
CA LEU A 170 -41.60 -4.31 -6.68
C LEU A 170 -40.43 -5.25 -6.71
N GLY A 171 -40.40 -6.15 -5.74
CA GLY A 171 -39.40 -7.19 -5.70
C GLY A 171 -40.00 -8.58 -5.70
N CYS A 172 -39.13 -9.55 -5.80
CA CYS A 172 -39.46 -10.96 -5.59
C CYS A 172 -38.21 -11.75 -5.19
N THR A 173 -38.39 -12.77 -4.36
CA THR A 173 -37.27 -13.65 -4.02
C THR A 173 -37.14 -14.72 -5.11
N ILE A 174 -35.90 -15.01 -5.50
CA ILE A 174 -35.61 -16.01 -6.52
C ILE A 174 -35.48 -17.36 -5.84
N LYS A 175 -36.36 -18.28 -6.19
CA LYS A 175 -36.27 -19.69 -5.83
C LYS A 175 -36.34 -20.52 -7.12
N PRO A 176 -35.21 -20.80 -7.79
CA PRO A 176 -35.29 -21.40 -9.13
C PRO A 176 -35.89 -22.80 -9.12
N LYS A 177 -36.61 -23.09 -10.18
CA LYS A 177 -37.20 -24.39 -10.35
C LYS A 177 -36.17 -25.41 -10.79
N LEU A 178 -35.04 -25.00 -11.41
CA LEU A 178 -34.22 -25.96 -12.16
C LEU A 178 -32.89 -26.30 -11.48
N GLY A 179 -32.43 -25.48 -10.56
CA GLY A 179 -31.18 -25.73 -9.85
C GLY A 179 -30.85 -24.53 -8.99
N LEU A 180 -29.94 -24.70 -8.04
CA LEU A 180 -29.45 -23.53 -7.36
C LEU A 180 -28.12 -23.04 -7.90
N SER A 181 -27.74 -23.48 -9.09
CA SER A 181 -26.49 -23.02 -9.67
C SER A 181 -26.57 -21.53 -9.96
N ALA A 182 -25.40 -20.91 -10.09
CA ALA A 182 -25.31 -19.47 -10.28
C ALA A 182 -25.94 -19.05 -11.60
N LYS A 183 -25.70 -19.84 -12.64
CA LYS A 183 -26.23 -19.59 -13.97
C LYS A 183 -27.76 -19.68 -14.02
N ASN A 184 -28.33 -20.71 -13.40
CA ASN A 184 -29.79 -20.82 -13.30
C ASN A 184 -30.38 -19.78 -12.38
N TYR A 185 -29.62 -19.41 -11.36
CA TYR A 185 -30.05 -18.35 -10.50
C TYR A 185 -30.21 -17.07 -11.33
N GLY A 186 -29.20 -16.77 -12.14
CA GLY A 186 -29.21 -15.57 -13.00
C GLY A 186 -30.28 -15.59 -14.06
N ARG A 187 -30.60 -16.77 -14.63
CA ARG A 187 -31.69 -16.90 -15.61
C ARG A 187 -33.02 -16.48 -15.01
N ALA A 188 -33.29 -16.97 -13.80
CA ALA A 188 -34.49 -16.60 -13.08
C ALA A 188 -34.53 -15.11 -12.74
N VAL A 189 -33.40 -14.55 -12.33
CA VAL A 189 -33.32 -13.11 -12.08
C VAL A 189 -33.71 -12.35 -13.33
N TYR A 190 -33.13 -12.74 -14.46
CA TYR A 190 -33.44 -12.09 -15.73
C TYR A 190 -34.93 -12.18 -16.03
N GLU A 191 -35.53 -13.34 -15.88
CA GLU A 191 -36.95 -13.52 -16.26
C GLU A 191 -37.90 -12.65 -15.42
N CYS A 192 -37.67 -12.58 -14.11
CA CYS A 192 -38.44 -11.74 -13.21
C CYS A 192 -38.27 -10.26 -13.51
N LEU A 193 -37.01 -9.80 -13.58
CA LEU A 193 -36.74 -8.39 -13.83
C LEU A 193 -37.27 -7.89 -15.18
N ARG A 194 -37.15 -8.71 -16.21
CA ARG A 194 -37.60 -8.30 -17.54
C ARG A 194 -39.11 -8.03 -17.62
N GLY A 195 -39.89 -8.79 -16.85
CA GLY A 195 -41.32 -8.66 -16.80
C GLY A 195 -41.88 -7.42 -16.13
N GLY A 196 -41.06 -6.67 -15.37
CA GLY A 196 -41.58 -5.48 -14.69
C GLY A 196 -41.12 -5.24 -13.25
N LEU A 197 -40.40 -6.16 -12.62
CA LEU A 197 -40.01 -5.94 -11.24
C LEU A 197 -38.83 -4.99 -11.20
N ASP A 198 -38.81 -4.15 -10.20
CA ASP A 198 -37.63 -3.33 -9.93
C ASP A 198 -36.44 -4.18 -9.45
N PHE A 199 -36.67 -5.08 -8.52
CA PHE A 199 -35.62 -5.82 -7.83
C PHE A 199 -35.96 -7.28 -7.76
N THR A 200 -34.93 -8.05 -7.68
CA THR A 200 -34.99 -9.38 -7.15
C THR A 200 -34.02 -9.47 -5.99
N LYS A 201 -34.04 -10.60 -5.33
CA LYS A 201 -33.52 -10.75 -3.97
C LYS A 201 -32.80 -12.10 -3.84
N ASP A 202 -31.48 -12.05 -3.56
CA ASP A 202 -30.79 -13.17 -2.92
C ASP A 202 -31.58 -13.62 -1.69
N ASP A 203 -31.80 -14.89 -1.59
CA ASP A 203 -32.20 -15.39 -0.27
C ASP A 203 -31.13 -15.16 0.81
N GLU A 204 -31.61 -14.84 2.01
CA GLU A 204 -30.76 -14.47 3.13
C GLU A 204 -29.70 -15.54 3.47
N ASN A 205 -29.95 -16.83 3.19
CA ASN A 205 -28.91 -17.82 3.47
C ASN A 205 -27.90 -18.03 2.32
N VAL A 206 -28.20 -17.54 1.13
CA VAL A 206 -27.36 -17.68 -0.05
C VAL A 206 -26.20 -16.73 0.21
N ASN A 207 -25.06 -17.25 0.64
CA ASN A 207 -23.93 -16.36 0.78
C ASN A 207 -22.94 -16.89 -0.25
N SER A 208 -22.28 -17.99 0.02
CA SER A 208 -21.35 -18.62 -0.92
C SER A 208 -21.23 -20.07 -0.45
N GLN A 209 -21.81 -20.95 -1.12
CA GLN A 209 -21.96 -22.37 -0.81
C GLN A 209 -21.22 -23.26 -1.82
N PRO A 210 -21.06 -24.57 -1.60
CA PRO A 210 -20.55 -25.42 -2.67
C PRO A 210 -21.43 -25.45 -3.92
N PHE A 211 -22.76 -25.40 -3.78
CA PHE A 211 -23.62 -25.40 -4.98
C PHE A 211 -23.55 -24.06 -5.75
N MET A 212 -23.07 -22.98 -5.14
CA MET A 212 -23.09 -21.65 -5.78
C MET A 212 -22.13 -20.72 -5.02
N ARG A 213 -20.94 -20.50 -5.55
CA ARG A 213 -19.94 -19.65 -4.93
C ARG A 213 -20.29 -18.22 -5.27
N TRP A 214 -20.01 -17.31 -4.33
CA TRP A 214 -20.51 -15.93 -4.44
C TRP A 214 -20.06 -15.22 -5.73
N ARG A 215 -18.82 -15.37 -6.13
CA ARG A 215 -18.35 -14.50 -7.21
C ARG A 215 -19.00 -14.92 -8.56
N ASP A 216 -19.19 -16.23 -8.75
CA ASP A 216 -20.00 -16.76 -9.88
C ASP A 216 -21.44 -16.21 -9.86
N ARG A 217 -22.11 -16.26 -8.71
CA ARG A 217 -23.42 -15.65 -8.56
C ARG A 217 -23.43 -14.16 -8.95
N PHE A 218 -22.44 -13.41 -8.51
CA PHE A 218 -22.39 -11.97 -8.76
C PHE A 218 -22.31 -11.71 -10.26
N LEU A 219 -21.45 -12.46 -10.95
CA LEU A 219 -21.19 -12.27 -12.36
C LEU A 219 -22.44 -12.58 -13.20
N PHE A 220 -23.03 -13.76 -13.01
CA PHE A 220 -24.28 -14.12 -13.71
C PHE A 220 -25.46 -13.19 -13.33
N VAL A 221 -25.59 -12.77 -12.08
CA VAL A 221 -26.63 -11.78 -11.77
C VAL A 221 -26.37 -10.44 -12.49
N ALA A 222 -25.10 -10.00 -12.57
CA ALA A 222 -24.79 -8.76 -13.29
C ALA A 222 -25.14 -8.87 -14.78
N GLU A 223 -24.93 -10.02 -15.40
CA GLU A 223 -25.37 -10.21 -16.77
C GLU A 223 -26.90 -10.14 -16.87
N ALA A 224 -27.61 -10.77 -15.95
CA ALA A 224 -29.07 -10.74 -15.92
C ALA A 224 -29.61 -9.32 -15.74
N ILE A 225 -29.11 -8.56 -14.76
CA ILE A 225 -29.55 -7.19 -14.47
C ILE A 225 -29.37 -6.32 -15.72
N TYR A 226 -28.20 -6.39 -16.35
CA TYR A 226 -27.93 -5.58 -17.54
C TYR A 226 -28.75 -6.06 -18.75
N LYS A 227 -29.03 -7.35 -18.86
CA LYS A 227 -29.89 -7.84 -19.94
C LYS A 227 -31.33 -7.30 -19.79
N ALA A 228 -31.92 -7.47 -18.61
CA ALA A 228 -33.26 -6.95 -18.37
C ALA A 228 -33.32 -5.42 -18.45
N GLN A 229 -32.25 -4.73 -18.07
CA GLN A 229 -32.17 -3.27 -18.20
C GLN A 229 -32.11 -2.83 -19.67
N ALA A 230 -31.28 -3.48 -20.47
CA ALA A 230 -31.29 -3.23 -21.92
C ALA A 230 -32.67 -3.48 -22.52
N GLU A 231 -33.35 -4.52 -22.08
CA GLU A 231 -34.64 -4.91 -22.62
C GLU A 231 -35.76 -3.95 -22.19
N THR A 232 -35.85 -3.64 -20.91
CA THR A 232 -36.94 -2.81 -20.39
C THR A 232 -36.67 -1.32 -20.60
N GLY A 233 -35.44 -0.92 -20.69
CA GLY A 233 -35.06 0.47 -20.59
C GLY A 233 -35.18 1.11 -19.20
N GLU A 234 -35.59 0.37 -18.16
CA GLU A 234 -35.66 0.87 -16.78
C GLU A 234 -34.44 0.38 -15.98
N VAL A 235 -34.08 1.15 -14.95
CA VAL A 235 -33.06 0.71 -14.00
C VAL A 235 -33.51 -0.56 -13.26
N LYS A 236 -32.63 -1.55 -13.18
CA LYS A 236 -32.92 -2.83 -12.53
C LYS A 236 -31.85 -3.15 -11.49
N GLY A 237 -32.22 -3.88 -10.44
CA GLY A 237 -31.29 -4.37 -9.47
C GLY A 237 -31.60 -5.78 -9.01
N HIS A 238 -30.65 -6.35 -8.32
CA HIS A 238 -30.83 -7.59 -7.57
C HIS A 238 -30.07 -7.38 -6.27
N TYR A 239 -30.68 -7.67 -5.15
CA TYR A 239 -30.00 -7.56 -3.87
C TYR A 239 -28.96 -8.67 -3.73
N LEU A 240 -27.71 -8.35 -3.98
CA LEU A 240 -26.62 -9.31 -3.89
C LEU A 240 -26.13 -9.42 -2.44
N ASN A 241 -26.39 -10.57 -1.85
CA ASN A 241 -26.02 -10.84 -0.48
C ASN A 241 -24.49 -10.78 -0.24
N ALA A 242 -24.04 -9.80 0.49
CA ALA A 242 -22.69 -9.58 0.96
C ALA A 242 -22.36 -10.18 2.34
N THR A 243 -23.34 -10.60 3.12
CA THR A 243 -23.14 -11.34 4.39
C THR A 243 -22.06 -12.43 4.32
N ALA A 244 -21.09 -12.38 5.19
CA ALA A 244 -19.95 -13.30 5.10
C ALA A 244 -19.56 -13.76 6.51
N GLY A 245 -18.68 -14.76 6.61
CA GLY A 245 -18.07 -15.08 7.90
C GLY A 245 -17.19 -14.00 8.48
N THR A 246 -16.48 -13.23 7.65
CA THR A 246 -15.51 -12.24 8.13
C THR A 246 -15.74 -10.88 7.44
N CYS A 247 -15.27 -9.83 8.09
CA CYS A 247 -15.42 -8.52 7.54
C CYS A 247 -14.68 -8.46 6.21
N GLU A 248 -13.47 -9.00 6.15
CA GLU A 248 -12.68 -8.99 4.92
C GLU A 248 -13.38 -9.72 3.77
N GLU A 249 -13.96 -10.89 4.01
CA GLU A 249 -14.79 -11.56 2.98
C GLU A 249 -16.01 -10.72 2.59
N MET A 250 -16.69 -10.14 3.57
CA MET A 250 -17.79 -9.23 3.31
C MET A 250 -17.39 -8.06 2.39
N MET A 251 -16.25 -7.40 2.68
CA MET A 251 -15.76 -6.29 1.87
C MET A 251 -15.26 -6.76 0.50
N LYS A 252 -14.68 -7.96 0.41
CA LYS A 252 -14.43 -8.57 -0.91
C LYS A 252 -15.70 -8.62 -1.76
N ARG A 253 -16.82 -8.91 -1.18
CA ARG A 253 -18.03 -8.99 -1.97
C ARG A 253 -18.57 -7.61 -2.34
N ALA A 254 -18.60 -6.69 -1.38
CA ALA A 254 -19.01 -5.32 -1.64
C ALA A 254 -18.16 -4.65 -2.73
N VAL A 255 -16.84 -4.84 -2.68
CA VAL A 255 -15.90 -4.38 -3.73
C VAL A 255 -16.24 -4.99 -5.15
N ALA A 257 -19.17 -5.97 -6.26
CA ALA A 257 -20.39 -5.30 -6.71
C ALA A 257 -20.13 -3.92 -7.25
N LYS A 258 -19.34 -3.15 -6.49
CA LYS A 258 -18.78 -1.88 -6.95
C LYS A 258 -18.18 -2.00 -8.34
N GLU A 259 -17.29 -3.00 -8.53
CA GLU A 259 -16.58 -3.12 -9.81
C GLU A 259 -17.46 -3.60 -10.94
N LEU A 260 -18.47 -4.40 -10.63
CA LEU A 260 -19.47 -4.72 -11.64
C LEU A 260 -20.36 -3.53 -11.97
N GLY A 261 -20.30 -2.46 -11.20
CA GLY A 261 -21.15 -1.31 -11.36
C GLY A 261 -22.61 -1.55 -11.08
N VAL A 262 -22.95 -2.58 -10.31
CA VAL A 262 -24.33 -2.94 -10.05
C VAL A 262 -24.92 -2.08 -8.91
N PRO A 263 -26.25 -1.92 -8.82
CA PRO A 263 -26.78 -0.87 -7.95
C PRO A 263 -26.86 -1.18 -6.47
N ILE A 264 -27.03 -2.44 -6.08
CA ILE A 264 -27.47 -2.76 -4.72
C ILE A 264 -26.86 -4.07 -4.20
N ILE A 265 -26.55 -4.05 -2.93
CA ILE A 265 -26.13 -5.24 -2.19
C ILE A 265 -27.03 -5.36 -0.97
N MET A 266 -26.81 -6.42 -0.25
CA MET A 266 -27.65 -6.89 0.83
C MET A 266 -26.88 -7.36 2.05
N HIS A 267 -27.38 -7.09 3.22
CA HIS A 267 -26.78 -7.62 4.44
C HIS A 267 -27.80 -8.09 5.47
N ASP A 268 -27.47 -9.15 6.19
CA ASP A 268 -28.32 -9.72 7.27
C ASP A 268 -27.78 -9.16 8.59
N TYR A 269 -28.28 -8.01 8.99
CA TYR A 269 -27.56 -7.19 9.96
C TYR A 269 -27.54 -7.82 11.35
N LEU A 270 -28.52 -8.67 11.67
CA LEU A 270 -28.59 -9.24 13.03
C LEU A 270 -27.70 -10.48 13.19
N THR A 271 -27.41 -11.16 12.10
CA THR A 271 -26.57 -12.33 12.15
C THR A 271 -25.11 -12.01 11.81
N GLY A 272 -24.88 -11.11 10.85
CA GLY A 272 -23.58 -10.48 10.68
C GLY A 272 -23.14 -9.62 11.84
N GLY A 273 -24.02 -8.78 12.33
CA GLY A 273 -23.73 -7.95 13.48
C GLY A 273 -23.73 -6.48 13.14
N PHE A 274 -24.00 -5.66 14.15
CA PHE A 274 -23.94 -4.22 13.98
C PHE A 274 -22.57 -3.71 13.62
N THR A 275 -21.50 -4.33 14.15
CA THR A 275 -20.16 -3.83 13.80
C THR A 275 -19.92 -3.98 12.28
N ALA A 276 -20.15 -5.16 11.73
CA ALA A 276 -20.05 -5.37 10.28
C ALA A 276 -21.06 -4.54 9.49
N ASN A 277 -22.32 -4.42 9.93
CA ASN A 277 -23.32 -3.67 9.17
C ASN A 277 -22.93 -2.18 9.00
N THR A 278 -22.47 -1.55 10.07
CA THR A 278 -22.03 -0.18 10.02
C THR A 278 -20.81 0.01 9.11
N SER A 279 -19.83 -0.86 9.20
CA SER A 279 -18.72 -0.88 8.23
C SER A 279 -19.24 -0.97 6.80
N LEU A 280 -20.19 -1.86 6.56
CA LEU A 280 -20.70 -2.01 5.21
C LEU A 280 -21.46 -0.77 4.75
N ALA A 281 -22.35 -0.22 5.61
CA ALA A 281 -23.10 1.01 5.30
C ALA A 281 -22.16 2.19 4.95
N ILE A 282 -21.04 2.32 5.64
CA ILE A 282 -20.05 3.35 5.31
C ILE A 282 -19.38 3.07 3.95
N TYR A 283 -19.04 1.81 3.66
CA TYR A 283 -18.51 1.47 2.34
C TYR A 283 -19.52 1.86 1.25
N CYS A 284 -20.79 1.57 1.49
CA CYS A 284 -21.83 1.86 0.53
C CYS A 284 -22.02 3.40 0.34
N ARG A 285 -21.95 4.17 1.41
CA ARG A 285 -21.98 5.62 1.26
C ARG A 285 -20.78 6.10 0.46
N ASP A 286 -19.58 5.58 0.77
CA ASP A 286 -18.36 5.99 0.07
C ASP A 286 -18.32 5.56 -1.42
N ASN A 287 -19.04 4.53 -1.83
CA ASN A 287 -18.93 4.04 -3.22
C ASN A 287 -20.29 4.06 -3.98
N GLY A 288 -21.29 4.77 -3.49
CA GLY A 288 -22.63 4.91 -4.03
C GLY A 288 -23.45 3.62 -4.18
N LEU A 289 -23.14 2.55 -3.47
CA LEU A 289 -24.02 1.37 -3.48
C LEU A 289 -25.21 1.58 -2.55
N LEU A 290 -26.36 1.14 -2.98
CA LEU A 290 -27.53 0.95 -2.09
C LEU A 290 -27.43 -0.31 -1.23
N LEU A 291 -27.96 -0.24 0.00
CA LEU A 291 -27.80 -1.34 0.95
C LEU A 291 -29.19 -1.88 1.41
N HIS A 292 -29.56 -3.02 0.92
CA HIS A 292 -30.77 -3.72 1.38
C HIS A 292 -30.51 -4.51 2.67
N ILE A 293 -31.37 -4.40 3.65
CA ILE A 293 -31.10 -5.04 4.93
C ILE A 293 -32.15 -6.13 5.23
N HIS A 294 -31.69 -7.33 5.43
CA HIS A 294 -32.57 -8.41 5.80
C HIS A 294 -32.52 -8.72 7.30
N ARG A 295 -33.63 -9.08 7.86
CA ARG A 295 -33.76 -9.09 9.33
C ARG A 295 -33.83 -10.50 9.90
N ALA A 296 -33.10 -11.44 9.31
CA ALA A 296 -33.06 -12.83 9.81
C ALA A 296 -32.61 -12.90 11.25
N MET A 297 -33.33 -13.71 12.04
CA MET A 297 -33.23 -13.96 13.49
C MET A 297 -33.97 -12.93 14.34
N HIS A 298 -34.62 -11.95 13.72
CA HIS A 298 -35.36 -10.95 14.49
C HIS A 298 -36.38 -11.62 15.43
N ALA A 299 -37.01 -12.75 15.00
CA ALA A 299 -38.05 -13.36 15.84
C ALA A 299 -37.48 -14.16 17.00
N VAL A 300 -36.19 -14.46 16.98
CA VAL A 300 -35.52 -14.97 18.18
C VAL A 300 -35.63 -13.95 19.30
N ILE A 301 -35.50 -12.67 18.96
CA ILE A 301 -35.47 -11.51 19.89
C ILE A 301 -36.83 -10.82 20.04
N ASP A 302 -37.57 -10.66 18.97
CA ASP A 302 -38.62 -9.67 18.94
C ASP A 302 -40.02 -10.24 19.03
N ARG A 303 -40.19 -11.54 19.13
CA ARG A 303 -41.53 -12.09 18.96
C ARG A 303 -42.33 -12.10 20.28
N GLN A 304 -41.76 -12.60 21.36
CA GLN A 304 -42.53 -12.78 22.57
C GLN A 304 -42.86 -11.45 23.21
N ARG A 305 -44.13 -11.29 23.55
CA ARG A 305 -44.62 -10.04 24.11
C ARG A 305 -43.97 -9.70 25.47
N ASN A 306 -43.57 -10.68 26.24
CA ASN A 306 -43.05 -10.33 27.55
C ASN A 306 -41.52 -10.24 27.62
N HIS A 307 -40.79 -10.70 26.61
CA HIS A 307 -39.33 -10.73 26.73
C HIS A 307 -38.65 -10.45 25.38
N GLY A 308 -37.53 -9.77 25.44
CA GLY A 308 -36.76 -9.48 24.28
C GLY A 308 -36.72 -8.00 23.97
N ILE A 309 -36.64 -7.71 22.69
CA ILE A 309 -36.49 -6.35 22.18
C ILE A 309 -37.44 -6.26 21.01
N HIS A 310 -38.43 -5.40 21.14
CA HIS A 310 -39.39 -5.14 20.08
C HIS A 310 -38.69 -4.69 18.81
N PHE A 311 -39.23 -5.11 17.68
CA PHE A 311 -38.64 -4.80 16.37
C PHE A 311 -38.44 -3.29 16.11
N ARG A 312 -39.32 -2.43 16.62
CA ARG A 312 -39.19 -1.00 16.38
C ARG A 312 -37.86 -0.46 16.91
N VAL A 313 -37.36 -1.03 18.00
CA VAL A 313 -36.04 -0.69 18.51
C VAL A 313 -34.95 -1.17 17.53
N LEU A 314 -35.07 -2.41 17.05
CA LEU A 314 -34.13 -3.01 16.11
C LEU A 314 -34.14 -2.31 14.75
N ALA A 315 -35.30 -1.77 14.36
CA ALA A 315 -35.43 -0.94 13.17
C ALA A 315 -34.76 0.42 13.34
N LYS A 316 -34.94 1.04 14.51
CA LYS A 316 -34.31 2.30 14.88
C LYS A 316 -32.79 2.11 14.90
N ALA A 317 -32.32 1.01 15.50
CA ALA A 317 -30.90 0.64 15.47
C ALA A 317 -30.39 0.55 14.05
N LEU A 318 -31.12 -0.16 13.18
CA LEU A 318 -30.75 -0.29 11.77
C LEU A 318 -30.67 1.07 11.08
N ARG A 319 -31.67 1.93 11.26
CA ARG A 319 -31.61 3.26 10.67
C ARG A 319 -30.35 4.06 11.10
N MET A 320 -29.91 3.88 12.31
CA MET A 320 -28.68 4.50 12.80
C MET A 320 -27.45 3.80 12.20
N SER A 321 -27.40 2.45 12.24
CA SER A 321 -26.26 1.69 11.69
C SER A 321 -26.15 1.89 10.20
N GLY A 322 -27.25 1.86 9.50
CA GLY A 322 -27.32 2.25 8.13
C GLY A 322 -27.87 1.17 7.26
N GLY A 323 -28.96 1.46 6.61
CA GLY A 323 -29.51 0.62 5.57
C GLY A 323 -30.45 1.40 4.69
N ASP A 324 -30.44 1.18 3.38
CA ASP A 324 -31.39 1.89 2.52
C ASP A 324 -32.78 1.22 2.46
N HIS A 325 -32.88 -0.10 2.55
CA HIS A 325 -34.17 -0.82 2.69
C HIS A 325 -34.16 -1.71 3.93
N LEU A 326 -35.31 -1.95 4.53
CA LEU A 326 -35.39 -2.91 5.62
C LEU A 326 -36.63 -3.81 5.55
N HIS A 327 -36.41 -5.12 5.58
CA HIS A 327 -37.51 -6.07 5.73
C HIS A 327 -38.35 -5.75 6.95
N SER A 328 -39.59 -5.49 6.69
CA SER A 328 -40.45 -4.95 7.72
C SER A 328 -41.65 -5.85 8.00
N GLY A 329 -41.64 -7.04 7.52
CA GLY A 329 -42.72 -7.96 7.73
C GLY A 329 -43.78 -8.02 6.64
N THR A 330 -44.86 -8.67 6.98
CA THR A 330 -46.09 -8.60 6.22
C THR A 330 -47.18 -8.06 7.10
N VAL A 331 -48.19 -7.45 6.48
CA VAL A 331 -49.43 -7.14 7.17
C VAL A 331 -50.58 -8.04 6.70
N VAL A 332 -50.30 -9.01 5.83
CA VAL A 332 -51.27 -10.04 5.52
C VAL A 332 -51.51 -10.91 6.74
N GLY A 333 -52.78 -11.21 7.01
CA GLY A 333 -53.12 -12.06 8.14
C GLY A 333 -53.01 -11.44 9.51
N LYS A 334 -52.86 -10.13 9.60
CA LYS A 334 -52.73 -9.49 10.89
C LYS A 334 -53.99 -8.69 11.21
N LEU A 335 -54.32 -8.65 12.50
CA LEU A 335 -55.45 -7.85 12.97
C LEU A 335 -55.08 -6.37 12.94
N GLU A 336 -56.12 -5.51 13.08
CA GLU A 336 -55.95 -4.05 13.03
C GLU A 336 -54.98 -3.56 14.11
N GLY A 337 -54.98 -4.19 15.28
CA GLY A 337 -54.07 -3.78 16.34
C GLY A 337 -52.63 -4.14 16.08
N GLU A 338 -52.39 -5.30 15.49
CA GLU A 338 -51.04 -5.65 15.05
C GLU A 338 -50.61 -4.83 13.84
N ARG A 339 -51.59 -4.33 13.07
CA ARG A 339 -51.35 -3.46 11.94
C ARG A 339 -51.01 -2.04 12.38
N GLU A 340 -51.65 -1.57 13.46
CA GLU A 340 -51.28 -0.28 14.06
C GLU A 340 -49.83 -0.27 14.56
N VAL A 341 -49.36 -1.38 15.13
CA VAL A 341 -47.97 -1.50 15.59
C VAL A 341 -47.01 -1.41 14.39
N THR A 342 -47.30 -2.17 13.33
CA THR A 342 -46.46 -2.21 12.14
C THR A 342 -46.36 -0.83 11.51
N LEU A 343 -47.49 -0.13 11.41
CA LEU A 343 -47.43 1.21 10.87
C LEU A 343 -46.67 2.17 11.78
N GLY A 344 -46.63 1.90 13.09
CA GLY A 344 -45.84 2.72 13.97
C GLY A 344 -44.37 2.64 13.60
N PHE A 345 -43.84 1.42 13.46
CA PHE A 345 -42.40 1.33 13.23
C PHE A 345 -42.07 1.69 11.79
N VAL A 346 -43.04 1.57 10.87
CA VAL A 346 -42.84 2.03 9.51
C VAL A 346 -42.65 3.54 9.46
N ASP A 347 -43.38 4.27 10.32
CA ASP A 347 -43.15 5.70 10.46
C ASP A 347 -41.82 6.02 11.11
N LEU A 348 -41.37 5.22 12.08
CA LEU A 348 -40.04 5.43 12.67
C LEU A 348 -38.93 5.15 11.66
N MET A 349 -39.18 4.27 10.71
CA MET A 349 -38.22 3.94 9.68
C MET A 349 -38.11 5.07 8.67
N ARG A 350 -39.23 5.68 8.33
CA ARG A 350 -39.29 6.51 7.14
C ARG A 350 -39.27 8.00 7.41
N ASP A 351 -39.90 8.45 8.48
CA ASP A 351 -40.19 9.85 8.70
C ASP A 351 -39.07 10.60 9.41
N ASP A 352 -39.12 11.93 9.29
CA ASP A 352 -38.21 12.79 10.00
C ASP A 352 -38.60 13.00 11.46
N TYR A 353 -39.86 13.16 11.77
CA TYR A 353 -40.31 13.49 13.11
C TYR A 353 -41.49 12.59 13.46
N VAL A 354 -41.38 11.80 14.50
CA VAL A 354 -42.52 10.96 14.90
C VAL A 354 -42.98 11.33 16.31
N GLU A 355 -44.25 11.64 16.44
CA GLU A 355 -44.89 11.96 17.72
C GLU A 355 -45.26 10.72 18.52
N LYS A 356 -45.10 10.84 19.82
CA LYS A 356 -45.63 9.92 20.81
C LYS A 356 -47.06 9.48 20.54
N ASP A 357 -47.27 8.18 20.51
CA ASP A 357 -48.56 7.61 20.12
C ASP A 357 -48.60 6.19 20.66
N ARG A 358 -49.19 6.03 21.85
CA ARG A 358 -49.16 4.76 22.57
C ARG A 358 -49.91 3.66 21.84
N SER A 359 -51.03 3.99 21.21
CA SER A 359 -51.83 2.97 20.55
C SER A 359 -51.13 2.43 19.31
N ARG A 360 -50.18 3.18 18.76
CA ARG A 360 -49.30 2.63 17.75
C ARG A 360 -48.02 2.10 18.34
N GLY A 361 -47.93 1.96 19.65
CA GLY A 361 -46.73 1.46 20.32
C GLY A 361 -45.54 2.42 20.33
N ILE A 362 -45.75 3.68 20.03
CA ILE A 362 -44.69 4.66 20.01
C ILE A 362 -44.66 5.36 21.38
N TYR A 363 -43.59 5.11 22.14
CA TYR A 363 -43.56 5.57 23.53
C TYR A 363 -42.85 6.91 23.69
N PHE A 364 -42.17 7.36 22.65
CA PHE A 364 -41.33 8.52 22.77
C PHE A 364 -41.51 9.33 21.50
N THR A 365 -41.44 10.64 21.60
CA THR A 365 -41.30 11.45 20.40
C THR A 365 -39.87 11.27 19.85
N GLN A 366 -39.75 10.86 18.62
CA GLN A 366 -38.45 10.64 17.96
C GLN A 366 -38.26 11.73 16.91
N ASP A 367 -37.17 12.48 17.04
CA ASP A 367 -36.72 13.47 16.07
C ASP A 367 -35.48 12.92 15.34
N TRP A 368 -35.65 12.51 14.10
CA TRP A 368 -34.50 11.97 13.37
C TRP A 368 -33.51 13.03 12.93
N CYS A 369 -33.85 14.32 13.00
CA CYS A 369 -32.90 15.44 12.78
C CYS A 369 -32.21 15.36 11.40
N SER A 370 -33.00 15.11 10.38
CA SER A 370 -32.74 14.94 8.95
C SER A 370 -31.92 13.68 8.58
N MET A 371 -31.69 12.73 9.47
CA MET A 371 -31.20 11.41 9.08
C MET A 371 -32.16 10.79 8.05
N PRO A 372 -31.66 10.36 6.90
CA PRO A 372 -32.52 9.81 5.83
C PRO A 372 -33.32 8.61 6.31
N GLY A 373 -34.53 8.52 5.82
CA GLY A 373 -35.40 7.41 6.11
C GLY A 373 -35.00 6.14 5.39
N VAL A 374 -35.52 5.04 5.86
CA VAL A 374 -35.32 3.72 5.31
C VAL A 374 -36.65 3.24 4.67
N MET A 375 -36.57 2.70 3.48
CA MET A 375 -37.67 2.07 2.78
C MET A 375 -38.05 0.72 3.42
N PRO A 376 -39.23 0.59 4.00
CA PRO A 376 -39.72 -0.74 4.40
C PRO A 376 -39.96 -1.66 3.22
N VAL A 377 -39.63 -2.90 3.40
CA VAL A 377 -39.93 -3.97 2.46
C VAL A 377 -40.98 -4.92 3.04
N ALA A 378 -42.13 -4.93 2.41
CA ALA A 378 -43.28 -5.72 2.83
C ALA A 378 -43.38 -7.00 2.04
N SER A 379 -43.61 -8.08 2.73
CA SER A 379 -44.08 -9.28 2.06
C SER A 379 -45.50 -9.01 1.53
N GLY A 380 -45.65 -8.99 0.21
CA GLY A 380 -46.95 -9.17 -0.39
C GLY A 380 -47.36 -10.61 -0.31
N GLY A 381 -48.63 -10.87 -0.46
CA GLY A 381 -49.09 -12.23 -0.31
C GLY A 381 -48.76 -13.13 -1.48
N ILE A 382 -49.42 -14.30 -1.44
CA ILE A 382 -49.31 -15.30 -2.49
C ILE A 382 -49.81 -14.71 -3.81
N HIS A 383 -50.78 -13.83 -3.74
CA HIS A 383 -51.45 -13.42 -4.95
C HIS A 383 -51.48 -11.90 -5.09
N VAL A 384 -52.09 -11.45 -6.19
CA VAL A 384 -52.14 -10.05 -6.58
C VAL A 384 -53.35 -9.31 -6.04
N TRP A 385 -54.27 -10.01 -5.37
CA TRP A 385 -55.47 -9.41 -4.82
C TRP A 385 -55.21 -8.67 -3.52
N HIS A 386 -54.05 -8.88 -2.92
CA HIS A 386 -53.66 -8.07 -1.80
C HIS A 386 -53.11 -6.71 -2.21
N MET A 387 -52.84 -6.50 -3.50
CA MET A 387 -52.28 -5.23 -3.97
C MET A 387 -53.04 -3.98 -3.51
N PRO A 388 -54.40 -3.90 -3.56
CA PRO A 388 -55.07 -2.69 -3.04
C PRO A 388 -54.84 -2.41 -1.57
N ALA A 389 -54.84 -3.43 -0.72
CA ALA A 389 -54.57 -3.24 0.70
C ALA A 389 -53.15 -2.74 0.94
N LEU A 390 -52.14 -3.33 0.27
CA LEU A 390 -50.74 -2.91 0.42
C LEU A 390 -50.52 -1.46 0.02
N VAL A 391 -51.14 -1.02 -1.06
CA VAL A 391 -50.96 0.35 -1.54
C VAL A 391 -51.62 1.33 -0.59
N GLU A 392 -52.78 0.96 -0.05
CA GLU A 392 -53.47 1.79 0.91
C GLU A 392 -52.73 1.89 2.24
N ILE A 393 -52.15 0.79 2.70
CA ILE A 393 -51.53 0.81 4.01
C ILE A 393 -50.14 1.45 3.94
N PHE A 394 -49.31 1.03 2.99
CA PHE A 394 -47.94 1.50 2.98
C PHE A 394 -47.81 2.86 2.30
N GLY A 395 -48.69 3.20 1.38
CA GLY A 395 -48.47 4.29 0.46
C GLY A 395 -47.35 3.96 -0.55
N ASP A 396 -46.82 5.00 -1.20
CA ASP A 396 -45.85 4.73 -2.26
C ASP A 396 -44.47 4.34 -1.73
N ASP A 397 -44.04 4.79 -0.55
CA ASP A 397 -42.64 4.60 -0.13
C ASP A 397 -42.45 3.26 0.54
N ALA A 398 -42.38 2.21 -0.28
CA ALA A 398 -42.23 0.84 0.16
C ALA A 398 -41.84 -0.04 -1.02
N CYS A 399 -41.13 -1.11 -0.75
CA CYS A 399 -40.99 -2.17 -1.71
C CYS A 399 -41.98 -3.27 -1.33
N LEU A 400 -42.73 -3.70 -2.27
CA LEU A 400 -43.59 -4.85 -2.06
C LEU A 400 -42.90 -6.06 -2.63
N GLN A 401 -42.59 -7.03 -1.79
CA GLN A 401 -41.96 -8.26 -2.23
C GLN A 401 -43.01 -9.33 -2.44
N PHE A 402 -42.93 -10.00 -3.57
CA PHE A 402 -43.86 -11.04 -3.92
C PHE A 402 -43.10 -12.37 -3.88
N GLY A 403 -43.60 -13.28 -3.04
CA GLY A 403 -42.85 -14.50 -2.75
C GLY A 403 -43.14 -15.59 -3.73
N GLY A 404 -44.34 -15.58 -4.29
CA GLY A 404 -44.74 -16.45 -5.38
C GLY A 404 -45.84 -15.85 -6.25
N GLY A 405 -46.10 -14.53 -6.15
CA GLY A 405 -47.01 -13.90 -7.10
C GLY A 405 -46.52 -14.03 -8.52
N THR A 406 -45.28 -13.62 -8.73
CA THR A 406 -44.59 -13.75 -10.00
C THR A 406 -44.41 -15.22 -10.42
N LEU A 407 -44.22 -16.15 -9.47
CA LEU A 407 -43.76 -17.50 -9.87
C LEU A 407 -44.85 -18.55 -9.68
N GLY A 408 -45.84 -18.29 -8.85
CA GLY A 408 -47.00 -19.15 -8.87
C GLY A 408 -47.89 -18.87 -10.05
N HIS A 409 -47.62 -17.77 -10.78
CA HIS A 409 -48.32 -17.45 -12.01
C HIS A 409 -48.16 -18.59 -13.00
N PRO A 410 -49.23 -18.98 -13.69
CA PRO A 410 -49.15 -20.17 -14.52
C PRO A 410 -48.28 -20.00 -15.75
N TRP A 411 -48.10 -18.78 -16.25
CA TRP A 411 -47.30 -18.56 -17.45
C TRP A 411 -45.80 -18.34 -17.15
N GLY A 412 -45.36 -18.30 -15.91
CA GLY A 412 -43.95 -18.25 -15.59
C GLY A 412 -43.54 -16.93 -14.97
N ASN A 413 -42.22 -16.75 -14.79
CA ASN A 413 -41.71 -15.57 -14.06
C ASN A 413 -42.05 -14.24 -14.76
N ALA A 414 -41.74 -14.06 -16.02
CA ALA A 414 -41.93 -12.76 -16.64
C ALA A 414 -43.41 -12.31 -16.69
N PRO A 415 -44.39 -13.15 -17.09
CA PRO A 415 -45.80 -12.67 -16.99
C PRO A 415 -46.27 -12.49 -15.55
N GLY A 416 -45.71 -13.26 -14.63
CA GLY A 416 -46.01 -13.04 -13.23
C GLY A 416 -45.53 -11.70 -12.74
N ALA A 417 -44.30 -11.32 -13.10
CA ALA A 417 -43.80 -10.00 -12.83
C ALA A 417 -44.69 -8.96 -13.46
N ALA A 418 -45.10 -9.21 -14.71
CA ALA A 418 -45.92 -8.24 -15.43
C ALA A 418 -47.30 -8.11 -14.81
N ALA A 419 -47.85 -9.20 -14.30
CA ALA A 419 -49.13 -9.15 -13.58
C ALA A 419 -49.03 -8.36 -12.28
N ASN A 420 -47.95 -8.55 -11.51
CA ASN A 420 -47.75 -7.73 -10.31
C ASN A 420 -47.61 -6.25 -10.62
N ARG A 421 -46.88 -5.90 -11.68
CA ARG A 421 -46.64 -4.51 -12.03
C ARG A 421 -47.91 -3.82 -12.52
N VAL A 422 -48.73 -4.52 -13.31
CA VAL A 422 -50.02 -4.01 -13.75
C VAL A 422 -50.95 -3.73 -12.57
N ALA A 423 -51.06 -4.69 -11.66
CA ALA A 423 -51.91 -4.56 -10.48
C ALA A 423 -51.46 -3.41 -9.57
N LEU A 424 -50.14 -3.24 -9.37
CA LEU A 424 -49.63 -2.14 -8.59
C LEU A 424 -49.94 -0.81 -9.25
N GLU A 425 -49.77 -0.74 -10.56
CA GLU A 425 -49.95 0.51 -11.27
C GLU A 425 -51.43 0.89 -11.37
N ALA A 426 -52.32 -0.10 -11.52
CA ALA A 426 -53.77 0.18 -11.58
C ALA A 426 -54.29 0.61 -10.22
N CYS A 427 -53.82 -0.02 -9.14
CA CYS A 427 -54.15 0.41 -7.79
C CYS A 427 -53.58 1.81 -7.50
N THR A 428 -52.39 2.13 -8.02
CA THR A 428 -51.82 3.45 -7.86
C THR A 428 -52.65 4.50 -8.58
N GLN A 429 -52.98 4.22 -9.84
CA GLN A 429 -53.85 5.08 -10.64
C GLN A 429 -55.19 5.32 -9.94
N ALA A 430 -55.81 4.27 -9.42
CA ALA A 430 -57.11 4.37 -8.78
C ALA A 430 -57.06 5.17 -7.48
N ARG A 431 -56.00 4.95 -6.68
CA ARG A 431 -55.73 5.76 -5.50
C ARG A 431 -55.56 7.24 -5.83
N ASN A 432 -54.84 7.58 -6.91
CA ASN A 432 -54.63 8.99 -7.23
C ASN A 432 -55.92 9.63 -7.71
N GLU A 433 -56.79 8.83 -8.32
CA GLU A 433 -58.07 9.28 -8.82
C GLU A 433 -59.08 9.56 -7.71
N GLY A 434 -58.74 9.20 -6.48
CA GLY A 434 -59.62 9.40 -5.35
C GLY A 434 -60.47 8.20 -4.97
N ARG A 435 -60.27 7.04 -5.58
CA ARG A 435 -61.06 5.87 -5.23
C ARG A 435 -60.58 5.26 -3.91
N ASP A 436 -61.52 4.65 -3.22
CA ASP A 436 -61.29 4.02 -1.93
C ASP A 436 -60.83 2.59 -2.16
N LEU A 437 -59.55 2.32 -1.90
CA LEU A 437 -59.02 1.00 -2.20
C LEU A 437 -59.49 -0.05 -1.20
N ALA A 438 -59.90 0.37 -0.01
CA ALA A 438 -60.50 -0.57 0.94
C ALA A 438 -61.80 -1.15 0.40
N ARG A 439 -62.57 -0.32 -0.29
CA ARG A 439 -63.85 -0.79 -0.80
C ARG A 439 -63.71 -1.32 -2.21
N GLU A 440 -63.08 -0.55 -3.09
CA GLU A 440 -63.16 -0.70 -4.52
C GLU A 440 -61.97 -1.43 -5.12
N GLY A 441 -61.11 -2.02 -4.31
CA GLY A 441 -59.87 -2.57 -4.84
C GLY A 441 -60.09 -3.81 -5.67
N GLY A 442 -61.05 -4.65 -5.28
CA GLY A 442 -61.46 -5.76 -6.12
C GLY A 442 -62.01 -5.31 -7.46
N ASP A 443 -62.77 -4.23 -7.47
CA ASP A 443 -63.25 -3.66 -8.71
C ASP A 443 -62.13 -3.05 -9.55
N VAL A 444 -61.07 -2.54 -8.92
CA VAL A 444 -59.91 -2.02 -9.68
C VAL A 444 -59.16 -3.14 -10.37
N ILE A 445 -58.94 -4.24 -9.66
CA ILE A 445 -58.21 -5.37 -10.23
C ILE A 445 -58.99 -6.02 -11.38
N ARG A 446 -60.29 -6.28 -11.18
CA ARG A 446 -61.13 -6.89 -12.21
C ARG A 446 -61.21 -6.01 -13.47
N SER A 447 -61.20 -4.71 -13.31
CA SER A 447 -61.20 -3.80 -14.43
C SER A 447 -59.86 -3.81 -15.17
N ALA A 448 -58.74 -4.06 -14.47
CA ALA A 448 -57.46 -4.15 -15.16
C ALA A 448 -57.29 -5.52 -15.82
N CYS A 449 -57.96 -6.54 -15.31
CA CYS A 449 -57.98 -7.87 -15.93
C CYS A 449 -58.57 -7.87 -17.33
N LYS A 450 -59.47 -6.92 -17.63
CA LYS A 450 -60.11 -6.88 -18.95
C LYS A 450 -59.11 -6.60 -20.06
N TRP A 451 -58.18 -5.69 -19.84
CA TRP A 451 -57.18 -5.43 -20.86
C TRP A 451 -55.83 -6.12 -20.64
N SER A 452 -55.53 -6.67 -19.47
CA SER A 452 -54.23 -7.30 -19.27
C SER A 452 -54.41 -8.81 -19.23
N PRO A 453 -53.97 -9.54 -20.25
CA PRO A 453 -54.07 -11.01 -20.18
C PRO A 453 -53.22 -11.63 -19.08
N GLU A 454 -52.08 -11.03 -18.73
CA GLU A 454 -51.26 -11.60 -17.67
C GLU A 454 -51.96 -11.47 -16.32
N LEU A 455 -52.48 -10.29 -16.02
CA LEU A 455 -53.24 -10.12 -14.78
C LEU A 455 -54.51 -10.99 -14.76
N ALA A 456 -55.17 -11.13 -15.89
CA ALA A 456 -56.36 -11.99 -15.96
C ALA A 456 -56.01 -13.46 -15.68
N ALA A 457 -54.85 -13.93 -16.15
CA ALA A 457 -54.43 -15.29 -15.85
C ALA A 457 -53.99 -15.47 -14.39
N ALA A 458 -53.47 -14.42 -13.75
CA ALA A 458 -53.14 -14.53 -12.34
C ALA A 458 -54.41 -14.57 -11.48
N CYS A 459 -55.46 -13.87 -11.88
CA CYS A 459 -56.68 -13.84 -11.11
C CYS A 459 -57.57 -15.05 -11.37
N GLU A 460 -57.27 -15.84 -12.40
CA GLU A 460 -57.90 -17.14 -12.60
C GLU A 460 -57.53 -18.10 -11.48
N VAL A 461 -56.28 -18.08 -11.06
CA VAL A 461 -55.81 -18.68 -9.81
C VAL A 461 -56.58 -18.12 -8.64
N MET B 46 27.54 34.55 39.88
CA MET B 46 26.85 33.84 38.81
C MET B 46 27.08 32.37 39.11
N MET B 47 26.00 31.64 39.32
CA MET B 47 26.03 30.26 39.78
C MET B 47 25.54 29.34 38.66
N VAL B 48 25.83 28.04 38.75
CA VAL B 48 25.46 27.06 37.71
C VAL B 48 24.46 26.06 38.30
N TRP B 49 23.28 25.97 37.72
CA TRP B 49 22.30 24.97 38.10
C TRP B 49 22.88 23.57 37.83
N THR B 50 23.02 22.78 38.85
CA THR B 50 23.79 21.56 38.67
C THR B 50 22.98 20.47 37.94
N PRO B 51 23.58 19.79 36.97
CA PRO B 51 22.96 18.61 36.33
C PRO B 51 23.17 17.31 37.10
N VAL B 52 23.96 17.29 38.16
CA VAL B 52 24.34 16.04 38.82
C VAL B 52 23.43 15.84 40.02
N ASN B 53 22.86 14.64 40.13
CA ASN B 53 22.09 14.20 41.31
C ASN B 53 21.02 15.22 41.72
N ASN B 54 20.34 15.79 40.77
CA ASN B 54 19.49 16.94 41.03
C ASN B 54 18.08 16.66 40.50
N LYS B 55 17.58 15.46 40.75
CA LYS B 55 16.24 15.06 40.33
C LYS B 55 15.10 15.84 41.02
N MET B 56 14.03 16.12 40.27
CA MET B 56 12.86 16.84 40.78
C MET B 56 11.61 15.94 40.76
N PHE B 57 10.65 16.23 41.61
CA PHE B 57 9.50 15.35 41.71
C PHE B 57 8.16 16.02 41.52
N GLU B 58 8.15 16.90 40.52
CA GLU B 58 7.04 17.75 40.10
C GLU B 58 6.64 18.87 41.08
N THR B 59 5.35 19.04 41.33
CA THR B 59 4.93 20.18 42.12
C THR B 59 5.54 20.30 43.53
N PHE B 60 6.05 21.48 43.79
CA PHE B 60 6.72 21.92 45.04
C PHE B 60 8.15 21.43 45.22
N SER B 61 8.67 20.64 44.29
CA SER B 61 10.05 20.13 44.45
C SER B 61 11.12 21.21 44.27
N TYR B 62 10.76 22.37 43.78
CA TYR B 62 11.74 23.44 43.69
C TYR B 62 11.72 24.32 44.95
N LEU B 63 10.84 24.03 45.90
CA LEU B 63 10.79 24.70 47.22
C LEU B 63 11.60 23.90 48.21
N PRO B 64 11.96 24.46 49.38
CA PRO B 64 12.46 23.62 50.48
C PRO B 64 11.42 22.57 50.86
N PRO B 65 11.84 21.44 51.43
CA PRO B 65 10.87 20.39 51.84
C PRO B 65 9.84 20.95 52.81
N LEU B 66 8.60 20.65 52.50
CA LEU B 66 7.52 21.17 53.29
C LEU B 66 7.64 20.64 54.70
N SER B 67 7.43 21.53 55.64
CA SER B 67 7.44 21.22 57.07
C SER B 67 6.06 20.66 57.43
N ASP B 68 5.92 20.15 58.64
CA ASP B 68 4.64 19.58 59.06
C ASP B 68 3.54 20.64 59.00
N GLU B 69 3.83 21.87 59.43
CA GLU B 69 2.86 22.95 59.35
C GLU B 69 2.53 23.23 57.88
N GLN B 70 3.55 23.22 57.02
CA GLN B 70 3.33 23.43 55.60
C GLN B 70 2.47 22.32 54.99
N ILE B 71 2.73 21.07 55.38
CA ILE B 71 1.90 19.98 54.88
C ILE B 71 0.48 20.11 55.39
N ALA B 72 0.32 20.50 56.66
CA ALA B 72 -0.98 20.66 57.28
C ALA B 72 -1.79 21.76 56.59
N ALA B 73 -1.14 22.84 56.19
CA ALA B 73 -1.82 23.90 55.48
C ALA B 73 -2.26 23.48 54.07
N GLN B 74 -1.44 22.68 53.37
CA GLN B 74 -1.87 22.11 52.09
C GLN B 74 -3.04 21.15 52.28
N VAL B 75 -3.05 20.36 53.35
CA VAL B 75 -4.17 19.46 53.63
C VAL B 75 -5.45 20.24 53.93
N ASP B 76 -5.33 21.37 54.63
CA ASP B 76 -6.45 22.29 54.78
C ASP B 76 -7.00 22.78 53.45
N TYR B 77 -6.12 23.06 52.48
CA TYR B 77 -6.59 23.42 51.15
C TYR B 77 -7.34 22.26 50.50
N ILE B 78 -6.83 21.03 50.65
CA ILE B 78 -7.48 19.83 50.13
C ILE B 78 -8.87 19.64 50.75
N VAL B 79 -8.97 19.78 52.07
CA VAL B 79 -10.21 19.48 52.78
C VAL B 79 -11.28 20.51 52.46
N ALA B 80 -10.93 21.81 52.48
CA ALA B 80 -11.87 22.89 52.19
C ALA B 80 -12.49 22.77 50.81
N ASN B 81 -11.72 22.27 49.86
CA ASN B 81 -12.23 22.07 48.52
C ASN B 81 -13.08 20.82 48.38
N GLY B 82 -13.26 20.02 49.42
CA GLY B 82 -13.92 18.74 49.28
C GLY B 82 -13.10 17.69 48.58
N TRP B 83 -11.80 17.83 48.53
CA TRP B 83 -10.98 16.90 47.81
C TRP B 83 -10.60 15.72 48.69
N ILE B 84 -10.18 14.64 48.05
CA ILE B 84 -9.86 13.41 48.76
C ILE B 84 -8.35 13.25 48.77
N PRO B 85 -7.69 13.41 49.92
CA PRO B 85 -6.26 13.12 50.01
C PRO B 85 -5.97 11.64 49.91
N CYS B 86 -4.79 11.31 49.37
CA CYS B 86 -4.28 9.95 49.31
C CYS B 86 -2.76 10.03 49.33
N LEU B 87 -2.10 9.05 49.90
CA LEU B 87 -0.65 9.01 49.85
C LEU B 87 -0.17 7.96 48.87
N GLU B 88 0.94 8.21 48.25
CA GLU B 88 1.62 7.28 47.36
C GLU B 88 3.12 7.26 47.61
N PHE B 89 3.73 6.12 47.34
CA PHE B 89 5.13 5.95 47.62
C PHE B 89 5.80 5.10 46.53
N ALA B 90 7.10 5.26 46.41
CA ALA B 90 7.99 4.62 45.46
C ALA B 90 9.39 4.48 46.05
N GLU B 91 10.02 3.37 45.75
CA GLU B 91 11.42 3.19 46.07
C GLU B 91 12.18 4.09 45.05
N SER B 92 13.44 4.42 45.33
CA SER B 92 14.15 5.36 44.45
C SER B 92 14.24 4.95 42.98
N ASP B 93 14.41 3.66 42.71
CA ASP B 93 14.51 3.17 41.34
C ASP B 93 13.17 3.22 40.56
N LYS B 94 12.09 3.50 41.26
CA LYS B 94 10.80 3.60 40.63
C LYS B 94 10.25 4.99 40.77
N ALA B 95 10.98 5.86 41.45
CA ALA B 95 10.51 7.21 41.70
C ALA B 95 10.37 8.15 40.50
N TYR B 96 11.31 8.13 39.56
CA TYR B 96 11.25 9.06 38.44
C TYR B 96 10.99 8.42 37.06
N VAL B 97 10.53 9.20 36.10
CA VAL B 97 10.17 8.66 34.80
C VAL B 97 11.29 7.91 34.09
N SER B 98 10.90 6.80 33.48
CA SER B 98 11.83 5.93 32.76
C SER B 98 11.14 5.36 31.52
N ASN B 99 11.93 4.82 30.60
CA ASN B 99 11.45 4.26 29.33
C ASN B 99 11.65 2.76 29.13
N GLU B 100 11.86 1.97 30.18
CA GLU B 100 12.34 0.62 29.92
C GLU B 100 11.30 -0.31 29.27
N SER B 101 10.00 -0.16 29.56
CA SER B 101 8.96 -0.98 28.90
C SER B 101 8.88 -0.78 27.40
N ALA B 102 9.41 0.33 26.87
CA ALA B 102 9.32 0.65 25.45
C ALA B 102 10.10 -0.31 24.57
N ILE B 103 10.96 -1.14 25.13
CA ILE B 103 11.63 -2.21 24.40
C ILE B 103 10.60 -3.14 23.74
N ARG B 104 9.43 -3.35 24.37
CA ARG B 104 8.40 -4.24 23.85
C ARG B 104 7.57 -3.61 22.73
N PHE B 105 7.69 -2.33 22.51
CA PHE B 105 6.75 -1.59 21.67
C PHE B 105 7.18 -1.52 20.22
N GLY B 106 6.19 -1.45 19.33
CA GLY B 106 6.35 -0.83 18.03
C GLY B 106 6.47 0.71 18.12
N SER B 107 5.88 1.50 17.24
CA SER B 107 6.11 2.94 17.28
C SER B 107 5.09 3.72 18.11
N VAL B 108 4.77 3.30 19.30
CA VAL B 108 3.72 3.93 20.06
C VAL B 108 4.27 4.41 21.41
N SER B 109 5.53 4.82 21.47
CA SER B 109 6.03 5.30 22.78
C SER B 109 5.55 6.72 23.17
N CYS B 110 4.94 7.46 22.25
CA CYS B 110 4.53 8.85 22.44
C CYS B 110 3.68 9.07 23.71
N LEU B 111 4.22 9.82 24.65
CA LEU B 111 3.63 10.10 25.97
C LEU B 111 3.45 8.84 26.84
N TYR B 112 4.03 7.72 26.48
CA TYR B 112 4.18 6.62 27.40
C TYR B 112 5.44 6.83 28.25
N TYR B 113 5.31 6.67 29.53
CA TYR B 113 6.51 6.55 30.36
C TYR B 113 6.21 5.66 31.55
N ASP B 114 7.17 4.88 31.96
CA ASP B 114 7.02 4.07 33.14
C ASP B 114 7.31 4.94 34.39
N ASN B 115 6.82 4.50 35.54
CA ASN B 115 6.98 5.06 36.90
C ASN B 115 6.17 6.35 37.16
N ARG B 116 5.26 6.76 36.28
CA ARG B 116 4.27 7.75 36.65
C ARG B 116 3.38 7.24 37.77
N TYR B 117 2.85 6.05 37.62
CA TYR B 117 2.16 5.39 38.72
C TYR B 117 3.14 5.11 39.86
N TRP B 118 2.81 5.53 41.05
CA TRP B 118 3.44 5.01 42.26
C TRP B 118 2.53 4.01 42.98
N THR B 119 2.92 3.53 44.14
CA THR B 119 2.12 2.55 44.88
C THR B 119 1.29 3.28 45.96
N MET B 120 0.00 2.99 46.00
CA MET B 120 -0.90 3.60 46.97
C MET B 120 -0.65 3.13 48.43
N TRP B 121 -0.69 4.07 49.36
CA TRP B 121 -0.53 3.72 50.77
C TRP B 121 -1.95 3.65 51.29
N LYS B 122 -2.37 2.45 51.67
CA LYS B 122 -3.72 2.19 52.17
C LYS B 122 -4.76 2.65 51.15
N LEU B 123 -5.72 3.43 51.60
CA LEU B 123 -6.76 3.89 50.71
C LEU B 123 -6.98 5.39 50.71
N PRO B 124 -7.58 5.93 49.65
CA PRO B 124 -7.96 7.33 49.65
C PRO B 124 -8.82 7.60 50.86
N MET B 125 -8.51 8.69 51.53
CA MET B 125 -9.07 9.00 52.83
C MET B 125 -10.40 9.69 52.63
N PHE B 126 -11.41 8.88 52.29
CA PHE B 126 -12.75 9.40 52.06
C PHE B 126 -13.27 9.95 53.37
N GLY B 127 -13.83 11.15 53.31
CA GLY B 127 -14.36 11.84 54.48
C GLY B 127 -13.32 12.48 55.35
N CYS B 128 -12.09 12.62 54.87
CA CYS B 128 -11.06 13.32 55.63
C CYS B 128 -11.41 14.77 55.81
N ARG B 129 -11.49 15.18 57.06
CA ARG B 129 -11.80 16.53 57.45
C ARG B 129 -10.70 17.13 58.30
N ASP B 130 -9.99 16.32 59.07
CA ASP B 130 -8.96 16.83 59.93
C ASP B 130 -7.58 16.54 59.36
N PRO B 131 -6.66 17.49 59.37
CA PRO B 131 -5.36 17.26 58.76
C PRO B 131 -4.42 16.36 59.55
N MET B 132 -4.77 15.99 60.77
CA MET B 132 -3.83 15.25 61.60
C MET B 132 -3.80 13.78 61.21
N GLN B 133 -4.85 13.31 60.55
CA GLN B 133 -4.86 11.96 60.01
C GLN B 133 -3.85 11.78 58.87
N VAL B 134 -3.74 12.76 57.98
CA VAL B 134 -2.78 12.69 56.89
C VAL B 134 -1.38 12.73 57.46
N LEU B 135 -1.16 13.60 58.45
CA LEU B 135 0.17 13.72 59.06
C LEU B 135 0.57 12.45 59.80
N ARG B 136 -0.39 11.78 60.42
CA ARG B 136 -0.14 10.49 61.04
C ARG B 136 0.14 9.41 59.96
N GLU B 137 -0.63 9.42 58.87
CA GLU B 137 -0.39 8.47 57.80
C GLU B 137 0.93 8.69 57.10
N ILE B 138 1.37 9.95 57.00
CA ILE B 138 2.69 10.23 56.43
C ILE B 138 3.78 9.62 57.27
N VAL B 139 3.70 9.79 58.59
CA VAL B 139 4.65 9.17 59.52
C VAL B 139 4.61 7.65 59.41
N ALA B 140 3.43 7.05 59.36
CA ALA B 140 3.32 5.59 59.26
C ALA B 140 3.93 5.06 57.96
N CYS B 141 3.69 5.72 56.83
CA CYS B 141 4.27 5.28 55.56
C CYS B 141 5.79 5.35 55.57
N THR B 142 6.33 6.45 56.08
CA THR B 142 7.77 6.62 56.11
C THR B 142 8.42 5.68 57.11
N LYS B 143 7.71 5.34 58.18
CA LYS B 143 8.20 4.35 59.12
C LYS B 143 8.25 2.96 58.50
N ALA B 144 7.21 2.58 57.77
CA ALA B 144 7.22 1.29 57.07
C ALA B 144 8.18 1.30 55.89
N PHE B 145 8.40 2.43 55.27
CA PHE B 145 9.21 2.48 54.05
C PHE B 145 10.23 3.59 54.16
N PRO B 146 11.34 3.36 54.86
CA PRO B 146 12.30 4.46 55.09
C PRO B 146 13.11 4.83 53.87
N ASP B 147 13.26 3.93 52.91
CA ASP B 147 13.99 4.23 51.70
C ASP B 147 13.10 4.75 50.56
N ALA B 148 11.85 5.13 50.85
CA ALA B 148 10.86 5.49 49.83
C ALA B 148 10.59 6.99 49.79
N TYR B 149 10.50 7.53 48.59
CA TYR B 149 9.83 8.81 48.40
C TYR B 149 8.34 8.67 48.72
N VAL B 150 7.70 9.69 49.27
CA VAL B 150 6.26 9.65 49.59
C VAL B 150 5.61 10.90 49.04
N ARG B 151 4.56 10.74 48.28
CA ARG B 151 3.86 11.88 47.73
C ARG B 151 2.42 11.90 48.21
N LEU B 152 1.92 13.10 48.37
CA LEU B 152 0.55 13.34 48.78
C LEU B 152 -0.25 13.76 47.56
N VAL B 153 -1.27 13.02 47.26
CA VAL B 153 -2.06 13.36 46.08
C VAL B 153 -3.45 13.74 46.57
N ALA B 154 -4.24 14.28 45.69
CA ALA B 154 -5.60 14.64 45.99
C ALA B 154 -6.47 14.44 44.76
N PHE B 155 -7.66 13.95 44.99
CA PHE B 155 -8.63 13.62 43.95
C PHE B 155 -9.85 14.50 44.12
N ASP B 156 -10.40 14.99 43.04
CA ASP B 156 -11.62 15.78 43.06
C ASP B 156 -12.72 14.95 42.44
N ASN B 157 -13.63 14.52 43.29
CA ASN B 157 -14.66 13.58 42.86
C ASN B 157 -15.71 14.27 41.98
N GLN B 158 -15.78 15.60 42.03
CA GLN B 158 -16.60 16.31 41.07
C GLN B 158 -16.07 16.15 39.65
N LYS B 159 -14.84 16.57 39.41
CA LYS B 159 -14.26 16.48 38.10
C LYS B 159 -13.71 15.07 37.82
N GLN B 160 -13.81 14.14 38.80
CA GLN B 160 -13.35 12.74 38.72
C GLN B 160 -11.93 12.60 38.14
N VAL B 161 -10.95 13.18 38.83
CA VAL B 161 -9.59 13.28 38.33
C VAL B 161 -8.65 13.64 39.49
N GLN B 162 -7.45 13.09 39.47
CA GLN B 162 -6.37 13.60 40.30
C GLN B 162 -6.15 15.08 40.09
N ILE B 163 -6.08 15.84 41.16
CA ILE B 163 -6.01 17.29 41.09
C ILE B 163 -4.81 17.87 41.82
N MET B 164 -4.18 17.13 42.74
CA MET B 164 -2.90 17.54 43.30
C MET B 164 -1.94 16.38 43.36
N GLY B 165 -0.67 16.71 43.52
CA GLY B 165 0.36 15.76 43.80
C GLY B 165 1.66 16.50 44.04
N PHE B 166 2.18 16.38 45.24
CA PHE B 166 3.41 17.01 45.66
C PHE B 166 4.04 16.09 46.66
N LEU B 167 5.33 16.23 46.79
CA LEU B 167 6.15 15.33 47.56
C LEU B 167 6.17 15.76 49.03
N VAL B 168 6.09 14.80 49.93
CA VAL B 168 6.20 15.09 51.35
C VAL B 168 7.39 14.45 52.00
N GLN B 169 8.08 13.54 51.36
CA GLN B 169 9.23 12.92 51.97
C GLN B 169 10.18 12.41 50.91
N ARG B 170 11.43 12.80 51.06
CA ARG B 170 12.53 12.28 50.28
C ARG B 170 13.32 11.36 51.20
N PRO B 171 13.77 10.20 50.74
CA PRO B 171 14.55 9.35 51.63
C PRO B 171 15.98 9.87 51.73
N LYS B 172 16.50 9.85 52.96
CA LYS B 172 17.89 10.20 53.26
C LYS B 172 18.87 9.41 52.39
N SER B 173 18.61 8.11 52.23
CA SER B 173 19.53 7.26 51.49
C SER B 173 19.49 7.51 49.97
N ALA B 174 18.55 8.30 49.49
CA ALA B 174 18.55 8.67 48.09
C ALA B 174 19.64 9.69 47.81
N ARG B 175 20.56 9.34 46.94
CA ARG B 175 21.52 10.31 46.47
C ARG B 175 21.07 11.04 45.21
N ASP B 176 19.91 10.69 44.65
CA ASP B 176 19.40 11.22 43.37
C ASP B 176 19.05 12.72 43.41
N TRP B 177 18.90 13.33 44.57
CA TRP B 177 18.33 14.66 44.69
C TRP B 177 19.21 15.60 45.52
N GLN B 178 19.02 16.86 45.38
CA GLN B 178 19.93 17.79 46.06
C GLN B 178 19.24 18.54 47.17
N PRO B 179 19.94 18.69 48.33
CA PRO B 179 19.36 19.33 49.51
C PRO B 179 19.34 20.85 49.48
N ALA B 180 18.84 21.41 48.38
CA ALA B 180 18.52 22.82 48.21
C ALA B 180 19.72 23.74 48.36
N ASN B 181 20.94 23.16 48.19
CA ASN B 181 22.21 23.79 47.83
C ASN B 181 22.66 23.22 46.49
N LYS B 182 21.75 23.33 45.51
CA LYS B 182 21.72 22.85 44.14
C LYS B 182 22.08 23.89 43.08
N ARG B 183 22.37 25.12 43.50
CA ARG B 183 23.15 26.15 42.83
C ARG B 183 22.78 26.46 41.40
N LYS C 18 -43.46 -26.67 1.24
CA LYS C 18 -43.57 -25.93 2.48
C LYS C 18 -44.50 -26.59 3.52
N ASP C 19 -43.91 -27.35 4.46
CA ASP C 19 -44.63 -28.03 5.55
C ASP C 19 -45.70 -28.97 4.99
N TYR C 20 -45.25 -29.99 4.28
CA TYR C 20 -46.17 -30.96 3.71
C TYR C 20 -46.44 -32.06 4.72
N ARG C 21 -45.57 -32.16 5.73
CA ARG C 21 -45.43 -33.13 6.80
C ARG C 21 -44.90 -34.47 6.29
N LEU C 22 -44.97 -34.76 5.00
CA LEU C 22 -44.51 -36.06 4.57
C LEU C 22 -43.21 -35.91 3.81
N THR C 23 -43.02 -34.74 3.23
CA THR C 23 -41.73 -34.44 2.66
C THR C 23 -40.69 -34.20 3.73
N TYR C 24 -41.07 -33.51 4.82
CA TYR C 24 -40.05 -32.92 5.70
C TYR C 24 -39.91 -33.68 6.99
N TYR C 25 -40.95 -34.38 7.39
CA TYR C 25 -40.89 -35.24 8.53
C TYR C 25 -40.64 -36.65 8.01
N THR C 26 -39.40 -37.11 8.15
CA THR C 26 -38.93 -38.36 7.59
C THR C 26 -38.34 -39.18 8.72
N PRO C 27 -39.18 -39.84 9.50
CA PRO C 27 -38.68 -40.45 10.74
C PRO C 27 -37.82 -41.70 10.54
N ASP C 28 -37.67 -42.20 9.33
CA ASP C 28 -36.75 -43.27 9.07
C ASP C 28 -35.45 -42.80 8.38
N TYR C 29 -35.21 -41.50 8.27
CA TYR C 29 -33.95 -40.96 7.75
C TYR C 29 -32.78 -41.40 8.62
N VAL C 30 -31.71 -41.83 7.99
CA VAL C 30 -30.47 -42.09 8.71
C VAL C 30 -29.58 -40.85 8.67
N VAL C 31 -29.19 -40.40 9.85
CA VAL C 31 -28.35 -39.23 10.02
C VAL C 31 -26.97 -39.51 9.46
N ARG C 32 -26.54 -38.67 8.54
CA ARG C 32 -25.20 -38.73 7.98
C ARG C 32 -24.19 -38.11 8.96
N ASP C 33 -22.91 -38.47 8.78
CA ASP C 33 -21.85 -37.95 9.65
C ASP C 33 -21.56 -36.49 9.39
N THR C 34 -21.77 -36.02 8.19
CA THR C 34 -21.49 -34.65 7.84
C THR C 34 -22.67 -33.72 8.09
N ASP C 35 -23.84 -34.23 8.45
CA ASP C 35 -25.00 -33.39 8.75
C ASP C 35 -24.81 -32.55 10.00
N ILE C 36 -25.38 -31.39 9.96
CA ILE C 36 -25.57 -30.53 11.12
C ILE C 36 -26.92 -30.87 11.75
N LEU C 37 -26.92 -31.19 13.00
CA LEU C 37 -28.17 -31.54 13.65
C LEU C 37 -28.61 -30.41 14.55
N ALA C 38 -29.88 -30.24 14.69
CA ALA C 38 -30.46 -29.26 15.59
C ALA C 38 -31.53 -29.92 16.44
N ALA C 39 -31.59 -29.55 17.70
CA ALA C 39 -32.70 -29.94 18.57
C ALA C 39 -33.48 -28.71 18.98
N PHE C 40 -34.68 -28.60 18.48
CA PHE C 40 -35.63 -27.56 18.80
C PHE C 40 -36.67 -27.99 19.84
N ARG C 41 -36.67 -27.31 20.96
CA ARG C 41 -37.82 -27.36 21.88
C ARG C 41 -38.95 -26.52 21.32
N MET C 42 -40.06 -27.14 21.08
CA MET C 42 -41.08 -26.66 20.20
C MET C 42 -42.43 -26.60 20.93
N THR C 43 -43.12 -25.47 20.84
CA THR C 43 -44.44 -25.31 21.46
C THR C 43 -45.49 -25.01 20.40
N PRO C 44 -46.15 -26.03 19.87
CA PRO C 44 -47.14 -25.82 18.80
C PRO C 44 -48.37 -25.04 19.26
N GLN C 45 -48.94 -24.31 18.33
CA GLN C 45 -50.24 -23.73 18.56
C GLN C 45 -51.27 -24.84 18.79
N PRO C 46 -52.24 -24.62 19.68
CA PRO C 46 -53.18 -25.68 20.05
C PRO C 46 -54.00 -26.19 18.88
N GLY C 47 -54.04 -27.50 18.74
CA GLY C 47 -54.62 -28.14 17.59
C GLY C 47 -53.69 -28.43 16.44
N VAL C 48 -52.44 -27.99 16.48
CA VAL C 48 -51.48 -28.22 15.41
C VAL C 48 -50.64 -29.43 15.81
N PRO C 49 -50.62 -30.50 15.03
CA PRO C 49 -49.97 -31.72 15.49
C PRO C 49 -48.46 -31.57 15.47
N PRO C 50 -47.75 -32.32 16.32
CA PRO C 50 -46.29 -32.14 16.44
C PRO C 50 -45.50 -32.43 15.18
N GLU C 51 -45.98 -33.36 14.37
CA GLU C 51 -45.28 -33.74 13.15
C GLU C 51 -45.37 -32.64 12.12
N GLU C 52 -46.46 -31.89 12.15
CA GLU C 52 -46.59 -30.75 11.25
C GLU C 52 -45.69 -29.60 11.67
N CYS C 53 -45.49 -29.41 12.97
CA CYS C 53 -44.61 -28.33 13.42
C CYS C 53 -43.15 -28.65 13.16
N GLY C 54 -42.73 -29.88 13.49
CA GLY C 54 -41.38 -30.31 13.22
C GLY C 54 -41.01 -30.23 11.76
N ALA C 55 -41.94 -30.59 10.89
CA ALA C 55 -41.77 -30.48 9.44
C ALA C 55 -41.65 -29.04 8.99
N ALA C 56 -42.49 -28.16 9.54
CA ALA C 56 -42.43 -26.73 9.23
C ALA C 56 -41.08 -26.11 9.63
N VAL C 57 -40.55 -26.48 10.79
CA VAL C 57 -39.24 -25.99 11.22
C VAL C 57 -38.15 -26.54 10.31
N ALA C 58 -38.27 -27.81 9.90
CA ALA C 58 -37.35 -28.39 8.93
C ALA C 58 -37.42 -27.65 7.60
N ALA C 59 -38.61 -27.28 7.17
CA ALA C 59 -38.80 -26.71 5.84
C ALA C 59 -38.38 -25.23 5.73
N GLU C 60 -38.52 -24.43 6.79
CA GLU C 60 -38.39 -22.94 6.75
C GLU C 60 -39.17 -22.37 5.56
N SER C 61 -40.46 -22.63 5.57
CA SER C 61 -41.39 -22.24 4.50
C SER C 61 -41.27 -20.75 4.20
N SER C 62 -41.51 -20.37 2.94
CA SER C 62 -41.30 -18.97 2.61
C SER C 62 -42.53 -18.14 2.99
N THR C 63 -43.55 -18.79 3.59
CA THR C 63 -44.66 -18.12 4.25
C THR C 63 -44.68 -18.47 5.75
N GLY C 64 -44.50 -17.42 6.57
CA GLY C 64 -44.38 -17.60 8.01
C GLY C 64 -45.69 -17.28 8.70
N THR C 65 -46.55 -16.51 8.00
CA THR C 65 -47.91 -16.17 8.43
C THR C 65 -48.94 -17.26 8.12
N TRP C 66 -48.86 -17.86 6.94
CA TRP C 66 -49.84 -18.85 6.51
C TRP C 66 -49.93 -20.19 7.23
N THR C 67 -48.77 -20.78 7.50
CA THR C 67 -48.63 -22.12 8.12
C THR C 67 -49.21 -23.25 7.26
N THR C 68 -49.20 -23.07 5.94
CA THR C 68 -49.69 -24.05 4.98
C THR C 68 -48.90 -23.99 3.68
N VAL C 69 -48.83 -25.11 2.99
CA VAL C 69 -48.11 -25.13 1.72
C VAL C 69 -48.84 -24.24 0.71
N TRP C 70 -48.08 -23.51 -0.09
CA TRP C 70 -48.65 -22.66 -1.11
C TRP C 70 -47.90 -22.86 -2.42
N THR C 71 -46.57 -22.61 -2.41
CA THR C 71 -45.69 -22.76 -3.55
C THR C 71 -44.76 -23.93 -3.24
N ASP C 72 -45.02 -25.09 -3.83
CA ASP C 72 -44.33 -26.31 -3.48
C ASP C 72 -43.63 -26.89 -4.70
N GLY C 73 -42.33 -27.16 -4.54
CA GLY C 73 -41.40 -27.73 -5.51
C GLY C 73 -40.23 -26.83 -5.87
N LEU C 74 -39.10 -26.98 -5.18
CA LEU C 74 -37.96 -26.09 -5.33
C LEU C 74 -36.66 -26.88 -5.34
N THR C 75 -35.67 -26.36 -6.08
CA THR C 75 -34.34 -26.92 -5.92
C THR C 75 -33.62 -26.34 -4.70
N SER C 76 -34.23 -25.38 -4.01
CA SER C 76 -33.81 -25.12 -2.65
C SER C 76 -34.47 -26.05 -1.65
N LEU C 77 -35.56 -26.74 -2.03
CA LEU C 77 -36.29 -27.67 -1.17
C LEU C 77 -36.34 -29.13 -1.68
N ASP C 78 -35.32 -29.61 -2.41
CA ASP C 78 -35.33 -31.02 -2.79
C ASP C 78 -34.12 -31.77 -2.22
N ARG C 79 -32.92 -31.15 -2.24
CA ARG C 79 -31.67 -31.77 -1.78
C ARG C 79 -30.98 -30.87 -0.76
N TYR C 80 -31.47 -29.64 -0.62
CA TYR C 80 -30.87 -28.70 0.31
C TYR C 80 -31.83 -28.44 1.47
N LYS C 81 -32.64 -29.45 1.74
CA LYS C 81 -33.64 -29.37 2.79
C LYS C 81 -33.26 -30.04 4.11
N GLY C 82 -33.52 -29.33 5.20
CA GLY C 82 -33.36 -29.89 6.53
C GLY C 82 -34.53 -30.86 6.70
N ARG C 83 -34.31 -32.00 7.34
CA ARG C 83 -35.39 -32.98 7.53
C ARG C 83 -35.66 -33.22 9.00
N CYS C 84 -36.92 -33.21 9.41
CA CYS C 84 -37.21 -33.50 10.80
C CYS C 84 -37.25 -35.02 10.95
N TYR C 85 -36.24 -35.58 11.60
CA TYR C 85 -36.12 -37.04 11.61
C TYR C 85 -36.60 -37.69 12.90
N ASP C 86 -37.04 -36.92 13.89
CA ASP C 86 -37.43 -37.43 15.21
C ASP C 86 -38.15 -36.34 15.97
N ILE C 87 -39.29 -36.68 16.55
CA ILE C 87 -40.01 -35.81 17.48
C ILE C 87 -40.24 -36.59 18.76
N GLU C 88 -39.80 -36.03 19.90
CA GLU C 88 -40.00 -36.63 21.20
C GLU C 88 -40.78 -35.70 22.12
N PRO C 89 -41.64 -36.25 22.98
CA PRO C 89 -42.29 -35.45 24.03
C PRO C 89 -41.31 -35.06 25.13
N VAL C 90 -41.62 -33.94 25.76
CA VAL C 90 -40.83 -33.42 26.87
C VAL C 90 -41.52 -33.89 28.15
N PRO C 91 -40.83 -34.56 29.07
CA PRO C 91 -41.50 -35.10 30.27
C PRO C 91 -41.90 -34.02 31.26
N GLY C 92 -43.14 -34.11 31.74
CA GLY C 92 -43.65 -33.11 32.65
C GLY C 92 -44.27 -31.93 31.97
N GLU C 93 -44.14 -31.84 30.65
CA GLU C 93 -44.75 -30.80 29.85
C GLU C 93 -45.85 -31.47 29.04
N ASP C 94 -46.84 -30.69 28.63
CA ASP C 94 -47.97 -31.29 27.93
C ASP C 94 -48.03 -30.84 26.48
N ASN C 95 -47.51 -29.67 26.18
CA ASN C 95 -47.55 -29.16 24.83
C ASN C 95 -46.15 -28.86 24.27
N GLN C 96 -45.11 -29.50 24.77
CA GLN C 96 -43.75 -29.24 24.31
C GLN C 96 -43.09 -30.50 23.77
N TYR C 97 -42.38 -30.36 22.65
CA TYR C 97 -41.72 -31.47 21.99
C TYR C 97 -40.28 -31.07 21.65
N ILE C 98 -39.40 -32.05 21.56
CA ILE C 98 -38.09 -31.86 20.97
C ILE C 98 -38.16 -32.36 19.54
N ALA C 99 -37.97 -31.46 18.58
CA ALA C 99 -37.83 -31.83 17.19
C ALA C 99 -36.35 -31.80 16.76
N TYR C 100 -35.88 -32.91 16.21
CA TYR C 100 -34.53 -33.09 15.70
C TYR C 100 -34.49 -32.87 14.20
N VAL C 101 -33.66 -31.93 13.77
CA VAL C 101 -33.59 -31.59 12.35
C VAL C 101 -32.18 -31.83 11.86
N ALA C 102 -32.07 -32.53 10.77
CA ALA C 102 -30.80 -32.70 10.09
C ALA C 102 -30.69 -31.71 8.93
N TYR C 103 -29.55 -31.07 8.82
CA TYR C 103 -29.25 -30.17 7.71
C TYR C 103 -28.04 -30.71 6.94
N PRO C 104 -28.10 -30.82 5.63
CA PRO C 104 -26.90 -31.25 4.88
C PRO C 104 -25.81 -30.15 4.91
N ILE C 105 -24.56 -30.60 4.99
CA ILE C 105 -23.42 -29.72 5.16
C ILE C 105 -23.26 -28.77 3.95
N ASP C 106 -23.74 -29.17 2.79
CA ASP C 106 -23.77 -28.31 1.62
C ASP C 106 -24.57 -27.03 1.78
N LEU C 107 -25.46 -26.95 2.76
CA LEU C 107 -26.17 -25.73 3.01
C LEU C 107 -25.30 -24.60 3.55
N PHE C 108 -24.13 -24.86 4.09
CA PHE C 108 -23.48 -23.93 4.97
C PHE C 108 -22.19 -23.35 4.34
N GLU C 109 -21.97 -22.05 4.48
CA GLU C 109 -20.71 -21.45 4.08
C GLU C 109 -19.59 -21.88 5.04
N GLU C 110 -18.54 -22.48 4.48
CA GLU C 110 -17.39 -22.99 5.26
C GLU C 110 -16.78 -21.88 6.12
N GLY C 111 -16.74 -22.10 7.41
CA GLY C 111 -16.06 -21.15 8.26
C GLY C 111 -16.88 -19.93 8.64
N SER C 112 -18.19 -19.94 8.46
CA SER C 112 -18.98 -18.74 8.70
C SER C 112 -20.06 -19.05 9.73
N VAL C 113 -19.78 -18.74 10.99
CA VAL C 113 -20.81 -18.85 12.03
C VAL C 113 -22.03 -18.02 11.65
N THR C 114 -21.80 -16.79 11.12
CA THR C 114 -22.88 -15.93 10.65
C THR C 114 -23.85 -16.68 9.74
N ASN C 115 -23.31 -17.44 8.81
CA ASN C 115 -24.16 -18.09 7.83
C ASN C 115 -24.87 -19.31 8.41
N MET C 116 -24.27 -19.96 9.40
CA MET C 116 -24.96 -21.09 10.02
C MET C 116 -26.18 -20.66 10.84
N PHE C 117 -26.06 -19.57 11.59
CA PHE C 117 -27.23 -19.03 12.26
C PHE C 117 -28.25 -18.50 11.28
N THR C 118 -27.83 -17.90 10.18
CA THR C 118 -28.80 -17.45 9.18
C THR C 118 -29.59 -18.64 8.61
N SER C 119 -28.90 -19.75 8.36
CA SER C 119 -29.56 -20.91 7.79
C SER C 119 -30.48 -21.60 8.80
N ILE C 120 -30.08 -21.69 10.06
CA ILE C 120 -30.83 -22.47 11.04
C ILE C 120 -31.91 -21.61 11.75
N VAL C 121 -31.57 -20.45 12.26
CA VAL C 121 -32.49 -19.66 13.08
C VAL C 121 -33.01 -18.44 12.37
N GLY C 122 -32.69 -18.29 11.08
CA GLY C 122 -32.93 -17.05 10.38
C GLY C 122 -34.40 -16.66 10.32
N ASN C 123 -35.27 -17.64 10.10
CA ASN C 123 -36.68 -17.41 9.90
C ASN C 123 -37.66 -18.20 10.77
N VAL C 124 -37.30 -19.36 11.29
CA VAL C 124 -38.30 -20.27 11.88
C VAL C 124 -38.92 -19.76 13.17
N PHE C 125 -38.31 -18.77 13.84
CA PHE C 125 -38.82 -18.46 15.15
C PHE C 125 -40.08 -17.60 15.06
N GLY C 126 -40.37 -17.03 13.92
CA GLY C 126 -41.60 -16.36 13.63
C GLY C 126 -42.75 -17.19 13.07
N PHE C 127 -42.62 -18.51 12.95
CA PHE C 127 -43.62 -19.27 12.19
C PHE C 127 -44.91 -19.36 13.01
N LYS C 128 -46.05 -19.12 12.36
CA LYS C 128 -47.27 -18.91 13.13
C LYS C 128 -47.84 -20.20 13.70
N ALA C 129 -47.48 -21.35 13.13
CA ALA C 129 -47.92 -22.65 13.64
C ALA C 129 -47.31 -22.97 15.00
N LEU C 130 -46.23 -22.28 15.36
CA LEU C 130 -45.53 -22.41 16.62
C LEU C 130 -46.01 -21.28 17.51
N ARG C 131 -46.22 -21.58 18.76
CA ARG C 131 -46.40 -20.52 19.75
C ARG C 131 -45.04 -20.06 20.30
N ALA C 132 -44.13 -20.99 20.53
CA ALA C 132 -42.80 -20.72 21.07
C ALA C 132 -41.82 -21.74 20.48
N LEU C 133 -40.58 -21.34 20.37
CA LEU C 133 -39.55 -22.18 19.78
C LEU C 133 -38.22 -21.87 20.44
N ARG C 134 -37.57 -22.88 20.99
CA ARG C 134 -36.24 -22.71 21.55
C ARG C 134 -35.27 -23.70 20.92
N LEU C 135 -34.13 -23.20 20.47
CA LEU C 135 -33.02 -24.00 19.95
C LEU C 135 -32.07 -24.42 21.08
N GLU C 136 -32.12 -25.70 21.40
CA GLU C 136 -31.45 -26.26 22.57
C GLU C 136 -30.00 -26.62 22.29
N ASP C 137 -29.73 -27.25 21.15
CA ASP C 137 -28.43 -27.85 20.92
C ASP C 137 -28.17 -28.00 19.43
N LEU C 138 -26.93 -28.10 19.08
CA LEU C 138 -26.53 -28.34 17.72
C LEU C 138 -25.43 -29.38 17.69
N ARG C 139 -25.51 -30.28 16.77
CA ARG C 139 -24.41 -31.18 16.51
C ARG C 139 -23.62 -30.58 15.33
N ILE C 140 -22.41 -30.13 15.60
CA ILE C 140 -21.53 -29.61 14.56
C ILE C 140 -20.64 -30.76 14.12
N PRO C 141 -20.74 -31.22 12.88
CA PRO C 141 -19.96 -32.37 12.43
C PRO C 141 -18.50 -32.00 12.24
N PRO C 142 -17.59 -32.98 12.45
CA PRO C 142 -16.17 -32.80 12.09
C PRO C 142 -15.90 -32.19 10.73
N ALA C 143 -16.68 -32.49 9.72
CA ALA C 143 -16.44 -31.90 8.42
C ALA C 143 -16.73 -30.39 8.41
N TYR C 144 -17.66 -29.90 9.23
CA TYR C 144 -17.89 -28.49 9.31
C TYR C 144 -16.91 -27.82 10.28
N VAL C 145 -16.67 -28.45 11.44
CA VAL C 145 -15.73 -27.95 12.45
C VAL C 145 -14.38 -27.60 11.85
N LYS C 146 -13.86 -28.42 10.92
CA LYS C 146 -12.51 -28.19 10.39
C LYS C 146 -12.45 -27.03 9.41
N THR C 147 -13.57 -26.46 8.96
CA THR C 147 -13.51 -25.27 8.12
C THR C 147 -13.23 -23.97 8.91
N PHE C 148 -13.24 -23.99 10.23
CA PHE C 148 -13.14 -22.80 11.06
C PHE C 148 -11.71 -22.65 11.57
N VAL C 149 -11.25 -21.42 11.60
CA VAL C 149 -10.01 -21.13 12.28
C VAL C 149 -10.13 -21.45 13.76
N GLY C 150 -11.24 -21.05 14.36
CA GLY C 150 -11.43 -21.25 15.77
C GLY C 150 -10.65 -20.34 16.71
N PRO C 151 -10.58 -20.72 17.99
CA PRO C 151 -9.94 -19.89 19.01
C PRO C 151 -8.48 -19.60 18.67
N PRO C 152 -8.03 -18.38 18.90
CA PRO C 152 -6.66 -18.02 18.54
C PRO C 152 -5.64 -18.89 19.22
N HIS C 153 -5.81 -19.22 20.48
CA HIS C 153 -4.89 -20.06 21.25
C HIS C 153 -5.55 -21.26 21.93
N GLY C 154 -6.63 -21.06 22.63
CA GLY C 154 -7.20 -22.12 23.42
C GLY C 154 -6.43 -22.30 24.72
N ILE C 155 -7.09 -23.02 25.61
CA ILE C 155 -6.72 -23.12 27.02
C ILE C 155 -5.25 -23.53 27.21
N GLN C 156 -4.82 -24.60 26.58
CA GLN C 156 -3.44 -25.12 26.69
C GLN C 156 -2.39 -24.08 26.30
N VAL C 157 -2.50 -23.58 25.08
CA VAL C 157 -1.54 -22.61 24.57
C VAL C 157 -1.52 -21.42 25.49
N GLU C 158 -2.70 -20.99 25.94
CA GLU C 158 -2.81 -19.87 26.86
C GLU C 158 -2.02 -20.09 28.16
N ARG C 159 -2.19 -21.28 28.77
CA ARG C 159 -1.40 -21.62 29.97
C ARG C 159 0.09 -21.63 29.67
N ASP C 160 0.52 -22.16 28.51
CA ASP C 160 1.92 -22.13 28.17
C ASP C 160 2.40 -20.68 27.98
N LYS C 161 1.60 -19.85 27.34
CA LYS C 161 2.05 -18.49 27.08
C LYS C 161 2.04 -17.68 28.37
N LEU C 162 1.09 -17.94 29.25
CA LEU C 162 1.04 -17.22 30.52
C LEU C 162 1.93 -17.84 31.59
N ASN C 163 2.50 -19.02 31.38
CA ASN C 163 3.33 -19.74 32.36
C ASN C 163 2.58 -20.02 33.67
N LYS C 164 1.33 -20.46 33.60
CA LYS C 164 0.47 -20.55 34.79
C LYS C 164 -0.26 -21.88 34.77
N TYR C 165 0.06 -22.76 35.70
CA TYR C 165 -0.36 -24.16 35.68
C TYR C 165 -0.92 -24.56 37.04
N GLY C 166 -1.90 -25.45 37.00
CA GLY C 166 -2.38 -26.17 38.17
C GLY C 166 -3.31 -25.44 39.12
N ARG C 167 -3.94 -24.34 38.69
CA ARG C 167 -4.94 -23.59 39.43
C ARG C 167 -5.79 -22.82 38.42
N GLY C 168 -6.96 -22.34 38.86
CA GLY C 168 -7.68 -21.34 38.12
C GLY C 168 -6.93 -20.02 37.96
N LEU C 169 -7.30 -19.26 36.95
CA LEU C 169 -6.81 -17.89 36.79
C LEU C 169 -7.75 -16.97 37.56
N LEU C 170 -7.24 -15.84 38.01
CA LEU C 170 -8.04 -14.94 38.82
C LEU C 170 -8.17 -13.59 38.16
N GLY C 171 -9.39 -13.15 37.98
CA GLY C 171 -9.66 -11.85 37.47
C GLY C 171 -10.51 -11.01 38.40
N CYS C 172 -10.66 -9.74 38.03
CA CYS C 172 -11.62 -8.84 38.66
C CYS C 172 -12.00 -7.72 37.70
N THR C 173 -13.23 -7.24 37.79
CA THR C 173 -13.65 -6.08 37.00
C THR C 173 -13.24 -4.80 37.72
N ILE C 174 -12.72 -3.84 36.98
CA ILE C 174 -12.29 -2.55 37.52
C ILE C 174 -13.49 -1.62 37.53
N LYS C 175 -13.90 -1.21 38.71
CA LYS C 175 -14.88 -0.13 38.92
C LYS C 175 -14.23 0.91 39.85
N PRO C 176 -13.52 1.91 39.31
CA PRO C 176 -12.71 2.79 40.19
C PRO C 176 -13.57 3.62 41.13
N LYS C 177 -13.03 3.84 42.30
CA LYS C 177 -13.69 4.64 43.29
C LYS C 177 -13.56 6.13 42.97
N LEU C 178 -12.53 6.56 42.22
CA LEU C 178 -12.16 7.98 42.19
C LEU C 178 -12.54 8.70 40.89
N GLY C 179 -12.76 7.96 39.81
CA GLY C 179 -13.13 8.55 38.53
C GLY C 179 -13.16 7.47 37.47
N LEU C 180 -13.79 7.75 36.34
CA LEU C 180 -13.64 6.82 35.24
C LEU C 180 -12.58 7.26 34.25
N SER C 181 -11.72 8.19 34.63
CA SER C 181 -10.67 8.62 33.72
C SER C 181 -9.70 7.47 33.45
N ALA C 182 -8.98 7.59 32.34
CA ALA C 182 -8.09 6.53 31.90
C ALA C 182 -6.96 6.30 32.90
N LYS C 183 -6.43 7.39 33.43
CA LYS C 183 -5.35 7.35 34.41
C LYS C 183 -5.77 6.68 35.72
N ASN C 184 -6.95 7.04 36.24
CA ASN C 184 -7.49 6.38 37.43
C ASN C 184 -7.90 4.95 37.16
N TYR C 185 -8.35 4.70 35.94
CA TYR C 185 -8.65 3.35 35.55
C TYR C 185 -7.38 2.50 35.65
N GLY C 186 -6.28 3.02 35.11
CA GLY C 186 -4.99 2.32 35.13
C GLY C 186 -4.41 2.15 36.52
N ARG C 187 -4.61 3.13 37.42
CA ARG C 187 -4.17 3.00 38.82
C ARG C 187 -4.82 1.82 39.51
N ALA C 188 -6.13 1.69 39.32
CA ALA C 188 -6.86 0.57 39.86
C ALA C 188 -6.44 -0.77 39.26
N VAL C 189 -6.18 -0.79 37.95
CA VAL C 189 -5.65 -2.00 37.31
C VAL C 189 -4.36 -2.40 37.97
N TYR C 190 -3.45 -1.44 38.15
CA TYR C 190 -2.18 -1.72 38.78
C TYR C 190 -2.37 -2.29 40.19
N GLU C 191 -3.25 -1.69 40.98
CA GLU C 191 -3.40 -2.12 42.38
C GLU C 191 -3.93 -3.56 42.50
N CYS C 192 -4.92 -3.91 41.68
CA CYS C 192 -5.45 -5.27 41.64
C CYS C 192 -4.43 -6.28 41.15
N LEU C 193 -3.79 -6.02 40.00
CA LEU C 193 -2.82 -6.94 39.44
C LEU C 193 -1.61 -7.17 40.34
N ARG C 194 -1.12 -6.13 40.98
CA ARG C 194 0.05 -6.25 41.85
C ARG C 194 -0.17 -7.19 43.04
N GLY C 195 -1.38 -7.21 43.57
CA GLY C 195 -1.76 -8.04 44.68
C GLY C 195 -1.85 -9.53 44.44
N GLY C 196 -1.88 -9.98 43.18
CA GLY C 196 -2.01 -11.40 42.91
C GLY C 196 -2.94 -11.83 41.78
N LEU C 197 -3.72 -10.93 41.18
CA LEU C 197 -4.64 -11.37 40.14
C LEU C 197 -3.88 -11.57 38.85
N ASP C 198 -4.29 -12.55 38.09
CA ASP C 198 -3.77 -12.72 36.73
C ASP C 198 -4.27 -11.60 35.80
N PHE C 199 -5.54 -11.28 35.85
CA PHE C 199 -6.19 -10.40 34.90
C PHE C 199 -7.07 -9.39 35.61
N THR C 200 -7.23 -8.29 34.98
CA THR C 200 -8.33 -7.41 35.20
C THR C 200 -9.07 -7.23 33.88
N LYS C 201 -10.18 -6.54 33.96
CA LYS C 201 -11.23 -6.59 32.95
C LYS C 201 -11.81 -5.19 32.72
N ASP C 202 -11.65 -4.67 31.49
CA ASP C 202 -12.54 -3.64 30.99
C ASP C 202 -14.00 -4.06 31.20
N ASP C 203 -14.77 -3.16 31.74
CA ASP C 203 -16.22 -3.38 31.61
C ASP C 203 -16.70 -3.38 30.16
N GLU C 204 -17.67 -4.25 29.90
CA GLU C 204 -18.19 -4.49 28.55
C GLU C 204 -18.69 -3.22 27.85
N ASN C 205 -19.17 -2.21 28.59
CA ASN C 205 -19.60 -0.97 27.93
C ASN C 205 -18.49 0.06 27.70
N VAL C 206 -17.33 -0.11 28.35
CA VAL C 206 -16.20 0.80 28.25
C VAL C 206 -15.63 0.52 26.87
N ASN C 207 -15.93 1.37 25.89
CA ASN C 207 -15.30 1.16 24.61
C ASN C 207 -14.44 2.41 24.43
N SER C 208 -15.02 3.54 24.13
CA SER C 208 -14.31 4.80 24.00
C SER C 208 -15.37 5.89 24.14
N GLN C 209 -15.42 6.52 25.22
CA GLN C 209 -16.42 7.50 25.65
C GLN C 209 -15.82 8.91 25.80
N PRO C 210 -16.62 9.98 25.98
CA PRO C 210 -16.00 11.27 26.33
C PRO C 210 -15.22 11.25 27.65
N PHE C 211 -15.67 10.51 28.66
CA PHE C 211 -14.92 10.46 29.93
C PHE C 211 -13.60 9.66 29.80
N MET C 212 -13.44 8.83 28.78
CA MET C 212 -12.26 7.95 28.66
C MET C 212 -12.16 7.43 27.23
N ARG C 213 -11.30 8.01 26.42
CA ARG C 213 -11.11 7.61 25.04
C ARG C 213 -10.22 6.40 25.01
N TRP C 214 -10.46 5.49 24.07
CA TRP C 214 -9.83 4.18 24.08
C TRP C 214 -8.29 4.23 24.09
N ARG C 215 -7.70 5.09 23.30
CA ARG C 215 -6.25 4.97 23.14
C ARG C 215 -5.52 5.42 24.44
N ASP C 216 -6.06 6.44 25.10
CA ASP C 216 -5.61 6.83 26.44
C ASP C 216 -5.75 5.67 27.46
N ARG C 217 -6.92 5.02 27.49
CA ARG C 217 -7.10 3.82 28.32
C ARG C 217 -6.04 2.74 28.03
N PHE C 218 -5.76 2.49 26.77
CA PHE C 218 -4.83 1.42 26.38
C PHE C 218 -3.45 1.73 26.93
N LEU C 219 -3.02 2.98 26.77
CA LEU C 219 -1.67 3.40 27.17
C LEU C 219 -1.48 3.31 28.68
N PHE C 220 -2.38 3.90 29.46
CA PHE C 220 -2.33 3.80 30.93
C PHE C 220 -2.50 2.36 31.43
N VAL C 221 -3.36 1.55 30.83
CA VAL C 221 -3.42 0.14 31.22
C VAL C 221 -2.09 -0.59 30.92
N ALA C 222 -1.45 -0.29 29.77
CA ALA C 222 -0.17 -0.91 29.44
C ALA C 222 0.92 -0.52 30.46
N GLU C 223 0.92 0.71 30.95
CA GLU C 223 1.83 1.08 32.01
C GLU C 223 1.54 0.31 33.30
N ALA C 224 0.26 0.17 33.66
CA ALA C 224 -0.14 -0.58 34.83
C ALA C 224 0.25 -2.06 34.74
N ILE C 225 -0.05 -2.73 33.63
CA ILE C 225 0.28 -4.15 33.41
C ILE C 225 1.78 -4.37 33.58
N TYR C 226 2.59 -3.54 32.92
CA TYR C 226 4.05 -3.67 33.00
C TYR C 226 4.58 -3.31 34.40
N LYS C 227 3.96 -2.35 35.09
CA LYS C 227 4.38 -2.05 36.46
C LYS C 227 4.12 -3.24 37.39
N ALA C 228 2.90 -3.78 37.40
CA ALA C 228 2.59 -4.94 38.22
C ALA C 228 3.41 -6.17 37.81
N GLN C 229 3.73 -6.32 36.54
CA GLN C 229 4.57 -7.41 36.06
C GLN C 229 6.03 -7.27 36.56
N ALA C 230 6.59 -6.08 36.46
CA ALA C 230 7.90 -5.82 37.06
C ALA C 230 7.89 -6.12 38.56
N GLU C 231 6.82 -5.76 39.24
CA GLU C 231 6.73 -5.91 40.69
C GLU C 231 6.54 -7.36 41.11
N THR C 232 5.61 -8.08 40.49
CA THR C 232 5.29 -9.45 40.87
C THR C 232 6.27 -10.46 40.27
N GLY C 233 6.90 -10.14 39.16
CA GLY C 233 7.60 -11.12 38.37
C GLY C 233 6.74 -12.13 37.63
N GLU C 234 5.39 -12.07 37.70
CA GLU C 234 4.48 -12.95 36.96
C GLU C 234 3.92 -12.21 35.74
N VAL C 235 3.56 -12.98 34.71
CA VAL C 235 2.83 -12.43 33.57
C VAL C 235 1.47 -11.86 34.01
N LYS C 236 1.14 -10.66 33.56
CA LYS C 236 -0.10 -9.98 33.90
C LYS C 236 -0.82 -9.51 32.63
N GLY C 237 -2.16 -9.44 32.69
CA GLY C 237 -2.94 -8.90 31.62
C GLY C 237 -4.11 -8.06 32.12
N HIS C 238 -4.69 -7.35 31.20
CA HIS C 238 -5.97 -6.67 31.39
C HIS C 238 -6.73 -6.88 30.09
N TYR C 239 -7.96 -7.31 30.16
CA TYR C 239 -8.78 -7.47 28.97
C TYR C 239 -9.15 -6.10 28.40
N LEU C 240 -8.45 -5.67 27.39
CA LEU C 240 -8.70 -4.38 26.75
C LEU C 240 -9.81 -4.51 25.70
N ASN C 241 -10.94 -3.89 26.01
CA ASN C 241 -12.11 -3.92 25.16
C ASN C 241 -11.85 -3.30 23.77
N ALA C 242 -11.84 -4.11 22.75
CA ALA C 242 -11.74 -3.77 21.34
C ALA C 242 -13.10 -3.57 20.61
N THR C 243 -14.21 -3.96 21.19
CA THR C 243 -15.58 -3.67 20.67
C THR C 243 -15.76 -2.23 20.17
N ALA C 244 -16.19 -2.07 18.95
CA ALA C 244 -16.26 -0.73 18.34
C ALA C 244 -17.54 -0.62 17.51
N GLY C 245 -17.87 0.60 17.04
CA GLY C 245 -18.93 0.75 16.05
C GLY C 245 -18.63 0.12 14.69
N THR C 246 -17.37 0.11 14.26
CA THR C 246 -16.99 -0.35 12.93
C THR C 246 -15.83 -1.35 12.99
N CYS C 247 -15.72 -2.18 11.98
CA CYS C 247 -14.66 -3.14 11.94
C CYS C 247 -13.33 -2.39 11.92
N GLU C 248 -13.21 -1.34 11.12
CA GLU C 248 -11.97 -0.56 11.05
C GLU C 248 -11.58 0.04 12.40
N GLU C 249 -12.52 0.64 13.15
CA GLU C 249 -12.22 1.08 14.52
C GLU C 249 -11.82 -0.07 15.43
N MET C 250 -12.53 -1.18 15.36
CA MET C 250 -12.17 -2.38 16.10
C MET C 250 -10.73 -2.84 15.81
N MET C 251 -10.33 -2.90 14.53
CA MET C 251 -8.97 -3.30 14.15
C MET C 251 -7.93 -2.24 14.52
N LYS C 252 -8.30 -0.95 14.47
CA LYS C 252 -7.44 0.09 15.07
C LYS C 252 -7.11 -0.22 16.53
N ARG C 253 -8.04 -0.73 17.27
CA ARG C 253 -7.76 -0.99 18.67
C ARG C 253 -6.92 -2.27 18.85
N ALA C 254 -7.27 -3.32 18.13
CA ALA C 254 -6.49 -4.56 18.15
C ALA C 254 -5.03 -4.33 17.74
N VAL C 255 -4.80 -3.55 16.69
CA VAL C 255 -3.45 -3.12 16.26
C VAL C 255 -2.67 -2.34 17.39
N ALA C 257 -3.05 -2.64 20.63
CA ALA C 257 -2.68 -3.65 21.64
C ALA C 257 -1.48 -4.46 21.24
N LYS C 258 -1.51 -4.94 19.99
CA LYS C 258 -0.35 -5.54 19.33
C LYS C 258 0.90 -4.69 19.52
N GLU C 259 0.82 -3.39 19.21
CA GLU C 259 2.00 -2.53 19.24
C GLU C 259 2.46 -2.22 20.66
N LEU C 260 1.53 -2.17 21.60
CA LEU C 260 1.92 -2.07 23.00
C LEU C 260 2.54 -3.37 23.51
N GLY C 261 2.45 -4.45 22.76
CA GLY C 261 2.91 -5.75 23.16
C GLY C 261 2.16 -6.37 24.30
N VAL C 262 0.93 -5.95 24.56
CA VAL C 262 0.16 -6.43 25.70
C VAL C 262 -0.52 -7.77 25.37
N PRO C 263 -0.88 -8.58 26.38
CA PRO C 263 -1.22 -9.99 26.08
C PRO C 263 -2.62 -10.24 25.55
N ILE C 264 -3.61 -9.43 25.92
CA ILE C 264 -5.01 -9.82 25.75
C ILE C 264 -5.92 -8.64 25.41
N ILE C 265 -6.87 -8.90 24.56
CA ILE C 265 -7.95 -7.97 24.26
C ILE C 265 -9.27 -8.70 24.46
N MET C 266 -10.33 -7.98 24.29
CA MET C 266 -11.67 -8.35 24.63
C MET C 266 -12.70 -7.98 23.57
N HIS C 267 -13.67 -8.82 23.35
CA HIS C 267 -14.78 -8.48 22.46
C HIS C 267 -16.14 -8.94 22.97
N ASP C 268 -17.16 -8.15 22.71
CA ASP C 268 -18.57 -8.47 23.08
C ASP C 268 -19.23 -9.06 21.84
N TYR C 269 -19.14 -10.37 21.70
CA TYR C 269 -19.34 -10.98 20.39
C TYR C 269 -20.78 -10.92 19.94
N LEU C 270 -21.74 -10.81 20.87
CA LEU C 270 -23.16 -10.81 20.47
C LEU C 270 -23.67 -9.44 20.06
N THR C 271 -23.02 -8.38 20.53
CA THR C 271 -23.41 -7.04 20.19
C THR C 271 -22.57 -6.47 19.05
N GLY C 272 -21.26 -6.77 19.02
CA GLY C 272 -20.46 -6.58 17.83
C GLY C 272 -20.87 -7.45 16.65
N GLY C 273 -21.10 -8.71 16.88
CA GLY C 273 -21.56 -9.60 15.84
C GLY C 273 -20.55 -10.68 15.53
N PHE C 274 -21.06 -11.80 15.01
CA PHE C 274 -20.19 -12.88 14.59
C PHE C 274 -19.26 -12.50 13.46
N THR C 275 -19.71 -11.64 12.53
CA THR C 275 -18.81 -11.28 11.43
C THR C 275 -17.57 -10.55 11.98
N ALA C 276 -17.75 -9.53 12.82
CA ALA C 276 -16.64 -8.85 13.47
C ALA C 276 -15.85 -9.76 14.41
N ASN C 277 -16.51 -10.63 15.20
CA ASN C 277 -15.78 -11.48 16.14
C ASN C 277 -14.79 -12.44 15.43
N THR C 278 -15.24 -13.07 14.35
CA THR C 278 -14.40 -13.95 13.56
C THR C 278 -13.22 -13.20 12.93
N SER C 279 -13.46 -12.04 12.35
CA SER C 279 -12.37 -11.16 11.89
C SER C 279 -11.37 -10.89 13.01
N LEU C 280 -11.87 -10.56 14.19
CA LEU C 280 -10.98 -10.27 15.29
C LEU C 280 -10.19 -11.50 15.73
N ALA C 281 -10.87 -12.65 15.90
CA ALA C 281 -10.22 -13.91 16.27
C ALA C 281 -9.09 -14.29 15.28
N ILE C 282 -9.29 -14.06 13.99
CA ILE C 282 -8.23 -14.31 12.99
C ILE C 282 -7.07 -13.32 13.16
N TYR C 283 -7.35 -12.03 13.43
CA TYR C 283 -6.29 -11.07 13.72
C TYR C 283 -5.47 -11.54 14.92
N CYS C 284 -6.16 -12.02 15.96
CA CYS C 284 -5.51 -12.46 17.17
C CYS C 284 -4.65 -13.73 16.92
N ARG C 285 -5.13 -14.66 16.12
CA ARG C 285 -4.31 -15.80 15.74
C ARG C 285 -3.07 -15.34 14.98
N ASP C 286 -3.25 -14.43 14.01
CA ASP C 286 -2.13 -13.93 13.20
C ASP C 286 -1.11 -13.09 14.00
N ASN C 287 -1.48 -12.48 15.11
CA ASN C 287 -0.55 -11.59 15.83
C ASN C 287 -0.28 -12.03 17.29
N GLY C 288 -0.62 -13.25 17.67
CA GLY C 288 -0.46 -13.86 18.98
C GLY C 288 -1.20 -13.18 20.13
N LEU C 289 -2.23 -12.38 19.89
CA LEU C 289 -3.05 -11.86 21.00
C LEU C 289 -4.04 -12.92 21.48
N LEU C 290 -4.21 -12.99 22.77
CA LEU C 290 -5.36 -13.69 23.38
C LEU C 290 -6.67 -12.90 23.31
N LEU C 291 -7.79 -13.62 23.14
CA LEU C 291 -9.08 -12.96 22.92
C LEU C 291 -10.11 -13.35 24.02
N HIS C 292 -10.37 -12.44 24.93
CA HIS C 292 -11.42 -12.63 25.94
C HIS C 292 -12.81 -12.27 25.37
N ILE C 293 -13.80 -13.11 25.59
CA ILE C 293 -15.09 -12.86 24.97
C ILE C 293 -16.17 -12.60 26.04
N HIS C 294 -16.80 -11.46 25.96
CA HIS C 294 -17.89 -11.13 26.86
C HIS C 294 -19.26 -11.34 26.22
N ARG C 295 -20.20 -11.79 26.99
CA ARG C 295 -21.45 -12.30 26.42
C ARG C 295 -22.64 -11.38 26.66
N ALA C 296 -22.42 -10.06 26.63
CA ALA C 296 -23.50 -9.09 26.81
C ALA C 296 -24.61 -9.28 25.79
N MET C 297 -25.85 -9.23 26.27
CA MET C 297 -27.15 -9.44 25.59
C MET C 297 -27.54 -10.91 25.48
N HIS C 298 -26.71 -11.83 25.98
CA HIS C 298 -27.06 -13.24 25.93
C HIS C 298 -28.45 -13.50 26.56
N ALA C 299 -28.82 -12.76 27.63
CA ALA C 299 -30.09 -13.01 28.32
C ALA C 299 -31.30 -12.51 27.53
N VAL C 300 -31.09 -11.61 26.57
CA VAL C 300 -32.13 -11.26 25.63
C VAL C 300 -32.59 -12.50 24.86
N ILE C 301 -31.65 -13.36 24.51
CA ILE C 301 -31.83 -14.57 23.68
C ILE C 301 -31.98 -15.86 24.50
N ASP C 302 -31.23 -16.01 25.56
CA ASP C 302 -31.00 -17.32 26.13
C ASP C 302 -31.74 -17.57 27.43
N ARG C 303 -32.52 -16.64 27.93
CA ARG C 303 -33.01 -16.80 29.30
C ARG C 303 -34.33 -17.61 29.35
N GLN C 304 -35.30 -17.27 28.54
CA GLN C 304 -36.61 -17.89 28.66
C GLN C 304 -36.57 -19.34 28.21
N ARG C 305 -37.11 -20.20 29.04
CA ARG C 305 -37.09 -21.62 28.78
C ARG C 305 -37.87 -22.01 27.51
N ASN C 306 -38.89 -21.26 27.15
CA ASN C 306 -39.69 -21.67 26.01
C ASN C 306 -39.23 -21.05 24.68
N HIS C 307 -38.43 -19.99 24.68
CA HIS C 307 -38.14 -19.30 23.44
C HIS C 307 -36.71 -18.76 23.40
N GLY C 308 -36.12 -18.77 22.24
CA GLY C 308 -34.80 -18.25 22.04
C GLY C 308 -33.81 -19.34 21.69
N ILE C 309 -32.59 -19.12 22.12
CA ILE C 309 -31.46 -19.98 21.81
C ILE C 309 -30.70 -20.15 23.10
N HIS C 310 -30.65 -21.38 23.58
CA HIS C 310 -29.92 -21.73 24.79
C HIS C 310 -28.46 -21.33 24.66
N PHE C 311 -27.88 -20.90 25.76
CA PHE C 311 -26.49 -20.44 25.80
C PHE C 311 -25.48 -21.48 25.27
N ARG C 312 -25.71 -22.77 25.47
CA ARG C 312 -24.77 -23.79 25.02
C ARG C 312 -24.57 -23.73 23.50
N VAL C 313 -25.61 -23.38 22.76
CA VAL C 313 -25.51 -23.17 21.34
C VAL C 313 -24.64 -21.93 21.05
N LEU C 314 -24.88 -20.83 21.76
CA LEU C 314 -24.14 -19.57 21.62
C LEU C 314 -22.69 -19.72 22.04
N ALA C 315 -22.41 -20.60 23.00
CA ALA C 315 -21.05 -20.96 23.40
C ALA C 315 -20.33 -21.77 22.32
N LYS C 316 -21.05 -22.75 21.74
CA LYS C 316 -20.56 -23.58 20.64
C LYS C 316 -20.25 -22.68 19.43
N ALA C 317 -21.16 -21.75 19.12
CA ALA C 317 -20.94 -20.73 18.08
C ALA C 317 -19.66 -19.95 18.35
N LEU C 318 -19.49 -19.46 19.59
CA LEU C 318 -18.30 -18.72 19.98
C LEU C 318 -17.04 -19.55 19.80
N ARG C 319 -17.03 -20.80 20.26
CA ARG C 319 -15.87 -21.67 20.06
C ARG C 319 -15.48 -21.82 18.57
N MET C 320 -16.46 -21.85 17.69
CA MET C 320 -16.22 -21.89 16.26
C MET C 320 -15.73 -20.53 15.74
N SER C 321 -16.41 -19.43 16.12
CA SER C 321 -16.01 -18.08 15.68
C SER C 321 -14.66 -17.71 16.22
N GLY C 322 -14.40 -18.00 17.46
CA GLY C 322 -13.10 -17.91 18.03
C GLY C 322 -13.06 -17.03 19.24
N GLY C 323 -12.69 -17.60 20.35
CA GLY C 323 -12.39 -16.86 21.55
C GLY C 323 -11.54 -17.67 22.49
N ASP C 324 -10.56 -17.08 23.16
CA ASP C 324 -9.76 -17.84 24.12
C ASP C 324 -10.43 -17.96 25.50
N HIS C 325 -11.18 -16.97 25.97
CA HIS C 325 -12.00 -17.07 27.20
C HIS C 325 -13.46 -16.75 26.90
N LEU C 326 -14.41 -17.32 27.64
CA LEU C 326 -15.79 -16.92 27.51
C LEU C 326 -16.52 -16.79 28.85
N HIS C 327 -17.13 -15.63 29.07
CA HIS C 327 -18.02 -15.45 30.22
C HIS C 327 -19.08 -16.51 30.24
N SER C 328 -19.10 -17.24 31.31
CA SER C 328 -19.92 -18.43 31.36
C SER C 328 -20.91 -18.40 32.52
N GLY C 329 -21.12 -17.28 33.11
CA GLY C 329 -22.05 -17.14 34.20
C GLY C 329 -21.47 -17.27 35.60
N THR C 330 -22.36 -17.37 36.55
CA THR C 330 -22.03 -17.79 37.89
C THR C 330 -22.78 -19.05 38.22
N VAL C 331 -22.25 -19.82 39.14
CA VAL C 331 -23.00 -20.92 39.75
C VAL C 331 -23.39 -20.61 41.20
N VAL C 332 -23.03 -19.45 41.71
CA VAL C 332 -23.56 -18.96 42.97
C VAL C 332 -25.06 -18.77 42.86
N GLY C 333 -25.78 -19.24 43.87
CA GLY C 333 -27.22 -19.09 43.91
C GLY C 333 -28.02 -19.95 42.95
N LYS C 334 -27.43 -20.99 42.38
CA LYS C 334 -28.16 -21.85 41.47
C LYS C 334 -28.39 -23.21 42.10
N LEU C 335 -29.51 -23.83 41.76
CA LEU C 335 -29.81 -25.18 42.21
C LEU C 335 -28.94 -26.19 41.46
N GLU C 336 -28.90 -27.43 41.99
CA GLU C 336 -28.10 -28.51 41.41
C GLU C 336 -28.48 -28.79 39.96
N GLY C 337 -29.76 -28.66 39.62
CA GLY C 337 -30.20 -28.89 38.26
C GLY C 337 -29.76 -27.81 37.29
N GLU C 338 -29.77 -26.57 37.72
CA GLU C 338 -29.22 -25.49 36.89
C GLU C 338 -27.71 -25.55 36.84
N ARG C 339 -27.09 -26.19 37.84
CA ARG C 339 -25.65 -26.42 37.87
C ARG C 339 -25.23 -27.56 36.95
N GLU C 340 -26.05 -28.60 36.84
CA GLU C 340 -25.88 -29.65 35.82
C GLU C 340 -25.82 -29.06 34.40
N VAL C 341 -26.72 -28.12 34.10
CA VAL C 341 -26.76 -27.46 32.79
C VAL C 341 -25.47 -26.68 32.53
N THR C 342 -25.05 -25.87 33.51
CA THR C 342 -23.86 -25.05 33.39
C THR C 342 -22.63 -25.91 33.15
N LEU C 343 -22.51 -27.01 33.89
CA LEU C 343 -21.38 -27.88 33.68
C LEU C 343 -21.45 -28.59 32.32
N GLY C 344 -22.65 -28.77 31.77
CA GLY C 344 -22.77 -29.31 30.44
C GLY C 344 -22.10 -28.41 29.43
N PHE C 345 -22.43 -27.11 29.45
CA PHE C 345 -21.89 -26.26 28.41
C PHE C 345 -20.44 -25.93 28.68
N VAL C 346 -20.01 -26.01 29.95
CA VAL C 346 -18.60 -25.84 30.26
C VAL C 346 -17.77 -26.96 29.65
N ASP C 347 -18.31 -28.19 29.63
CA ASP C 347 -17.66 -29.28 28.91
C ASP C 347 -17.67 -29.08 27.40
N LEU C 348 -18.75 -28.52 26.83
CA LEU C 348 -18.77 -28.23 25.39
C LEU C 348 -17.77 -27.14 25.04
N MET C 349 -17.49 -26.24 25.96
CA MET C 349 -16.53 -25.17 25.76
C MET C 349 -15.11 -25.71 25.78
N ARG C 350 -14.84 -26.64 26.67
CA ARG C 350 -13.46 -26.94 27.02
C ARG C 350 -12.94 -28.24 26.39
N ASP C 351 -13.78 -29.25 26.27
CA ASP C 351 -13.34 -30.60 25.95
C ASP C 351 -13.25 -30.88 24.46
N ASP C 352 -12.51 -31.93 24.13
CA ASP C 352 -12.42 -32.41 22.77
C ASP C 352 -13.64 -33.25 22.34
N TYR C 353 -14.16 -34.10 23.20
CA TYR C 353 -15.23 -35.01 22.84
C TYR C 353 -16.27 -34.98 23.93
N VAL C 354 -17.50 -34.63 23.61
CA VAL C 354 -18.55 -34.63 24.63
C VAL C 354 -19.66 -35.61 24.24
N GLU C 355 -19.95 -36.54 25.13
CA GLU C 355 -21.03 -37.52 24.96
C GLU C 355 -22.40 -36.95 25.28
N LYS C 356 -23.37 -37.38 24.50
CA LYS C 356 -24.79 -37.20 24.77
C LYS C 356 -25.18 -37.49 26.22
N ASP C 357 -25.86 -36.53 26.83
CA ASP C 357 -26.17 -36.59 28.26
C ASP C 357 -27.33 -35.62 28.49
N ARG C 358 -28.55 -36.16 28.48
CA ARG C 358 -29.75 -35.34 28.51
C ARG C 358 -29.90 -34.59 29.81
N SER C 359 -29.54 -35.21 30.93
CA SER C 359 -29.71 -34.57 32.23
C SER C 359 -28.76 -33.40 32.41
N ARG C 360 -27.67 -33.35 31.66
CA ARG C 360 -26.87 -32.15 31.57
C ARG C 360 -27.26 -31.29 30.40
N GLY C 361 -28.40 -31.55 29.76
CA GLY C 361 -28.87 -30.77 28.62
C GLY C 361 -28.08 -30.94 27.34
N ILE C 362 -27.26 -31.97 27.25
CA ILE C 362 -26.48 -32.23 26.05
C ILE C 362 -27.25 -33.22 25.18
N TYR C 363 -27.71 -32.76 24.02
CA TYR C 363 -28.62 -33.56 23.20
C TYR C 363 -27.90 -34.34 22.11
N PHE C 364 -26.63 -34.03 21.87
CA PHE C 364 -25.92 -34.58 20.75
C PHE C 364 -24.52 -34.92 21.25
N THR C 365 -23.94 -35.98 20.74
CA THR C 365 -22.52 -36.18 20.91
C THR C 365 -21.76 -35.16 20.05
N GLN C 366 -20.90 -34.37 20.65
CA GLN C 366 -20.12 -33.34 19.96
C GLN C 366 -18.66 -33.79 19.93
N ASP C 367 -18.10 -33.90 18.73
CA ASP C 367 -16.68 -34.16 18.50
C ASP C 367 -16.02 -32.88 17.99
N TRP C 368 -15.23 -32.23 18.84
CA TRP C 368 -14.59 -30.99 18.40
C TRP C 368 -13.42 -31.22 17.46
N CYS C 369 -12.94 -32.46 17.30
CA CYS C 369 -11.94 -32.82 16.26
C CYS C 369 -10.66 -31.98 16.35
N SER C 370 -10.15 -31.84 17.57
CA SER C 370 -9.00 -31.11 18.06
C SER C 370 -9.08 -29.57 17.97
N MET C 371 -10.22 -28.97 17.67
CA MET C 371 -10.42 -27.55 17.86
C MET C 371 -10.13 -27.19 19.33
N PRO C 372 -9.26 -26.22 19.59
CA PRO C 372 -8.89 -25.86 20.98
C PRO C 372 -10.10 -25.44 21.80
N GLY C 373 -10.08 -25.81 23.06
CA GLY C 373 -11.10 -25.42 23.99
C GLY C 373 -11.02 -23.97 24.40
N VAL C 374 -12.09 -23.49 24.97
CA VAL C 374 -12.23 -22.15 25.49
C VAL C 374 -12.32 -22.22 27.03
N MET C 375 -11.57 -21.35 27.68
CA MET C 375 -11.61 -21.16 29.13
C MET C 375 -12.91 -20.47 29.57
N PRO C 376 -13.78 -21.13 30.30
CA PRO C 376 -14.90 -20.43 30.96
C PRO C 376 -14.45 -19.43 32.00
N VAL C 377 -15.12 -18.32 32.04
CA VAL C 377 -14.95 -17.29 33.07
C VAL C 377 -16.18 -17.24 33.98
N ALA C 378 -15.99 -17.59 35.22
CA ALA C 378 -17.04 -17.64 36.22
C ALA C 378 -17.05 -16.40 37.08
N SER C 379 -18.21 -15.86 37.28
CA SER C 379 -18.39 -14.92 38.36
C SER C 379 -18.21 -15.67 39.70
N GLY C 380 -17.14 -15.36 40.43
CA GLY C 380 -17.09 -15.65 41.85
C GLY C 380 -17.98 -14.72 42.61
N GLY C 381 -18.34 -15.10 43.81
CA GLY C 381 -19.26 -14.29 44.55
C GLY C 381 -18.66 -13.01 45.12
N ILE C 382 -19.45 -12.40 45.99
CA ILE C 382 -19.05 -11.21 46.74
C ILE C 382 -17.83 -11.51 47.58
N HIS C 383 -17.71 -12.72 48.06
CA HIS C 383 -16.69 -13.00 49.05
C HIS C 383 -15.83 -14.19 48.65
N VAL C 384 -14.87 -14.50 49.53
CA VAL C 384 -13.85 -15.51 49.28
C VAL C 384 -14.25 -16.89 49.80
N TRP C 385 -15.39 -17.00 50.48
CA TRP C 385 -15.87 -18.26 51.02
C TRP C 385 -16.52 -19.13 49.96
N HIS C 386 -16.81 -18.58 48.80
CA HIS C 386 -17.23 -19.41 47.69
C HIS C 386 -16.07 -20.10 47.00
N MET C 387 -14.83 -19.73 47.30
CA MET C 387 -13.67 -20.33 46.66
C MET C 387 -13.63 -21.86 46.67
N PRO C 388 -13.93 -22.58 47.78
CA PRO C 388 -13.95 -24.06 47.71
C PRO C 388 -14.96 -24.64 46.75
N ALA C 389 -16.16 -24.10 46.68
CA ALA C 389 -17.16 -24.56 45.73
C ALA C 389 -16.71 -24.34 44.29
N LEU C 390 -16.18 -23.14 43.97
CA LEU C 390 -15.70 -22.83 42.62
C LEU C 390 -14.60 -23.77 42.16
N VAL C 391 -13.66 -24.09 43.02
CA VAL C 391 -12.55 -24.95 42.65
C VAL C 391 -13.03 -26.37 42.44
N GLU C 392 -13.98 -26.82 43.24
CA GLU C 392 -14.53 -28.14 43.12
C GLU C 392 -15.39 -28.28 41.86
N ILE C 393 -16.15 -27.27 41.51
CA ILE C 393 -17.06 -27.39 40.39
C ILE C 393 -16.30 -27.20 39.06
N PHE C 394 -15.50 -26.14 38.95
CA PHE C 394 -14.88 -25.85 37.67
C PHE C 394 -13.62 -26.67 37.46
N GLY C 395 -12.95 -27.07 38.51
CA GLY C 395 -11.58 -27.55 38.41
C GLY C 395 -10.61 -26.42 38.08
N ASP C 396 -9.43 -26.78 37.61
CA ASP C 396 -8.41 -25.76 37.41
C ASP C 396 -8.62 -24.94 36.14
N ASP C 397 -9.26 -25.47 35.08
CA ASP C 397 -9.31 -24.74 33.80
C ASP C 397 -10.48 -23.77 33.73
N ALA C 398 -10.29 -22.63 34.39
CA ALA C 398 -11.31 -21.59 34.49
C ALA C 398 -10.67 -20.31 35.01
N CYS C 399 -11.22 -19.19 34.63
CA CYS C 399 -10.91 -17.94 35.31
C CYS C 399 -12.04 -17.67 36.30
N LEU C 400 -11.68 -17.39 37.49
CA LEU C 400 -12.66 -16.96 38.47
C LEU C 400 -12.60 -15.45 38.55
N GLN C 401 -13.69 -14.80 38.23
CA GLN C 401 -13.76 -13.35 38.31
C GLN C 401 -14.40 -12.93 39.60
N PHE C 402 -13.78 -11.98 40.27
CA PHE C 402 -14.26 -11.48 41.53
C PHE C 402 -14.74 -10.05 41.33
N GLY C 403 -16.02 -9.82 41.64
CA GLY C 403 -16.66 -8.57 41.28
C GLY C 403 -16.44 -7.49 42.31
N GLY C 404 -16.32 -7.91 43.58
CA GLY C 404 -15.93 -7.07 44.68
C GLY C 404 -15.23 -7.82 45.79
N GLY C 405 -14.75 -9.05 45.54
CA GLY C 405 -13.91 -9.72 46.53
C GLY C 405 -12.67 -8.92 46.83
N THR C 406 -11.93 -8.58 45.78
CA THR C 406 -10.77 -7.73 45.84
C THR C 406 -11.10 -6.31 46.37
N LEU C 407 -12.30 -5.78 46.08
CA LEU C 407 -12.52 -4.34 46.32
C LEU C 407 -13.52 -4.06 47.44
N GLY C 408 -14.33 -5.06 47.80
CA GLY C 408 -15.05 -4.91 49.03
C GLY C 408 -14.16 -5.17 50.22
N HIS C 409 -12.97 -5.70 50.00
CA HIS C 409 -11.97 -5.91 51.04
C HIS C 409 -11.67 -4.59 51.74
N PRO C 410 -11.59 -4.59 53.06
CA PRO C 410 -11.47 -3.31 53.77
C PRO C 410 -10.13 -2.64 53.58
N TRP C 411 -9.07 -3.39 53.26
CA TRP C 411 -7.76 -2.77 53.08
C TRP C 411 -7.48 -2.31 51.64
N GLY C 412 -8.36 -2.53 50.69
CA GLY C 412 -8.22 -1.99 49.35
C GLY C 412 -7.97 -3.04 48.30
N ASN C 413 -7.66 -2.59 47.07
CA ASN C 413 -7.53 -3.51 45.94
C ASN C 413 -6.41 -4.55 46.11
N ALA C 414 -5.19 -4.12 46.40
CA ALA C 414 -4.08 -5.09 46.42
C ALA C 414 -4.22 -6.15 47.52
N PRO C 415 -4.58 -5.84 48.78
CA PRO C 415 -4.80 -6.94 49.75
C PRO C 415 -6.03 -7.78 49.40
N GLY C 416 -7.02 -7.19 48.76
CA GLY C 416 -8.15 -7.95 48.29
C GLY C 416 -7.77 -8.95 47.23
N ALA C 417 -6.94 -8.54 46.27
CA ALA C 417 -6.38 -9.45 45.31
C ALA C 417 -5.58 -10.52 46.00
N ALA C 418 -4.79 -10.12 47.01
CA ALA C 418 -3.95 -11.07 47.71
C ALA C 418 -4.77 -12.06 48.51
N ALA C 419 -5.89 -11.61 49.07
CA ALA C 419 -6.80 -12.51 49.78
C ALA C 419 -7.46 -13.53 48.84
N ASN C 420 -7.88 -13.09 47.65
CA ASN C 420 -8.41 -14.03 46.67
C ASN C 420 -7.39 -15.07 46.22
N ARG C 421 -6.15 -14.65 46.00
CA ARG C 421 -5.10 -15.54 45.52
C ARG C 421 -4.70 -16.57 46.58
N VAL C 422 -4.63 -16.16 47.85
CA VAL C 422 -4.36 -17.07 48.96
C VAL C 422 -5.45 -18.13 49.09
N ALA C 423 -6.71 -17.70 49.07
CA ALA C 423 -7.85 -18.61 49.16
C ALA C 423 -7.91 -19.60 48.01
N LEU C 424 -7.63 -19.15 46.78
CA LEU C 424 -7.59 -20.04 45.63
C LEU C 424 -6.47 -21.06 45.78
N GLU C 425 -5.31 -20.60 46.20
CA GLU C 425 -4.15 -21.48 46.29
C GLU C 425 -4.30 -22.49 47.43
N ALA C 426 -4.89 -22.08 48.56
CA ALA C 426 -5.11 -23.00 49.68
C ALA C 426 -6.17 -24.04 49.36
N CYS C 427 -7.25 -23.65 48.67
CA CYS C 427 -8.23 -24.59 48.16
C CYS C 427 -7.62 -25.53 47.12
N THR C 428 -6.71 -25.02 46.28
CA THR C 428 -6.03 -25.87 45.31
C THR C 428 -5.14 -26.90 45.99
N GLN C 429 -4.33 -26.44 46.95
CA GLN C 429 -3.50 -27.30 47.76
C GLN C 429 -4.32 -28.39 48.46
N ALA C 430 -5.43 -28.00 49.08
CA ALA C 430 -6.27 -28.94 49.81
C ALA C 430 -6.93 -29.97 48.91
N ARG C 431 -7.41 -29.53 47.74
CA ARG C 431 -7.91 -30.42 46.70
C ARG C 431 -6.87 -31.44 46.25
N ASN C 432 -5.61 -31.01 46.02
CA ASN C 432 -4.60 -31.95 45.56
C ASN C 432 -4.24 -32.95 46.66
N GLU C 433 -4.27 -32.53 47.91
CA GLU C 433 -4.07 -33.37 49.09
C GLU C 433 -5.21 -34.32 49.37
N GLY C 434 -6.24 -34.37 48.55
CA GLY C 434 -7.31 -35.32 48.68
C GLY C 434 -8.45 -34.91 49.57
N ARG C 435 -8.47 -33.68 50.07
CA ARG C 435 -9.56 -33.23 50.93
C ARG C 435 -10.81 -32.92 50.12
N ASP C 436 -11.95 -33.12 50.77
CA ASP C 436 -13.26 -32.90 50.17
C ASP C 436 -13.64 -31.44 50.36
N LEU C 437 -13.64 -30.67 49.27
CA LEU C 437 -13.90 -29.25 49.39
C LEU C 437 -15.38 -28.95 49.65
N ALA C 438 -16.26 -29.88 49.32
CA ALA C 438 -17.67 -29.72 49.65
C ALA C 438 -17.86 -29.71 51.16
N ARG C 439 -17.11 -30.54 51.86
CA ARG C 439 -17.27 -30.63 53.30
C ARG C 439 -16.33 -29.70 54.02
N GLU C 440 -15.05 -29.73 53.66
CA GLU C 440 -13.97 -29.19 54.44
C GLU C 440 -13.49 -27.83 53.96
N GLY C 441 -14.23 -27.17 53.07
CA GLY C 441 -13.73 -25.95 52.47
C GLY C 441 -13.70 -24.77 53.43
N GLY C 442 -14.70 -24.70 54.31
CA GLY C 442 -14.66 -23.73 55.39
C GLY C 442 -13.49 -23.95 56.32
N ASP C 443 -13.16 -25.20 56.61
CA ASP C 443 -11.99 -25.52 57.40
C ASP C 443 -10.68 -25.20 56.68
N VAL C 444 -10.67 -25.27 55.34
CA VAL C 444 -9.47 -24.88 54.58
C VAL C 444 -9.23 -23.38 54.64
N ILE C 445 -10.30 -22.60 54.49
CA ILE C 445 -10.18 -21.15 54.51
C ILE C 445 -9.78 -20.63 55.89
N ARG C 446 -10.44 -21.12 56.95
CA ARG C 446 -10.11 -20.71 58.33
C ARG C 446 -8.66 -21.05 58.70
N SER C 447 -8.16 -22.17 58.19
CA SER C 447 -6.77 -22.54 58.42
C SER C 447 -5.80 -21.64 57.67
N ALA C 448 -6.19 -21.11 56.50
CA ALA C 448 -5.31 -20.18 55.80
C ALA C 448 -5.40 -18.78 56.40
N CYS C 449 -6.51 -18.45 57.05
CA CYS C 449 -6.66 -17.18 57.77
C CYS C 449 -5.67 -17.02 58.92
N LYS C 450 -5.19 -18.13 59.49
CA LYS C 450 -4.27 -18.05 60.62
C LYS C 450 -2.93 -17.44 60.23
N TRP C 451 -2.42 -17.77 59.06
CA TRP C 451 -1.16 -17.17 58.64
C TRP C 451 -1.32 -16.02 57.63
N SER C 452 -2.48 -15.80 57.03
CA SER C 452 -2.59 -14.71 56.06
C SER C 452 -3.42 -13.59 56.67
N PRO C 453 -2.82 -12.47 57.01
CA PRO C 453 -3.64 -11.35 57.52
C PRO C 453 -4.61 -10.77 56.52
N GLU C 454 -4.29 -10.82 55.22
CA GLU C 454 -5.22 -10.30 54.22
C GLU C 454 -6.45 -11.17 54.13
N LEU C 455 -6.27 -12.48 54.05
CA LEU C 455 -7.42 -13.38 54.05
C LEU C 455 -8.22 -13.31 55.35
N ALA C 456 -7.53 -13.16 56.48
CA ALA C 456 -8.21 -13.02 57.78
C ALA C 456 -9.07 -11.76 57.82
N ALA C 457 -8.61 -10.66 57.23
CA ALA C 457 -9.42 -9.45 57.17
C ALA C 457 -10.59 -9.57 56.19
N ALA C 458 -10.45 -10.37 55.13
CA ALA C 458 -11.58 -10.56 54.22
C ALA C 458 -12.66 -11.41 54.87
N CYS C 459 -12.27 -12.37 55.71
CA CYS C 459 -13.24 -13.24 56.36
C CYS C 459 -13.88 -12.62 57.59
N GLU C 460 -13.34 -11.50 58.06
CA GLU C 460 -13.98 -10.69 59.10
C GLU C 460 -15.28 -10.09 58.58
N VAL C 461 -15.27 -9.60 57.33
CA VAL C 461 -16.46 -9.29 56.55
C VAL C 461 -17.40 -10.49 56.46
N MET D 46 -8.28 -27.08 -52.36
CA MET D 46 -7.94 -26.52 -51.07
C MET D 46 -8.84 -25.31 -50.92
N MET D 47 -9.67 -25.32 -49.89
CA MET D 47 -10.72 -24.34 -49.69
C MET D 47 -10.40 -23.47 -48.46
N VAL D 48 -11.03 -22.30 -48.33
CA VAL D 48 -10.76 -21.36 -47.23
C VAL D 48 -12.01 -21.23 -46.37
N TRP D 49 -11.90 -21.56 -45.08
CA TRP D 49 -12.99 -21.35 -44.14
C TRP D 49 -13.30 -19.87 -44.05
N THR D 50 -14.50 -19.48 -44.39
CA THR D 50 -14.74 -18.04 -44.54
C THR D 50 -14.90 -17.34 -43.18
N PRO D 51 -14.27 -16.18 -43.01
CA PRO D 51 -14.49 -15.33 -41.82
C PRO D 51 -15.70 -14.42 -41.93
N VAL D 52 -16.37 -14.34 -43.08
CA VAL D 52 -17.43 -13.36 -43.29
C VAL D 52 -18.77 -14.02 -43.04
N ASN D 53 -19.61 -13.38 -42.23
CA ASN D 53 -21.00 -13.78 -42.01
C ASN D 53 -21.14 -15.25 -41.65
N ASN D 54 -20.26 -15.76 -40.82
CA ASN D 54 -20.13 -17.19 -40.62
C ASN D 54 -20.22 -17.49 -39.12
N LYS D 55 -21.16 -16.85 -38.43
CA LYS D 55 -21.38 -17.05 -37.00
C LYS D 55 -21.87 -18.47 -36.64
N MET D 56 -21.43 -18.98 -35.50
CA MET D 56 -21.79 -20.30 -35.00
C MET D 56 -22.57 -20.18 -33.67
N PHE D 57 -23.38 -21.17 -33.35
CA PHE D 57 -24.21 -21.05 -32.17
C PHE D 57 -24.09 -22.20 -31.19
N GLU D 58 -22.84 -22.60 -31.01
CA GLU D 58 -22.39 -23.71 -30.15
C GLU D 58 -22.76 -25.11 -30.64
N THR D 59 -23.19 -26.00 -29.75
CA THR D 59 -23.39 -27.38 -30.14
C THR D 59 -24.36 -27.61 -31.30
N PHE D 60 -23.85 -28.38 -32.27
CA PHE D 60 -24.49 -28.81 -33.54
C PHE D 60 -24.49 -27.75 -34.65
N SER D 61 -23.97 -26.55 -34.39
CA SER D 61 -23.98 -25.52 -35.44
C SER D 61 -23.00 -25.82 -36.59
N TYR D 62 -22.12 -26.76 -36.43
CA TYR D 62 -21.24 -27.13 -37.54
C TYR D 62 -21.86 -28.25 -38.38
N LEU D 63 -23.04 -28.74 -38.01
CA LEU D 63 -23.79 -29.73 -38.80
C LEU D 63 -24.80 -29.00 -39.67
N PRO D 64 -25.38 -29.65 -40.70
CA PRO D 64 -26.56 -29.09 -41.35
C PRO D 64 -27.68 -28.88 -40.35
N PRO D 65 -28.59 -27.93 -40.59
CA PRO D 65 -29.71 -27.70 -39.65
C PRO D 65 -30.51 -28.96 -39.41
N LEU D 66 -30.80 -29.21 -38.16
CA LEU D 66 -31.42 -30.48 -37.82
C LEU D 66 -32.85 -30.49 -38.37
N SER D 67 -33.17 -31.52 -39.11
CA SER D 67 -34.55 -31.71 -39.55
C SER D 67 -35.44 -32.04 -38.36
N ASP D 68 -36.75 -32.10 -38.65
CA ASP D 68 -37.73 -32.41 -37.61
C ASP D 68 -37.50 -33.79 -37.03
N GLU D 69 -37.12 -34.76 -37.86
CA GLU D 69 -36.78 -36.08 -37.35
C GLU D 69 -35.50 -36.05 -36.53
N GLN D 70 -34.54 -35.21 -36.93
CA GLN D 70 -33.33 -35.06 -36.14
C GLN D 70 -33.61 -34.36 -34.81
N ILE D 71 -34.52 -33.39 -34.79
CA ILE D 71 -34.89 -32.76 -33.53
C ILE D 71 -35.63 -33.74 -32.65
N ALA D 72 -36.53 -34.53 -33.23
CA ALA D 72 -37.32 -35.51 -32.50
C ALA D 72 -36.44 -36.57 -31.85
N ALA D 73 -35.39 -36.99 -32.55
CA ALA D 73 -34.47 -37.97 -31.99
C ALA D 73 -33.63 -37.39 -30.84
N GLN D 74 -33.23 -36.11 -30.94
CA GLN D 74 -32.57 -35.46 -29.80
C GLN D 74 -33.52 -35.32 -28.61
N VAL D 75 -34.80 -35.02 -28.86
CA VAL D 75 -35.78 -34.94 -27.77
C VAL D 75 -35.99 -36.30 -27.11
N ASP D 76 -35.97 -37.37 -27.90
CA ASP D 76 -35.96 -38.72 -27.33
C ASP D 76 -34.77 -38.97 -26.44
N TYR D 77 -33.59 -38.45 -26.78
CA TYR D 77 -32.45 -38.56 -25.89
C TYR D 77 -32.69 -37.78 -24.60
N ILE D 78 -33.28 -36.58 -24.70
CA ILE D 78 -33.63 -35.77 -23.53
C ILE D 78 -34.61 -36.50 -22.62
N VAL D 79 -35.65 -37.07 -23.18
CA VAL D 79 -36.72 -37.68 -22.39
C VAL D 79 -36.24 -38.95 -21.69
N ALA D 80 -35.53 -39.82 -22.41
CA ALA D 80 -35.00 -41.06 -21.83
C ALA D 80 -34.10 -40.81 -20.65
N ASN D 81 -33.34 -39.74 -20.67
CA ASN D 81 -32.48 -39.40 -19.56
C ASN D 81 -33.21 -38.76 -18.40
N GLY D 82 -34.52 -38.55 -18.48
CA GLY D 82 -35.22 -37.80 -17.46
C GLY D 82 -34.95 -36.31 -17.47
N TRP D 83 -34.47 -35.76 -18.58
CA TRP D 83 -34.11 -34.37 -18.62
C TRP D 83 -35.31 -33.51 -18.96
N ILE D 84 -35.21 -32.23 -18.67
CA ILE D 84 -36.33 -31.31 -18.88
C ILE D 84 -35.99 -30.43 -20.08
N PRO D 85 -36.68 -30.60 -21.21
CA PRO D 85 -36.50 -29.69 -22.33
C PRO D 85 -37.07 -28.30 -22.05
N CYS D 86 -36.46 -27.30 -22.67
CA CYS D 86 -36.95 -25.93 -22.63
C CYS D 86 -36.50 -25.24 -23.91
N LEU D 87 -37.27 -24.31 -24.41
CA LEU D 87 -36.86 -23.54 -25.58
C LEU D 87 -36.44 -22.14 -25.17
N GLU D 88 -35.49 -21.59 -25.87
CA GLU D 88 -35.03 -20.23 -25.72
C GLU D 88 -34.84 -19.55 -27.07
N PHE D 89 -35.01 -18.25 -27.09
CA PHE D 89 -34.94 -17.49 -28.32
C PHE D 89 -34.28 -16.14 -28.09
N ALA D 90 -33.72 -15.62 -29.17
CA ALA D 90 -33.10 -14.32 -29.22
C ALA D 90 -33.19 -13.70 -30.61
N GLU D 91 -33.22 -12.39 -30.66
CA GLU D 91 -33.17 -11.65 -31.91
C GLU D 91 -31.70 -11.66 -32.37
N SER D 92 -31.44 -11.40 -33.64
CA SER D 92 -30.08 -11.50 -34.15
C SER D 92 -29.05 -10.62 -33.43
N ASP D 93 -29.44 -9.42 -33.02
CA ASP D 93 -28.55 -8.52 -32.26
C ASP D 93 -28.17 -9.03 -30.83
N LYS D 94 -28.98 -9.91 -30.27
CA LYS D 94 -28.69 -10.50 -28.98
C LYS D 94 -28.39 -11.98 -29.05
N ALA D 95 -28.12 -12.54 -30.23
CA ALA D 95 -28.01 -13.97 -30.25
C ALA D 95 -26.58 -14.42 -29.96
N TYR D 96 -25.58 -13.67 -30.41
CA TYR D 96 -24.18 -14.07 -30.14
C TYR D 96 -23.44 -13.24 -29.07
N VAL D 97 -22.37 -13.79 -28.50
CA VAL D 97 -21.68 -13.12 -27.40
C VAL D 97 -21.14 -11.72 -27.74
N SER D 98 -21.29 -10.83 -26.78
CA SER D 98 -20.86 -9.44 -26.91
C SER D 98 -20.31 -8.92 -25.58
N ASN D 99 -19.60 -7.80 -25.63
CA ASN D 99 -18.96 -7.18 -24.47
C ASN D 99 -19.48 -5.81 -24.06
N GLU D 100 -20.68 -5.39 -24.46
CA GLU D 100 -21.00 -3.97 -24.31
C GLU D 100 -21.21 -3.53 -22.86
N SER D 101 -21.71 -4.39 -21.97
CA SER D 101 -21.86 -4.03 -20.54
C SER D 101 -20.54 -3.75 -19.84
N ALA D 102 -19.41 -4.20 -20.38
CA ALA D 102 -18.11 -4.05 -19.75
C ALA D 102 -17.64 -2.60 -19.67
N ILE D 103 -18.29 -1.69 -20.39
CA ILE D 103 -18.03 -0.27 -20.25
C ILE D 103 -18.23 0.19 -18.80
N ARG D 104 -19.17 -0.42 -18.07
CA ARG D 104 -19.47 -0.05 -16.68
C ARG D 104 -18.47 -0.61 -15.68
N PHE D 105 -17.61 -1.51 -16.09
CA PHE D 105 -16.81 -2.30 -15.16
C PHE D 105 -15.47 -1.68 -14.85
N GLY D 106 -14.96 -1.95 -13.65
CA GLY D 106 -13.54 -1.96 -13.38
C GLY D 106 -12.82 -3.18 -14.01
N SER D 107 -11.87 -3.82 -13.36
CA SER D 107 -11.13 -4.89 -14.04
C SER D 107 -11.70 -6.28 -13.83
N VAL D 108 -12.98 -6.49 -13.99
CA VAL D 108 -13.60 -7.76 -13.67
C VAL D 108 -14.31 -8.30 -14.90
N SER D 109 -13.82 -8.02 -16.10
CA SER D 109 -14.52 -8.59 -17.28
C SER D 109 -14.26 -10.10 -17.51
N CYS D 110 -13.31 -10.71 -16.83
CA CYS D 110 -12.90 -12.09 -17.02
C CYS D 110 -14.07 -13.09 -16.98
N LEU D 111 -14.32 -13.73 -18.11
CA LEU D 111 -15.44 -14.66 -18.33
C LEU D 111 -16.84 -14.02 -18.19
N TYR D 112 -16.93 -12.72 -18.13
CA TYR D 112 -18.19 -12.04 -18.33
C TYR D 112 -18.44 -11.87 -19.83
N TYR D 113 -19.62 -12.21 -20.27
CA TYR D 113 -20.02 -11.79 -21.61
C TYR D 113 -21.53 -11.59 -21.63
N ASP D 114 -21.99 -10.62 -22.37
CA ASP D 114 -23.41 -10.41 -22.54
C ASP D 114 -23.93 -11.37 -23.63
N ASN D 115 -25.23 -11.63 -23.62
CA ASN D 115 -26.03 -12.44 -24.57
C ASN D 115 -25.82 -13.97 -24.43
N ARG D 116 -25.15 -14.46 -23.40
CA ARG D 116 -25.24 -15.88 -23.08
C ARG D 116 -26.65 -16.26 -22.69
N TYR D 117 -27.27 -15.51 -21.82
CA TYR D 117 -28.69 -15.67 -21.54
C TYR D 117 -29.50 -15.33 -22.80
N TRP D 118 -30.36 -16.21 -23.20
CA TRP D 118 -31.44 -15.86 -24.14
C TRP D 118 -32.78 -15.73 -23.39
N THR D 119 -33.87 -15.54 -24.11
CA THR D 119 -35.18 -15.38 -23.48
C THR D 119 -35.96 -16.70 -23.53
N MET D 120 -36.48 -17.13 -22.39
CA MET D 120 -37.23 -18.36 -22.29
C MET D 120 -38.59 -18.33 -23.03
N TRP D 121 -38.92 -19.41 -23.73
CA TRP D 121 -40.20 -19.49 -24.40
C TRP D 121 -41.05 -20.31 -23.45
N LYS D 122 -42.08 -19.67 -22.91
CA LYS D 122 -42.98 -20.29 -21.94
C LYS D 122 -42.20 -20.86 -20.76
N LEU D 123 -42.45 -22.11 -20.42
CA LEU D 123 -41.75 -22.70 -19.29
C LEU D 123 -41.08 -24.03 -19.59
N PRO D 124 -40.09 -24.41 -18.78
CA PRO D 124 -39.51 -25.74 -18.91
C PRO D 124 -40.62 -26.76 -18.86
N MET D 125 -40.56 -27.70 -19.77
CA MET D 125 -41.63 -28.65 -20.02
C MET D 125 -41.48 -29.80 -19.04
N PHE D 126 -41.89 -29.54 -17.80
CA PHE D 126 -41.80 -30.54 -16.75
C PHE D 126 -42.76 -31.66 -17.10
N GLY D 127 -42.26 -32.89 -16.99
CA GLY D 127 -43.01 -34.09 -17.32
C GLY D 127 -43.15 -34.37 -18.79
N CYS D 128 -42.35 -33.72 -19.64
CA CYS D 128 -42.36 -34.02 -21.05
C CYS D 128 -41.88 -35.43 -21.30
N ARG D 129 -42.73 -36.20 -21.95
CA ARG D 129 -42.48 -37.57 -22.32
C ARG D 129 -42.57 -37.78 -23.81
N ASP D 130 -43.40 -37.01 -24.49
CA ASP D 130 -43.59 -37.19 -25.91
C ASP D 130 -42.89 -36.09 -26.68
N PRO D 131 -42.17 -36.42 -27.75
CA PRO D 131 -41.42 -35.39 -28.47
C PRO D 131 -42.25 -34.45 -29.32
N MET D 132 -43.54 -34.71 -29.50
CA MET D 132 -44.33 -33.92 -30.43
C MET D 132 -44.74 -32.59 -29.80
N GLN D 133 -44.71 -32.53 -28.47
CA GLN D 133 -44.95 -31.26 -27.77
C GLN D 133 -43.82 -30.26 -28.02
N VAL D 134 -42.57 -30.71 -28.00
CA VAL D 134 -41.44 -29.83 -28.27
C VAL D 134 -41.49 -29.35 -29.71
N LEU D 135 -41.83 -30.26 -30.63
CA LEU D 135 -41.91 -29.90 -32.04
C LEU D 135 -43.03 -28.90 -32.31
N ARG D 136 -44.14 -29.04 -31.60
CA ARG D 136 -45.22 -28.06 -31.68
C ARG D 136 -44.79 -26.70 -31.07
N GLU D 137 -44.10 -26.74 -29.93
CA GLU D 137 -43.61 -25.52 -29.32
C GLU D 137 -42.56 -24.82 -30.15
N ILE D 138 -41.73 -25.59 -30.87
CA ILE D 138 -40.76 -24.99 -31.79
C ILE D 138 -41.47 -24.22 -32.89
N VAL D 139 -42.49 -24.82 -33.48
CA VAL D 139 -43.29 -24.15 -34.50
C VAL D 139 -43.97 -22.91 -33.95
N ALA D 140 -44.54 -22.99 -32.74
CA ALA D 140 -45.21 -21.83 -32.15
C ALA D 140 -44.25 -20.68 -31.87
N CYS D 141 -43.05 -20.98 -31.35
CA CYS D 141 -42.07 -19.93 -31.09
C CYS D 141 -41.62 -19.23 -32.38
N THR D 142 -41.34 -20.01 -33.40
CA THR D 142 -40.89 -19.44 -34.67
C THR D 142 -41.99 -18.69 -35.36
N LYS D 143 -43.24 -19.10 -35.16
CA LYS D 143 -44.37 -18.37 -35.69
C LYS D 143 -44.53 -17.02 -35.00
N ALA D 144 -44.42 -17.00 -33.67
CA ALA D 144 -44.47 -15.72 -32.94
C ALA D 144 -43.23 -14.89 -33.20
N PHE D 145 -42.09 -15.49 -33.44
CA PHE D 145 -40.85 -14.74 -33.57
C PHE D 145 -40.10 -15.17 -34.81
N PRO D 146 -40.49 -14.65 -35.98
CA PRO D 146 -39.88 -15.15 -37.23
C PRO D 146 -38.46 -14.65 -37.45
N ASP D 147 -38.09 -13.53 -36.87
CA ASP D 147 -36.73 -13.04 -37.00
C ASP D 147 -35.79 -13.52 -35.88
N ALA D 148 -36.17 -14.54 -35.11
CA ALA D 148 -35.43 -15.00 -33.94
C ALA D 148 -34.72 -16.33 -34.17
N TYR D 149 -33.50 -16.43 -33.70
CA TYR D 149 -32.89 -17.75 -33.47
C TYR D 149 -33.64 -18.47 -32.34
N VAL D 150 -33.75 -19.78 -32.40
CA VAL D 150 -34.43 -20.56 -31.36
C VAL D 150 -33.53 -21.72 -30.96
N ARG D 151 -33.28 -21.87 -29.69
CA ARG D 151 -32.46 -22.96 -29.23
C ARG D 151 -33.23 -23.84 -28.26
N LEU D 152 -32.91 -25.11 -28.31
CA LEU D 152 -33.51 -26.11 -27.45
C LEU D 152 -32.51 -26.47 -26.36
N VAL D 153 -32.91 -26.27 -25.12
CA VAL D 153 -31.98 -26.56 -24.05
C VAL D 153 -32.58 -27.70 -23.24
N ALA D 154 -31.80 -28.25 -22.36
CA ALA D 154 -32.25 -29.31 -21.49
C ALA D 154 -31.58 -29.19 -20.13
N PHE D 155 -32.34 -29.46 -19.09
CA PHE D 155 -31.90 -29.33 -17.71
C PHE D 155 -31.95 -30.70 -17.07
N ASP D 156 -30.96 -31.02 -16.27
CA ASP D 156 -30.91 -32.26 -15.53
C ASP D 156 -31.12 -31.94 -14.07
N ASN D 157 -32.29 -32.32 -13.57
CA ASN D 157 -32.67 -31.93 -12.21
C ASN D 157 -31.90 -32.72 -11.17
N GLN D 158 -31.30 -33.85 -11.56
CA GLN D 158 -30.38 -34.52 -10.65
C GLN D 158 -29.14 -33.68 -10.38
N LYS D 159 -28.41 -33.34 -11.42
CA LYS D 159 -27.20 -32.56 -11.25
C LYS D 159 -27.51 -31.06 -11.14
N GLN D 160 -28.81 -30.66 -11.21
CA GLN D 160 -29.30 -29.27 -11.10
C GLN D 160 -28.50 -28.27 -11.96
N VAL D 161 -28.52 -28.48 -13.28
CA VAL D 161 -27.68 -27.73 -14.20
C VAL D 161 -28.20 -27.93 -15.63
N GLN D 162 -28.13 -26.87 -16.43
CA GLN D 162 -28.28 -27.03 -17.88
C GLN D 162 -27.31 -28.05 -18.42
N ILE D 163 -27.82 -28.98 -19.23
CA ILE D 163 -27.02 -30.09 -19.72
C ILE D 163 -27.01 -30.20 -21.23
N MET D 164 -27.95 -29.57 -21.94
CA MET D 164 -27.86 -29.46 -23.39
C MET D 164 -28.22 -28.06 -23.84
N GLY D 165 -27.84 -27.76 -25.06
CA GLY D 165 -28.25 -26.57 -25.76
C GLY D 165 -27.73 -26.60 -27.17
N PHE D 166 -28.64 -26.63 -28.12
CA PHE D 166 -28.33 -26.67 -29.53
C PHE D 166 -29.45 -25.93 -30.22
N LEU D 167 -29.12 -25.44 -31.39
CA LEU D 167 -29.98 -24.57 -32.13
C LEU D 167 -30.97 -25.37 -32.96
N VAL D 168 -32.21 -24.94 -33.01
CA VAL D 168 -33.21 -25.57 -33.86
C VAL D 168 -33.73 -24.67 -34.94
N GLN D 169 -33.47 -23.38 -34.90
CA GLN D 169 -33.97 -22.53 -35.94
C GLN D 169 -33.11 -21.30 -36.08
N ARG D 170 -32.75 -21.02 -37.31
CA ARG D 170 -32.15 -19.78 -37.70
C ARG D 170 -33.17 -18.92 -38.42
N PRO D 171 -33.17 -17.62 -38.22
CA PRO D 171 -34.06 -16.79 -39.03
C PRO D 171 -33.46 -16.60 -40.42
N LYS D 172 -34.33 -16.74 -41.42
CA LYS D 172 -34.00 -16.44 -42.82
C LYS D 172 -33.41 -15.05 -42.96
N SER D 173 -33.98 -14.07 -42.28
CA SER D 173 -33.54 -12.69 -42.42
C SER D 173 -32.17 -12.42 -41.77
N ALA D 174 -31.64 -13.38 -41.01
CA ALA D 174 -30.29 -13.23 -40.49
C ALA D 174 -29.27 -13.43 -41.59
N ARG D 175 -28.49 -12.40 -41.83
CA ARG D 175 -27.34 -12.57 -42.72
C ARG D 175 -26.06 -12.97 -41.99
N ASP D 176 -26.10 -13.05 -40.66
CA ASP D 176 -24.92 -13.34 -39.81
C ASP D 176 -24.31 -14.73 -40.01
N TRP D 177 -25.00 -15.67 -40.65
CA TRP D 177 -24.60 -17.06 -40.67
C TRP D 177 -24.58 -17.66 -42.08
N GLN D 178 -23.89 -18.73 -42.24
CA GLN D 178 -23.75 -19.26 -43.61
C GLN D 178 -24.48 -20.56 -43.78
N PRO D 179 -25.17 -20.71 -44.95
CA PRO D 179 -26.00 -21.89 -45.22
C PRO D 179 -25.24 -23.12 -45.67
N ALA D 180 -24.20 -23.47 -44.92
CA ALA D 180 -23.43 -24.71 -45.04
C ALA D 180 -22.78 -24.88 -46.41
N ASN D 181 -22.57 -23.77 -47.12
CA ASN D 181 -21.65 -23.52 -48.22
C ASN D 181 -20.67 -22.41 -47.78
N LYS D 182 -20.05 -22.66 -46.62
CA LYS D 182 -19.16 -21.84 -45.81
C LYS D 182 -17.68 -22.18 -45.94
N ARG D 183 -17.34 -23.17 -46.75
CA ARG D 183 -16.05 -23.41 -47.41
C ARG D 183 -14.83 -23.38 -46.53
N LYS E 18 9.81 -47.28 16.29
CA LYS E 18 10.22 -47.40 14.90
C LYS E 18 10.20 -48.86 14.38
N ASP E 19 9.11 -49.24 13.70
CA ASP E 19 8.94 -50.55 13.09
C ASP E 19 9.09 -51.66 14.13
N TYR E 20 8.16 -51.68 15.09
CA TYR E 20 8.20 -52.71 16.12
C TYR E 20 7.47 -53.94 15.63
N ARG E 21 6.62 -53.75 14.61
CA ARG E 21 5.63 -54.60 13.98
C ARG E 21 4.41 -54.80 14.87
N LEU E 22 4.47 -54.57 16.17
CA LEU E 22 3.27 -54.82 16.95
C LEU E 22 2.65 -53.51 17.38
N THR E 23 3.47 -52.48 17.40
CA THR E 23 2.92 -51.16 17.63
C THR E 23 2.18 -50.67 16.39
N TYR E 24 2.72 -50.93 15.20
CA TYR E 24 2.30 -50.18 14.01
C TYR E 24 1.44 -51.00 13.10
N TYR E 25 1.58 -52.30 13.16
CA TYR E 25 0.72 -53.20 12.44
C TYR E 25 -0.37 -53.64 13.40
N THR E 26 -1.56 -53.08 13.22
CA THR E 26 -2.68 -53.26 14.13
C THR E 26 -3.87 -53.74 13.32
N PRO E 27 -3.90 -55.02 12.99
CA PRO E 27 -4.89 -55.49 12.02
C PRO E 27 -6.33 -55.53 12.51
N ASP E 28 -6.59 -55.25 13.78
CA ASP E 28 -7.93 -55.11 14.27
C ASP E 28 -8.37 -53.65 14.50
N TYR E 29 -7.56 -52.67 14.06
CA TYR E 29 -7.93 -51.25 14.12
C TYR E 29 -9.20 -51.00 13.30
N VAL E 30 -10.13 -50.25 13.85
CA VAL E 30 -11.26 -49.78 13.08
C VAL E 30 -10.96 -48.40 12.50
N VAL E 31 -11.10 -48.31 11.19
CA VAL E 31 -10.85 -47.09 10.44
C VAL E 31 -11.89 -46.04 10.83
N ARG E 32 -11.42 -44.90 11.28
CA ARG E 32 -12.26 -43.75 11.57
C ARG E 32 -12.67 -43.03 10.28
N ASP E 33 -13.75 -42.25 10.36
CA ASP E 33 -14.25 -41.51 9.20
C ASP E 33 -13.34 -40.35 8.82
N THR E 34 -12.65 -39.78 9.78
CA THR E 34 -11.80 -38.65 9.54
C THR E 34 -10.37 -39.04 9.16
N ASP E 35 -10.01 -40.32 9.23
CA ASP E 35 -8.69 -40.78 8.84
C ASP E 35 -8.42 -40.61 7.36
N ILE E 36 -7.21 -40.32 7.05
CA ILE E 36 -6.66 -40.40 5.71
C ILE E 36 -6.10 -41.80 5.49
N LEU E 37 -6.54 -42.47 4.47
CA LEU E 37 -6.06 -43.82 4.23
C LEU E 37 -5.11 -43.82 3.05
N ALA E 38 -4.15 -44.68 3.08
CA ALA E 38 -3.21 -44.86 1.99
C ALA E 38 -3.11 -46.34 1.65
N ALA E 39 -3.02 -46.64 0.37
CA ALA E 39 -2.70 -47.99 -0.09
C ALA E 39 -1.35 -47.99 -0.80
N PHE E 40 -0.39 -48.60 -0.17
CA PHE E 40 0.95 -48.79 -0.70
C PHE E 40 1.16 -50.18 -1.30
N ARG E 41 1.46 -50.23 -2.59
CA ARG E 41 2.04 -51.42 -3.20
C ARG E 41 3.51 -51.52 -2.82
N MET E 42 3.86 -52.59 -2.17
CA MET E 42 5.04 -52.72 -1.37
C MET E 42 5.86 -53.92 -1.84
N THR E 43 7.15 -53.73 -2.04
CA THR E 43 8.05 -54.82 -2.44
C THR E 43 9.16 -54.99 -1.40
N PRO E 44 8.96 -55.88 -0.44
CA PRO E 44 9.95 -56.06 0.63
C PRO E 44 11.26 -56.66 0.14
N GLN E 45 12.33 -56.30 0.81
CA GLN E 45 13.59 -56.98 0.60
C GLN E 45 13.44 -58.46 0.98
N PRO E 46 14.10 -59.34 0.24
CA PRO E 46 13.92 -60.79 0.45
C PRO E 46 14.33 -61.22 1.84
N GLY E 47 13.44 -61.94 2.49
CA GLY E 47 13.59 -62.27 3.89
C GLY E 47 12.90 -61.36 4.87
N VAL E 48 12.39 -60.21 4.46
CA VAL E 48 11.72 -59.27 5.35
C VAL E 48 10.23 -59.56 5.28
N PRO E 49 9.57 -59.87 6.38
CA PRO E 49 8.18 -60.29 6.30
C PRO E 49 7.27 -59.11 5.99
N PRO E 50 6.10 -59.35 5.41
CA PRO E 50 5.23 -58.23 4.98
C PRO E 50 4.72 -57.37 6.12
N GLU E 51 4.55 -57.96 7.29
CA GLU E 51 4.01 -57.25 8.44
C GLU E 51 5.04 -56.28 9.00
N GLU E 52 6.31 -56.63 8.88
CA GLU E 52 7.38 -55.72 9.27
C GLU E 52 7.48 -54.55 8.31
N CYS E 53 7.26 -54.78 7.02
CA CYS E 53 7.35 -53.69 6.05
C CYS E 53 6.18 -52.74 6.15
N GLY E 54 4.96 -53.27 6.24
CA GLY E 54 3.78 -52.45 6.42
C GLY E 54 3.86 -51.57 7.65
N ALA E 55 4.37 -52.14 8.75
CA ALA E 55 4.59 -51.40 9.98
C ALA E 55 5.62 -50.30 9.83
N ALA E 56 6.72 -50.58 9.14
CA ALA E 56 7.76 -49.59 8.86
C ALA E 56 7.23 -48.41 8.04
N VAL E 57 6.39 -48.68 7.03
CA VAL E 57 5.78 -47.61 6.24
C VAL E 57 4.81 -46.82 7.10
N ALA E 58 4.05 -47.49 7.97
CA ALA E 58 3.18 -46.82 8.93
C ALA E 58 4.00 -45.92 9.86
N ALA E 59 5.15 -46.40 10.30
CA ALA E 59 5.91 -45.70 11.33
C ALA E 59 6.71 -44.49 10.82
N GLU E 60 7.19 -44.51 9.57
CA GLU E 60 8.19 -43.53 9.01
C GLU E 60 9.31 -43.31 10.01
N SER E 61 10.01 -44.40 10.32
CA SER E 61 11.08 -44.43 11.30
C SER E 61 12.12 -43.36 11.00
N SER E 62 12.76 -42.83 12.04
CA SER E 62 13.68 -41.73 11.78
C SER E 62 15.04 -42.28 11.33
N THR E 63 15.16 -43.61 11.22
CA THR E 63 16.28 -44.29 10.60
C THR E 63 15.79 -45.11 9.38
N GLY E 64 16.28 -44.72 8.20
CA GLY E 64 15.80 -45.30 6.95
C GLY E 64 16.83 -46.25 6.37
N THR E 65 18.07 -46.12 6.85
CA THR E 65 19.18 -47.03 6.52
C THR E 65 19.18 -48.31 7.39
N TRP E 66 18.88 -48.17 8.66
CA TRP E 66 18.92 -49.30 9.60
C TRP E 66 17.90 -50.42 9.43
N THR E 67 16.64 -50.03 9.21
CA THR E 67 15.48 -50.93 9.11
C THR E 67 15.19 -51.69 10.42
N THR E 68 15.53 -51.07 11.55
CA THR E 68 15.32 -51.63 12.89
C THR E 68 15.03 -50.55 13.93
N VAL E 69 14.32 -50.92 14.99
CA VAL E 69 14.02 -49.97 16.05
C VAL E 69 15.34 -49.59 16.74
N TRP E 70 15.47 -48.32 17.10
CA TRP E 70 16.66 -47.84 17.78
C TRP E 70 16.27 -46.94 18.95
N THR E 71 15.59 -45.82 18.64
CA THR E 71 15.07 -44.87 19.62
C THR E 71 13.56 -44.98 19.60
N ASP E 72 12.98 -45.63 20.60
CA ASP E 72 11.56 -45.94 20.61
C ASP E 72 10.90 -45.32 21.83
N GLY E 73 9.79 -44.60 21.57
CA GLY E 73 8.92 -43.91 22.52
C GLY E 73 8.83 -42.41 22.33
N LEU E 74 7.83 -41.94 21.58
CA LEU E 74 7.71 -40.53 21.21
C LEU E 74 6.28 -40.05 21.43
N THR E 75 6.13 -38.73 21.51
CA THR E 75 4.78 -38.19 21.35
C THR E 75 4.49 -37.81 19.92
N SER E 76 5.47 -37.97 19.02
CA SER E 76 5.12 -38.01 17.61
C SER E 76 4.74 -39.40 17.17
N LEU E 77 5.06 -40.46 17.95
CA LEU E 77 4.74 -41.85 17.64
C LEU E 77 3.80 -42.52 18.65
N ASP E 78 2.91 -41.79 19.34
CA ASP E 78 1.95 -42.48 20.21
C ASP E 78 0.51 -42.25 19.74
N ARG E 79 0.14 -41.02 19.34
CA ARG E 79 -1.22 -40.66 18.93
C ARG E 79 -1.22 -40.03 17.55
N TYR E 80 -0.04 -39.70 17.04
CA TYR E 80 0.08 -39.08 15.73
C TYR E 80 0.71 -40.08 14.76
N LYS E 81 0.47 -41.35 15.04
CA LYS E 81 1.01 -42.42 14.23
C LYS E 81 0.06 -43.02 13.21
N GLY E 82 0.56 -43.21 11.99
CA GLY E 82 -0.17 -43.91 10.96
C GLY E 82 -0.12 -45.38 11.37
N ARG E 83 -1.19 -46.14 11.18
CA ARG E 83 -1.19 -47.56 11.57
C ARG E 83 -1.44 -48.46 10.36
N CYS E 84 -0.64 -49.51 10.20
CA CYS E 84 -0.90 -50.41 9.09
C CYS E 84 -1.99 -51.38 9.52
N TYR E 85 -3.18 -51.21 8.99
CA TYR E 85 -4.31 -51.98 9.50
C TYR E 85 -4.69 -53.19 8.65
N ASP E 86 -4.00 -53.43 7.54
CA ASP E 86 -4.32 -54.51 6.61
C ASP E 86 -3.19 -54.67 5.61
N ILE E 87 -2.76 -55.90 5.40
CA ILE E 87 -1.82 -56.27 4.35
C ILE E 87 -2.44 -57.37 3.51
N GLU E 88 -2.53 -57.16 2.20
CA GLU E 88 -3.05 -58.14 1.27
C GLU E 88 -2.01 -58.52 0.23
N PRO E 89 -1.98 -59.78 -0.21
CA PRO E 89 -1.15 -60.16 -1.35
C PRO E 89 -1.69 -59.64 -2.66
N VAL E 90 -0.80 -59.42 -3.60
CA VAL E 90 -1.13 -58.97 -4.94
C VAL E 90 -1.22 -60.22 -5.82
N PRO E 91 -2.35 -60.47 -6.49
CA PRO E 91 -2.52 -61.73 -7.24
C PRO E 91 -1.65 -61.79 -8.49
N GLY E 92 -0.97 -62.90 -8.66
CA GLY E 92 -0.05 -63.06 -9.77
C GLY E 92 1.35 -62.61 -9.47
N GLU E 93 1.55 -61.88 -8.39
CA GLU E 93 2.86 -61.42 -7.96
C GLU E 93 3.27 -62.29 -6.78
N ASP E 94 4.55 -62.38 -6.53
CA ASP E 94 5.02 -63.29 -5.50
C ASP E 94 5.65 -62.53 -4.33
N ASN E 95 6.15 -61.33 -4.58
CA ASN E 95 6.79 -60.57 -3.53
C ASN E 95 6.16 -59.17 -3.40
N GLN E 96 4.93 -58.97 -3.79
CA GLN E 96 4.27 -57.67 -3.68
C GLN E 96 3.02 -57.74 -2.83
N TYR E 97 2.82 -56.74 -2.00
CA TYR E 97 1.69 -56.65 -1.08
C TYR E 97 1.08 -55.26 -1.16
N ILE E 98 -0.21 -55.15 -0.91
CA ILE E 98 -0.86 -53.88 -0.64
C ILE E 98 -0.92 -53.69 0.85
N ALA E 99 -0.24 -52.68 1.37
CA ALA E 99 -0.37 -52.27 2.75
C ALA E 99 -1.27 -51.03 2.88
N TYR E 100 -2.29 -51.13 3.72
CA TYR E 100 -3.25 -50.07 4.01
C TYR E 100 -2.86 -49.34 5.29
N VAL E 101 -2.67 -48.04 5.19
CA VAL E 101 -2.23 -47.26 6.35
C VAL E 101 -3.26 -46.20 6.64
N ALA E 102 -3.66 -46.12 7.88
CA ALA E 102 -4.52 -45.05 8.34
C ALA E 102 -3.68 -43.96 9.02
N TYR E 103 -3.97 -42.71 8.69
CA TYR E 103 -3.33 -41.57 9.31
C TYR E 103 -4.40 -40.72 10.01
N PRO E 104 -4.22 -40.33 11.26
CA PRO E 104 -5.20 -39.44 11.90
C PRO E 104 -5.15 -38.03 11.27
N ILE E 105 -6.32 -37.42 11.14
CA ILE E 105 -6.50 -36.15 10.46
C ILE E 105 -5.72 -35.03 11.17
N ASP E 106 -5.48 -35.17 12.47
CA ASP E 106 -4.64 -34.26 13.22
C ASP E 106 -3.21 -34.14 12.72
N LEU E 107 -2.72 -35.10 11.96
CA LEU E 107 -1.40 -35.00 11.38
C LEU E 107 -1.27 -33.90 10.32
N PHE E 108 -2.35 -33.43 9.74
CA PHE E 108 -2.26 -32.73 8.48
C PHE E 108 -2.59 -31.24 8.63
N GLU E 109 -1.83 -30.38 7.95
CA GLU E 109 -2.19 -28.97 7.89
C GLU E 109 -3.42 -28.77 6.97
N GLU E 110 -4.47 -28.16 7.53
CA GLU E 110 -5.73 -27.91 6.81
C GLU E 110 -5.49 -27.16 5.51
N GLY E 111 -5.90 -27.74 4.41
CA GLY E 111 -5.82 -27.01 3.16
C GLY E 111 -4.45 -27.02 2.50
N SER E 112 -3.55 -27.91 2.89
CA SER E 112 -2.19 -27.87 2.36
C SER E 112 -1.85 -29.21 1.71
N VAL E 113 -2.04 -29.31 0.41
CA VAL E 113 -1.60 -30.50 -0.32
C VAL E 113 -0.12 -30.75 -0.07
N THR E 114 0.70 -29.68 -0.10
CA THR E 114 2.13 -29.77 0.19
C THR E 114 2.40 -30.56 1.47
N ASN E 115 1.65 -30.28 2.51
CA ASN E 115 1.93 -30.89 3.79
C ASN E 115 1.40 -32.33 3.84
N MET E 116 0.38 -32.65 3.07
CA MET E 116 -0.08 -34.05 3.07
C MET E 116 0.91 -34.97 2.36
N PHE E 117 1.49 -34.54 1.24
CA PHE E 117 2.54 -35.31 0.63
C PHE E 117 3.79 -35.36 1.49
N THR E 118 4.12 -34.29 2.20
CA THR E 118 5.27 -34.36 3.10
C THR E 118 5.02 -35.42 4.21
N SER E 119 3.82 -35.47 4.74
CA SER E 119 3.52 -36.40 5.80
C SER E 119 3.47 -37.84 5.30
N ILE E 120 2.92 -38.08 4.11
CA ILE E 120 2.71 -39.44 3.63
C ILE E 120 3.91 -39.96 2.82
N VAL E 121 4.40 -39.21 1.86
CA VAL E 121 5.47 -39.69 0.98
C VAL E 121 6.80 -39.05 1.26
N GLY E 122 6.93 -38.32 2.37
CA GLY E 122 8.13 -37.54 2.62
C GLY E 122 9.40 -38.37 2.73
N ASN E 123 9.32 -39.49 3.43
CA ASN E 123 10.49 -40.28 3.78
C ASN E 123 10.46 -41.78 3.44
N VAL E 124 9.31 -42.46 3.43
CA VAL E 124 9.28 -43.93 3.41
C VAL E 124 9.75 -44.54 2.10
N PHE E 125 9.91 -43.76 1.03
CA PHE E 125 10.26 -44.41 -0.22
C PHE E 125 11.74 -44.78 -0.25
N GLY E 126 12.55 -44.23 0.63
CA GLY E 126 13.91 -44.61 0.84
C GLY E 126 14.19 -45.71 1.86
N PHE E 127 13.18 -46.34 2.44
CA PHE E 127 13.42 -47.22 3.58
C PHE E 127 14.08 -48.50 3.09
N LYS E 128 15.14 -48.93 3.77
CA LYS E 128 15.98 -49.99 3.21
C LYS E 128 15.33 -51.36 3.28
N ALA E 129 14.35 -51.55 4.15
CA ALA E 129 13.63 -52.82 4.26
C ALA E 129 12.74 -53.08 3.04
N LEU E 130 12.46 -52.04 2.26
CA LEU E 130 11.68 -52.10 1.04
C LEU E 130 12.67 -52.12 -0.11
N ARG E 131 12.39 -52.91 -1.11
CA ARG E 131 13.09 -52.79 -2.37
C ARG E 131 12.43 -51.76 -3.28
N ALA E 132 11.09 -51.74 -3.30
CA ALA E 132 10.31 -50.81 -4.10
C ALA E 132 9.01 -50.48 -3.35
N LEU E 133 8.48 -49.31 -3.61
CA LEU E 133 7.28 -48.84 -2.93
C LEU E 133 6.52 -47.94 -3.87
N ARG E 134 5.27 -48.28 -4.13
CA ARG E 134 4.39 -47.42 -4.91
C ARG E 134 3.13 -47.08 -4.13
N LEU E 135 2.79 -45.80 -4.11
CA LEU E 135 1.55 -45.27 -3.52
C LEU E 135 0.42 -45.26 -4.56
N GLU E 136 -0.53 -46.15 -4.35
CA GLU E 136 -1.57 -46.44 -5.32
C GLU E 136 -2.77 -45.51 -5.18
N ASP E 137 -3.20 -45.25 -3.96
CA ASP E 137 -4.47 -44.57 -3.75
C ASP E 137 -4.49 -43.92 -2.37
N LEU E 138 -5.35 -42.95 -2.22
CA LEU E 138 -5.55 -42.30 -0.96
C LEU E 138 -7.03 -42.10 -0.73
N ARG E 139 -7.47 -42.32 0.46
CA ARG E 139 -8.82 -41.96 0.85
C ARG E 139 -8.72 -40.62 1.55
N ILE E 140 -9.26 -39.58 0.94
CA ILE E 140 -9.29 -38.25 1.53
C ILE E 140 -10.64 -38.11 2.21
N PRO E 141 -10.70 -37.99 3.53
CA PRO E 141 -11.98 -37.94 4.24
C PRO E 141 -12.66 -36.60 4.03
N PRO E 142 -14.01 -36.60 4.05
CA PRO E 142 -14.79 -35.33 4.07
C PRO E 142 -14.29 -34.28 5.03
N ALA E 143 -13.81 -34.63 6.20
CA ALA E 143 -13.33 -33.62 7.12
C ALA E 143 -12.04 -32.94 6.61
N TYR E 144 -11.20 -33.64 5.84
CA TYR E 144 -10.05 -33.01 5.28
C TYR E 144 -10.38 -32.28 3.97
N VAL E 145 -11.20 -32.91 3.11
CA VAL E 145 -11.65 -32.32 1.84
C VAL E 145 -12.20 -30.91 2.03
N LYS E 146 -12.98 -30.66 3.10
CA LYS E 146 -13.64 -29.37 3.26
C LYS E 146 -12.67 -28.28 3.70
N THR E 147 -11.44 -28.59 4.09
CA THR E 147 -10.47 -27.53 4.40
C THR E 147 -9.87 -26.87 3.14
N PHE E 148 -10.10 -27.38 1.95
CA PHE E 148 -9.45 -26.93 0.72
C PHE E 148 -10.39 -26.00 -0.03
N VAL E 149 -9.82 -24.96 -0.60
CA VAL E 149 -10.56 -24.15 -1.54
C VAL E 149 -10.96 -24.98 -2.74
N GLY E 150 -10.03 -25.78 -3.26
CA GLY E 150 -10.28 -26.57 -4.43
C GLY E 150 -10.32 -25.82 -5.76
N PRO E 151 -10.86 -26.48 -6.79
CA PRO E 151 -10.85 -25.92 -8.15
C PRO E 151 -11.57 -24.57 -8.20
N PRO E 152 -11.04 -23.61 -8.95
CA PRO E 152 -11.65 -22.28 -8.98
C PRO E 152 -13.08 -22.31 -9.44
N HIS E 153 -13.41 -23.10 -10.44
CA HIS E 153 -14.78 -23.22 -10.98
C HIS E 153 -15.31 -24.65 -11.04
N GLY E 154 -14.55 -25.57 -11.57
CA GLY E 154 -15.06 -26.89 -11.79
C GLY E 154 -15.93 -26.94 -13.05
N ILE E 155 -16.16 -28.17 -13.47
CA ILE E 155 -16.73 -28.49 -14.79
C ILE E 155 -18.05 -27.73 -15.05
N GLN E 156 -18.99 -27.82 -14.15
CA GLN E 156 -20.31 -27.17 -14.29
C GLN E 156 -20.21 -25.67 -14.50
N VAL E 157 -19.56 -24.99 -13.56
CA VAL E 157 -19.42 -23.54 -13.62
C VAL E 157 -18.75 -23.17 -14.91
N GLU E 158 -17.71 -23.94 -15.28
CA GLU E 158 -16.99 -23.72 -16.52
C GLU E 158 -17.90 -23.77 -17.75
N ARG E 159 -18.73 -24.82 -17.85
CA ARG E 159 -19.72 -24.90 -18.93
C ARG E 159 -20.69 -23.72 -18.90
N ASP E 160 -21.15 -23.29 -17.73
CA ASP E 160 -22.02 -22.12 -17.68
C ASP E 160 -21.27 -20.86 -18.12
N LYS E 161 -20.03 -20.71 -17.72
CA LYS E 161 -19.31 -19.49 -18.07
C LYS E 161 -18.93 -19.51 -19.55
N LEU E 162 -18.63 -20.68 -20.08
CA LEU E 162 -18.29 -20.78 -21.50
C LEU E 162 -19.53 -20.90 -22.39
N ASN E 163 -20.72 -21.10 -21.86
CA ASN E 163 -21.96 -21.30 -22.63
C ASN E 163 -21.89 -22.48 -23.59
N LYS E 164 -21.35 -23.61 -23.15
CA LYS E 164 -21.04 -24.73 -24.04
C LYS E 164 -21.49 -26.03 -23.40
N TYR E 165 -22.50 -26.66 -23.97
CA TYR E 165 -23.23 -27.77 -23.37
C TYR E 165 -23.36 -28.93 -24.35
N GLY E 166 -23.34 -30.13 -23.82
CA GLY E 166 -23.74 -31.34 -24.53
C GLY E 166 -22.75 -31.94 -25.50
N ARG E 167 -21.47 -31.59 -25.42
CA ARG E 167 -20.38 -32.15 -26.21
C ARG E 167 -19.07 -31.94 -25.44
N GLY E 168 -18.02 -32.67 -25.82
CA GLY E 168 -16.69 -32.31 -25.38
C GLY E 168 -16.23 -30.94 -25.87
N LEU E 169 -15.25 -30.39 -25.17
CA LEU E 169 -14.57 -29.18 -25.64
C LEU E 169 -13.41 -29.60 -26.51
N LEU E 170 -13.00 -28.75 -27.43
CA LEU E 170 -11.96 -29.10 -28.37
C LEU E 170 -10.79 -28.16 -28.26
N GLY E 171 -9.62 -28.71 -28.05
CA GLY E 171 -8.41 -27.93 -28.04
C GLY E 171 -7.39 -28.42 -29.05
N CYS E 172 -6.32 -27.66 -29.17
CA CYS E 172 -5.13 -28.05 -29.90
C CYS E 172 -3.90 -27.30 -29.40
N THR E 173 -2.75 -27.95 -29.43
CA THR E 173 -1.50 -27.27 -29.08
C THR E 173 -0.97 -26.50 -30.29
N ILE E 174 -0.51 -25.30 -30.07
CA ILE E 174 0.04 -24.45 -31.13
C ILE E 174 1.52 -24.77 -31.28
N LYS E 175 1.89 -25.27 -32.43
CA LYS E 175 3.28 -25.41 -32.87
C LYS E 175 3.45 -24.69 -34.20
N PRO E 176 3.77 -23.38 -34.22
CA PRO E 176 3.70 -22.62 -35.49
C PRO E 176 4.72 -23.10 -36.51
N LYS E 177 4.31 -23.03 -37.75
CA LYS E 177 5.17 -23.41 -38.84
C LYS E 177 6.21 -22.33 -39.14
N LEU E 178 5.95 -21.06 -38.77
CA LEU E 178 6.72 -19.94 -39.35
C LEU E 178 7.72 -19.32 -38.36
N GLY E 179 7.54 -19.51 -37.07
CA GLY E 179 8.43 -18.95 -36.06
C GLY E 179 7.84 -19.19 -34.70
N LEU E 180 8.65 -19.05 -33.66
CA LEU E 180 8.08 -19.07 -32.34
C LEU E 180 7.85 -17.67 -31.77
N SER E 181 7.86 -16.67 -32.61
CA SER E 181 7.64 -15.31 -32.13
C SER E 181 6.20 -15.18 -31.62
N ALA E 182 5.99 -14.17 -30.78
CA ALA E 182 4.69 -13.99 -30.14
C ALA E 182 3.60 -13.68 -31.15
N LYS E 183 3.93 -12.86 -32.13
CA LYS E 183 3.02 -12.48 -33.19
C LYS E 183 2.61 -13.67 -34.07
N ASN E 184 3.56 -14.50 -34.47
CA ASN E 184 3.24 -15.73 -35.21
C ASN E 184 2.54 -16.73 -34.36
N TYR E 185 2.87 -16.76 -33.08
CA TYR E 185 2.16 -17.62 -32.17
C TYR E 185 0.68 -17.24 -32.16
N GLY E 186 0.40 -15.94 -32.05
CA GLY E 186 -0.97 -15.44 -32.03
C GLY E 186 -1.72 -15.64 -33.32
N ARG E 187 -1.04 -15.55 -34.48
CA ARG E 187 -1.66 -15.83 -35.78
C ARG E 187 -2.19 -17.25 -35.85
N ALA E 188 -1.36 -18.19 -35.41
CA ALA E 188 -1.76 -19.59 -35.35
C ALA E 188 -2.92 -19.82 -34.37
N VAL E 189 -2.89 -19.16 -33.21
CA VAL E 189 -4.00 -19.25 -32.27
C VAL E 189 -5.28 -18.79 -32.94
N TYR E 190 -5.23 -17.65 -33.62
CA TYR E 190 -6.39 -17.14 -34.31
C TYR E 190 -6.90 -18.14 -35.35
N GLU E 191 -6.02 -18.73 -36.14
CA GLU E 191 -6.47 -19.60 -37.23
C GLU E 191 -7.17 -20.87 -36.70
N CYS E 192 -6.61 -21.48 -35.65
CA CYS E 192 -7.23 -22.63 -35.02
C CYS E 192 -8.56 -22.31 -34.36
N LEU E 193 -8.60 -21.27 -33.53
CA LEU E 193 -9.83 -20.89 -32.83
C LEU E 193 -10.96 -20.50 -33.78
N ARG E 194 -10.64 -19.78 -34.84
CA ARG E 194 -11.67 -19.34 -35.78
C ARG E 194 -12.40 -20.49 -36.48
N GLY E 195 -11.69 -21.57 -36.74
CA GLY E 195 -12.23 -22.75 -37.38
C GLY E 195 -13.21 -23.60 -36.58
N GLY E 196 -13.28 -23.40 -35.27
CA GLY E 196 -14.18 -24.22 -34.45
C GLY E 196 -13.66 -24.72 -33.11
N LEU E 197 -12.39 -24.53 -32.76
CA LEU E 197 -11.91 -25.06 -31.50
C LEU E 197 -12.34 -24.15 -30.37
N ASP E 198 -12.64 -24.74 -29.25
CA ASP E 198 -12.87 -23.94 -28.03
C ASP E 198 -11.58 -23.30 -27.53
N PHE E 199 -10.50 -24.05 -27.46
CA PHE E 199 -9.26 -23.62 -26.83
C PHE E 199 -8.07 -23.95 -27.69
N THR E 200 -7.07 -23.18 -27.51
CA THR E 200 -5.73 -23.54 -27.86
C THR E 200 -4.88 -23.47 -26.60
N LYS E 201 -3.65 -23.90 -26.73
CA LYS E 201 -2.81 -24.31 -25.61
C LYS E 201 -1.37 -23.82 -25.84
N ASP E 202 -0.89 -22.94 -24.94
CA ASP E 202 0.55 -22.79 -24.71
C ASP E 202 1.18 -24.17 -24.52
N ASP E 203 2.27 -24.41 -25.20
CA ASP E 203 3.11 -25.53 -24.77
C ASP E 203 3.66 -25.32 -23.35
N GLU E 204 3.73 -26.42 -22.61
CA GLU E 204 4.13 -26.44 -21.22
C GLU E 204 5.51 -25.79 -20.97
N ASN E 205 6.44 -25.82 -21.95
CA ASN E 205 7.73 -25.16 -21.72
C ASN E 205 7.76 -23.67 -22.10
N VAL E 206 6.76 -23.19 -22.83
CA VAL E 206 6.66 -21.81 -23.27
C VAL E 206 6.31 -21.04 -22.00
N ASN E 207 7.29 -20.39 -21.38
CA ASN E 207 6.93 -19.56 -20.25
C ASN E 207 7.27 -18.17 -20.70
N SER E 208 8.52 -17.79 -20.75
CA SER E 208 8.99 -16.50 -21.22
C SER E 208 10.46 -16.69 -21.58
N GLN E 209 10.77 -16.75 -22.79
CA GLN E 209 12.06 -17.06 -23.38
C GLN E 209 12.64 -15.86 -24.15
N PRO E 210 13.92 -15.88 -24.58
CA PRO E 210 14.37 -14.81 -25.48
C PRO E 210 13.62 -14.77 -26.81
N PHE E 211 13.22 -15.91 -27.38
CA PHE E 211 12.46 -15.86 -28.64
C PHE E 211 11.02 -15.34 -28.46
N MET E 212 10.49 -15.32 -27.24
CA MET E 212 9.09 -14.95 -26.99
C MET E 212 8.89 -14.65 -25.51
N ARG E 213 8.86 -13.37 -25.15
CA ARG E 213 8.69 -12.96 -23.77
C ARG E 213 7.22 -13.02 -23.45
N TRP E 214 6.90 -13.36 -22.19
CA TRP E 214 5.51 -13.68 -21.82
C TRP E 214 4.52 -12.55 -22.11
N ARG E 215 4.87 -11.32 -21.82
CA ARG E 215 3.83 -10.29 -21.87
C ARG E 215 3.45 -9.99 -23.35
N ASP E 216 4.43 -10.03 -24.25
CA ASP E 216 4.18 -9.98 -25.70
C ASP E 216 3.27 -11.14 -26.18
N ARG E 217 3.58 -12.37 -25.76
CA ARG E 217 2.70 -13.51 -26.02
C ARG E 217 1.25 -13.28 -25.54
N PHE E 218 1.09 -12.75 -24.33
CA PHE E 218 -0.23 -12.56 -23.74
C PHE E 218 -1.03 -11.58 -24.59
N LEU E 219 -0.40 -10.48 -25.00
CA LEU E 219 -1.06 -9.42 -25.74
C LEU E 219 -1.52 -9.91 -27.12
N PHE E 220 -0.62 -10.50 -27.90
CA PHE E 220 -0.97 -11.08 -29.21
C PHE E 220 -1.99 -12.23 -29.09
N VAL E 221 -1.89 -13.10 -28.09
CA VAL E 221 -2.93 -14.11 -27.91
C VAL E 221 -4.30 -13.46 -27.58
N ALA E 222 -4.31 -12.40 -26.75
CA ALA E 222 -5.57 -11.71 -26.45
C ALA E 222 -6.19 -11.09 -27.71
N GLU E 223 -5.39 -10.55 -28.61
CA GLU E 223 -5.92 -10.07 -29.88
C GLU E 223 -6.49 -11.23 -30.70
N ALA E 224 -5.80 -12.35 -30.77
CA ALA E 224 -6.27 -13.53 -31.49
C ALA E 224 -7.59 -14.07 -30.92
N ILE E 225 -7.68 -14.26 -29.59
CA ILE E 225 -8.88 -14.78 -28.93
C ILE E 225 -10.08 -13.89 -29.24
N TYR E 226 -9.91 -12.57 -29.10
CA TYR E 226 -11.00 -11.63 -29.37
C TYR E 226 -11.33 -11.57 -30.87
N LYS E 227 -10.34 -11.71 -31.75
CA LYS E 227 -10.64 -11.74 -33.19
C LYS E 227 -11.49 -12.98 -33.55
N ALA E 228 -11.05 -14.17 -33.14
CA ALA E 228 -11.83 -15.38 -33.40
C ALA E 228 -13.19 -15.37 -32.71
N GLN E 229 -13.29 -14.73 -31.54
CA GLN E 229 -14.57 -14.59 -30.85
C GLN E 229 -15.53 -13.64 -31.59
N ALA E 230 -15.04 -12.51 -32.05
CA ALA E 230 -15.83 -11.63 -32.92
C ALA E 230 -16.30 -12.38 -34.18
N GLU E 231 -15.44 -13.19 -34.74
CA GLU E 231 -15.73 -13.89 -36.00
C GLU E 231 -16.72 -15.04 -35.79
N THR E 232 -16.50 -15.89 -34.80
CA THR E 232 -17.34 -17.07 -34.58
C THR E 232 -18.62 -16.73 -33.83
N GLY E 233 -18.62 -15.67 -33.04
CA GLY E 233 -19.66 -15.44 -32.07
C GLY E 233 -19.68 -16.37 -30.86
N GLU E 234 -18.75 -17.33 -30.73
CA GLU E 234 -18.64 -18.21 -29.57
C GLU E 234 -17.52 -17.74 -28.63
N VAL E 235 -17.65 -18.06 -27.35
CA VAL E 235 -16.57 -17.83 -26.40
C VAL E 235 -15.32 -18.64 -26.78
N LYS E 236 -14.17 -18.00 -26.76
CA LYS E 236 -12.89 -18.63 -27.11
C LYS E 236 -11.86 -18.40 -26.01
N GLY E 237 -10.92 -19.34 -25.86
CA GLY E 237 -9.82 -19.19 -24.95
C GLY E 237 -8.52 -19.72 -25.53
N HIS E 238 -7.45 -19.38 -24.86
CA HIS E 238 -6.14 -19.98 -25.07
C HIS E 238 -5.57 -20.16 -23.67
N TYR E 239 -5.05 -21.33 -23.37
CA TYR E 239 -4.41 -21.56 -22.08
C TYR E 239 -3.08 -20.82 -22.01
N LEU E 240 -3.07 -19.68 -21.37
CA LEU E 240 -1.87 -18.87 -21.23
C LEU E 240 -1.03 -19.36 -20.04
N ASN E 241 0.12 -19.92 -20.36
CA ASN E 241 1.03 -20.46 -19.37
C ASN E 241 1.55 -19.38 -18.39
N ALA E 242 1.14 -19.47 -17.15
CA ALA E 242 1.56 -18.67 -16.01
C ALA E 242 2.73 -19.25 -15.20
N THR E 243 3.10 -20.50 -15.39
CA THR E 243 4.32 -21.11 -14.79
C THR E 243 5.57 -20.22 -14.85
N ALA E 244 6.17 -19.97 -13.72
CA ALA E 244 7.29 -19.01 -13.65
C ALA E 244 8.38 -19.56 -12.72
N GLY E 245 9.56 -18.91 -12.71
CA GLY E 245 10.55 -19.20 -11.67
C GLY E 245 10.11 -18.86 -10.25
N THR E 246 9.33 -17.79 -10.06
CA THR E 246 8.98 -17.32 -8.73
C THR E 246 7.47 -17.07 -8.63
N CYS E 247 6.98 -17.08 -7.40
CA CYS E 247 5.57 -16.86 -7.19
C CYS E 247 5.22 -15.48 -7.69
N GLU E 248 6.03 -14.48 -7.38
CA GLU E 248 5.77 -13.09 -7.80
C GLU E 248 5.72 -12.97 -9.33
N GLU E 249 6.64 -13.59 -10.07
CA GLU E 249 6.53 -13.61 -11.54
C GLU E 249 5.27 -14.34 -12.01
N MET E 250 4.96 -15.47 -11.41
CA MET E 250 3.74 -16.20 -11.68
C MET E 250 2.48 -15.31 -11.50
N MET E 251 2.39 -14.58 -10.38
CA MET E 251 1.25 -13.69 -10.11
C MET E 251 1.26 -12.47 -11.02
N LYS E 252 2.44 -11.96 -11.41
CA LYS E 252 2.50 -10.96 -12.49
C LYS E 252 1.81 -11.46 -13.76
N ARG E 253 1.93 -12.72 -14.08
CA ARG E 253 1.32 -13.19 -15.30
C ARG E 253 -0.19 -13.39 -15.14
N ALA E 254 -0.60 -13.99 -14.02
CA ALA E 254 -2.01 -14.15 -13.71
C ALA E 254 -2.76 -12.81 -13.68
N VAL E 255 -2.17 -11.79 -13.05
CA VAL E 255 -2.70 -10.41 -13.05
C VAL E 255 -2.85 -9.82 -14.51
N ALA E 257 -3.37 -11.48 -17.28
CA ALA E 257 -4.51 -12.19 -17.89
C ALA E 257 -5.84 -11.64 -17.42
N LYS E 258 -5.94 -11.48 -16.09
CA LYS E 258 -7.05 -10.75 -15.46
C LYS E 258 -7.31 -9.43 -16.16
N GLU E 259 -6.26 -8.61 -16.35
CA GLU E 259 -6.45 -7.27 -16.92
C GLU E 259 -6.77 -7.29 -18.40
N LEU E 260 -6.28 -8.28 -19.12
CA LEU E 260 -6.70 -8.47 -20.49
C LEU E 260 -8.14 -8.97 -20.58
N GLY E 261 -8.73 -9.38 -19.48
CA GLY E 261 -10.05 -9.96 -19.44
C GLY E 261 -10.19 -11.29 -20.11
N VAL E 262 -9.10 -12.03 -20.29
CA VAL E 262 -9.12 -13.29 -21.02
C VAL E 262 -9.58 -14.45 -20.10
N PRO E 263 -10.09 -15.56 -20.65
CA PRO E 263 -10.81 -16.51 -19.80
C PRO E 263 -9.97 -17.46 -18.98
N ILE E 264 -8.78 -17.84 -19.45
CA ILE E 264 -8.09 -19.01 -18.91
C ILE E 264 -6.57 -18.85 -18.90
N ILE E 265 -5.96 -19.37 -17.86
CA ILE E 265 -4.52 -19.49 -17.75
C ILE E 265 -4.20 -20.94 -17.44
N MET E 266 -2.93 -21.21 -17.37
CA MET E 266 -2.36 -22.53 -17.30
C MET E 266 -1.21 -22.65 -16.30
N HIS E 267 -1.13 -23.77 -15.63
CA HIS E 267 0.01 -24.03 -14.75
C HIS E 267 0.52 -25.46 -14.81
N ASP E 268 1.82 -25.65 -14.69
CA ASP E 268 2.47 -26.99 -14.68
C ASP E 268 2.69 -27.33 -13.21
N TYR E 269 1.72 -27.98 -12.61
CA TYR E 269 1.64 -27.99 -11.14
C TYR E 269 2.73 -28.81 -10.51
N LEU E 270 3.30 -29.77 -11.23
CA LEU E 270 4.33 -30.66 -10.63
C LEU E 270 5.73 -30.08 -10.69
N THR E 271 5.97 -29.18 -11.63
CA THR E 271 7.25 -28.54 -11.75
C THR E 271 7.28 -27.17 -11.07
N GLY E 272 6.19 -26.41 -11.17
CA GLY E 272 5.99 -25.26 -10.28
C GLY E 272 5.85 -25.62 -8.80
N GLY E 273 5.05 -26.61 -8.50
CA GLY E 273 4.90 -27.07 -7.14
C GLY E 273 3.50 -26.85 -6.63
N PHE E 274 3.13 -27.68 -5.65
CA PHE E 274 1.82 -27.53 -5.01
C PHE E 274 1.68 -26.22 -4.28
N THR E 275 2.76 -25.68 -3.68
CA THR E 275 2.60 -24.41 -2.96
C THR E 275 2.19 -23.31 -3.96
N ALA E 276 2.91 -23.15 -5.06
CA ALA E 276 2.53 -22.20 -6.10
C ALA E 276 1.19 -22.52 -6.75
N ASN E 277 0.88 -23.79 -7.04
CA ASN E 277 -0.39 -24.12 -7.69
C ASN E 277 -1.61 -23.70 -6.85
N THR E 278 -1.59 -23.99 -5.55
CA THR E 278 -2.65 -23.60 -4.66
C THR E 278 -2.80 -22.08 -4.56
N SER E 279 -1.71 -21.35 -4.43
CA SER E 279 -1.74 -19.89 -4.53
C SER E 279 -2.40 -19.43 -5.82
N LEU E 280 -2.02 -20.04 -6.94
CA LEU E 280 -2.60 -19.64 -8.20
C LEU E 280 -4.10 -19.96 -8.27
N ALA E 281 -4.49 -21.18 -7.88
CA ALA E 281 -5.91 -21.59 -7.85
C ALA E 281 -6.77 -20.62 -7.00
N ILE E 282 -6.24 -20.15 -5.88
CA ILE E 282 -6.96 -19.16 -5.06
C ILE E 282 -7.06 -17.80 -5.78
N TYR E 283 -6.00 -17.36 -6.46
CA TYR E 283 -6.08 -16.14 -7.26
C TYR E 283 -7.17 -16.28 -8.32
N CYS E 284 -7.23 -17.45 -8.97
CA CYS E 284 -8.19 -17.69 -10.02
C CYS E 284 -9.64 -17.73 -9.46
N ARG E 285 -9.85 -18.31 -8.30
CA ARG E 285 -11.16 -18.24 -7.67
C ARG E 285 -11.53 -16.80 -7.35
N ASP E 286 -10.58 -16.03 -6.79
CA ASP E 286 -10.84 -14.63 -6.42
C ASP E 286 -11.06 -13.70 -7.65
N ASN E 287 -10.56 -14.03 -8.83
CA ASN E 287 -10.67 -13.11 -9.97
C ASN E 287 -11.42 -13.72 -11.19
N GLY E 288 -12.13 -14.82 -11.01
CA GLY E 288 -12.90 -15.55 -12.00
C GLY E 288 -12.11 -16.12 -13.18
N LEU E 289 -10.81 -16.31 -13.08
CA LEU E 289 -10.06 -17.00 -14.15
C LEU E 289 -10.25 -18.52 -14.03
N LEU E 290 -10.41 -19.18 -15.13
CA LEU E 290 -10.24 -20.64 -15.24
C LEU E 290 -8.77 -21.09 -15.24
N LEU E 291 -8.50 -22.25 -14.64
CA LEU E 291 -7.12 -22.71 -14.46
C LEU E 291 -6.90 -24.09 -15.14
N HIS E 292 -6.23 -24.10 -16.26
CA HIS E 292 -5.83 -25.34 -16.93
C HIS E 292 -4.54 -25.91 -16.32
N ILE E 293 -4.51 -27.19 -16.03
CA ILE E 293 -3.36 -27.75 -15.34
C ILE E 293 -2.62 -28.77 -16.22
N HIS E 294 -1.37 -28.53 -16.46
CA HIS E 294 -0.56 -29.46 -17.23
C HIS E 294 0.32 -30.33 -16.33
N ARG E 295 0.52 -31.56 -16.71
CA ARG E 295 1.09 -32.54 -15.77
C ARG E 295 2.51 -32.95 -16.13
N ALA E 296 3.32 -32.01 -16.63
CA ALA E 296 4.71 -32.29 -17.00
C ALA E 296 5.50 -32.82 -15.82
N MET E 297 6.29 -33.86 -16.06
CA MET E 297 7.12 -34.66 -15.14
C MET E 297 6.34 -35.75 -14.41
N HIS E 298 5.04 -35.89 -14.67
CA HIS E 298 4.27 -36.94 -14.02
C HIS E 298 4.91 -38.33 -14.27
N ALA E 299 5.50 -38.57 -15.47
CA ALA E 299 6.06 -39.88 -15.76
C ALA E 299 7.38 -40.15 -15.04
N VAL E 300 8.04 -39.12 -14.53
CA VAL E 300 9.16 -39.33 -13.63
C VAL E 300 8.70 -40.08 -12.39
N ILE E 301 7.52 -39.78 -11.90
CA ILE E 301 6.91 -40.31 -10.65
C ILE E 301 5.95 -41.48 -10.91
N ASP E 302 5.15 -41.42 -11.95
CA ASP E 302 3.96 -42.24 -12.00
C ASP E 302 4.03 -43.41 -12.96
N ARG E 303 5.15 -43.63 -13.64
CA ARG E 303 5.12 -44.60 -14.73
C ARG E 303 5.43 -46.03 -14.26
N GLN E 304 6.48 -46.23 -13.49
CA GLN E 304 6.88 -47.57 -13.13
C GLN E 304 5.89 -48.21 -12.19
N ARG E 305 5.49 -49.42 -12.52
CA ARG E 305 4.49 -50.14 -11.74
C ARG E 305 4.95 -50.44 -10.31
N ASN E 306 6.22 -50.59 -10.07
CA ASN E 306 6.63 -50.98 -8.73
C ASN E 306 7.05 -49.80 -7.83
N HIS E 307 7.27 -48.61 -8.38
CA HIS E 307 7.79 -47.52 -7.57
C HIS E 307 7.22 -46.16 -8.01
N GLY E 308 7.01 -45.28 -7.05
CA GLY E 308 6.52 -43.96 -7.30
C GLY E 308 5.15 -43.76 -6.73
N ILE E 309 4.40 -42.92 -7.40
CA ILE E 309 3.07 -42.49 -6.99
C ILE E 309 2.22 -42.54 -8.23
N HIS E 310 1.22 -43.40 -8.22
CA HIS E 310 0.28 -43.53 -9.32
C HIS E 310 -0.41 -42.19 -9.58
N PHE E 311 -0.67 -41.94 -10.85
CA PHE E 311 -1.29 -40.68 -11.29
C PHE E 311 -2.62 -40.36 -10.60
N ARG E 312 -3.43 -41.37 -10.25
CA ARG E 312 -4.72 -41.12 -9.62
C ARG E 312 -4.55 -40.36 -8.30
N VAL E 313 -3.48 -40.63 -7.58
CA VAL E 313 -3.14 -39.89 -6.38
C VAL E 313 -2.79 -38.43 -6.73
N LEU E 314 -1.95 -38.24 -7.75
CA LEU E 314 -1.51 -36.92 -8.22
C LEU E 314 -2.67 -36.12 -8.80
N ALA E 315 -3.66 -36.80 -9.39
CA ALA E 315 -4.90 -36.18 -9.85
C ALA E 315 -5.79 -35.73 -8.69
N LYS E 316 -5.90 -36.59 -7.67
CA LYS E 316 -6.64 -36.31 -6.44
C LYS E 316 -5.99 -35.12 -5.73
N ALA E 317 -4.66 -35.11 -5.64
CA ALA E 317 -3.91 -33.97 -5.11
C ALA E 317 -4.25 -32.69 -5.86
N LEU E 318 -4.22 -32.75 -7.20
CA LEU E 318 -4.56 -31.60 -8.05
C LEU E 318 -5.98 -31.12 -7.78
N ARG E 319 -6.96 -32.01 -7.74
CA ARG E 319 -8.33 -31.61 -7.43
C ARG E 319 -8.45 -30.86 -6.08
N MET E 320 -7.66 -31.25 -5.10
CA MET E 320 -7.62 -30.56 -3.82
C MET E 320 -6.87 -29.22 -3.96
N SER E 321 -5.69 -29.21 -4.58
CA SER E 321 -4.90 -27.98 -4.76
C SER E 321 -5.64 -26.98 -5.62
N GLY E 322 -6.24 -27.44 -6.69
CA GLY E 322 -7.14 -26.65 -7.46
C GLY E 322 -6.75 -26.58 -8.90
N GLY E 323 -7.60 -27.05 -9.76
CA GLY E 323 -7.47 -26.85 -11.18
C GLY E 323 -8.79 -27.07 -11.88
N ASP E 324 -9.13 -26.27 -12.88
CA ASP E 324 -10.38 -26.50 -13.60
C ASP E 324 -10.26 -27.57 -14.70
N HIS E 325 -9.12 -27.72 -15.37
CA HIS E 325 -8.85 -28.83 -16.32
C HIS E 325 -7.59 -29.58 -15.92
N LEU E 326 -7.48 -30.86 -16.22
CA LEU E 326 -6.25 -31.57 -16.01
C LEU E 326 -5.89 -32.53 -17.16
N HIS E 327 -4.67 -32.37 -17.69
CA HIS E 327 -4.14 -33.34 -18.64
C HIS E 327 -4.20 -34.75 -18.08
N SER E 328 -4.91 -35.58 -18.78
CA SER E 328 -5.22 -36.87 -18.24
C SER E 328 -4.71 -38.01 -19.13
N GLY E 329 -3.88 -37.72 -20.05
CA GLY E 329 -3.34 -38.72 -20.95
C GLY E 329 -4.06 -38.89 -22.27
N THR E 330 -3.68 -39.94 -22.95
CA THR E 330 -4.43 -40.45 -24.08
C THR E 330 -4.87 -41.86 -23.77
N VAL E 331 -5.97 -42.28 -24.39
CA VAL E 331 -6.36 -43.68 -24.38
C VAL E 331 -6.10 -44.33 -25.75
N VAL E 332 -5.55 -43.60 -26.71
CA VAL E 332 -5.09 -44.20 -27.95
C VAL E 332 -3.91 -45.12 -27.66
N GLY E 333 -3.92 -46.28 -28.31
CA GLY E 333 -2.83 -47.23 -28.14
C GLY E 333 -2.79 -47.98 -26.84
N LYS E 334 -3.85 -47.91 -26.03
CA LYS E 334 -3.84 -48.59 -24.75
C LYS E 334 -4.78 -49.79 -24.79
N LEU E 335 -4.41 -50.83 -24.05
CA LEU E 335 -5.25 -52.02 -23.92
C LEU E 335 -6.43 -51.71 -23.01
N GLU E 336 -7.42 -52.62 -23.00
CA GLU E 336 -8.65 -52.47 -22.21
C GLU E 336 -8.33 -52.32 -20.72
N GLY E 337 -7.32 -53.04 -20.23
CA GLY E 337 -6.96 -52.96 -18.82
C GLY E 337 -6.30 -51.64 -18.44
N GLU E 338 -5.49 -51.08 -19.32
CA GLU E 338 -4.94 -49.75 -19.08
C GLU E 338 -6.01 -48.68 -19.25
N ARG E 339 -7.06 -48.98 -20.00
CA ARG E 339 -8.21 -48.10 -20.20
C ARG E 339 -9.16 -48.12 -19.00
N GLU E 340 -9.32 -49.28 -18.36
CA GLU E 340 -10.02 -49.38 -17.07
C GLU E 340 -9.40 -48.47 -16.01
N VAL E 341 -8.07 -48.45 -15.93
CA VAL E 341 -7.35 -47.61 -14.97
C VAL E 341 -7.60 -46.13 -15.25
N THR E 342 -7.47 -45.73 -16.52
CA THR E 342 -7.66 -44.34 -16.92
C THR E 342 -9.06 -43.87 -16.60
N LEU E 343 -10.06 -44.69 -16.89
CA LEU E 343 -11.41 -44.32 -16.55
C LEU E 343 -11.64 -44.26 -15.04
N GLY E 344 -10.87 -45.03 -14.26
CA GLY E 344 -10.96 -44.93 -12.83
C GLY E 344 -10.58 -43.53 -12.36
N PHE E 345 -9.42 -43.04 -12.81
CA PHE E 345 -9.00 -41.75 -12.27
C PHE E 345 -9.78 -40.61 -12.89
N VAL E 346 -10.35 -40.84 -14.08
CA VAL E 346 -11.24 -39.84 -14.68
C VAL E 346 -12.50 -39.66 -13.85
N ASP E 347 -13.01 -40.76 -13.28
CA ASP E 347 -14.10 -40.66 -12.32
C ASP E 347 -13.71 -39.98 -11.01
N LEU E 348 -12.48 -40.22 -10.52
CA LEU E 348 -12.01 -39.52 -9.32
C LEU E 348 -11.85 -38.03 -9.58
N MET E 349 -11.54 -37.66 -10.80
CA MET E 349 -11.37 -36.27 -11.18
C MET E 349 -12.71 -35.56 -11.24
N ARG E 350 -13.73 -36.25 -11.75
CA ARG E 350 -14.94 -35.57 -12.19
C ARG E 350 -16.11 -35.71 -11.22
N ASP E 351 -16.26 -36.86 -10.60
CA ASP E 351 -17.47 -37.22 -9.87
C ASP E 351 -17.47 -36.75 -8.43
N ASP E 352 -18.67 -36.72 -7.85
CA ASP E 352 -18.84 -36.42 -6.45
C ASP E 352 -18.56 -37.62 -5.54
N TYR E 353 -18.97 -38.81 -5.90
CA TYR E 353 -18.84 -39.98 -5.05
C TYR E 353 -18.29 -41.13 -5.88
N VAL E 354 -17.15 -41.68 -5.51
CA VAL E 354 -16.63 -42.82 -6.25
C VAL E 354 -16.52 -44.04 -5.34
N GLU E 355 -17.15 -45.13 -5.75
CA GLU E 355 -17.09 -46.41 -5.05
C GLU E 355 -15.82 -47.19 -5.32
N LYS E 356 -15.34 -47.85 -4.28
CA LYS E 356 -14.30 -48.87 -4.35
C LYS E 356 -14.49 -49.86 -5.50
N ASP E 357 -13.46 -50.01 -6.30
CA ASP E 357 -13.52 -50.80 -7.53
C ASP E 357 -12.09 -51.17 -7.91
N ARG E 358 -11.66 -52.36 -7.48
CA ARG E 358 -10.26 -52.76 -7.61
C ARG E 358 -9.84 -52.93 -9.06
N SER E 359 -10.73 -53.44 -9.90
CA SER E 359 -10.38 -53.68 -11.30
C SER E 359 -10.21 -52.38 -12.06
N ARG E 360 -10.76 -51.29 -11.57
CA ARG E 360 -10.42 -49.97 -12.08
C ARG E 360 -9.33 -49.31 -11.27
N GLY E 361 -8.64 -50.04 -10.40
CA GLY E 361 -7.57 -49.48 -9.58
C GLY E 361 -8.02 -48.55 -8.46
N ILE E 362 -9.30 -48.51 -8.15
CA ILE E 362 -9.83 -47.67 -7.10
C ILE E 362 -9.86 -48.46 -5.79
N TYR E 363 -9.01 -48.07 -4.85
CA TYR E 363 -8.83 -48.90 -3.65
C TYR E 363 -9.69 -48.42 -2.49
N PHE E 364 -10.29 -47.25 -2.61
CA PHE E 364 -10.97 -46.65 -1.50
C PHE E 364 -12.24 -46.02 -2.05
N THR E 365 -13.30 -46.02 -1.28
CA THR E 365 -14.45 -45.19 -1.61
C THR E 365 -14.07 -43.73 -1.34
N GLN E 366 -14.18 -42.87 -2.33
CA GLN E 366 -13.85 -41.44 -2.22
C GLN E 366 -15.15 -40.65 -2.28
N ASP E 367 -15.41 -39.86 -1.24
CA ASP E 367 -16.51 -38.91 -1.17
C ASP E 367 -15.95 -37.48 -1.31
N TRP E 368 -16.16 -36.87 -2.46
CA TRP E 368 -15.63 -35.51 -2.63
C TRP E 368 -16.41 -34.45 -1.89
N CYS E 369 -17.60 -34.77 -1.36
CA CYS E 369 -18.34 -33.88 -0.44
C CYS E 369 -18.62 -32.49 -1.06
N SER E 370 -19.08 -32.50 -2.31
CA SER E 370 -19.41 -31.43 -3.23
C SER E 370 -18.23 -30.55 -3.71
N MET E 371 -16.98 -30.91 -3.47
CA MET E 371 -15.85 -30.29 -4.15
C MET E 371 -16.04 -30.43 -5.66
N PRO E 372 -15.97 -29.34 -6.42
CA PRO E 372 -16.20 -29.38 -7.88
C PRO E 372 -15.22 -30.32 -8.57
N GLY E 373 -15.72 -30.99 -9.60
CA GLY E 373 -14.92 -31.86 -10.41
C GLY E 373 -14.00 -31.09 -11.35
N VAL E 374 -13.03 -31.81 -11.86
CA VAL E 374 -12.05 -31.32 -12.81
C VAL E 374 -12.31 -31.99 -14.17
N MET E 375 -12.30 -31.20 -15.22
CA MET E 375 -12.38 -31.66 -16.60
C MET E 375 -11.08 -32.35 -17.04
N PRO E 376 -11.10 -33.64 -17.31
CA PRO E 376 -9.95 -34.28 -17.98
C PRO E 376 -9.71 -33.76 -19.39
N VAL E 377 -8.46 -33.61 -19.72
CA VAL E 377 -8.01 -33.27 -21.08
C VAL E 377 -7.31 -34.48 -21.71
N ALA E 378 -7.91 -35.01 -22.75
CA ALA E 378 -7.41 -36.18 -23.45
C ALA E 378 -6.66 -35.78 -24.70
N SER E 379 -5.52 -36.38 -24.88
CA SER E 379 -4.90 -36.35 -26.20
C SER E 379 -5.80 -37.16 -27.16
N GLY E 380 -6.41 -36.49 -28.12
CA GLY E 380 -6.91 -37.16 -29.30
C GLY E 380 -5.76 -37.54 -30.20
N GLY E 381 -6.01 -38.46 -31.10
CA GLY E 381 -4.93 -38.92 -31.93
C GLY E 381 -4.52 -37.95 -33.02
N ILE E 382 -3.69 -38.51 -33.91
CA ILE E 382 -3.22 -37.81 -35.11
C ILE E 382 -4.41 -37.41 -35.96
N HIS E 383 -5.44 -38.22 -35.98
CA HIS E 383 -6.48 -38.00 -36.95
C HIS E 383 -7.85 -37.95 -36.28
N VAL E 384 -8.88 -37.77 -37.14
CA VAL E 384 -10.26 -37.55 -36.70
C VAL E 384 -11.06 -38.83 -36.58
N TRP E 385 -10.48 -39.97 -36.97
CA TRP E 385 -11.17 -41.26 -36.90
C TRP E 385 -11.17 -41.83 -35.50
N HIS E 386 -10.38 -41.29 -34.59
CA HIS E 386 -10.50 -41.65 -33.20
C HIS E 386 -11.66 -40.96 -32.51
N MET E 387 -12.28 -39.96 -33.15
CA MET E 387 -13.39 -39.23 -32.53
C MET E 387 -14.51 -40.11 -31.98
N PRO E 388 -15.02 -41.16 -32.67
CA PRO E 388 -16.06 -42.01 -32.04
C PRO E 388 -15.64 -42.71 -30.77
N ALA E 389 -14.42 -43.23 -30.70
CA ALA E 389 -13.92 -43.86 -29.50
C ALA E 389 -13.82 -42.87 -28.35
N LEU E 390 -13.26 -41.67 -28.58
CA LEU E 390 -13.13 -40.65 -27.54
C LEU E 390 -14.48 -40.23 -26.96
N VAL E 391 -15.48 -40.05 -27.81
CA VAL E 391 -16.79 -39.62 -27.33
C VAL E 391 -17.46 -40.72 -26.52
N GLU E 392 -17.27 -41.97 -26.92
CA GLU E 392 -17.83 -43.10 -26.21
C GLU E 392 -17.13 -43.32 -24.87
N ILE E 393 -15.83 -43.14 -24.81
CA ILE E 393 -15.11 -43.44 -23.58
C ILE E 393 -15.27 -42.29 -22.58
N PHE E 394 -15.01 -41.06 -23.02
CA PHE E 394 -15.02 -39.95 -22.07
C PHE E 394 -16.41 -39.44 -21.77
N GLY E 395 -17.34 -39.58 -22.69
CA GLY E 395 -18.59 -38.84 -22.66
C GLY E 395 -18.39 -37.35 -22.93
N ASP E 396 -19.37 -36.53 -22.59
CA ASP E 396 -19.28 -35.12 -22.94
C ASP E 396 -18.29 -34.33 -22.06
N ASP E 397 -18.07 -34.71 -20.80
CA ASP E 397 -17.30 -33.84 -19.89
C ASP E 397 -15.80 -34.08 -20.00
N ALA E 398 -15.22 -33.54 -21.07
CA ALA E 398 -13.81 -33.69 -21.38
C ALA E 398 -13.40 -32.69 -22.44
N CYS E 399 -12.16 -32.29 -22.43
CA CYS E 399 -11.59 -31.59 -23.56
C CYS E 399 -10.80 -32.61 -24.37
N LEU E 400 -11.05 -32.65 -25.63
CA LEU E 400 -10.26 -33.46 -26.51
C LEU E 400 -9.22 -32.57 -27.16
N GLN E 401 -7.96 -32.84 -26.92
CA GLN E 401 -6.89 -32.09 -27.53
C GLN E 401 -6.39 -32.79 -28.76
N PHE E 402 -6.21 -32.04 -29.83
CA PHE E 402 -5.75 -32.57 -31.08
C PHE E 402 -4.37 -32.00 -31.36
N GLY E 403 -3.39 -32.89 -31.51
CA GLY E 403 -2.00 -32.48 -31.54
C GLY E 403 -1.53 -32.15 -32.93
N GLY E 404 -2.18 -32.76 -33.93
CA GLY E 404 -2.00 -32.43 -35.32
C GLY E 404 -3.22 -32.75 -36.17
N GLY E 405 -4.38 -33.01 -35.58
CA GLY E 405 -5.60 -33.17 -36.37
C GLY E 405 -5.90 -31.91 -37.16
N THR E 406 -5.96 -30.80 -36.45
CA THR E 406 -6.13 -29.48 -37.01
C THR E 406 -4.98 -29.08 -37.97
N LEU E 407 -3.74 -29.53 -37.70
CA LEU E 407 -2.60 -28.93 -38.42
C LEU E 407 -1.92 -29.91 -39.36
N GLY E 408 -2.15 -31.21 -39.18
CA GLY E 408 -1.78 -32.11 -40.24
C GLY E 408 -2.76 -32.08 -41.39
N HIS E 409 -3.92 -31.43 -41.18
CA HIS E 409 -4.91 -31.23 -42.23
C HIS E 409 -4.27 -30.51 -43.40
N PRO E 410 -4.55 -30.96 -44.62
CA PRO E 410 -3.85 -30.39 -45.77
C PRO E 410 -4.23 -28.96 -46.08
N TRP E 411 -5.42 -28.51 -45.68
CA TRP E 411 -5.83 -27.14 -45.98
C TRP E 411 -5.45 -26.13 -44.89
N GLY E 412 -4.86 -26.54 -43.79
CA GLY E 412 -4.33 -25.61 -42.79
C GLY E 412 -5.08 -25.67 -41.48
N ASN E 413 -4.75 -24.71 -40.59
CA ASN E 413 -5.30 -24.74 -39.23
C ASN E 413 -6.83 -24.59 -39.20
N ALA E 414 -7.39 -23.57 -39.82
CA ALA E 414 -8.84 -23.35 -39.68
C ALA E 414 -9.70 -24.48 -40.26
N PRO E 415 -9.44 -25.03 -41.47
CA PRO E 415 -10.25 -26.21 -41.89
C PRO E 415 -9.97 -27.45 -41.05
N GLY E 416 -8.77 -27.58 -40.53
CA GLY E 416 -8.48 -28.67 -39.62
C GLY E 416 -9.28 -28.58 -38.33
N ALA E 417 -9.36 -27.37 -37.76
CA ALA E 417 -10.23 -27.13 -36.63
C ALA E 417 -11.66 -27.45 -37.00
N ALA E 418 -12.08 -27.02 -38.20
CA ALA E 418 -13.45 -27.23 -38.62
C ALA E 418 -13.74 -28.70 -38.84
N ALA E 419 -12.76 -29.45 -39.32
CA ALA E 419 -12.92 -30.90 -39.48
C ALA E 419 -13.04 -31.61 -38.14
N ASN E 420 -12.24 -31.21 -37.14
CA ASN E 420 -12.39 -31.79 -35.79
C ASN E 420 -13.75 -31.49 -35.17
N ARG E 421 -14.25 -30.26 -35.35
CA ARG E 421 -15.52 -29.85 -34.76
C ARG E 421 -16.71 -30.57 -35.40
N VAL E 422 -16.68 -30.74 -36.72
CA VAL E 422 -17.71 -31.50 -37.45
C VAL E 422 -17.75 -32.96 -36.97
N ALA E 423 -16.59 -33.60 -36.90
CA ALA E 423 -16.49 -34.99 -36.45
C ALA E 423 -16.97 -35.18 -35.02
N LEU E 424 -16.63 -34.25 -34.11
CA LEU E 424 -17.10 -34.31 -32.73
C LEU E 424 -18.60 -34.17 -32.68
N GLU E 425 -19.13 -33.21 -33.44
CA GLU E 425 -20.56 -32.92 -33.39
C GLU E 425 -21.38 -34.05 -34.02
N ALA E 426 -20.88 -34.67 -35.11
CA ALA E 426 -21.59 -35.79 -35.75
C ALA E 426 -21.58 -37.03 -34.87
N CYS E 427 -20.44 -37.31 -34.22
CA CYS E 427 -20.38 -38.37 -33.22
C CYS E 427 -21.28 -38.09 -32.03
N THR E 428 -21.39 -36.82 -31.61
CA THR E 428 -22.29 -36.47 -30.52
C THR E 428 -23.75 -36.69 -30.92
N GLN E 429 -24.12 -36.19 -32.09
CA GLN E 429 -25.44 -36.41 -32.65
C GLN E 429 -25.80 -37.89 -32.74
N ALA E 430 -24.87 -38.70 -33.25
CA ALA E 430 -25.10 -40.13 -33.43
C ALA E 430 -25.23 -40.87 -32.10
N ARG E 431 -24.41 -40.53 -31.12
CA ARG E 431 -24.54 -41.01 -29.75
C ARG E 431 -25.90 -40.68 -29.15
N ASN E 432 -26.39 -39.44 -29.31
CA ASN E 432 -27.68 -39.08 -28.71
C ASN E 432 -28.82 -39.82 -29.39
N GLU E 433 -28.71 -40.07 -30.69
CA GLU E 433 -29.65 -40.87 -31.48
C GLU E 433 -29.60 -42.35 -31.18
N GLY E 434 -28.81 -42.81 -30.22
CA GLY E 434 -28.79 -44.18 -29.81
C GLY E 434 -27.88 -45.10 -30.60
N ARG E 435 -27.08 -44.57 -31.51
CA ARG E 435 -26.17 -45.42 -32.28
C ARG E 435 -24.97 -45.84 -31.44
N ASP E 436 -24.45 -47.02 -31.75
CA ASP E 436 -23.32 -47.60 -31.06
C ASP E 436 -22.04 -47.09 -31.72
N LEU E 437 -21.30 -46.23 -31.03
CA LEU E 437 -20.12 -45.65 -31.64
C LEU E 437 -18.96 -46.63 -31.72
N ALA E 438 -18.98 -47.68 -30.91
CA ALA E 438 -17.97 -48.73 -31.04
C ALA E 438 -18.09 -49.44 -32.39
N ARG E 439 -19.31 -49.62 -32.86
CA ARG E 439 -19.50 -50.34 -34.10
C ARG E 439 -19.60 -49.39 -35.28
N GLU E 440 -20.42 -48.35 -35.14
CA GLU E 440 -20.90 -47.54 -36.24
C GLU E 440 -20.15 -46.23 -36.40
N GLY E 441 -19.03 -46.04 -35.71
CA GLY E 441 -18.38 -44.75 -35.71
C GLY E 441 -17.73 -44.40 -37.03
N GLY E 442 -17.15 -45.40 -37.69
CA GLY E 442 -16.67 -45.22 -39.05
C GLY E 442 -17.78 -44.83 -40.02
N ASP E 443 -18.95 -45.43 -39.87
CA ASP E 443 -20.11 -45.08 -40.67
C ASP E 443 -20.63 -43.68 -40.34
N VAL E 444 -20.47 -43.21 -39.10
CA VAL E 444 -20.86 -41.83 -38.75
C VAL E 444 -19.95 -40.82 -39.42
N ILE E 445 -18.65 -41.07 -39.39
CA ILE E 445 -17.67 -40.15 -39.96
C ILE E 445 -17.82 -40.08 -41.49
N ARG E 446 -17.89 -41.23 -42.17
CA ARG E 446 -18.06 -41.27 -43.63
C ARG E 446 -19.34 -40.57 -44.08
N SER E 447 -20.40 -40.67 -43.30
CA SER E 447 -21.63 -39.99 -43.60
C SER E 447 -21.51 -38.46 -43.41
N ALA E 448 -20.66 -38.01 -42.48
CA ALA E 448 -20.46 -36.57 -42.33
C ALA E 448 -19.50 -36.05 -43.40
N CYS E 449 -18.62 -36.89 -43.93
CA CYS E 449 -17.74 -36.53 -45.03
C CYS E 449 -18.48 -36.16 -46.31
N LYS E 450 -19.70 -36.67 -46.50
CA LYS E 450 -20.46 -36.39 -47.72
C LYS E 450 -20.85 -34.92 -47.81
N TRP E 451 -21.24 -34.31 -46.72
CA TRP E 451 -21.57 -32.90 -46.77
C TRP E 451 -20.47 -31.96 -46.26
N SER E 452 -19.42 -32.45 -45.60
CA SER E 452 -18.40 -31.53 -45.10
C SER E 452 -17.15 -31.69 -45.93
N PRO E 453 -16.80 -30.72 -46.76
CA PRO E 453 -15.53 -30.85 -47.52
C PRO E 453 -14.29 -30.84 -46.65
N GLU E 454 -14.31 -30.15 -45.51
CA GLU E 454 -13.15 -30.14 -44.64
C GLU E 454 -12.93 -31.50 -44.01
N LEU E 455 -13.98 -32.11 -43.48
CA LEU E 455 -13.86 -33.45 -42.94
C LEU E 455 -13.50 -34.47 -44.03
N ALA E 456 -14.05 -34.31 -45.23
CA ALA E 456 -13.71 -35.21 -46.34
C ALA E 456 -12.23 -35.12 -46.71
N ALA E 457 -11.65 -33.92 -46.66
CA ALA E 457 -10.22 -33.78 -46.93
C ALA E 457 -9.35 -34.32 -45.79
N ALA E 458 -9.84 -34.28 -44.55
CA ALA E 458 -9.06 -34.85 -43.45
C ALA E 458 -9.06 -36.37 -43.53
N CYS E 459 -10.14 -36.97 -44.01
CA CYS E 459 -10.23 -38.42 -44.11
C CYS E 459 -9.54 -38.96 -45.35
N GLU E 460 -9.21 -38.10 -46.31
CA GLU E 460 -8.37 -38.48 -47.45
C GLU E 460 -6.97 -38.87 -46.99
N VAL E 461 -6.40 -38.10 -46.07
CA VAL E 461 -5.25 -38.50 -45.25
C VAL E 461 -5.49 -39.83 -44.56
N MET F 46 -4.98 -2.10 59.28
CA MET F 46 -5.02 -2.01 57.83
C MET F 46 -3.58 -2.00 57.39
N MET F 47 -3.19 -2.99 56.60
CA MET F 47 -1.80 -3.25 56.24
C MET F 47 -1.62 -2.98 54.74
N VAL F 48 -0.38 -2.81 54.28
CA VAL F 48 -0.07 -2.47 52.88
C VAL F 48 0.73 -3.63 52.27
N TRP F 49 0.18 -4.22 51.20
CA TRP F 49 0.91 -5.24 50.45
C TRP F 49 2.17 -4.62 49.86
N THR F 50 3.31 -5.13 50.21
CA THR F 50 4.53 -4.40 49.86
C THR F 50 4.91 -4.61 48.39
N PRO F 51 5.30 -3.56 47.69
CA PRO F 51 5.86 -3.67 46.33
C PRO F 51 7.35 -3.96 46.29
N VAL F 52 8.05 -3.97 47.43
CA VAL F 52 9.51 -4.08 47.42
C VAL F 52 9.89 -5.53 47.67
N ASN F 53 10.78 -6.06 46.84
CA ASN F 53 11.39 -7.39 47.02
C ASN F 53 10.35 -8.47 47.28
N ASN F 54 9.26 -8.44 46.56
CA ASN F 54 8.12 -9.27 46.89
C ASN F 54 7.70 -10.07 45.65
N LYS F 55 8.67 -10.63 44.96
CA LYS F 55 8.44 -11.44 43.76
C LYS F 55 7.69 -12.77 44.04
N MET F 56 6.82 -13.16 43.12
CA MET F 56 6.04 -14.40 43.22
C MET F 56 6.42 -15.38 42.10
N PHE F 57 6.20 -16.66 42.33
CA PHE F 57 6.64 -17.64 41.34
C PHE F 57 5.57 -18.58 40.85
N GLU F 58 4.40 -17.99 40.63
CA GLU F 58 3.16 -18.63 40.19
C GLU F 58 2.48 -19.53 41.23
N THR F 59 1.98 -20.69 40.82
CA THR F 59 1.19 -21.51 41.73
C THR F 59 1.87 -21.89 43.04
N PHE F 60 1.14 -21.62 44.12
CA PHE F 60 1.48 -21.85 45.56
C PHE F 60 2.43 -20.81 46.18
N SER F 61 2.90 -19.83 45.40
CA SER F 61 3.82 -18.84 45.96
C SER F 61 3.16 -17.88 46.95
N TYR F 62 1.85 -17.86 47.01
CA TYR F 62 1.20 -17.02 48.01
C TYR F 62 0.94 -17.81 49.31
N LEU F 63 1.30 -19.09 49.36
CA LEU F 63 1.23 -19.92 50.57
C LEU F 63 2.59 -19.89 51.26
N PRO F 64 2.68 -20.30 52.54
CA PRO F 64 4.00 -20.57 53.12
C PRO F 64 4.73 -21.63 52.32
N PRO F 65 6.08 -21.64 52.34
CA PRO F 65 6.84 -22.65 51.59
C PRO F 65 6.43 -24.06 52.00
N LEU F 66 6.23 -24.89 51.00
CA LEU F 66 5.68 -26.20 51.27
C LEU F 66 6.72 -27.02 52.01
N SER F 67 6.33 -27.59 53.13
CA SER F 67 7.19 -28.53 53.84
C SER F 67 7.35 -29.81 53.03
N ASP F 68 8.24 -30.68 53.54
CA ASP F 68 8.50 -31.95 52.89
C ASP F 68 7.26 -32.81 52.83
N GLU F 69 6.44 -32.79 53.89
CA GLU F 69 5.16 -33.50 53.87
C GLU F 69 4.19 -32.86 52.89
N GLN F 70 4.22 -31.54 52.75
CA GLN F 70 3.37 -30.89 51.78
C GLN F 70 3.85 -31.18 50.36
N ILE F 71 5.15 -31.28 50.13
CA ILE F 71 5.64 -31.64 48.81
C ILE F 71 5.29 -33.08 48.49
N ALA F 72 5.42 -33.98 49.47
CA ALA F 72 5.12 -35.39 49.30
C ALA F 72 3.65 -35.62 48.97
N ALA F 73 2.76 -34.85 49.58
CA ALA F 73 1.35 -34.96 49.29
C ALA F 73 1.01 -34.45 47.88
N GLN F 74 1.66 -33.38 47.42
CA GLN F 74 1.50 -32.95 46.03
C GLN F 74 2.03 -34.00 45.06
N VAL F 75 3.14 -34.67 45.39
CA VAL F 75 3.69 -35.72 44.54
C VAL F 75 2.73 -36.92 44.47
N ASP F 76 2.08 -37.25 45.59
CA ASP F 76 1.01 -38.23 45.58
C ASP F 76 -0.12 -37.86 44.64
N TYR F 77 -0.48 -36.58 44.57
CA TYR F 77 -1.47 -36.15 43.60
C TYR F 77 -0.97 -36.35 42.18
N ILE F 78 0.30 -36.04 41.92
CA ILE F 78 0.92 -36.24 40.60
C ILE F 78 0.90 -37.73 40.21
N VAL F 79 1.28 -38.60 41.13
CA VAL F 79 1.44 -40.02 40.83
C VAL F 79 0.09 -40.68 40.58
N ALA F 80 -0.90 -40.41 41.43
CA ALA F 80 -2.24 -40.97 41.31
C ALA F 80 -2.88 -40.62 39.98
N ASN F 81 -2.62 -39.44 39.46
CA ASN F 81 -3.15 -39.05 38.18
C ASN F 81 -2.39 -39.63 37.01
N GLY F 82 -1.33 -40.41 37.22
CA GLY F 82 -0.50 -40.85 36.13
C GLY F 82 0.39 -39.79 35.53
N TRP F 83 0.65 -38.72 36.24
CA TRP F 83 1.42 -37.63 35.69
C TRP F 83 2.91 -37.87 35.89
N ILE F 84 3.71 -37.16 35.12
CA ILE F 84 5.15 -37.33 35.17
C ILE F 84 5.76 -36.13 35.86
N PRO F 85 6.30 -36.30 37.07
CA PRO F 85 7.02 -35.21 37.74
C PRO F 85 8.35 -34.92 37.06
N CYS F 86 8.77 -33.67 37.12
CA CYS F 86 10.08 -33.23 36.66
C CYS F 86 10.49 -32.02 37.49
N LEU F 87 11.76 -31.85 37.73
CA LEU F 87 12.24 -30.66 38.44
C LEU F 87 12.90 -29.70 37.46
N GLU F 88 12.78 -28.43 37.74
CA GLU F 88 13.42 -27.36 37.01
C GLU F 88 14.00 -26.32 37.96
N PHE F 89 15.06 -25.68 37.50
CA PHE F 89 15.76 -24.72 38.34
C PHE F 89 16.25 -23.54 37.50
N ALA F 90 16.45 -22.44 38.19
CA ALA F 90 16.96 -21.21 37.63
C ALA F 90 17.70 -20.40 38.70
N GLU F 91 18.68 -19.64 38.25
CA GLU F 91 19.38 -18.70 39.11
C GLU F 91 18.46 -17.47 39.26
N SER F 92 18.69 -16.65 40.28
CA SER F 92 17.77 -15.54 40.54
C SER F 92 17.57 -14.57 39.38
N ASP F 93 18.61 -14.31 38.61
CA ASP F 93 18.53 -13.43 37.45
C ASP F 93 17.78 -14.08 36.26
N LYS F 94 17.48 -15.37 36.36
CA LYS F 94 16.78 -16.07 35.28
C LYS F 94 15.43 -16.57 35.77
N ALA F 95 15.17 -16.42 37.06
CA ALA F 95 13.94 -16.90 37.68
C ALA F 95 12.61 -16.25 37.31
N TYR F 96 12.57 -14.94 37.14
CA TYR F 96 11.29 -14.29 36.81
C TYR F 96 11.21 -13.66 35.41
N VAL F 97 9.99 -13.45 34.92
CA VAL F 97 9.82 -12.96 33.56
C VAL F 97 10.52 -11.63 33.27
N SER F 98 11.11 -11.57 32.08
CA SER F 98 11.84 -10.40 31.62
C SER F 98 11.62 -10.20 30.12
N ASN F 99 11.94 -9.02 29.62
CA ASN F 99 11.77 -8.63 28.21
C ASN F 99 13.04 -8.37 27.43
N GLU F 100 14.21 -8.84 27.84
CA GLU F 100 15.43 -8.30 27.22
C GLU F 100 15.64 -8.72 25.77
N SER F 101 15.21 -9.93 25.36
CA SER F 101 15.33 -10.36 23.96
C SER F 101 14.52 -9.51 22.98
N ALA F 102 13.52 -8.77 23.45
CA ALA F 102 12.64 -7.97 22.60
C ALA F 102 13.36 -6.82 21.91
N ILE F 103 14.58 -6.49 22.33
CA ILE F 103 15.40 -5.52 21.62
C ILE F 103 15.62 -5.93 20.17
N ARG F 104 15.68 -7.25 19.89
CA ARG F 104 15.92 -7.77 18.55
C ARG F 104 14.67 -7.75 17.67
N PHE F 105 13.51 -7.51 18.24
CA PHE F 105 12.26 -7.76 17.56
C PHE F 105 11.73 -6.56 16.79
N GLY F 106 11.00 -6.84 15.73
CA GLY F 106 9.97 -5.97 15.20
C GLY F 106 8.73 -5.84 16.12
N SER F 107 7.52 -5.76 15.62
CA SER F 107 6.38 -5.59 16.53
C SER F 107 5.71 -6.89 16.96
N VAL F 108 6.45 -7.87 17.39
CA VAL F 108 5.90 -9.18 17.69
C VAL F 108 6.20 -9.55 19.14
N SER F 109 6.27 -8.58 20.04
CA SER F 109 6.54 -8.98 21.45
C SER F 109 5.33 -9.58 22.19
N CYS F 110 4.13 -9.51 21.63
CA CYS F 110 2.89 -9.95 22.25
C CYS F 110 2.95 -11.39 22.78
N LEU F 111 2.85 -11.52 24.10
CA LEU F 111 2.97 -12.79 24.84
C LEU F 111 4.34 -13.46 24.71
N TYR F 112 5.33 -12.79 24.19
CA TYR F 112 6.71 -13.22 24.33
C TYR F 112 7.25 -12.74 25.68
N TYR F 113 7.89 -13.63 26.40
CA TYR F 113 8.69 -13.16 27.54
C TYR F 113 9.85 -14.13 27.74
N ASP F 114 10.98 -13.62 28.12
CA ASP F 114 12.11 -14.46 28.44
C ASP F 114 11.96 -14.98 29.88
N ASN F 115 12.65 -16.07 30.19
CA ASN F 115 12.76 -16.77 31.50
C ASN F 115 11.50 -17.56 31.91
N ARG F 116 10.52 -17.76 31.03
CA ARG F 116 9.50 -18.76 31.29
C ARG F 116 10.11 -20.15 31.34
N TYR F 117 10.91 -20.49 30.36
CA TYR F 117 11.70 -21.71 30.41
C TYR F 117 12.72 -21.60 31.56
N TRP F 118 12.74 -22.60 32.41
CA TRP F 118 13.87 -22.82 33.31
C TRP F 118 14.74 -23.98 32.81
N THR F 119 15.73 -24.38 33.58
CA THR F 119 16.62 -25.47 33.17
C THR F 119 16.20 -26.79 33.84
N MET F 120 16.05 -27.83 33.06
CA MET F 120 15.64 -29.14 33.56
C MET F 120 16.71 -29.82 34.45
N TRP F 121 16.27 -30.42 35.55
CA TRP F 121 17.20 -31.13 36.41
C TRP F 121 17.03 -32.58 35.99
N LYS F 122 18.08 -33.15 35.43
CA LYS F 122 18.08 -34.53 34.95
C LYS F 122 16.95 -34.74 33.95
N LEU F 123 16.16 -35.78 34.16
CA LEU F 123 15.08 -36.06 33.23
C LEU F 123 13.72 -36.23 33.90
N PRO F 124 12.64 -36.06 33.12
CA PRO F 124 11.32 -36.36 33.64
C PRO F 124 11.32 -37.77 34.17
N MET F 125 10.75 -37.93 35.34
CA MET F 125 10.83 -39.17 36.09
C MET F 125 9.74 -40.10 35.62
N PHE F 126 10.00 -40.71 34.46
CA PHE F 126 9.05 -41.64 33.86
C PHE F 126 8.92 -42.85 34.77
N GLY F 127 7.69 -43.23 35.05
CA GLY F 127 7.39 -44.35 35.93
C GLY F 127 7.53 -44.06 37.40
N CYS F 128 7.60 -42.79 37.79
CA CYS F 128 7.63 -42.44 39.19
C CYS F 128 6.34 -42.82 39.87
N ARG F 129 6.47 -43.64 40.90
CA ARG F 129 5.37 -44.11 41.70
C ARG F 129 5.54 -43.73 43.16
N ASP F 130 6.76 -43.61 43.64
CA ASP F 130 7.00 -43.32 45.02
C ASP F 130 7.47 -41.89 45.20
N PRO F 131 6.92 -41.15 46.18
CA PRO F 131 7.28 -39.75 46.32
C PRO F 131 8.66 -39.49 46.90
N MET F 132 9.37 -40.50 47.36
CA MET F 132 10.63 -40.27 48.04
C MET F 132 11.75 -40.04 47.03
N GLN F 133 11.55 -40.47 45.80
CA GLN F 133 12.49 -40.17 44.72
C GLN F 133 12.50 -38.69 44.37
N VAL F 134 11.32 -38.06 44.32
CA VAL F 134 11.26 -36.63 44.03
C VAL F 134 11.88 -35.85 45.17
N LEU F 135 11.61 -36.26 46.41
CA LEU F 135 12.18 -35.58 47.57
C LEU F 135 13.68 -35.71 47.63
N ARG F 136 14.21 -36.86 47.21
CA ARG F 136 15.66 -37.03 47.10
C ARG F 136 16.24 -36.16 45.97
N GLU F 137 15.54 -36.11 44.83
CA GLU F 137 16.00 -35.27 43.73
C GLU F 137 15.93 -33.79 44.05
N ILE F 138 14.96 -33.38 44.86
CA ILE F 138 14.89 -31.98 45.30
C ILE F 138 16.10 -31.63 46.13
N VAL F 139 16.46 -32.50 47.08
CA VAL F 139 17.66 -32.30 47.89
C VAL F 139 18.92 -32.28 47.02
N ALA F 140 19.03 -33.19 46.06
CA ALA F 140 20.21 -33.22 45.19
C ALA F 140 20.34 -31.95 44.34
N CYS F 141 19.24 -31.45 43.79
CA CYS F 141 19.29 -30.23 42.99
C CYS F 141 19.70 -29.03 43.82
N THR F 142 19.13 -28.89 45.01
CA THR F 142 19.46 -27.75 45.87
C THR F 142 20.87 -27.85 46.41
N LYS F 143 21.37 -29.06 46.59
CA LYS F 143 22.76 -29.24 46.99
C LYS F 143 23.71 -28.83 45.88
N ALA F 144 23.42 -29.23 44.63
CA ALA F 144 24.24 -28.80 43.50
C ALA F 144 24.06 -27.31 43.20
N PHE F 145 22.90 -26.77 43.46
CA PHE F 145 22.62 -25.39 43.08
C PHE F 145 22.02 -24.63 44.25
N PRO F 146 22.85 -24.17 45.20
CA PRO F 146 22.31 -23.55 46.41
C PRO F 146 21.74 -22.16 46.18
N ASP F 147 22.19 -21.46 45.16
CA ASP F 147 21.66 -20.14 44.85
C ASP F 147 20.47 -20.17 43.88
N ALA F 148 19.87 -21.33 43.62
CA ALA F 148 18.84 -21.50 42.60
C ALA F 148 17.45 -21.68 43.19
N TYR F 149 16.47 -21.04 42.59
CA TYR F 149 15.08 -21.46 42.77
C TYR F 149 14.87 -22.84 42.13
N VAL F 150 14.02 -23.68 42.70
CA VAL F 150 13.73 -25.01 42.17
C VAL F 150 12.22 -25.18 42.08
N ARG F 151 11.73 -25.57 40.94
CA ARG F 151 10.31 -25.78 40.78
C ARG F 151 10.03 -27.22 40.38
N LEU F 152 8.92 -27.71 40.84
CA LEU F 152 8.45 -29.04 40.52
C LEU F 152 7.34 -28.95 39.50
N VAL F 153 7.54 -29.58 38.37
CA VAL F 153 6.53 -29.50 37.34
C VAL F 153 5.97 -30.90 37.14
N ALA F 154 4.89 -30.98 36.41
CA ALA F 154 4.30 -32.26 36.09
C ALA F 154 3.69 -32.21 34.70
N PHE F 155 3.83 -33.30 33.99
CA PHE F 155 3.40 -33.43 32.61
C PHE F 155 2.33 -34.52 32.54
N ASP F 156 1.29 -34.28 31.77
CA ASP F 156 0.25 -35.25 31.55
C ASP F 156 0.38 -35.77 30.13
N ASN F 157 0.80 -37.02 30.01
CA ASN F 157 1.11 -37.58 28.70
C ASN F 157 -0.16 -37.89 27.92
N GLN F 158 -1.31 -37.95 28.59
CA GLN F 158 -2.57 -38.01 27.87
C GLN F 158 -2.82 -36.74 27.09
N LYS F 159 -2.92 -35.62 27.76
CA LYS F 159 -3.20 -34.36 27.12
C LYS F 159 -1.93 -33.75 26.51
N GLN F 160 -0.76 -34.41 26.66
CA GLN F 160 0.55 -34.00 26.13
C GLN F 160 0.89 -32.53 26.39
N VAL F 161 0.96 -32.16 27.66
CA VAL F 161 1.10 -30.77 28.08
C VAL F 161 1.56 -30.74 29.54
N GLN F 162 2.40 -29.77 29.87
CA GLN F 162 2.63 -29.42 31.27
C GLN F 162 1.34 -29.12 31.99
N ILE F 163 1.16 -29.71 33.15
CA ILE F 163 -0.10 -29.61 33.88
C ILE F 163 0.08 -29.09 35.30
N MET F 164 1.28 -29.14 35.87
CA MET F 164 1.56 -28.47 37.13
C MET F 164 2.88 -27.74 37.07
N GLY F 165 3.04 -26.83 38.00
CA GLY F 165 4.29 -26.17 38.26
C GLY F 165 4.16 -25.28 39.47
N PHE F 166 4.91 -25.60 40.50
CA PHE F 166 4.92 -24.87 41.75
C PHE F 166 6.31 -24.98 42.30
N LEU F 167 6.64 -24.03 43.11
CA LEU F 167 7.98 -23.85 43.61
C LEU F 167 8.21 -24.71 44.85
N VAL F 168 9.37 -25.34 44.93
CA VAL F 168 9.72 -26.12 46.11
C VAL F 168 10.91 -25.55 46.85
N GLN F 169 11.65 -24.63 46.28
CA GLN F 169 12.79 -24.10 46.99
C GLN F 169 13.12 -22.71 46.51
N ARG F 170 13.29 -21.83 47.46
CA ARG F 170 13.82 -20.51 47.25
C ARG F 170 15.26 -20.48 47.78
N PRO F 171 16.16 -19.81 47.11
CA PRO F 171 17.50 -19.66 47.69
C PRO F 171 17.48 -18.60 48.78
N LYS F 172 18.16 -18.93 49.88
CA LYS F 172 18.38 -18.00 50.99
C LYS F 172 19.03 -16.71 50.53
N SER F 173 19.98 -16.79 49.60
CA SER F 173 20.69 -15.62 49.14
C SER F 173 19.85 -14.73 48.22
N ALA F 174 18.67 -15.19 47.80
CA ALA F 174 17.79 -14.32 47.03
C ALA F 174 17.14 -13.28 47.93
N ARG F 175 17.38 -12.03 47.61
CA ARG F 175 16.65 -10.97 48.28
C ARG F 175 15.37 -10.56 47.55
N ASP F 176 15.09 -11.14 46.39
CA ASP F 176 13.95 -10.79 45.54
C ASP F 176 12.58 -11.07 46.14
N TRP F 177 12.49 -11.87 47.19
CA TRP F 177 11.21 -12.39 47.66
C TRP F 177 11.01 -12.20 49.16
N GLN F 178 9.80 -12.26 49.60
CA GLN F 178 9.57 -11.95 51.01
C GLN F 178 9.16 -13.17 51.78
N PRO F 179 9.70 -13.32 53.02
CA PRO F 179 9.46 -14.51 53.85
C PRO F 179 8.13 -14.50 54.59
N ALA F 180 7.05 -14.24 53.86
CA ALA F 180 5.66 -14.35 54.32
C ALA F 180 5.34 -13.47 55.52
N ASN F 181 6.14 -12.41 55.69
CA ASN F 181 5.87 -11.18 56.44
C ASN F 181 5.94 -10.01 55.46
N LYS F 182 5.14 -10.14 54.39
CA LYS F 182 5.00 -9.33 53.20
C LYS F 182 3.77 -8.40 53.19
N ARG F 183 2.96 -8.45 54.24
CA ARG F 183 2.05 -7.40 54.71
C ARG F 183 1.09 -6.84 53.69
N LYS G 18 9.92 -35.42 -35.30
CA LYS G 18 9.76 -36.27 -34.14
C LYS G 18 10.46 -37.64 -34.28
N ASP G 19 11.68 -37.74 -33.72
CA ASP G 19 12.47 -38.97 -33.71
C ASP G 19 12.72 -39.47 -35.14
N TYR G 20 13.49 -38.69 -35.90
CA TYR G 20 13.82 -39.08 -37.27
C TYR G 20 15.10 -39.89 -37.29
N ARG G 21 15.90 -39.75 -36.23
CA ARG G 21 17.21 -40.30 -35.91
C ARG G 21 18.32 -39.61 -36.69
N LEU G 22 18.03 -38.93 -37.79
CA LEU G 22 19.14 -38.26 -38.47
C LEU G 22 19.02 -36.77 -38.23
N THR G 23 17.84 -36.34 -37.85
CA THR G 23 17.69 -34.96 -37.44
C THR G 23 18.24 -34.76 -36.04
N TYR G 24 17.98 -35.70 -35.13
CA TYR G 24 18.14 -35.42 -33.70
C TYR G 24 19.36 -36.08 -33.13
N TYR G 25 19.78 -37.17 -33.73
CA TYR G 25 21.01 -37.83 -33.36
C TYR G 25 22.08 -37.31 -34.30
N THR G 26 22.91 -36.42 -33.80
CA THR G 26 23.90 -35.70 -34.58
C THR G 26 25.26 -35.92 -33.93
N PRO G 27 25.88 -37.07 -34.17
CA PRO G 27 27.06 -37.42 -33.38
C PRO G 27 28.31 -36.63 -33.69
N ASP G 28 28.29 -35.76 -34.70
CA ASP G 28 29.41 -34.89 -34.96
C ASP G 28 29.15 -33.43 -34.51
N TYR G 29 28.05 -33.16 -33.81
CA TYR G 29 27.76 -31.85 -33.23
C TYR G 29 28.86 -31.44 -32.25
N VAL G 30 29.32 -30.22 -32.36
CA VAL G 30 30.22 -29.66 -31.35
C VAL G 30 29.42 -28.93 -30.28
N VAL G 31 29.63 -29.33 -29.04
CA VAL G 31 28.96 -28.77 -27.89
C VAL G 31 29.40 -27.32 -27.70
N ARG G 32 28.44 -26.43 -27.68
CA ARG G 32 28.67 -25.02 -27.37
C ARG G 32 28.85 -24.79 -25.87
N ASP G 33 29.48 -23.67 -25.51
CA ASP G 33 29.71 -23.35 -24.12
C ASP G 33 28.43 -22.96 -23.39
N THR G 34 27.49 -22.40 -24.09
CA THR G 34 26.25 -21.96 -23.49
C THR G 34 25.19 -23.05 -23.45
N ASP G 35 25.41 -24.20 -24.08
CA ASP G 35 24.46 -25.30 -24.04
C ASP G 35 24.31 -25.89 -22.65
N ILE G 36 23.12 -26.31 -22.36
CA ILE G 36 22.79 -27.16 -21.25
C ILE G 36 22.91 -28.62 -21.68
N LEU G 37 23.68 -29.40 -20.98
CA LEU G 37 23.86 -30.78 -21.37
C LEU G 37 23.12 -31.68 -20.41
N ALA G 38 22.64 -32.77 -20.89
CA ALA G 38 21.97 -33.78 -20.07
C ALA G 38 22.56 -35.14 -20.39
N ALA G 39 22.74 -35.96 -19.36
CA ALA G 39 23.08 -37.36 -19.54
C ALA G 39 21.93 -38.24 -19.03
N PHE G 40 21.27 -38.88 -19.95
CA PHE G 40 20.22 -39.84 -19.68
C PHE G 40 20.68 -41.30 -19.72
N ARG G 41 20.56 -41.99 -18.60
CA ARG G 41 20.60 -43.46 -18.61
C ARG G 41 19.28 -44.00 -19.14
N MET G 42 19.37 -44.73 -20.20
CA MET G 42 18.28 -45.02 -21.11
C MET G 42 18.11 -46.53 -21.26
N THR G 43 16.90 -47.02 -21.12
CA THR G 43 16.59 -48.44 -21.31
C THR G 43 15.58 -48.62 -22.41
N PRO G 44 16.04 -48.85 -23.65
CA PRO G 44 15.13 -48.98 -24.79
C PRO G 44 14.26 -50.23 -24.71
N GLN G 45 13.07 -50.12 -25.29
CA GLN G 45 12.26 -51.30 -25.51
C GLN G 45 13.00 -52.26 -26.44
N PRO G 46 12.85 -53.57 -26.21
CA PRO G 46 13.63 -54.55 -26.98
C PRO G 46 13.31 -54.51 -28.45
N GLY G 47 14.36 -54.44 -29.25
CA GLY G 47 14.25 -54.20 -30.67
C GLY G 47 14.35 -52.77 -31.12
N VAL G 48 14.35 -51.79 -30.21
CA VAL G 48 14.45 -50.38 -30.56
C VAL G 48 15.91 -49.99 -30.45
N PRO G 49 16.53 -49.49 -31.52
CA PRO G 49 17.97 -49.27 -31.47
C PRO G 49 18.30 -48.06 -30.63
N PRO G 50 19.52 -47.98 -30.08
CA PRO G 50 19.86 -46.87 -29.16
C PRO G 50 19.83 -45.51 -29.78
N GLU G 51 20.12 -45.42 -31.08
CA GLU G 51 20.17 -44.14 -31.76
C GLU G 51 18.79 -43.58 -31.96
N GLU G 52 17.81 -44.46 -32.14
CA GLU G 52 16.43 -44.02 -32.21
C GLU G 52 15.93 -43.52 -30.86
N CYS G 53 16.36 -44.14 -29.77
CA CYS G 53 15.90 -43.72 -28.45
C CYS G 53 16.53 -42.41 -28.03
N GLY G 54 17.85 -42.27 -28.21
CA GLY G 54 18.53 -41.03 -27.91
C GLY G 54 17.97 -39.85 -28.67
N ALA G 55 17.64 -40.07 -29.95
CA ALA G 55 17.01 -39.06 -30.78
C ALA G 55 15.62 -38.68 -30.30
N ALA G 56 14.82 -39.67 -29.90
CA ALA G 56 13.50 -39.44 -29.34
C ALA G 56 13.55 -38.61 -28.04
N VAL G 57 14.51 -38.88 -27.16
CA VAL G 57 14.68 -38.08 -25.95
C VAL G 57 15.11 -36.67 -26.30
N ALA G 58 16.01 -36.53 -27.29
CA ALA G 58 16.40 -35.21 -27.80
C ALA G 58 15.19 -34.45 -28.33
N ALA G 59 14.31 -35.15 -29.05
CA ALA G 59 13.24 -34.49 -29.77
C ALA G 59 12.04 -34.08 -28.87
N GLU G 60 11.75 -34.81 -27.79
CA GLU G 60 10.50 -34.69 -26.99
C GLU G 60 9.29 -34.59 -27.92
N SER G 61 9.10 -35.63 -28.71
CA SER G 61 8.06 -35.72 -29.72
C SER G 61 6.69 -35.43 -29.11
N SER G 62 5.79 -34.85 -29.90
CA SER G 62 4.52 -34.47 -29.31
C SER G 62 3.57 -35.68 -29.25
N THR G 63 4.05 -36.84 -29.71
CA THR G 63 3.40 -38.12 -29.55
C THR G 63 4.31 -39.08 -28.75
N GLY G 64 3.81 -39.47 -27.57
CA GLY G 64 4.61 -40.24 -26.63
C GLY G 64 4.16 -41.69 -26.60
N THR G 65 2.95 -41.94 -27.06
CA THR G 65 2.42 -43.29 -27.16
C THR G 65 2.64 -43.94 -28.56
N TRP G 66 2.79 -43.11 -29.59
CA TRP G 66 3.01 -43.60 -30.95
C TRP G 66 4.37 -44.23 -31.23
N THR G 67 5.41 -43.56 -30.71
CA THR G 67 6.83 -43.90 -30.87
C THR G 67 7.34 -43.75 -32.32
N THR G 68 6.67 -42.91 -33.11
CA THR G 68 7.06 -42.67 -34.50
C THR G 68 6.78 -41.23 -34.98
N VAL G 69 7.50 -40.78 -35.99
CA VAL G 69 7.29 -39.47 -36.54
C VAL G 69 5.89 -39.43 -37.16
N TRP G 70 5.19 -38.31 -36.98
CA TRP G 70 3.84 -38.17 -37.51
C TRP G 70 3.68 -36.81 -38.17
N THR G 71 3.78 -35.74 -37.37
CA THR G 71 3.77 -34.35 -37.83
C THR G 71 5.20 -33.82 -37.70
N ASP G 72 5.89 -33.66 -38.82
CA ASP G 72 7.30 -33.29 -38.83
C ASP G 72 7.51 -32.01 -39.61
N GLY G 73 8.24 -31.08 -38.99
CA GLY G 73 8.67 -29.78 -39.50
C GLY G 73 8.14 -28.56 -38.73
N LEU G 74 8.90 -28.08 -37.75
CA LEU G 74 8.44 -27.04 -36.84
C LEU G 74 9.45 -25.90 -36.74
N THR G 75 9.03 -24.81 -36.13
CA THR G 75 10.02 -23.85 -35.63
C THR G 75 10.26 -24.02 -34.14
N SER G 76 9.53 -24.95 -33.49
CA SER G 76 10.01 -25.40 -32.20
C SER G 76 10.99 -26.54 -32.34
N LEU G 77 11.06 -27.21 -33.50
CA LEU G 77 11.99 -28.31 -33.76
C LEU G 77 13.02 -28.02 -34.86
N ASP G 78 13.44 -26.77 -35.08
CA ASP G 78 14.50 -26.53 -36.06
C ASP G 78 15.76 -25.93 -35.40
N ARG G 79 15.59 -24.95 -34.49
CA ARG G 79 16.71 -24.25 -33.85
C ARG G 79 16.57 -24.32 -32.33
N TYR G 80 15.42 -24.78 -31.86
CA TYR G 80 15.19 -24.89 -30.43
C TYR G 80 15.15 -26.36 -30.03
N LYS G 81 15.89 -27.15 -30.80
CA LYS G 81 15.96 -28.58 -30.58
C LYS G 81 17.17 -29.07 -29.80
N GLY G 82 16.90 -29.93 -28.81
CA GLY G 82 17.97 -30.60 -28.09
C GLY G 82 18.50 -31.64 -29.07
N ARG G 83 19.81 -31.86 -29.12
CA ARG G 83 20.38 -32.85 -30.04
C ARG G 83 21.10 -33.97 -29.30
N CYS G 84 20.87 -35.21 -29.69
CA CYS G 84 21.59 -36.27 -29.03
C CYS G 84 22.95 -36.41 -29.70
N TYR G 85 24.00 -35.98 -29.03
CA TYR G 85 25.29 -35.90 -29.70
C TYR G 85 26.23 -37.06 -29.40
N ASP G 86 25.84 -38.01 -28.56
CA ASP G 86 26.68 -39.12 -28.13
C ASP G 86 25.82 -40.15 -27.42
N ILE G 87 26.00 -41.41 -27.78
CA ILE G 87 25.41 -42.54 -27.07
C ILE G 87 26.53 -43.51 -26.71
N GLU G 88 26.65 -43.84 -25.42
CA GLU G 88 27.63 -44.80 -24.94
C GLU G 88 26.95 -45.97 -24.26
N PRO G 89 27.50 -47.19 -24.41
CA PRO G 89 27.03 -48.32 -23.61
C PRO G 89 27.43 -48.21 -22.15
N VAL G 90 26.63 -48.82 -21.30
CA VAL G 90 26.89 -48.86 -19.87
C VAL G 90 27.60 -50.18 -19.58
N PRO G 91 28.78 -50.17 -18.96
CA PRO G 91 29.56 -51.41 -18.81
C PRO G 91 28.95 -52.35 -17.78
N GLY G 92 28.79 -53.60 -18.18
CA GLY G 92 28.16 -54.58 -17.31
C GLY G 92 26.68 -54.70 -17.51
N GLU G 93 26.07 -53.77 -18.22
CA GLU G 93 24.65 -53.79 -18.53
C GLU G 93 24.54 -54.18 -19.99
N ASP G 94 23.39 -54.70 -20.38
CA ASP G 94 23.25 -55.21 -21.73
C ASP G 94 22.26 -54.38 -22.54
N ASN G 95 21.32 -53.73 -21.88
CA ASN G 95 20.33 -52.95 -22.57
C ASN G 95 20.25 -51.50 -22.05
N GLN G 96 21.33 -50.97 -21.49
CA GLN G 96 21.34 -49.60 -20.98
C GLN G 96 22.42 -48.78 -21.67
N TYR G 97 22.07 -47.53 -21.99
CA TYR G 97 22.96 -46.60 -22.66
C TYR G 97 22.90 -45.24 -21.96
N ILE G 98 24.01 -44.52 -21.99
CA ILE G 98 24.01 -43.11 -21.64
C ILE G 98 23.83 -42.31 -22.92
N ALA G 99 22.74 -41.58 -23.03
CA ALA G 99 22.55 -40.63 -24.12
C ALA G 99 22.80 -39.20 -23.62
N TYR G 100 23.68 -38.49 -24.32
CA TYR G 100 24.05 -37.10 -24.07
C TYR G 100 23.27 -36.15 -24.94
N VAL G 101 22.55 -35.23 -24.34
CA VAL G 101 21.71 -34.32 -25.10
C VAL G 101 22.13 -32.90 -24.83
N ALA G 102 22.33 -32.15 -25.87
CA ALA G 102 22.60 -30.73 -25.77
C ALA G 102 21.32 -29.94 -26.01
N TYR G 103 21.07 -28.95 -25.18
CA TYR G 103 19.94 -28.05 -25.33
C TYR G 103 20.45 -26.61 -25.49
N PRO G 104 20.00 -25.86 -26.48
CA PRO G 104 20.45 -24.47 -26.59
C PRO G 104 19.86 -23.61 -25.45
N ILE G 105 20.66 -22.68 -24.95
CA ILE G 105 20.34 -21.87 -23.80
C ILE G 105 19.10 -21.01 -24.06
N ASP G 106 18.81 -20.67 -25.31
CA ASP G 106 17.60 -19.99 -25.70
C ASP G 106 16.31 -20.71 -25.34
N LEU G 107 16.35 -22.01 -25.09
CA LEU G 107 15.19 -22.75 -24.66
C LEU G 107 14.71 -22.36 -23.26
N PHE G 108 15.53 -21.77 -22.43
CA PHE G 108 15.27 -21.78 -21.01
C PHE G 108 14.91 -20.37 -20.49
N GLU G 109 13.94 -20.29 -19.60
CA GLU G 109 13.66 -19.03 -18.92
C GLU G 109 14.75 -18.71 -17.89
N GLU G 110 15.38 -17.54 -18.04
CA GLU G 110 16.48 -17.10 -17.17
C GLU G 110 16.07 -17.13 -15.70
N GLY G 111 16.78 -17.88 -14.90
CA GLY G 111 16.51 -17.85 -13.47
C GLY G 111 15.36 -18.73 -13.03
N SER G 112 14.90 -19.66 -13.83
CA SER G 112 13.71 -20.43 -13.46
C SER G 112 14.06 -21.92 -13.47
N VAL G 113 14.40 -22.47 -12.31
CA VAL G 113 14.59 -23.91 -12.20
C VAL G 113 13.35 -24.64 -12.66
N THR G 114 12.15 -24.14 -12.27
CA THR G 114 10.87 -24.72 -12.71
C THR G 114 10.85 -24.94 -14.23
N ASN G 115 11.31 -23.97 -14.98
CA ASN G 115 11.18 -24.03 -16.42
C ASN G 115 12.27 -24.94 -17.01
N MET G 116 13.40 -25.09 -16.35
CA MET G 116 14.41 -26.00 -16.87
C MET G 116 13.99 -27.47 -16.72
N PHE G 117 13.40 -27.83 -15.58
CA PHE G 117 12.84 -29.16 -15.46
C PHE G 117 11.67 -29.37 -16.37
N THR G 118 10.84 -28.36 -16.61
CA THR G 118 9.75 -28.54 -17.56
C THR G 118 10.30 -28.82 -18.97
N SER G 119 11.35 -28.12 -19.35
CA SER G 119 11.92 -28.30 -20.68
C SER G 119 12.64 -29.64 -20.82
N ILE G 120 13.35 -30.08 -19.79
CA ILE G 120 14.17 -31.28 -19.90
C ILE G 120 13.40 -32.56 -19.50
N VAL G 121 12.73 -32.57 -18.37
CA VAL G 121 12.08 -33.78 -17.88
C VAL G 121 10.57 -33.72 -17.99
N GLY G 122 10.03 -32.73 -18.71
CA GLY G 122 8.59 -32.52 -18.73
C GLY G 122 7.80 -33.68 -19.30
N ASN G 123 8.28 -34.26 -20.39
CA ASN G 123 7.54 -35.26 -21.14
C ASN G 123 8.26 -36.59 -21.46
N VAL G 124 9.58 -36.63 -21.61
CA VAL G 124 10.24 -37.81 -22.21
C VAL G 124 10.20 -39.06 -21.33
N PHE G 125 9.82 -38.94 -20.04
CA PHE G 125 9.92 -40.13 -19.21
C PHE G 125 8.75 -41.07 -19.49
N GLY G 126 7.70 -40.61 -20.14
CA GLY G 126 6.62 -41.41 -20.63
C GLY G 126 6.75 -41.99 -22.03
N PHE G 127 7.87 -41.82 -22.71
CA PHE G 127 7.92 -42.16 -24.13
C PHE G 127 7.92 -43.67 -24.29
N LYS G 128 7.09 -44.19 -25.19
CA LYS G 128 6.85 -45.63 -25.21
C LYS G 128 8.03 -46.42 -25.77
N ALA G 129 8.90 -45.80 -26.54
CA ALA G 129 10.08 -46.46 -27.08
C ALA G 129 11.10 -46.79 -26.00
N LEU G 130 10.98 -46.16 -24.84
CA LEU G 130 11.82 -46.38 -23.69
C LEU G 130 11.07 -47.30 -22.76
N ARG G 131 11.75 -48.22 -22.15
CA ARG G 131 11.20 -48.95 -21.03
C ARG G 131 11.45 -48.21 -19.71
N ALA G 132 12.64 -47.65 -19.55
CA ALA G 132 13.01 -46.88 -18.36
C ALA G 132 13.96 -45.75 -18.78
N LEU G 133 13.97 -44.69 -18.00
CA LEU G 133 14.77 -43.52 -18.31
C LEU G 133 15.16 -42.86 -17.01
N ARG G 134 16.45 -42.69 -16.78
CA ARG G 134 16.95 -41.96 -15.63
C ARG G 134 17.85 -40.81 -16.08
N LEU G 135 17.60 -39.63 -15.53
CA LEU G 135 18.43 -38.42 -15.73
C LEU G 135 19.54 -38.36 -14.67
N GLU G 136 20.76 -38.59 -15.13
CA GLU G 136 21.91 -38.77 -14.27
C GLU G 136 22.57 -37.45 -13.90
N ASP G 137 22.73 -36.55 -14.85
CA ASP G 137 23.56 -35.37 -14.64
C ASP G 137 23.16 -34.27 -15.61
N LEU G 138 23.49 -33.07 -15.25
CA LEU G 138 23.27 -31.93 -16.10
C LEU G 138 24.50 -31.05 -16.08
N ARG G 139 24.85 -30.53 -17.20
CA ARG G 139 25.88 -29.51 -17.28
C ARG G 139 25.14 -28.17 -17.37
N ILE G 140 25.24 -27.38 -16.33
CA ILE G 140 24.64 -26.05 -16.31
C ILE G 140 25.72 -25.07 -16.74
N PRO G 141 25.59 -24.41 -17.87
CA PRO G 141 26.65 -23.52 -18.37
C PRO G 141 26.71 -22.24 -17.55
N PRO G 142 27.92 -21.64 -17.45
CA PRO G 142 28.07 -20.30 -16.87
C PRO G 142 27.07 -19.26 -17.35
N ALA G 143 26.68 -19.27 -18.60
CA ALA G 143 25.72 -18.28 -19.06
C ALA G 143 24.33 -18.50 -18.44
N TYR G 144 23.95 -19.74 -18.13
CA TYR G 144 22.69 -19.96 -17.46
C TYR G 144 22.80 -19.78 -15.94
N VAL G 145 23.89 -20.30 -15.34
CA VAL G 145 24.17 -20.15 -13.91
C VAL G 145 24.04 -18.71 -13.44
N LYS G 146 24.53 -17.73 -14.23
CA LYS G 146 24.55 -16.34 -13.78
C LYS G 146 23.16 -15.69 -13.81
N THR G 147 22.15 -16.31 -14.43
CA THR G 147 20.81 -15.76 -14.35
C THR G 147 20.10 -16.01 -13.00
N PHE G 148 20.66 -16.82 -12.12
CA PHE G 148 20.00 -17.24 -10.88
C PHE G 148 20.51 -16.40 -9.72
N VAL G 149 19.60 -16.04 -8.84
CA VAL G 149 20.03 -15.46 -7.58
C VAL G 149 20.86 -16.46 -6.79
N GLY G 150 20.41 -17.71 -6.74
CA GLY G 150 21.09 -18.73 -5.98
C GLY G 150 20.94 -18.66 -4.46
N PRO G 151 21.80 -19.39 -3.75
CA PRO G 151 21.70 -19.49 -2.29
C PRO G 151 21.76 -18.13 -1.62
N PRO G 152 20.94 -17.89 -0.59
CA PRO G 152 20.92 -16.58 0.04
C PRO G 152 22.26 -16.19 0.59
N HIS G 153 23.01 -17.09 1.20
CA HIS G 153 24.32 -16.81 1.77
C HIS G 153 25.43 -17.76 1.29
N GLY G 154 25.20 -19.04 1.31
CA GLY G 154 26.25 -19.98 1.01
C GLY G 154 27.17 -20.15 2.22
N ILE G 155 27.94 -21.23 2.12
CA ILE G 155 28.73 -21.78 3.22
C ILE G 155 29.61 -20.71 3.90
N GLN G 156 30.41 -20.00 3.15
CA GLN G 156 31.33 -18.98 3.67
C GLN G 156 30.61 -17.90 4.48
N VAL G 157 29.63 -17.25 3.85
CA VAL G 157 28.90 -16.17 4.49
C VAL G 157 28.26 -16.70 5.74
N GLU G 158 27.71 -17.92 5.66
CA GLU G 158 27.08 -18.56 6.80
C GLU G 158 28.05 -18.72 7.99
N ARG G 159 29.25 -19.23 7.72
CA ARG G 159 30.28 -19.32 8.77
C ARG G 159 30.64 -17.96 9.33
N ASP G 160 30.76 -16.92 8.49
CA ASP G 160 31.03 -15.60 9.00
C ASP G 160 29.86 -15.09 9.86
N LYS G 161 28.63 -15.34 9.43
CA LYS G 161 27.51 -14.81 10.19
C LYS G 161 27.32 -15.60 11.48
N LEU G 162 27.60 -16.89 11.44
CA LEU G 162 27.48 -17.70 12.65
C LEU G 162 28.72 -17.64 13.53
N ASN G 163 29.83 -17.07 13.08
CA ASN G 163 31.12 -17.01 13.81
C ASN G 163 31.65 -18.39 14.19
N LYS G 164 31.61 -19.35 13.27
CA LYS G 164 31.89 -20.75 13.58
C LYS G 164 32.80 -21.33 12.51
N TYR G 165 34.03 -21.64 12.87
CA TYR G 165 35.10 -21.97 11.93
C TYR G 165 35.82 -23.23 12.36
N GLY G 166 36.27 -23.99 11.38
CA GLY G 166 37.22 -25.09 11.57
C GLY G 166 36.68 -26.40 12.10
N ARG G 167 35.38 -26.63 12.04
CA ARG G 167 34.71 -27.88 12.40
C ARG G 167 33.37 -27.95 11.67
N GLY G 168 32.79 -29.14 11.61
CA GLY G 168 31.38 -29.25 11.23
C GLY G 168 30.43 -28.55 12.18
N LEU G 169 29.25 -28.24 11.70
CA LEU G 169 28.16 -27.76 12.55
C LEU G 169 27.39 -28.96 13.05
N LEU G 170 26.75 -28.83 14.20
CA LEU G 170 26.06 -29.95 14.79
C LEU G 170 24.58 -29.65 14.96
N GLY G 171 23.76 -30.51 14.42
CA GLY G 171 22.34 -30.41 14.61
C GLY G 171 21.74 -31.65 15.23
N CYS G 172 20.45 -31.55 15.55
CA CYS G 172 19.63 -32.68 15.94
C CYS G 172 18.16 -32.40 15.66
N THR G 173 17.40 -33.43 15.32
CA THR G 173 15.95 -33.27 15.15
C THR G 173 15.27 -33.39 16.52
N ILE G 174 14.31 -32.53 16.77
CA ILE G 174 13.56 -32.51 18.03
C ILE G 174 12.39 -33.47 17.89
N LYS G 175 12.39 -34.52 18.69
CA LYS G 175 11.25 -35.40 18.89
C LYS G 175 10.92 -35.46 20.39
N PRO G 176 10.07 -34.57 20.90
CA PRO G 176 9.92 -34.46 22.38
C PRO G 176 9.31 -35.70 23.00
N LYS G 177 9.77 -35.99 24.19
CA LYS G 177 9.26 -37.12 24.92
C LYS G 177 7.90 -36.81 25.53
N LEU G 178 7.54 -35.53 25.75
CA LEU G 178 6.43 -35.20 26.67
C LEU G 178 5.17 -34.70 25.95
N GLY G 179 5.29 -34.23 24.73
CA GLY G 179 4.16 -33.75 23.95
C GLY G 179 4.64 -33.14 22.67
N LEU G 180 3.75 -32.95 21.71
CA LEU G 180 4.15 -32.16 20.57
C LEU G 180 3.70 -30.72 20.66
N SER G 181 3.33 -30.26 21.83
CA SER G 181 2.92 -28.87 21.98
C SER G 181 4.10 -27.94 21.70
N ALA G 182 3.77 -26.69 21.38
CA ALA G 182 4.79 -25.73 21.00
C ALA G 182 5.73 -25.43 22.15
N LYS G 183 5.18 -25.33 23.35
CA LYS G 183 5.94 -25.07 24.56
C LYS G 183 6.92 -26.20 24.90
N ASN G 184 6.45 -27.45 24.82
CA ASN G 184 7.34 -28.60 25.02
C ASN G 184 8.32 -28.76 23.89
N TYR G 185 7.92 -28.38 22.70
CA TYR G 185 8.82 -28.40 21.59
C TYR G 185 9.99 -27.45 21.89
N GLY G 186 9.66 -26.24 22.34
CA GLY G 186 10.67 -25.24 22.66
C GLY G 186 11.56 -25.61 23.84
N ARG G 187 11.03 -26.31 24.85
CA ARG G 187 11.83 -26.81 25.98
C ARG G 187 12.93 -27.74 25.50
N ALA G 188 12.55 -28.68 24.63
CA ALA G 188 13.51 -29.60 24.04
C ALA G 188 14.53 -28.89 23.17
N VAL G 189 14.12 -27.88 22.39
CA VAL G 189 15.06 -27.09 21.62
C VAL G 189 16.07 -26.45 22.54
N TYR G 190 15.61 -25.84 23.62
CA TYR G 190 16.50 -25.22 24.57
C TYR G 190 17.49 -26.23 25.15
N GLU G 191 17.03 -27.41 25.54
CA GLU G 191 17.92 -28.37 26.20
C GLU G 191 19.04 -28.87 25.27
N CYS G 192 18.71 -29.15 24.01
CA CYS G 192 19.69 -29.55 23.02
C CYS G 192 20.69 -28.45 22.69
N LEU G 193 20.18 -27.25 22.37
CA LEU G 193 21.05 -26.13 22.02
C LEU G 193 22.00 -25.72 23.15
N ARG G 194 21.51 -25.72 24.37
CA ARG G 194 22.33 -25.31 25.51
C ARG G 194 23.55 -26.21 25.74
N GLY G 195 23.41 -27.50 25.46
CA GLY G 195 24.46 -28.48 25.60
C GLY G 195 25.61 -28.40 24.63
N GLY G 196 25.48 -27.68 23.52
CA GLY G 196 26.55 -27.60 22.53
C GLY G 196 26.17 -27.68 21.06
N LEU G 197 24.91 -27.92 20.71
CA LEU G 197 24.58 -28.02 19.29
C LEU G 197 24.46 -26.64 18.71
N ASP G 198 24.88 -26.51 17.47
CA ASP G 198 24.63 -25.28 16.72
C ASP G 198 23.14 -25.11 16.39
N PHE G 199 22.49 -26.15 15.93
CA PHE G 199 21.14 -26.07 15.40
C PHE G 199 20.29 -27.21 15.94
N THR G 200 19.04 -26.95 15.99
CA THR G 200 18.03 -27.96 16.02
C THR G 200 17.10 -27.75 14.82
N LYS G 201 16.20 -28.68 14.65
CA LYS G 201 15.51 -28.91 13.39
C LYS G 201 14.04 -29.23 13.65
N ASP G 202 13.12 -28.36 13.15
CA ASP G 202 11.77 -28.76 12.86
C ASP G 202 11.75 -30.05 12.05
N ASP G 203 10.97 -30.99 12.46
CA ASP G 203 10.65 -32.07 11.52
C ASP G 203 9.91 -31.56 10.27
N GLU G 204 10.25 -32.17 9.14
CA GLU G 204 9.76 -31.77 7.82
C GLU G 204 8.22 -31.75 7.74
N ASN G 205 7.50 -32.57 8.52
CA ASN G 205 6.04 -32.51 8.46
C ASN G 205 5.40 -31.48 9.42
N VAL G 206 6.17 -30.96 10.37
CA VAL G 206 5.70 -29.99 11.36
C VAL G 206 5.56 -28.70 10.56
N ASN G 207 4.35 -28.35 10.18
CA ASN G 207 4.20 -27.06 9.52
C ASN G 207 3.33 -26.28 10.48
N SER G 208 2.05 -26.54 10.54
CA SER G 208 1.12 -25.89 11.47
C SER G 208 -0.08 -26.83 11.57
N GLN G 209 -0.20 -27.51 12.61
CA GLN G 209 -1.18 -28.56 12.89
C GLN G 209 -2.14 -28.18 14.02
N PRO G 210 -3.23 -28.92 14.28
CA PRO G 210 -4.01 -28.64 15.50
C PRO G 210 -3.22 -28.82 16.79
N PHE G 211 -2.31 -29.79 16.87
CA PHE G 211 -1.53 -29.95 18.11
C PHE G 211 -0.47 -28.84 18.31
N MET G 212 -0.13 -28.08 17.26
CA MET G 212 0.95 -27.08 17.34
C MET G 212 0.85 -26.14 16.14
N ARG G 213 0.29 -24.95 16.34
CA ARG G 213 0.13 -23.97 15.28
C ARG G 213 1.44 -23.26 15.11
N TRP G 214 1.76 -22.88 13.87
CA TRP G 214 3.09 -22.39 13.53
C TRP G 214 3.53 -21.17 14.36
N ARG G 215 2.66 -20.21 14.57
CA ARG G 215 3.15 -18.97 15.15
C ARG G 215 3.51 -19.17 16.65
N ASP G 216 2.73 -20.00 17.35
CA ASP G 216 3.08 -20.46 18.70
C ASP G 216 4.45 -21.20 18.73
N ARG G 217 4.66 -22.13 17.81
CA ARG G 217 5.96 -22.79 17.66
C ARG G 217 7.10 -21.77 17.47
N PHE G 218 6.91 -20.78 16.62
CA PHE G 218 7.95 -19.81 16.29
C PHE G 218 8.34 -19.04 17.55
N LEU G 219 7.34 -18.60 18.31
CA LEU G 219 7.55 -17.76 19.49
C LEU G 219 8.30 -18.53 20.58
N PHE G 220 7.84 -19.72 20.95
CA PHE G 220 8.53 -20.57 21.93
C PHE G 220 9.91 -21.01 21.45
N VAL G 221 10.10 -21.34 20.17
CA VAL G 221 11.46 -21.62 19.69
C VAL G 221 12.37 -20.38 19.80
N ALA G 222 11.85 -19.17 19.50
CA ALA G 222 12.65 -17.96 19.62
C ALA G 222 13.06 -17.71 21.09
N GLU G 223 12.20 -18.00 22.05
CA GLU G 223 12.60 -17.91 23.45
C GLU G 223 13.70 -18.94 23.78
N ALA G 224 13.56 -20.17 23.30
CA ALA G 224 14.57 -21.21 23.51
C ALA G 224 15.92 -20.84 22.90
N ILE G 225 15.95 -20.40 21.63
CA ILE G 225 17.18 -20.02 20.92
C ILE G 225 17.90 -18.92 21.71
N TYR G 226 17.18 -17.88 22.10
CA TYR G 226 17.78 -16.77 22.84
C TYR G 226 18.19 -17.19 24.26
N LYS G 227 17.47 -18.09 24.89
CA LYS G 227 17.88 -18.59 26.21
C LYS G 227 19.21 -19.37 26.11
N ALA G 228 19.29 -20.34 25.20
CA ALA G 228 20.53 -21.09 25.01
C ALA G 228 21.68 -20.21 24.53
N GLN G 229 21.39 -19.17 23.75
CA GLN G 229 22.40 -18.21 23.30
C GLN G 229 22.93 -17.36 24.47
N ALA G 230 22.04 -16.84 25.30
CA ALA G 230 22.47 -16.17 26.52
C ALA G 230 23.33 -17.08 27.40
N GLU G 231 22.96 -18.34 27.49
CA GLU G 231 23.65 -19.29 28.36
C GLU G 231 25.01 -19.70 27.80
N THR G 232 25.08 -20.06 26.54
CA THR G 232 26.32 -20.56 25.93
C THR G 232 27.25 -19.42 25.52
N GLY G 233 26.72 -18.25 25.24
CA GLY G 233 27.46 -17.21 24.56
C GLY G 233 27.76 -17.45 23.09
N GLU G 234 27.32 -18.57 22.47
CA GLU G 234 27.50 -18.85 21.05
C GLU G 234 26.19 -18.56 20.29
N VAL G 235 26.32 -18.22 19.00
CA VAL G 235 25.15 -18.11 18.13
C VAL G 235 24.42 -19.45 18.01
N LYS G 236 23.11 -19.44 18.15
CA LYS G 236 22.27 -20.63 18.09
C LYS G 236 21.13 -20.44 17.08
N GLY G 237 20.69 -21.53 16.46
CA GLY G 237 19.54 -21.51 15.60
C GLY G 237 18.65 -22.73 15.77
N HIS G 238 17.49 -22.63 15.19
CA HIS G 238 16.60 -23.77 15.00
C HIS G 238 16.01 -23.59 13.61
N TYR G 239 16.01 -24.62 12.80
CA TYR G 239 15.42 -24.55 11.48
C TYR G 239 13.89 -24.50 11.59
N LEU G 240 13.33 -23.32 11.49
CA LEU G 240 11.89 -23.13 11.58
C LEU G 240 11.23 -23.39 10.21
N ASN G 241 10.47 -24.47 10.16
CA ASN G 241 9.80 -24.88 8.95
C ASN G 241 8.77 -23.83 8.45
N ALA G 242 9.05 -23.21 7.34
CA ALA G 242 8.22 -22.28 6.60
C ALA G 242 7.33 -22.91 5.51
N THR G 243 7.56 -24.15 5.13
CA THR G 243 6.67 -24.92 4.21
C THR G 243 5.17 -24.76 4.50
N ALA G 244 4.41 -24.36 3.53
CA ALA G 244 2.99 -24.04 3.75
C ALA G 244 2.16 -24.56 2.58
N GLY G 245 0.82 -24.54 2.72
CA GLY G 245 -0.04 -24.78 1.55
C GLY G 245 0.05 -23.72 0.47
N THR G 246 0.28 -22.45 0.81
CA THR G 246 0.25 -21.35 -0.15
C THR G 246 1.49 -20.47 0.00
N CYS G 247 1.83 -19.77 -1.06
CA CYS G 247 2.96 -18.90 -1.03
C CYS G 247 2.73 -17.83 0.03
N GLU G 248 1.54 -17.25 0.08
CA GLU G 248 1.22 -16.22 1.06
C GLU G 248 1.38 -16.72 2.51
N GLU G 249 0.87 -17.92 2.83
CA GLU G 249 1.14 -18.51 4.15
C GLU G 249 2.62 -18.75 4.40
N MET G 250 3.33 -19.27 3.42
CA MET G 250 4.77 -19.44 3.50
C MET G 250 5.50 -18.12 3.82
N MET G 251 5.17 -17.02 3.11
CA MET G 251 5.79 -15.72 3.35
C MET G 251 5.36 -15.11 4.68
N LYS G 252 4.13 -15.35 5.11
CA LYS G 252 3.73 -15.02 6.49
C LYS G 252 4.65 -15.67 7.52
N ARG G 253 5.12 -16.86 7.27
CA ARG G 253 6.00 -17.49 8.24
C ARG G 253 7.42 -16.93 8.16
N ALA G 254 7.94 -16.77 6.95
CA ALA G 254 9.25 -16.17 6.74
C ALA G 254 9.34 -14.75 7.34
N VAL G 255 8.31 -13.93 7.13
CA VAL G 255 8.19 -12.60 7.76
C VAL G 255 8.22 -12.66 9.34
N ALA G 257 9.67 -14.91 11.21
CA ALA G 257 11.06 -15.24 11.58
C ALA G 257 11.97 -14.04 11.51
N LYS G 258 11.87 -13.32 10.40
CA LYS G 258 12.47 -12.00 10.25
C LYS G 258 12.22 -11.11 11.45
N GLU G 259 10.94 -10.99 11.86
CA GLU G 259 10.58 -10.07 12.94
C GLU G 259 11.03 -10.56 14.30
N LEU G 260 11.08 -11.87 14.50
CA LEU G 260 11.68 -12.41 15.69
C LEU G 260 13.20 -12.22 15.71
N GLY G 261 13.80 -11.84 14.60
CA GLY G 261 15.22 -11.72 14.44
C GLY G 261 15.99 -13.01 14.53
N VAL G 262 15.35 -14.15 14.27
CA VAL G 262 15.98 -15.45 14.41
C VAL G 262 16.80 -15.80 13.15
N PRO G 263 17.79 -16.70 13.24
CA PRO G 263 18.76 -16.79 12.14
C PRO G 263 18.33 -17.58 10.92
N ILE G 264 17.48 -18.59 11.07
CA ILE G 264 17.31 -19.60 10.03
C ILE G 264 15.87 -20.12 9.93
N ILE G 265 15.45 -20.37 8.73
CA ILE G 265 14.20 -21.04 8.43
C ILE G 265 14.50 -22.21 7.51
N MET G 266 13.47 -22.95 7.21
CA MET G 266 13.52 -24.23 6.55
C MET G 266 12.44 -24.40 5.49
N HIS G 267 12.78 -25.06 4.40
CA HIS G 267 11.78 -25.39 3.39
C HIS G 267 11.95 -26.78 2.80
N ASP G 268 10.85 -27.44 2.48
CA ASP G 268 10.84 -28.78 1.86
C ASP G 268 10.64 -28.56 0.36
N TYR G 269 11.73 -28.41 -0.35
CA TYR G 269 11.67 -27.77 -1.67
C TYR G 269 10.98 -28.64 -2.70
N LEU G 270 10.95 -29.96 -2.51
CA LEU G 270 10.36 -30.85 -3.52
C LEU G 270 8.86 -31.02 -3.35
N THR G 271 8.34 -30.79 -2.16
CA THR G 271 6.93 -30.88 -1.91
C THR G 271 6.25 -29.51 -1.96
N GLY G 272 6.91 -28.47 -1.45
CA GLY G 272 6.50 -27.10 -1.76
C GLY G 272 6.65 -26.72 -3.23
N GLY G 273 7.75 -27.04 -3.83
CA GLY G 273 7.95 -26.77 -5.24
C GLY G 273 9.07 -25.79 -5.48
N PHE G 274 9.66 -25.89 -6.67
CA PHE G 274 10.70 -24.94 -7.06
C PHE G 274 10.20 -23.52 -7.16
N THR G 275 8.94 -23.31 -7.58
CA THR G 275 8.47 -21.93 -7.69
C THR G 275 8.45 -21.28 -6.30
N ALA G 276 7.85 -21.92 -5.31
CA ALA G 276 7.88 -21.43 -3.93
C ALA G 276 9.29 -21.37 -3.34
N ASN G 277 10.15 -22.37 -3.58
CA ASN G 277 11.49 -22.37 -3.00
C ASN G 277 12.33 -21.16 -3.45
N THR G 278 12.29 -20.86 -4.75
CA THR G 278 12.99 -19.72 -5.30
C THR G 278 12.46 -18.39 -4.74
N SER G 279 11.16 -18.23 -4.67
CA SER G 279 10.56 -17.08 -3.97
C SER G 279 11.09 -16.96 -2.55
N LEU G 280 11.12 -18.07 -1.83
CA LEU G 280 11.59 -18.03 -0.46
C LEU G 280 13.07 -17.66 -0.38
N ALA G 281 13.92 -18.32 -1.20
CA ALA G 281 15.36 -18.03 -1.26
C ALA G 281 15.63 -16.54 -1.54
N ILE G 282 14.84 -15.92 -2.41
CA ILE G 282 14.98 -14.48 -2.67
C ILE G 282 14.57 -13.63 -1.45
N TYR G 283 13.49 -14.02 -0.76
CA TYR G 283 13.11 -13.34 0.48
C TYR G 283 14.26 -13.43 1.49
N CYS G 284 14.87 -14.60 1.60
CA CYS G 284 15.94 -14.81 2.54
C CYS G 284 17.21 -13.99 2.17
N ARG G 285 17.54 -13.89 0.89
CA ARG G 285 18.62 -13.01 0.48
C ARG G 285 18.29 -11.57 0.84
N ASP G 286 17.06 -11.11 0.55
CA ASP G 286 16.65 -9.73 0.82
C ASP G 286 16.58 -9.40 2.33
N ASN G 287 16.38 -10.37 3.22
CA ASN G 287 16.20 -10.05 4.65
C ASN G 287 17.25 -10.73 5.57
N GLY G 288 18.35 -11.22 5.02
CA GLY G 288 19.46 -11.90 5.69
C GLY G 288 19.10 -13.18 6.45
N LEU G 289 18.01 -13.86 6.15
CA LEU G 289 17.75 -15.17 6.75
C LEU G 289 18.55 -16.26 6.03
N LEU G 290 19.08 -17.18 6.77
CA LEU G 290 19.57 -18.47 6.25
C LEU G 290 18.45 -19.46 5.92
N LEU G 291 18.65 -20.25 4.86
CA LEU G 291 17.59 -21.14 4.38
C LEU G 291 18.06 -22.63 4.40
N HIS G 292 17.57 -23.38 5.34
CA HIS G 292 17.80 -24.83 5.39
C HIS G 292 16.83 -25.59 4.47
N ILE G 293 17.33 -26.51 3.68
CA ILE G 293 16.47 -27.18 2.71
C ILE G 293 16.34 -28.68 3.01
N HIS G 294 15.14 -29.13 3.21
CA HIS G 294 14.88 -30.53 3.43
C HIS G 294 14.38 -31.23 2.18
N ARG G 295 14.76 -32.47 1.99
CA ARG G 295 14.58 -33.10 0.68
C ARG G 295 13.51 -34.20 0.69
N ALA G 296 12.44 -34.00 1.46
CA ALA G 296 11.34 -34.97 1.54
C ALA G 296 10.75 -35.24 0.17
N MET G 297 10.52 -36.52 -0.13
CA MET G 297 10.02 -37.14 -1.37
C MET G 297 11.12 -37.39 -2.40
N HIS G 298 12.37 -37.03 -2.10
CA HIS G 298 13.44 -37.27 -3.04
C HIS G 298 13.50 -38.76 -3.46
N ALA G 299 13.18 -39.70 -2.54
CA ALA G 299 13.28 -41.12 -2.87
C ALA G 299 12.14 -41.61 -3.76
N VAL G 300 11.06 -40.86 -3.86
CA VAL G 300 10.04 -41.13 -4.87
C VAL G 300 10.66 -41.02 -6.26
N ILE G 301 11.55 -40.07 -6.46
CA ILE G 301 12.19 -39.72 -7.73
C ILE G 301 13.59 -40.34 -7.91
N ASP G 302 14.38 -40.38 -6.86
CA ASP G 302 15.80 -40.55 -7.04
C ASP G 302 16.34 -41.92 -6.66
N ARG G 303 15.51 -42.86 -6.25
CA ARG G 303 16.05 -44.08 -5.66
C ARG G 303 16.34 -45.17 -6.72
N GLN G 304 15.41 -45.45 -7.59
CA GLN G 304 15.59 -46.56 -8.52
C GLN G 304 16.66 -46.25 -9.53
N ARG G 305 17.58 -47.19 -9.71
CA ARG G 305 18.71 -47.00 -10.60
C ARG G 305 18.27 -46.85 -12.07
N ASN G 306 17.17 -47.42 -12.47
CA ASN G 306 16.84 -47.36 -13.89
C ASN G 306 15.87 -46.22 -14.25
N HIS G 307 15.22 -45.58 -13.28
CA HIS G 307 14.20 -44.58 -13.62
C HIS G 307 14.17 -43.44 -12.60
N GLY G 308 13.87 -42.25 -13.08
CA GLY G 308 13.78 -41.09 -12.25
C GLY G 308 14.87 -40.09 -12.55
N ILE G 309 15.25 -39.37 -11.51
CA ILE G 309 16.21 -38.28 -11.59
C ILE G 309 17.12 -38.47 -10.40
N HIS G 310 18.39 -38.74 -10.67
CA HIS G 310 19.39 -38.89 -9.63
C HIS G 310 19.47 -37.63 -8.77
N PHE G 311 19.71 -37.85 -7.49
CA PHE G 311 19.77 -36.76 -6.52
C PHE G 311 20.76 -35.63 -6.88
N ARG G 312 21.88 -35.95 -7.53
CA ARG G 312 22.88 -34.93 -7.87
C ARG G 312 22.26 -33.85 -8.77
N VAL G 313 21.35 -34.22 -9.64
CA VAL G 313 20.61 -33.29 -10.46
C VAL G 313 19.71 -32.41 -9.57
N LEU G 314 18.97 -33.04 -8.65
CA LEU G 314 18.06 -32.37 -7.72
C LEU G 314 18.80 -31.46 -6.74
N ALA G 315 20.05 -31.83 -6.40
CA ALA G 315 20.93 -31.00 -5.60
C ALA G 315 21.43 -29.77 -6.38
N LYS G 316 21.80 -30.00 -7.64
CA LYS G 316 22.22 -28.93 -8.57
C LYS G 316 21.05 -27.96 -8.78
N ALA G 317 19.85 -28.49 -8.99
CA ALA G 317 18.63 -27.66 -9.07
C ALA G 317 18.47 -26.81 -7.82
N LEU G 318 18.58 -27.42 -6.65
CA LEU G 318 18.48 -26.72 -5.37
C LEU G 318 19.51 -25.61 -5.26
N ARG G 319 20.77 -25.89 -5.57
CA ARG G 319 21.80 -24.85 -5.55
C ARG G 319 21.45 -23.64 -6.44
N MET G 320 20.83 -23.88 -7.57
CA MET G 320 20.36 -22.82 -8.45
C MET G 320 19.12 -22.12 -7.85
N SER G 321 18.12 -22.88 -7.39
CA SER G 321 16.90 -22.30 -6.81
C SER G 321 17.23 -21.54 -5.54
N GLY G 322 18.05 -22.11 -4.70
CA GLY G 322 18.62 -21.40 -3.59
C GLY G 322 18.36 -22.10 -2.30
N GLY G 323 19.41 -22.47 -1.63
CA GLY G 323 19.36 -22.96 -0.27
C GLY G 323 20.70 -22.86 0.40
N ASP G 324 20.76 -22.48 1.67
CA ASP G 324 22.06 -22.42 2.34
C ASP G 324 22.52 -23.80 2.89
N HIS G 325 21.62 -24.68 3.32
CA HIS G 325 21.95 -26.08 3.69
C HIS G 325 21.11 -27.05 2.89
N LEU G 326 21.59 -28.26 2.63
CA LEU G 326 20.77 -29.28 2.02
C LEU G 326 20.97 -30.67 2.62
N HIS G 327 19.86 -31.28 3.04
CA HIS G 327 19.91 -32.68 3.46
C HIS G 327 20.50 -33.56 2.38
N SER G 328 21.56 -34.21 2.72
CA SER G 328 22.35 -34.89 1.73
C SER G 328 22.48 -36.38 2.01
N GLY G 329 21.68 -36.90 2.89
CA GLY G 329 21.74 -38.30 3.22
C GLY G 329 22.58 -38.67 4.43
N THR G 330 22.77 -39.96 4.58
CA THR G 330 23.78 -40.51 5.45
C THR G 330 24.75 -41.33 4.64
N VAL G 331 25.98 -41.44 5.12
CA VAL G 331 26.92 -42.41 4.58
C VAL G 331 27.10 -43.61 5.52
N VAL G 332 26.40 -43.64 6.64
CA VAL G 332 26.33 -44.84 7.47
C VAL G 332 25.65 -45.97 6.71
N GLY G 333 26.22 -47.16 6.81
CA GLY G 333 25.65 -48.32 6.17
C GLY G 333 25.80 -48.41 4.67
N LYS G 334 26.64 -47.57 4.06
CA LYS G 334 26.79 -47.59 2.62
C LYS G 334 28.16 -48.17 2.25
N LEU G 335 28.18 -48.85 1.11
CA LEU G 335 29.43 -49.39 0.59
C LEU G 335 30.28 -48.26 0.00
N GLU G 336 31.55 -48.57 -0.29
CA GLU G 336 32.51 -47.60 -0.82
C GLU G 336 32.04 -46.97 -2.12
N GLY G 337 31.39 -47.75 -2.98
CA GLY G 337 30.89 -47.23 -4.24
C GLY G 337 29.70 -46.30 -4.09
N GLU G 338 28.81 -46.61 -3.16
CA GLU G 338 27.72 -45.69 -2.85
C GLU G 338 28.24 -44.43 -2.16
N ARG G 339 29.39 -44.53 -1.50
CA ARG G 339 30.06 -43.42 -0.84
C ARG G 339 30.81 -42.53 -1.85
N GLU G 340 31.38 -43.12 -2.90
CA GLU G 340 31.92 -42.37 -4.03
C GLU G 340 30.87 -41.46 -4.67
N VAL G 341 29.66 -41.99 -4.87
CA VAL G 341 28.55 -41.22 -5.46
C VAL G 341 28.17 -40.05 -4.55
N THR G 342 28.02 -40.32 -3.26
CA THR G 342 27.63 -39.28 -2.30
C THR G 342 28.65 -38.16 -2.26
N LEU G 343 29.94 -38.51 -2.24
CA LEU G 343 30.95 -37.50 -2.25
C LEU G 343 30.98 -36.73 -3.57
N GLY G 344 30.53 -37.34 -4.67
CA GLY G 344 30.43 -36.62 -5.92
C GLY G 344 29.44 -35.47 -5.81
N PHE G 345 28.22 -35.76 -5.33
CA PHE G 345 27.23 -34.69 -5.31
C PHE G 345 27.52 -33.71 -4.21
N VAL G 346 28.24 -34.13 -3.17
CA VAL G 346 28.68 -33.21 -2.11
C VAL G 346 29.65 -32.18 -2.67
N ASP G 347 30.52 -32.61 -3.59
CA ASP G 347 31.37 -31.67 -4.32
C ASP G 347 30.58 -30.75 -5.25
N LEU G 348 29.53 -31.25 -5.91
CA LEU G 348 28.70 -30.38 -6.76
C LEU G 348 27.93 -29.37 -5.92
N MET G 349 27.61 -29.72 -4.69
CA MET G 349 26.91 -28.82 -3.79
C MET G 349 27.82 -27.71 -3.31
N ARG G 350 29.06 -28.04 -3.02
CA ARG G 350 29.91 -27.15 -2.24
C ARG G 350 30.92 -26.37 -3.05
N ASP G 351 31.48 -26.96 -4.08
CA ASP G 351 32.65 -26.42 -4.77
C ASP G 351 32.32 -25.46 -5.88
N ASP G 352 33.33 -24.66 -6.27
CA ASP G 352 33.21 -23.77 -7.39
C ASP G 352 33.37 -24.47 -8.75
N TYR G 353 34.29 -25.42 -8.86
CA TYR G 353 34.59 -26.05 -10.14
C TYR G 353 34.68 -27.56 -9.91
N VAL G 354 33.87 -28.33 -10.58
CA VAL G 354 33.96 -29.79 -10.43
C VAL G 354 34.30 -30.43 -11.78
N GLU G 355 35.37 -31.20 -11.80
CA GLU G 355 35.80 -31.96 -12.99
C GLU G 355 35.02 -33.25 -13.18
N LYS G 356 34.76 -33.55 -14.44
CA LYS G 356 34.29 -34.85 -14.90
C LYS G 356 34.99 -36.03 -14.25
N ASP G 357 34.21 -36.94 -13.70
CA ASP G 357 34.73 -38.05 -12.91
C ASP G 357 33.64 -39.12 -12.86
N ARG G 358 33.74 -40.08 -13.78
CA ARG G 358 32.67 -41.07 -13.96
C ARG G 358 32.50 -41.97 -12.75
N SER G 359 33.59 -42.36 -12.11
CA SER G 359 33.51 -43.28 -10.99
C SER G 359 32.87 -42.62 -9.77
N ARG G 360 32.85 -41.30 -9.71
CA ARG G 360 32.04 -40.60 -8.74
C ARG G 360 30.70 -40.20 -9.30
N GLY G 361 30.32 -40.72 -10.47
CA GLY G 361 29.06 -40.41 -11.11
C GLY G 361 28.92 -38.99 -11.65
N ILE G 362 30.01 -38.28 -11.80
CA ILE G 362 30.00 -36.94 -12.35
C ILE G 362 30.26 -37.04 -13.86
N TYR G 363 29.25 -36.71 -14.65
CA TYR G 363 29.34 -36.94 -16.10
C TYR G 363 29.79 -35.70 -16.87
N PHE G 364 29.82 -34.56 -16.21
CA PHE G 364 30.07 -33.30 -16.88
C PHE G 364 30.99 -32.50 -15.99
N THR G 365 31.86 -31.72 -16.59
CA THR G 365 32.56 -30.69 -15.84
C THR G 365 31.57 -29.57 -15.52
N GLN G 366 31.40 -29.25 -14.26
CA GLN G 366 30.47 -28.20 -13.79
C GLN G 366 31.30 -27.03 -13.28
N ASP G 367 31.10 -25.86 -13.88
CA ASP G 367 31.68 -24.60 -13.44
C ASP G 367 30.56 -23.75 -12.78
N TRP G 368 30.60 -23.63 -11.46
CA TRP G 368 29.56 -22.85 -10.80
C TRP G 368 29.72 -21.36 -10.95
N CYS G 369 30.88 -20.87 -11.43
CA CYS G 369 31.07 -19.45 -11.83
C CYS G 369 30.79 -18.48 -10.66
N SER G 370 31.32 -18.81 -9.50
CA SER G 370 31.26 -18.20 -8.17
C SER G 370 29.87 -18.20 -7.50
N MET G 371 28.88 -18.92 -7.99
CA MET G 371 27.67 -19.19 -7.23
C MET G 371 28.04 -19.86 -5.90
N PRO G 372 27.59 -19.32 -4.77
CA PRO G 372 27.95 -19.86 -3.45
C PRO G 372 27.55 -21.32 -3.30
N GLY G 373 28.39 -22.06 -2.60
CA GLY G 373 28.12 -23.43 -2.31
C GLY G 373 27.06 -23.62 -1.23
N VAL G 374 26.54 -24.81 -1.16
CA VAL G 374 25.55 -25.24 -0.20
C VAL G 374 26.21 -26.23 0.78
N MET G 375 25.97 -26.05 2.05
CA MET G 375 26.37 -26.94 3.12
C MET G 375 25.55 -28.24 3.10
N PRO G 376 26.13 -29.38 2.81
CA PRO G 376 25.46 -30.66 3.05
C PRO G 376 25.16 -30.93 4.51
N VAL G 377 24.00 -31.49 4.76
CA VAL G 377 23.59 -31.98 6.07
C VAL G 377 23.54 -33.51 6.08
N ALA G 378 24.40 -34.11 6.86
CA ALA G 378 24.52 -35.56 6.96
C ALA G 378 23.80 -36.08 8.18
N SER G 379 23.06 -37.12 8.00
CA SER G 379 22.62 -37.91 9.13
C SER G 379 23.87 -38.58 9.75
N GLY G 380 24.24 -38.16 10.96
CA GLY G 380 25.07 -38.97 11.80
C GLY G 380 24.31 -40.14 12.34
N GLY G 381 25.00 -41.15 12.80
CA GLY G 381 24.31 -42.32 13.24
C GLY G 381 23.63 -42.17 14.60
N ILE G 382 23.21 -43.34 15.10
CA ILE G 382 22.62 -43.48 16.42
C ILE G 382 23.60 -43.00 17.48
N HIS G 383 24.87 -43.21 17.25
CA HIS G 383 25.83 -43.00 18.31
C HIS G 383 26.97 -42.09 17.87
N VAL G 384 27.88 -41.85 18.82
CA VAL G 384 28.98 -40.90 18.66
C VAL G 384 30.25 -41.55 18.10
N TRP G 385 30.26 -42.86 17.93
CA TRP G 385 31.41 -43.58 17.40
C TRP G 385 31.53 -43.45 15.90
N HIS G 386 30.50 -42.98 15.22
CA HIS G 386 30.62 -42.64 13.82
C HIS G 386 31.30 -41.30 13.60
N MET G 387 31.49 -40.49 14.65
CA MET G 387 32.12 -39.18 14.51
C MET G 387 33.44 -39.17 13.75
N PRO G 388 34.41 -40.09 13.98
CA PRO G 388 35.65 -40.06 13.17
C PRO G 388 35.45 -40.27 11.68
N ALA G 389 34.57 -41.19 11.29
CA ALA G 389 34.28 -41.41 9.88
C ALA G 389 33.64 -40.18 9.24
N LEU G 390 32.65 -39.56 9.90
CA LEU G 390 31.99 -38.36 9.37
C LEU G 390 32.96 -37.21 9.15
N VAL G 391 33.87 -36.99 10.08
CA VAL G 391 34.81 -35.89 9.97
C VAL G 391 35.81 -36.14 8.85
N GLU G 392 36.21 -37.39 8.68
CA GLU G 392 37.13 -37.76 7.62
C GLU G 392 36.47 -37.67 6.24
N ILE G 393 35.21 -38.07 6.13
CA ILE G 393 34.58 -38.11 4.82
C ILE G 393 34.12 -36.71 4.41
N PHE G 394 33.41 -36.01 5.29
CA PHE G 394 32.83 -34.73 4.90
C PHE G 394 33.84 -33.61 4.98
N GLY G 395 34.83 -33.71 5.83
CA GLY G 395 35.63 -32.57 6.23
C GLY G 395 34.82 -31.59 7.08
N ASP G 396 35.31 -30.37 7.20
CA ASP G 396 34.68 -29.44 8.11
C ASP G 396 33.39 -28.83 7.55
N ASP G 397 33.21 -28.69 6.23
CA ASP G 397 32.06 -27.95 5.69
C ASP G 397 30.84 -28.84 5.55
N ALA G 398 30.18 -29.09 6.68
CA ALA G 398 29.00 -29.94 6.75
C ALA G 398 28.31 -29.75 8.08
N CYS G 399 27.02 -29.96 8.12
CA CYS G 399 26.32 -30.12 9.37
C CYS G 399 26.13 -31.61 9.60
N LEU G 400 26.50 -32.05 10.75
CA LEU G 400 26.21 -33.42 11.13
C LEU G 400 24.97 -33.42 11.99
N GLN G 401 23.93 -34.08 11.53
CA GLN G 401 22.70 -34.19 12.30
C GLN G 401 22.68 -35.49 13.07
N PHE G 402 22.31 -35.39 14.32
CA PHE G 402 22.26 -36.53 15.20
C PHE G 402 20.79 -36.78 15.55
N GLY G 403 20.31 -37.97 15.20
CA GLY G 403 18.89 -38.26 15.26
C GLY G 403 18.46 -38.77 16.61
N GLY G 404 19.40 -39.39 17.32
CA GLY G 404 19.23 -39.77 18.71
C GLY G 404 20.55 -39.87 19.47
N GLY G 405 21.65 -39.33 18.93
CA GLY G 405 22.89 -39.26 19.71
C GLY G 405 22.69 -38.45 20.97
N THR G 406 22.20 -37.24 20.80
CA THR G 406 21.85 -36.34 21.88
C THR G 406 20.74 -36.91 22.79
N LEU G 407 19.80 -37.69 22.24
CA LEU G 407 18.58 -38.00 23.02
C LEU G 407 18.50 -39.48 23.40
N GLY G 408 19.25 -40.35 22.72
CA GLY G 408 19.40 -41.66 23.27
C GLY G 408 20.38 -41.69 24.42
N HIS G 409 21.11 -40.59 24.62
CA HIS G 409 22.02 -40.44 25.74
C HIS G 409 21.26 -40.62 27.05
N PRO G 410 21.82 -41.37 28.00
CA PRO G 410 21.05 -41.69 29.20
C PRO G 410 20.81 -40.51 30.11
N TRP G 411 21.65 -39.47 30.05
CA TRP G 411 21.46 -38.32 30.93
C TRP G 411 20.57 -37.22 30.32
N GLY G 412 20.10 -37.34 29.10
CA GLY G 412 19.13 -36.42 28.53
C GLY G 412 19.70 -35.60 27.40
N ASN G 413 18.91 -34.60 26.95
CA ASN G 413 19.28 -33.81 25.77
C ASN G 413 20.58 -33.03 25.95
N ALA G 414 20.71 -32.23 27.00
CA ALA G 414 21.90 -31.37 27.10
C ALA G 414 23.21 -32.15 27.24
N PRO G 415 23.34 -33.20 28.08
CA PRO G 415 24.61 -33.97 28.05
C PRO G 415 24.82 -34.74 26.76
N GLY G 416 23.74 -35.14 26.11
CA GLY G 416 23.86 -35.77 24.81
C GLY G 416 24.40 -34.81 23.76
N ALA G 417 23.91 -33.57 23.76
CA ALA G 417 24.48 -32.54 22.92
C ALA G 417 25.93 -32.33 23.25
N ALA G 418 26.24 -32.31 24.56
CA ALA G 418 27.61 -32.06 24.98
C ALA G 418 28.52 -33.20 24.60
N ALA G 419 28.02 -34.42 24.63
CA ALA G 419 28.79 -35.59 24.19
C ALA G 419 29.08 -35.55 22.69
N ASN G 420 28.09 -35.16 21.87
CA ASN G 420 28.33 -35.00 20.44
C ASN G 420 29.36 -33.91 20.13
N ARG G 421 29.31 -32.79 20.85
CA ARG G 421 30.22 -31.67 20.62
C ARG G 421 31.64 -32.01 21.01
N VAL G 422 31.83 -32.71 22.13
CA VAL G 422 33.14 -33.16 22.58
C VAL G 422 33.76 -34.12 21.55
N ALA G 423 32.99 -35.10 21.11
CA ALA G 423 33.45 -36.07 20.11
C ALA G 423 33.82 -35.43 18.79
N LEU G 424 33.02 -34.44 18.32
CA LEU G 424 33.34 -33.73 17.09
C LEU G 424 34.62 -32.94 17.26
N GLU G 425 34.77 -32.27 18.39
CA GLU G 425 35.91 -31.41 18.60
C GLU G 425 37.20 -32.22 18.79
N ALA G 426 37.12 -33.38 19.47
CA ALA G 426 38.30 -34.24 19.66
C ALA G 426 38.73 -34.88 18.34
N CYS G 427 37.78 -35.31 17.52
CA CYS G 427 38.07 -35.78 16.18
C CYS G 427 38.64 -34.67 15.30
N THR G 428 38.16 -33.43 15.46
CA THR G 428 38.71 -32.32 14.70
C THR G 428 40.13 -32.02 15.12
N GLN G 429 40.38 -31.96 16.43
CA GLN G 429 41.72 -31.78 16.97
C GLN G 429 42.68 -32.86 16.47
N ALA G 430 42.25 -34.12 16.50
CA ALA G 430 43.09 -35.24 16.10
C ALA G 430 43.40 -35.22 14.61
N ARG G 431 42.41 -34.89 13.78
CA ARG G 431 42.60 -34.66 12.35
C ARG G 431 43.61 -33.56 12.07
N ASN G 432 43.54 -32.43 12.80
CA ASN G 432 44.48 -31.34 12.53
C ASN G 432 45.90 -31.72 12.95
N GLU G 433 46.04 -32.50 14.00
CA GLU G 433 47.30 -33.07 14.47
C GLU G 433 47.88 -34.15 13.59
N GLY G 434 47.28 -34.45 12.45
CA GLY G 434 47.81 -35.40 11.50
C GLY G 434 47.45 -36.84 11.75
N ARG G 435 46.59 -37.15 12.71
CA ARG G 435 46.21 -38.53 12.97
C ARG G 435 45.23 -39.05 11.92
N ASP G 436 45.30 -40.34 11.67
CA ASP G 436 44.47 -41.03 10.70
C ASP G 436 43.17 -41.44 11.37
N LEU G 437 42.07 -40.77 11.02
CA LEU G 437 40.80 -41.06 11.69
C LEU G 437 40.20 -42.38 11.24
N ALA G 438 40.60 -42.89 10.08
CA ALA G 438 40.15 -44.22 9.66
C ALA G 438 40.69 -45.28 10.60
N ARG G 439 41.93 -45.10 11.06
CA ARG G 439 42.54 -46.11 11.91
C ARG G 439 42.33 -45.79 13.37
N GLU G 440 42.59 -44.57 13.76
CA GLU G 440 42.78 -44.16 15.15
C GLU G 440 41.57 -43.49 15.76
N GLY G 441 40.41 -43.54 15.10
CA GLY G 441 39.27 -42.78 15.58
C GLY G 441 38.66 -43.34 16.85
N GLY G 442 38.65 -44.67 16.98
CA GLY G 442 38.27 -45.28 18.23
C GLY G 442 39.19 -44.90 19.38
N ASP G 443 40.48 -44.81 19.10
CA ASP G 443 41.45 -44.36 20.09
C ASP G 443 41.27 -42.88 20.44
N VAL G 444 40.81 -42.05 19.49
CA VAL G 444 40.54 -40.63 19.78
C VAL G 444 39.35 -40.49 20.71
N ILE G 445 38.29 -41.24 20.46
CA ILE G 445 37.08 -41.16 21.27
C ILE G 445 37.33 -41.68 22.69
N ARG G 446 37.97 -42.86 22.83
CA ARG G 446 38.28 -43.42 24.16
C ARG G 446 39.16 -42.49 24.98
N SER G 447 40.08 -41.79 24.33
CA SER G 447 40.92 -40.83 25.02
C SER G 447 40.14 -39.58 25.46
N ALA G 448 39.09 -39.20 24.72
CA ALA G 448 38.28 -38.07 25.17
C ALA G 448 37.30 -38.51 26.26
N CYS G 449 36.92 -39.78 26.29
CA CYS G 449 36.08 -40.34 27.36
C CYS G 449 36.71 -40.23 28.74
N LYS G 450 38.06 -40.20 28.82
CA LYS G 450 38.72 -40.16 30.11
C LYS G 450 38.46 -38.85 30.85
N TRP G 451 38.44 -37.74 30.14
CA TRP G 451 38.13 -36.48 30.81
C TRP G 451 36.68 -35.99 30.63
N SER G 452 35.89 -36.55 29.72
CA SER G 452 34.53 -36.05 29.55
C SER G 452 33.56 -37.07 30.11
N PRO G 453 32.92 -36.80 31.24
CA PRO G 453 31.91 -37.75 31.74
C PRO G 453 30.70 -37.93 30.84
N GLU G 454 30.31 -36.88 30.10
CA GLU G 454 29.17 -37.01 29.21
C GLU G 454 29.50 -37.95 28.05
N LEU G 455 30.65 -37.76 27.42
CA LEU G 455 31.07 -38.67 26.36
C LEU G 455 31.30 -40.08 26.88
N ALA G 456 31.84 -40.22 28.09
CA ALA G 456 32.03 -41.54 28.68
C ALA G 456 30.70 -42.26 28.92
N ALA G 457 29.65 -41.53 29.30
CA ALA G 457 28.34 -42.14 29.47
C ALA G 457 27.67 -42.48 28.13
N ALA G 458 27.96 -41.71 27.07
CA ALA G 458 27.41 -42.06 25.77
C ALA G 458 28.07 -43.31 25.21
N CYS G 459 29.35 -43.53 25.51
CA CYS G 459 30.06 -44.70 25.01
C CYS G 459 29.79 -45.94 25.85
N GLU G 460 29.23 -45.80 27.05
CA GLU G 460 28.75 -46.92 27.84
C GLU G 460 27.62 -47.65 27.11
N VAL G 461 26.68 -46.90 26.55
CA VAL G 461 25.76 -47.37 25.52
C VAL G 461 26.50 -48.02 24.36
N MET H 46 -0.50 25.03 -54.01
CA MET H 46 -0.35 24.51 -52.66
C MET H 46 -1.61 23.69 -52.43
N MET H 47 -1.44 22.42 -52.14
CA MET H 47 -2.53 21.47 -52.05
C MET H 47 -2.68 20.98 -50.60
N VAL H 48 -3.83 20.41 -50.24
CA VAL H 48 -4.10 19.96 -48.86
C VAL H 48 -4.27 18.45 -48.86
N TRP H 49 -3.42 17.76 -48.08
CA TRP H 49 -3.56 16.32 -47.90
C TRP H 49 -4.90 16.02 -47.23
N THR H 50 -5.74 15.27 -47.89
CA THR H 50 -7.12 15.17 -47.39
C THR H 50 -7.21 14.23 -46.18
N PRO H 51 -7.95 14.63 -45.14
CA PRO H 51 -8.26 13.73 -44.01
C PRO H 51 -9.47 12.85 -44.25
N VAL H 52 -10.21 13.01 -45.35
CA VAL H 52 -11.47 12.29 -45.54
C VAL H 52 -11.20 11.07 -46.39
N ASN H 53 -11.70 9.92 -45.96
CA ASN H 53 -11.70 8.67 -46.73
C ASN H 53 -10.33 8.34 -47.30
N ASN H 54 -9.29 8.54 -46.54
CA ASN H 54 -7.94 8.51 -47.07
C ASN H 54 -7.10 7.53 -46.24
N LYS H 55 -7.67 6.37 -45.94
CA LYS H 55 -6.98 5.32 -45.17
C LYS H 55 -5.77 4.71 -45.89
N MET H 56 -4.74 4.38 -45.14
CA MET H 56 -3.51 3.77 -45.66
C MET H 56 -3.31 2.35 -45.10
N PHE H 57 -2.59 1.51 -45.82
CA PHE H 57 -2.47 0.13 -45.38
C PHE H 57 -1.06 -0.37 -45.22
N GLU H 58 -0.23 0.51 -44.66
CA GLU H 58 1.20 0.34 -44.40
C GLU H 58 2.10 0.35 -45.65
N THR H 59 3.09 -0.53 -45.70
CA THR H 59 4.06 -0.47 -46.79
C THR H 59 3.47 -0.53 -48.21
N PHE H 60 3.91 0.45 -49.00
CA PHE H 60 3.56 0.72 -50.42
C PHE H 60 2.20 1.39 -50.64
N SER H 61 1.44 1.65 -49.58
CA SER H 61 0.12 2.29 -49.78
C SER H 61 0.22 3.76 -50.20
N TYR H 62 1.37 4.36 -50.11
CA TYR H 62 1.51 5.72 -50.61
C TYR H 62 1.94 5.74 -52.09
N LEU H 63 2.16 4.58 -52.69
CA LEU H 63 2.45 4.45 -54.13
C LEU H 63 1.16 4.18 -54.88
N PRO H 64 1.12 4.34 -56.20
CA PRO H 64 -0.01 3.80 -56.98
C PRO H 64 -0.12 2.30 -56.76
N PRO H 65 -1.33 1.72 -56.92
CA PRO H 65 -1.50 0.27 -56.74
C PRO H 65 -0.56 -0.52 -57.65
N LEU H 66 0.08 -1.51 -57.07
CA LEU H 66 1.11 -2.21 -57.81
C LEU H 66 0.44 -3.01 -58.91
N SER H 67 0.92 -2.83 -60.13
CA SER H 67 0.49 -3.66 -61.23
C SER H 67 0.98 -5.09 -61.06
N ASP H 68 0.51 -5.96 -61.96
CA ASP H 68 0.88 -7.37 -61.91
C ASP H 68 2.37 -7.55 -62.10
N GLU H 69 2.99 -6.74 -62.96
CA GLU H 69 4.45 -6.78 -63.12
C GLU H 69 5.15 -6.25 -61.87
N GLN H 70 4.57 -5.25 -61.22
CA GLN H 70 5.14 -4.77 -59.98
C GLN H 70 4.98 -5.79 -58.86
N ILE H 71 3.87 -6.53 -58.83
CA ILE H 71 3.72 -7.58 -57.83
C ILE H 71 4.70 -8.71 -58.10
N ALA H 72 4.85 -9.08 -59.38
CA ALA H 72 5.76 -10.15 -59.79
C ALA H 72 7.20 -9.84 -59.44
N ALA H 73 7.61 -8.59 -59.57
CA ALA H 73 8.95 -8.19 -59.21
C ALA H 73 9.18 -8.22 -57.70
N GLN H 74 8.17 -7.84 -56.89
CA GLN H 74 8.27 -8.00 -55.45
C GLN H 74 8.35 -9.47 -55.06
N VAL H 75 7.60 -10.35 -55.74
CA VAL H 75 7.66 -11.78 -55.46
C VAL H 75 9.03 -12.36 -55.82
N ASP H 76 9.64 -11.87 -56.89
CA ASP H 76 11.03 -12.21 -57.18
C ASP H 76 11.98 -11.82 -56.06
N TYR H 77 11.76 -10.67 -55.43
CA TYR H 77 12.56 -10.29 -54.29
C TYR H 77 12.34 -11.26 -53.13
N ILE H 78 11.08 -11.67 -52.89
CA ILE H 78 10.76 -12.64 -51.84
C ILE H 78 11.44 -13.98 -52.10
N VAL H 79 11.37 -14.47 -53.33
CA VAL H 79 11.88 -15.80 -53.66
C VAL H 79 13.41 -15.84 -53.58
N ALA H 80 14.08 -14.83 -54.14
CA ALA H 80 15.55 -14.76 -54.12
C ALA H 80 16.11 -14.77 -52.71
N ASN H 81 15.42 -14.15 -51.79
CA ASN H 81 15.84 -14.14 -50.41
C ASN H 81 15.53 -15.41 -49.66
N GLY H 82 14.90 -16.40 -50.28
CA GLY H 82 14.45 -17.58 -49.56
C GLY H 82 13.27 -17.36 -48.67
N TRP H 83 12.49 -16.32 -48.89
CA TRP H 83 11.39 -16.00 -48.02
C TRP H 83 10.13 -16.74 -48.45
N ILE H 84 9.18 -16.84 -47.54
CA ILE H 84 7.96 -17.59 -47.79
C ILE H 84 6.82 -16.60 -47.99
N PRO H 85 6.29 -16.46 -49.20
CA PRO H 85 5.11 -15.63 -49.43
C PRO H 85 3.87 -16.24 -48.82
N CYS H 86 2.94 -15.39 -48.40
CA CYS H 86 1.62 -15.78 -47.93
C CYS H 86 0.66 -14.66 -48.24
N LEU H 87 -0.59 -14.97 -48.50
CA LEU H 87 -1.59 -13.93 -48.69
C LEU H 87 -2.51 -13.84 -47.47
N GLU H 88 -2.97 -12.65 -47.19
CA GLU H 88 -3.93 -12.38 -46.15
C GLU H 88 -5.01 -11.41 -46.63
N PHE H 89 -6.18 -11.52 -46.06
CA PHE H 89 -7.31 -10.71 -46.48
C PHE H 89 -8.17 -10.33 -45.29
N ALA H 90 -8.90 -9.24 -45.47
CA ALA H 90 -9.82 -8.71 -44.52
C ALA H 90 -10.95 -7.93 -45.21
N GLU H 91 -12.11 -7.93 -44.58
CA GLU H 91 -13.22 -7.13 -45.05
C GLU H 91 -12.94 -5.69 -44.59
N SER H 92 -13.59 -4.70 -45.19
CA SER H 92 -13.29 -3.30 -44.87
C SER H 92 -13.41 -2.93 -43.39
N ASP H 93 -14.39 -3.49 -42.70
CA ASP H 93 -14.57 -3.23 -41.27
C ASP H 93 -13.48 -3.89 -40.38
N LYS H 94 -12.66 -4.75 -40.96
CA LYS H 94 -11.61 -5.39 -40.21
C LYS H 94 -10.27 -5.02 -40.76
N ALA H 95 -10.25 -4.24 -41.82
CA ALA H 95 -9.01 -3.89 -42.48
C ALA H 95 -8.02 -2.98 -41.73
N TYR H 96 -8.52 -1.98 -41.02
CA TYR H 96 -7.61 -1.05 -40.34
C TYR H 96 -7.68 -1.10 -38.80
N VAL H 97 -6.63 -0.61 -38.14
CA VAL H 97 -6.56 -0.71 -36.69
C VAL H 97 -7.73 -0.07 -35.95
N SER H 98 -8.18 -0.76 -34.91
CA SER H 98 -9.29 -0.33 -34.09
C SER H 98 -9.03 -0.70 -32.63
N ASN H 99 -9.78 -0.10 -31.72
CA ASN H 99 -9.65 -0.29 -30.27
C ASN H 99 -10.83 -0.96 -29.56
N GLU H 100 -11.71 -1.66 -30.25
CA GLU H 100 -12.97 -2.01 -29.59
C GLU H 100 -12.83 -3.06 -28.48
N SER H 101 -11.89 -4.00 -28.57
CA SER H 101 -11.67 -4.98 -27.49
C SER H 101 -11.20 -4.35 -26.18
N ALA H 102 -10.68 -3.13 -26.20
CA ALA H 102 -10.15 -2.47 -25.01
C ALA H 102 -11.21 -2.14 -23.98
N ILE H 103 -12.50 -2.22 -24.33
CA ILE H 103 -13.59 -2.09 -23.38
C ILE H 103 -13.45 -3.13 -22.25
N ARG H 104 -12.92 -4.33 -22.55
CA ARG H 104 -12.77 -5.40 -21.57
C ARG H 104 -11.57 -5.21 -20.64
N PHE H 105 -10.69 -4.31 -20.95
CA PHE H 105 -9.38 -4.25 -20.30
C PHE H 105 -9.36 -3.38 -19.06
N GLY H 106 -8.48 -3.70 -18.13
CA GLY H 106 -7.93 -2.73 -17.21
C GLY H 106 -6.94 -1.74 -17.87
N SER H 107 -5.82 -1.38 -17.27
CA SER H 107 -4.95 -0.37 -17.90
C SER H 107 -3.84 -0.95 -18.76
N VAL H 108 -4.13 -1.88 -19.64
CA VAL H 108 -3.10 -2.57 -20.39
C VAL H 108 -3.35 -2.39 -21.88
N SER H 109 -3.92 -1.28 -22.30
CA SER H 109 -4.14 -1.13 -23.77
C SER H 109 -2.86 -0.78 -24.57
N CYS H 110 -1.76 -0.43 -23.91
CA CYS H 110 -0.51 0.00 -24.54
C CYS H 110 0.00 -0.97 -25.62
N LEU H 111 0.02 -0.48 -26.86
CA LEU H 111 0.38 -1.24 -28.06
C LEU H 111 -0.55 -2.44 -28.36
N TYR H 112 -1.67 -2.54 -27.71
CA TYR H 112 -2.74 -3.42 -28.16
C TYR H 112 -3.57 -2.71 -29.23
N TYR H 113 -3.82 -3.38 -30.31
CA TYR H 113 -4.85 -2.89 -31.22
C TYR H 113 -5.49 -4.07 -31.92
N ASP H 114 -6.77 -4.00 -32.17
CA ASP H 114 -7.46 -5.02 -32.92
C ASP H 114 -7.24 -4.78 -34.43
N ASN H 115 -7.42 -5.82 -35.23
CA ASN H 115 -7.36 -5.89 -36.70
C ASN H 115 -5.93 -5.81 -37.28
N ARG H 116 -4.88 -5.90 -36.48
CA ARG H 116 -3.55 -6.17 -37.02
C ARG H 116 -3.51 -7.53 -37.70
N TYR H 117 -3.99 -8.54 -37.03
CA TYR H 117 -4.18 -9.84 -37.66
C TYR H 117 -5.24 -9.72 -38.76
N TRP H 118 -4.93 -10.17 -39.94
CA TRP H 118 -5.93 -10.46 -40.96
C TRP H 118 -6.15 -11.99 -41.08
N THR H 119 -6.95 -12.42 -42.04
CA THR H 119 -7.24 -13.84 -42.21
C THR H 119 -6.36 -14.43 -43.33
N MET H 120 -5.70 -15.54 -43.03
CA MET H 120 -4.82 -16.19 -43.99
C MET H 120 -5.58 -16.83 -45.18
N TRP H 121 -5.04 -16.66 -46.38
CA TRP H 121 -5.63 -17.27 -47.55
C TRP H 121 -4.81 -18.54 -47.75
N LYS H 122 -5.47 -19.68 -47.59
CA LYS H 122 -4.83 -20.99 -47.72
C LYS H 122 -3.62 -21.09 -46.79
N LEU H 123 -2.50 -21.50 -47.32
CA LEU H 123 -1.30 -21.65 -46.49
C LEU H 123 -0.08 -20.91 -47.04
N PRO H 124 0.89 -20.64 -46.16
CA PRO H 124 2.15 -20.08 -46.63
C PRO H 124 2.71 -20.99 -47.68
N MET H 125 3.17 -20.38 -48.76
CA MET H 125 3.56 -21.10 -49.96
C MET H 125 4.98 -21.58 -49.81
N PHE H 126 5.14 -22.65 -49.03
CA PHE H 126 6.44 -23.22 -48.77
C PHE H 126 6.98 -23.77 -50.09
N GLY H 127 8.23 -23.45 -50.38
CA GLY H 127 8.90 -23.85 -51.60
C GLY H 127 8.50 -23.07 -52.83
N CYS H 128 7.86 -21.93 -52.67
CA CYS H 128 7.54 -21.08 -53.80
C CYS H 128 8.80 -20.56 -54.45
N ARG H 129 8.93 -20.85 -55.73
CA ARG H 129 10.05 -20.41 -56.54
C ARG H 129 9.58 -19.58 -57.72
N ASP H 130 8.38 -19.83 -58.22
CA ASP H 130 7.90 -19.13 -59.37
C ASP H 130 6.86 -18.10 -58.99
N PRO H 131 6.94 -16.87 -59.51
CA PRO H 131 6.00 -15.83 -59.10
C PRO H 131 4.59 -15.98 -59.63
N MET H 132 4.34 -16.91 -60.56
CA MET H 132 3.04 -16.97 -61.19
C MET H 132 2.03 -17.68 -60.29
N GLN H 133 2.52 -18.46 -59.33
CA GLN H 133 1.64 -19.06 -58.34
C GLN H 133 1.02 -18.01 -57.40
N VAL H 134 1.82 -17.02 -56.98
CA VAL H 134 1.30 -15.97 -56.13
C VAL H 134 0.29 -15.15 -56.89
N LEU H 135 0.59 -14.85 -58.16
CA LEU H 135 -0.32 -14.06 -58.98
C LEU H 135 -1.63 -14.79 -59.25
N ARG H 136 -1.57 -16.11 -59.40
CA ARG H 136 -2.78 -16.91 -59.51
C ARG H 136 -3.56 -16.94 -58.18
N GLU H 137 -2.86 -17.07 -57.05
CA GLU H 137 -3.51 -17.05 -55.77
C GLU H 137 -4.12 -15.70 -55.43
N ILE H 138 -3.49 -14.61 -55.89
CA ILE H 138 -4.08 -13.29 -55.70
C ILE H 138 -5.40 -13.18 -56.42
N VAL H 139 -5.44 -13.65 -57.68
CA VAL H 139 -6.69 -13.67 -58.45
C VAL H 139 -7.74 -14.54 -57.78
N ALA H 140 -7.36 -15.72 -57.30
CA ALA H 140 -8.32 -16.61 -56.64
C ALA H 140 -8.90 -15.99 -55.36
N CYS H 141 -8.06 -15.35 -54.54
CA CYS H 141 -8.55 -14.73 -53.31
C CYS H 141 -9.52 -13.59 -53.61
N THR H 142 -9.18 -12.74 -54.58
CA THR H 142 -10.04 -11.62 -54.92
C THR H 142 -11.33 -12.08 -55.59
N LYS H 143 -11.27 -13.19 -56.31
CA LYS H 143 -12.47 -13.76 -56.89
C LYS H 143 -13.40 -14.31 -55.81
N ALA H 144 -12.85 -15.00 -54.81
CA ALA H 144 -13.67 -15.49 -53.70
C ALA H 144 -14.11 -14.34 -52.79
N PHE H 145 -13.34 -13.29 -52.69
CA PHE H 145 -13.65 -12.22 -51.74
C PHE H 145 -13.55 -10.88 -52.43
N PRO H 146 -14.58 -10.47 -53.16
CA PRO H 146 -14.47 -9.23 -53.95
C PRO H 146 -14.54 -7.98 -53.11
N ASP H 147 -15.14 -8.03 -51.94
CA ASP H 147 -15.20 -6.88 -51.06
C ASP H 147 -14.03 -6.81 -50.07
N ALA H 148 -12.97 -7.58 -50.27
CA ALA H 148 -11.88 -7.70 -49.31
C ALA H 148 -10.61 -7.00 -49.78
N TYR H 149 -9.94 -6.30 -48.88
CA TYR H 149 -8.54 -5.96 -49.08
C TYR H 149 -7.69 -7.24 -49.06
N VAL H 150 -6.62 -7.31 -49.84
CA VAL H 150 -5.74 -8.49 -49.87
C VAL H 150 -4.30 -8.02 -49.72
N ARG H 151 -3.58 -8.59 -48.79
CA ARG H 151 -2.20 -8.22 -48.61
C ARG H 151 -1.29 -9.42 -48.80
N LEU H 152 -0.12 -9.14 -49.31
CA LEU H 152 0.90 -10.14 -49.54
C LEU H 152 1.96 -10.01 -48.46
N VAL H 153 2.16 -11.07 -47.71
CA VAL H 153 3.14 -10.99 -46.66
C VAL H 153 4.27 -11.96 -47.00
N ALA H 154 5.34 -11.86 -46.26
CA ALA H 154 6.46 -12.77 -46.45
C ALA H 154 7.11 -13.04 -45.11
N PHE H 155 7.52 -14.27 -44.93
CA PHE H 155 8.11 -14.77 -43.69
C PHE H 155 9.53 -15.19 -43.97
N ASP H 156 10.44 -14.88 -43.07
CA ASP H 156 11.82 -15.30 -43.16
C ASP H 156 12.06 -16.35 -42.10
N ASN H 157 12.23 -17.58 -42.56
CA ASN H 157 12.33 -18.71 -41.63
C ASN H 157 13.68 -18.72 -40.92
N GLN H 158 14.67 -18.00 -41.44
CA GLN H 158 15.91 -17.84 -40.71
C GLN H 158 15.72 -17.00 -39.46
N LYS H 159 15.17 -15.81 -39.61
CA LYS H 159 14.95 -14.94 -38.47
C LYS H 159 13.62 -15.26 -37.77
N GLN H 160 12.84 -16.23 -38.30
CA GLN H 160 11.55 -16.70 -37.77
C GLN H 160 10.59 -15.55 -37.44
N VAL H 161 10.24 -14.75 -38.46
CA VAL H 161 9.48 -13.52 -38.27
C VAL H 161 8.92 -13.08 -39.63
N GLN H 162 7.71 -12.54 -39.61
CA GLN H 162 7.21 -11.77 -40.75
C GLN H 162 8.17 -10.67 -41.14
N ILE H 163 8.47 -10.58 -42.42
CA ILE H 163 9.48 -9.66 -42.91
C ILE H 163 8.96 -8.74 -44.01
N MET H 164 7.85 -9.05 -44.66
CA MET H 164 7.18 -8.11 -45.54
C MET H 164 5.68 -8.12 -45.32
N GLY H 165 5.05 -7.08 -45.80
CA GLY H 165 3.62 -6.99 -45.89
C GLY H 165 3.24 -5.71 -46.61
N PHE H 166 2.60 -5.87 -47.74
CA PHE H 166 2.15 -4.76 -48.56
C PHE H 166 0.90 -5.22 -49.25
N LEU H 167 0.10 -4.26 -49.62
CA LEU H 167 -1.23 -4.49 -50.13
C LEU H 167 -1.18 -4.77 -51.62
N VAL H 168 -1.97 -5.73 -52.08
CA VAL H 168 -2.06 -6.01 -53.50
C VAL H 168 -3.44 -5.76 -54.05
N GLN H 169 -4.45 -5.59 -53.23
CA GLN H 169 -5.76 -5.36 -53.77
C GLN H 169 -6.61 -4.59 -52.79
N ARG H 170 -7.25 -3.57 -53.31
CA ARG H 170 -8.28 -2.84 -52.63
C ARG H 170 -9.63 -3.22 -53.21
N PRO H 171 -10.66 -3.32 -52.42
CA PRO H 171 -11.98 -3.52 -53.00
C PRO H 171 -12.51 -2.21 -53.54
N LYS H 172 -13.06 -2.29 -54.76
CA LYS H 172 -13.79 -1.18 -55.39
C LYS H 172 -14.86 -0.62 -54.46
N SER H 173 -15.61 -1.49 -53.80
CA SER H 173 -16.71 -1.05 -52.95
C SER H 173 -16.26 -0.36 -51.66
N ALA H 174 -14.95 -0.40 -51.36
CA ALA H 174 -14.46 0.35 -50.23
C ALA H 174 -14.42 1.84 -50.54
N ARG H 175 -15.15 2.61 -49.78
CA ARG H 175 -15.01 4.05 -49.87
C ARG H 175 -13.97 4.63 -48.92
N ASP H 176 -13.36 3.80 -48.07
CA ASP H 176 -12.40 4.22 -47.03
C ASP H 176 -11.11 4.83 -47.57
N TRP H 177 -10.77 4.66 -48.84
CA TRP H 177 -9.45 4.98 -49.35
C TRP H 177 -9.50 5.85 -50.61
N GLN H 178 -8.43 6.49 -50.92
CA GLN H 178 -8.49 7.43 -52.05
C GLN H 178 -7.68 6.95 -53.21
N PRO H 179 -8.22 7.12 -54.45
CA PRO H 179 -7.57 6.61 -55.67
C PRO H 179 -6.46 7.50 -56.20
N ALA H 180 -5.54 7.88 -55.33
CA ALA H 180 -4.28 8.54 -55.66
C ALA H 180 -4.46 9.89 -56.35
N ASN H 181 -5.65 10.48 -56.18
CA ASN H 181 -6.00 11.90 -56.31
C ASN H 181 -6.49 12.39 -54.95
N LYS H 182 -5.63 12.17 -53.94
CA LYS H 182 -5.72 12.38 -52.51
C LYS H 182 -5.03 13.65 -52.00
N ARG H 183 -4.41 14.42 -52.89
CA ARG H 183 -4.08 15.83 -52.79
C ARG H 183 -3.36 16.28 -51.55
N LYS I 18 50.31 -2.15 -7.90
CA LYS I 18 49.99 -1.01 -8.74
C LYS I 18 51.02 -0.74 -9.85
N ASP I 19 50.74 -1.21 -11.07
CA ASP I 19 51.58 -1.00 -12.26
C ASP I 19 52.98 -1.56 -12.03
N TYR I 20 53.08 -2.88 -11.91
CA TYR I 20 54.37 -3.52 -11.68
C TYR I 20 54.98 -3.99 -13.00
N ARG I 21 54.13 -4.10 -14.03
CA ARG I 21 54.34 -4.50 -15.41
C ARG I 21 54.53 -6.01 -15.54
N LEU I 22 54.89 -6.71 -14.48
CA LEU I 22 55.02 -8.15 -14.64
C LEU I 22 53.79 -8.82 -14.05
N THR I 23 53.18 -8.14 -13.10
CA THR I 23 51.94 -8.65 -12.56
C THR I 23 50.80 -8.42 -13.54
N TYR I 24 50.75 -7.25 -14.17
CA TYR I 24 49.51 -6.83 -14.84
C TYR I 24 49.59 -6.95 -16.32
N TYR I 25 50.79 -6.88 -16.87
CA TYR I 25 51.00 -7.13 -18.27
C TYR I 25 51.42 -8.57 -18.41
N THR I 26 50.50 -9.41 -18.84
CA THR I 26 50.67 -10.85 -18.90
C THR I 26 50.40 -11.31 -20.32
N PRO I 27 51.35 -11.14 -21.22
CA PRO I 27 51.05 -11.32 -22.64
C PRO I 27 50.86 -12.77 -23.07
N ASP I 28 51.02 -13.74 -22.19
CA ASP I 28 50.68 -15.11 -22.51
C ASP I 28 49.39 -15.60 -21.82
N TYR I 29 48.63 -14.70 -21.19
CA TYR I 29 47.32 -15.02 -20.61
C TYR I 29 46.37 -15.53 -21.70
N VAL I 30 45.66 -16.60 -21.43
CA VAL I 30 44.59 -17.04 -22.31
C VAL I 30 43.26 -16.45 -21.84
N VAL I 31 42.61 -15.77 -22.77
CA VAL I 31 41.33 -15.12 -22.54
C VAL I 31 40.26 -16.17 -22.26
N ARG I 32 39.61 -16.06 -21.13
CA ARG I 32 38.48 -16.90 -20.77
C ARG I 32 37.20 -16.44 -21.50
N ASP I 33 36.23 -17.35 -21.61
CA ASP I 33 34.97 -17.04 -22.28
C ASP I 33 34.10 -16.09 -21.47
N THR I 34 34.22 -16.12 -20.17
CA THR I 34 33.41 -15.30 -19.32
C THR I 34 34.05 -13.93 -19.04
N ASP I 35 35.28 -13.69 -19.46
CA ASP I 35 35.92 -12.40 -19.27
C ASP I 35 35.27 -11.29 -20.07
N ILE I 36 35.27 -10.13 -19.50
CA ILE I 36 34.97 -8.89 -20.18
C ILE I 36 36.26 -8.32 -20.76
N LEU I 37 36.28 -8.05 -22.02
CA LEU I 37 37.49 -7.53 -22.63
C LEU I 37 37.32 -6.05 -22.94
N ALA I 38 38.37 -5.32 -22.87
CA ALA I 38 38.37 -3.91 -23.21
C ALA I 38 39.53 -3.63 -24.14
N ALA I 39 39.30 -2.79 -25.14
CA ALA I 39 40.38 -2.26 -25.98
C ALA I 39 40.51 -0.76 -25.74
N PHE I 40 41.60 -0.37 -25.13
CA PHE I 40 41.96 1.02 -24.91
C PHE I 40 42.97 1.56 -25.92
N ARG I 41 42.58 2.57 -26.66
CA ARG I 41 43.54 3.40 -27.39
C ARG I 41 44.23 4.34 -26.41
N MET I 42 45.53 4.23 -26.35
CA MET I 42 46.34 4.68 -25.25
C MET I 42 47.44 5.61 -25.76
N THR I 43 47.59 6.77 -25.14
CA THR I 43 48.65 7.72 -25.50
C THR I 43 49.56 7.97 -24.31
N PRO I 44 50.65 7.23 -24.20
CA PRO I 44 51.54 7.35 -23.04
C PRO I 44 52.27 8.69 -23.00
N GLN I 45 52.57 9.14 -21.80
CA GLN I 45 53.48 10.26 -21.64
C GLN I 45 54.85 9.91 -22.22
N PRO I 46 55.52 10.89 -22.84
CA PRO I 46 56.78 10.60 -23.54
C PRO I 46 57.86 10.07 -22.62
N GLY I 47 58.46 8.97 -23.05
CA GLY I 47 59.38 8.23 -22.22
C GLY I 47 58.78 7.12 -21.38
N VAL I 48 57.46 6.96 -21.36
CA VAL I 48 56.81 5.91 -20.57
C VAL I 48 56.51 4.75 -21.51
N PRO I 49 57.01 3.56 -21.24
CA PRO I 49 56.92 2.49 -22.23
C PRO I 49 55.50 1.96 -22.30
N PRO I 50 55.08 1.39 -23.43
CA PRO I 50 53.68 0.94 -23.60
C PRO I 50 53.26 -0.15 -22.65
N GLU I 51 54.18 -1.00 -22.24
CA GLU I 51 53.88 -2.11 -21.37
C GLU I 51 53.59 -1.63 -19.97
N GLU I 52 54.24 -0.56 -19.56
CA GLU I 52 53.94 0.06 -18.27
C GLU I 52 52.58 0.75 -18.29
N CYS I 53 52.20 1.34 -19.42
CA CYS I 53 50.90 2.02 -19.47
C CYS I 53 49.75 1.03 -19.52
N GLY I 54 49.87 0.00 -20.36
CA GLY I 54 48.86 -1.04 -20.43
C GLY I 54 48.64 -1.73 -19.10
N ALA I 55 49.72 -1.98 -18.37
CA ALA I 55 49.65 -2.56 -17.04
C ALA I 55 48.98 -1.64 -16.04
N ALA I 56 49.30 -0.34 -16.09
CA ALA I 56 48.65 0.66 -15.25
C ALA I 56 47.14 0.73 -15.47
N VAL I 57 46.69 0.67 -16.72
CA VAL I 57 45.26 0.67 -17.04
C VAL I 57 44.62 -0.62 -16.55
N ALA I 58 45.32 -1.76 -16.69
CA ALA I 58 44.85 -3.02 -16.14
C ALA I 58 44.70 -2.94 -14.62
N ALA I 59 45.65 -2.29 -13.97
CA ALA I 59 45.70 -2.31 -12.51
C ALA I 59 44.70 -1.35 -11.83
N GLU I 60 44.36 -0.21 -12.45
CA GLU I 60 43.61 0.92 -11.82
C GLU I 60 44.19 1.22 -10.44
N SER I 61 45.46 1.59 -10.45
CA SER I 61 46.24 1.87 -9.24
C SER I 61 45.53 2.88 -8.34
N SER I 62 45.74 2.76 -7.04
CA SER I 62 44.97 3.64 -6.17
C SER I 62 45.67 5.00 -6.03
N THR I 63 46.79 5.20 -6.74
CA THR I 63 47.43 6.50 -6.93
C THR I 63 47.44 6.87 -8.42
N GLY I 64 46.66 7.92 -8.75
CA GLY I 64 46.52 8.35 -10.14
C GLY I 64 47.54 9.41 -10.49
N THR I 65 48.07 10.09 -9.44
CA THR I 65 49.10 11.13 -9.55
C THR I 65 50.52 10.56 -9.66
N TRP I 66 50.82 9.54 -8.86
CA TRP I 66 52.15 8.91 -8.75
C TRP I 66 52.79 8.07 -9.87
N THR I 67 52.01 7.21 -10.51
CA THR I 67 52.48 6.27 -11.55
C THR I 67 53.57 5.30 -11.07
N THR I 68 53.47 4.87 -9.80
CA THR I 68 54.43 3.92 -9.20
C THR I 68 53.74 2.98 -8.22
N VAL I 69 54.33 1.81 -7.98
CA VAL I 69 53.72 0.89 -7.03
C VAL I 69 54.18 1.31 -5.64
N TRP I 70 53.24 1.85 -4.87
CA TRP I 70 53.51 2.35 -3.54
C TRP I 70 53.06 1.34 -2.49
N THR I 71 51.76 1.00 -2.51
CA THR I 71 51.16 -0.02 -1.64
C THR I 71 50.80 -1.21 -2.53
N ASP I 72 51.56 -2.29 -2.42
CA ASP I 72 51.42 -3.41 -3.35
C ASP I 72 51.16 -4.71 -2.59
N GLY I 73 50.08 -5.39 -2.99
CA GLY I 73 49.62 -6.71 -2.56
C GLY I 73 48.25 -6.74 -1.89
N LEU I 74 47.19 -6.97 -2.67
CA LEU I 74 45.82 -6.83 -2.22
C LEU I 74 44.97 -8.01 -2.66
N THR I 75 43.95 -8.34 -1.87
CA THR I 75 42.96 -9.29 -2.36
C THR I 75 41.93 -8.64 -3.27
N SER I 76 41.96 -7.32 -3.41
CA SER I 76 41.31 -6.74 -4.57
C SER I 76 42.20 -6.76 -5.79
N LEU I 77 43.51 -7.01 -5.63
CA LEU I 77 44.47 -7.05 -6.73
C LEU I 77 45.21 -8.39 -6.88
N ASP I 78 44.63 -9.52 -6.48
CA ASP I 78 45.30 -10.81 -6.72
C ASP I 78 44.51 -11.67 -7.72
N ARG I 79 43.17 -11.71 -7.61
CA ARG I 79 42.29 -12.56 -8.43
C ARG I 79 41.17 -11.73 -9.04
N TYR I 80 41.06 -10.49 -8.61
CA TYR I 80 40.03 -9.60 -9.13
C TYR I 80 40.67 -8.51 -9.97
N LYS I 81 41.80 -8.88 -10.57
CA LYS I 81 42.56 -7.96 -11.40
C LYS I 81 42.37 -8.10 -12.90
N GLY I 82 42.17 -6.96 -13.57
CA GLY I 82 42.12 -6.92 -15.01
C GLY I 82 43.57 -7.12 -15.44
N ARG I 83 43.82 -7.86 -16.51
CA ARG I 83 45.20 -8.08 -16.97
C ARG I 83 45.41 -7.56 -18.39
N CYS I 84 46.50 -6.83 -18.63
CA CYS I 84 46.74 -6.38 -19.98
C CYS I 84 47.40 -7.52 -20.74
N TYR I 85 46.68 -8.14 -21.65
CA TYR I 85 47.19 -9.35 -22.27
C TYR I 85 47.77 -9.13 -23.67
N ASP I 86 47.74 -7.92 -24.20
CA ASP I 86 48.19 -7.62 -25.56
C ASP I 86 48.28 -6.11 -25.73
N ILE I 87 49.39 -5.65 -26.30
CA ILE I 87 49.57 -4.26 -26.70
C ILE I 87 49.99 -4.25 -28.16
N GLU I 88 49.24 -3.53 -28.99
CA GLU I 88 49.56 -3.38 -30.41
C GLU I 88 49.77 -1.92 -30.78
N PRO I 89 50.69 -1.64 -31.70
CA PRO I 89 50.82 -0.29 -32.25
C PRO I 89 49.66 0.07 -33.17
N VAL I 90 49.38 1.37 -33.24
CA VAL I 90 48.35 1.90 -34.11
C VAL I 90 49.04 2.35 -35.40
N PRO I 91 48.63 1.85 -36.57
CA PRO I 91 49.36 2.15 -37.81
C PRO I 91 49.18 3.60 -38.25
N GLY I 92 50.30 4.24 -38.56
CA GLY I 92 50.28 5.63 -38.94
C GLY I 92 50.45 6.59 -37.79
N GLU I 93 50.26 6.11 -36.57
CA GLU I 93 50.46 6.89 -35.36
C GLU I 93 51.81 6.51 -34.79
N ASP I 94 52.40 7.38 -33.99
CA ASP I 94 53.74 7.13 -33.50
C ASP I 94 53.75 6.91 -32.00
N ASN I 95 52.81 7.50 -31.29
CA ASN I 95 52.77 7.36 -29.84
C ASN I 95 51.43 6.77 -29.36
N GLN I 96 50.71 6.02 -30.18
CA GLN I 96 49.43 5.44 -29.77
C GLN I 96 49.45 3.93 -29.88
N TYR I 97 48.85 3.27 -28.89
CA TYR I 97 48.79 1.83 -28.80
C TYR I 97 47.37 1.39 -28.48
N ILE I 98 46.99 0.20 -28.90
CA ILE I 98 45.79 -0.47 -28.40
C ILE I 98 46.22 -1.43 -27.31
N ALA I 99 45.77 -1.19 -26.09
CA ALA I 99 45.94 -2.14 -25.00
C ALA I 99 44.64 -2.92 -24.75
N TYR I 100 44.75 -4.24 -24.76
CA TYR I 100 43.66 -5.19 -24.51
C TYR I 100 43.67 -5.65 -23.06
N VAL I 101 42.57 -5.43 -22.37
CA VAL I 101 42.50 -5.76 -20.94
C VAL I 101 41.39 -6.75 -20.73
N ALA I 102 41.69 -7.82 -20.06
CA ALA I 102 40.70 -8.80 -19.64
C ALA I 102 40.30 -8.53 -18.19
N TYR I 103 39.01 -8.55 -17.93
CA TYR I 103 38.47 -8.42 -16.57
C TYR I 103 37.69 -9.68 -16.22
N PRO I 104 37.91 -10.29 -15.07
CA PRO I 104 37.10 -11.46 -14.69
C PRO I 104 35.65 -11.04 -14.38
N ILE I 105 34.71 -11.90 -14.76
CA ILE I 105 33.29 -11.62 -14.67
C ILE I 105 32.86 -11.43 -13.21
N ASP I 106 33.57 -12.02 -12.27
CA ASP I 106 33.34 -11.82 -10.85
C ASP I 106 33.50 -10.38 -10.39
N LEU I 107 34.17 -9.52 -11.14
CA LEU I 107 34.26 -8.12 -10.80
C LEU I 107 32.93 -7.37 -10.90
N PHE I 108 31.95 -7.86 -11.62
CA PHE I 108 30.88 -7.02 -12.08
C PHE I 108 29.54 -7.39 -11.38
N GLU I 109 28.76 -6.37 -11.03
CA GLU I 109 27.41 -6.61 -10.54
C GLU I 109 26.49 -7.03 -11.69
N GLU I 110 25.86 -8.21 -11.54
CA GLU I 110 24.97 -8.78 -12.56
C GLU I 110 23.87 -7.80 -12.94
N GLY I 111 23.79 -7.45 -14.21
CA GLY I 111 22.68 -6.62 -14.65
C GLY I 111 22.86 -5.14 -14.40
N SER I 112 24.06 -4.66 -14.11
CA SER I 112 24.23 -3.25 -13.76
C SER I 112 25.22 -2.61 -14.71
N VAL I 113 24.73 -1.97 -15.76
CA VAL I 113 25.59 -1.18 -16.63
C VAL I 113 26.37 -0.15 -15.83
N THR I 114 25.69 0.52 -14.86
CA THR I 114 26.34 1.48 -13.97
C THR I 114 27.62 0.92 -13.36
N ASN I 115 27.56 -0.31 -12.89
CA ASN I 115 28.69 -0.86 -12.18
C ASN I 115 29.79 -1.30 -13.16
N MET I 116 29.45 -1.65 -14.37
CA MET I 116 30.49 -2.03 -15.33
C MET I 116 31.31 -0.81 -15.77
N PHE I 117 30.66 0.33 -16.02
CA PHE I 117 31.41 1.54 -16.28
C PHE I 117 32.19 2.00 -15.08
N THR I 118 31.66 1.84 -13.87
CA THR I 118 32.44 2.20 -12.68
C THR I 118 33.72 1.34 -12.59
N SER I 119 33.60 0.06 -12.89
CA SER I 119 34.75 -0.84 -12.79
C SER I 119 35.77 -0.57 -13.90
N ILE I 120 35.31 -0.30 -15.12
CA ILE I 120 36.23 -0.18 -16.26
C ILE I 120 36.73 1.28 -16.44
N VAL I 121 35.84 2.25 -16.46
CA VAL I 121 36.23 3.63 -16.75
C VAL I 121 36.18 4.53 -15.53
N GLY I 122 36.06 3.95 -14.34
CA GLY I 122 35.87 4.75 -13.14
C GLY I 122 37.02 5.69 -12.84
N ASN I 123 38.26 5.22 -12.98
CA ASN I 123 39.44 5.94 -12.54
C ASN I 123 40.58 6.12 -13.56
N VAL I 124 40.79 5.20 -14.50
CA VAL I 124 42.04 5.17 -15.29
C VAL I 124 42.19 6.35 -16.25
N PHE I 125 41.13 7.13 -16.49
CA PHE I 125 41.29 8.16 -17.50
C PHE I 125 42.05 9.35 -16.94
N GLY I 126 42.19 9.47 -15.64
CA GLY I 126 43.03 10.42 -14.97
C GLY I 126 44.47 10.01 -14.71
N PHE I 127 44.93 8.85 -15.16
CA PHE I 127 46.22 8.34 -14.69
C PHE I 127 47.33 9.17 -15.34
N LYS I 128 48.31 9.59 -14.55
CA LYS I 128 49.26 10.59 -15.03
C LYS I 128 50.26 10.03 -16.03
N ALA I 129 50.47 8.71 -16.03
CA ALA I 129 51.38 8.08 -16.98
C ALA I 129 50.84 8.13 -18.42
N LEU I 130 49.54 8.37 -18.56
CA LEU I 130 48.85 8.49 -19.83
C LEU I 130 48.71 9.98 -20.12
N ARG I 131 48.91 10.35 -21.35
CA ARG I 131 48.52 11.67 -21.79
C ARG I 131 47.06 11.70 -22.24
N ALA I 132 46.61 10.66 -22.93
CA ALA I 132 45.24 10.51 -23.40
C ALA I 132 44.86 9.03 -23.40
N LEU I 133 43.58 8.77 -23.28
CA LEU I 133 43.08 7.41 -23.18
C LEU I 133 41.69 7.38 -23.76
N ARG I 134 41.47 6.52 -24.75
CA ARG I 134 40.15 6.31 -25.31
C ARG I 134 39.78 4.83 -25.25
N LEU I 135 38.58 4.56 -24.76
CA LEU I 135 37.98 3.21 -24.73
C LEU I 135 37.20 2.95 -26.02
N GLU I 136 37.75 2.07 -26.83
CA GLU I 136 37.28 1.82 -28.18
C GLU I 136 36.17 0.79 -28.23
N ASP I 137 36.30 -0.30 -27.49
CA ASP I 137 35.41 -1.44 -27.65
C ASP I 137 35.40 -2.28 -26.39
N LEU I 138 34.36 -3.04 -26.23
CA LEU I 138 34.24 -3.97 -25.15
C LEU I 138 33.71 -5.29 -25.66
N ARG I 139 34.24 -6.36 -25.18
CA ARG I 139 33.67 -7.67 -25.42
C ARG I 139 32.82 -8.02 -24.20
N ILE I 140 31.51 -8.06 -24.37
CA ILE I 140 30.60 -8.45 -23.30
C ILE I 140 30.34 -9.93 -23.47
N PRO I 141 30.76 -10.78 -22.54
CA PRO I 141 30.60 -12.22 -22.69
C PRO I 141 29.14 -12.63 -22.51
N PRO I 142 28.74 -13.73 -23.19
CA PRO I 142 27.43 -14.36 -22.94
C PRO I 142 27.06 -14.54 -21.47
N ALA I 143 27.99 -14.86 -20.61
CA ALA I 143 27.64 -15.04 -19.21
C ALA I 143 27.25 -13.70 -18.55
N TYR I 144 27.80 -12.57 -18.99
CA TYR I 144 27.38 -11.30 -18.45
C TYR I 144 26.13 -10.78 -19.15
N VAL I 145 26.07 -10.89 -20.49
CA VAL I 145 24.91 -10.49 -21.29
C VAL I 145 23.61 -11.04 -20.72
N LYS I 146 23.59 -12.30 -20.28
CA LYS I 146 22.34 -12.92 -19.85
C LYS I 146 21.87 -12.41 -18.47
N THR I 147 22.68 -11.68 -17.72
CA THR I 147 22.20 -11.08 -16.49
C THR I 147 21.30 -9.84 -16.70
N PHE I 148 21.19 -9.31 -17.90
CA PHE I 148 20.50 -8.05 -18.17
C PHE I 148 19.11 -8.33 -18.70
N VAL I 149 18.16 -7.53 -18.25
CA VAL I 149 16.85 -7.56 -18.88
C VAL I 149 16.96 -7.15 -20.33
N GLY I 150 17.72 -6.10 -20.61
CA GLY I 150 17.85 -5.59 -21.95
C GLY I 150 16.65 -4.81 -22.50
N PRO I 151 16.63 -4.61 -23.82
CA PRO I 151 15.60 -3.79 -24.46
C PRO I 151 14.20 -4.32 -24.17
N PRO I 152 13.24 -3.44 -23.93
CA PRO I 152 11.89 -3.91 -23.58
C PRO I 152 11.29 -4.76 -24.66
N HIS I 153 11.46 -4.43 -25.92
CA HIS I 153 10.91 -5.18 -27.05
C HIS I 153 11.96 -5.58 -28.10
N GLY I 154 12.77 -4.66 -28.55
CA GLY I 154 13.66 -4.94 -29.64
C GLY I 154 12.91 -4.86 -30.96
N ILE I 155 13.72 -4.78 -32.01
CA ILE I 155 13.29 -4.46 -33.37
C ILE I 155 12.13 -5.34 -33.85
N GLN I 156 12.27 -6.65 -33.76
CA GLN I 156 11.24 -7.61 -34.21
C GLN I 156 9.90 -7.39 -33.54
N VAL I 157 9.90 -7.44 -32.20
CA VAL I 157 8.68 -7.29 -31.44
C VAL I 157 8.04 -5.96 -31.78
N GLU I 158 8.87 -4.92 -31.91
CA GLU I 158 8.41 -3.60 -32.25
C GLU I 158 7.67 -3.58 -33.61
N ARG I 159 8.28 -4.19 -34.63
CA ARG I 159 7.60 -4.31 -35.93
C ARG I 159 6.29 -5.10 -35.82
N ASP I 160 6.25 -6.18 -35.02
CA ASP I 160 5.01 -6.90 -34.84
C ASP I 160 3.98 -6.03 -34.12
N LYS I 161 4.40 -5.28 -33.12
CA LYS I 161 3.43 -4.50 -32.36
C LYS I 161 2.96 -3.30 -33.18
N LEU I 162 3.84 -2.74 -33.99
CA LEU I 162 3.46 -1.61 -34.84
C LEU I 162 2.82 -2.05 -36.16
N ASN I 163 2.84 -3.32 -36.51
CA ASN I 163 2.31 -3.85 -37.79
C ASN I 163 2.96 -3.22 -39.01
N LYS I 164 4.28 -3.06 -39.01
CA LYS I 164 4.98 -2.27 -40.03
C LYS I 164 6.21 -3.03 -40.49
N TYR I 165 6.21 -3.48 -41.73
CA TYR I 165 7.18 -4.43 -42.26
C TYR I 165 7.73 -3.96 -43.58
N GLY I 166 9.00 -4.26 -43.82
CA GLY I 166 9.62 -4.16 -45.14
C GLY I 166 10.06 -2.77 -45.59
N ARG I 167 10.17 -1.80 -44.69
CA ARG I 167 10.68 -0.46 -44.96
C ARG I 167 11.21 0.11 -43.64
N GLY I 168 12.02 1.18 -43.74
CA GLY I 168 12.31 1.98 -42.57
C GLY I 168 11.08 2.64 -41.95
N LEU I 169 11.19 3.01 -40.69
CA LEU I 169 10.17 3.83 -40.03
C LEU I 169 10.55 5.29 -40.26
N LEU I 170 9.56 6.16 -40.23
CA LEU I 170 9.80 7.56 -40.51
C LEU I 170 9.40 8.43 -39.35
N GLY I 171 10.33 9.23 -38.88
CA GLY I 171 10.06 10.19 -37.85
C GLY I 171 10.37 11.61 -38.26
N CYS I 172 10.00 12.54 -37.39
CA CYS I 172 10.41 13.93 -37.49
C CYS I 172 10.36 14.59 -36.12
N THR I 173 11.25 15.54 -35.88
CA THR I 173 11.21 16.32 -34.65
C THR I 173 10.22 17.48 -34.80
N ILE I 174 9.41 17.72 -33.78
CA ILE I 174 8.42 18.79 -33.79
C ILE I 174 9.10 20.06 -33.29
N LYS I 175 9.17 21.05 -34.16
CA LYS I 175 9.55 22.42 -33.80
C LYS I 175 8.44 23.37 -34.27
N PRO I 176 7.42 23.64 -33.44
CA PRO I 176 6.23 24.36 -33.95
C PRO I 176 6.55 25.80 -34.36
N LYS I 177 5.86 26.22 -35.40
CA LYS I 177 6.02 27.55 -35.88
C LYS I 177 5.28 28.57 -35.00
N LEU I 178 4.25 28.15 -34.24
CA LEU I 178 3.30 29.12 -33.65
C LEU I 178 3.47 29.32 -32.14
N GLY I 179 4.08 28.38 -31.45
CA GLY I 179 4.28 28.48 -30.02
C GLY I 179 4.88 27.19 -29.51
N LEU I 180 5.43 27.22 -28.31
CA LEU I 180 5.80 25.96 -27.70
C LEU I 180 4.77 25.44 -26.73
N SER I 181 3.56 25.96 -26.77
CA SER I 181 2.53 25.48 -25.87
C SER I 181 2.18 24.02 -26.20
N ALA I 182 1.58 23.35 -25.22
CA ALA I 182 1.29 21.93 -25.36
C ALA I 182 0.27 21.68 -26.47
N LYS I 183 -0.73 22.53 -26.55
CA LYS I 183 -1.76 22.46 -27.56
C LYS I 183 -1.23 22.65 -28.98
N ASN I 184 -0.38 23.66 -29.18
CA ASN I 184 0.26 23.84 -30.48
C ASN I 184 1.26 22.76 -30.78
N TYR I 185 1.90 22.25 -29.74
CA TYR I 185 2.80 21.14 -29.93
C TYR I 185 2.01 19.96 -30.49
N GLY I 186 0.86 19.67 -29.89
CA GLY I 186 0.00 18.56 -30.33
C GLY I 186 -0.58 18.75 -31.72
N ARG I 187 -0.91 20.00 -32.11
CA ARG I 187 -1.39 20.29 -33.46
C ARG I 187 -0.37 19.90 -34.51
N ALA I 188 0.88 20.29 -34.26
CA ALA I 188 1.98 19.93 -35.15
C ALA I 188 2.23 18.42 -35.19
N VAL I 189 2.13 17.74 -34.04
CA VAL I 189 2.24 16.29 -34.03
C VAL I 189 1.18 15.67 -34.91
N TYR I 190 -0.06 16.13 -34.76
CA TYR I 190 -1.15 15.63 -35.58
C TYR I 190 -0.86 15.85 -37.06
N GLU I 191 -0.41 17.03 -37.46
CA GLU I 191 -0.23 17.33 -38.89
C GLU I 191 0.85 16.45 -39.53
N CYS I 192 1.97 16.24 -38.84
CA CYS I 192 3.03 15.37 -39.31
C CYS I 192 2.61 13.91 -39.39
N LEU I 193 2.03 13.38 -38.31
CA LEU I 193 1.61 11.99 -38.27
C LEU I 193 0.54 11.65 -39.31
N ARG I 194 -0.41 12.56 -39.50
CA ARG I 194 -1.50 12.32 -40.45
C ARG I 194 -1.02 12.14 -41.90
N GLY I 195 0.03 12.87 -42.27
CA GLY I 195 0.62 12.83 -43.59
C GLY I 195 1.36 11.57 -43.98
N GLY I 196 1.72 10.71 -43.01
CA GLY I 196 2.46 9.50 -43.34
C GLY I 196 3.60 9.09 -42.41
N LEU I 197 3.97 9.90 -41.41
CA LEU I 197 5.09 9.51 -40.57
C LEU I 197 4.61 8.49 -39.56
N ASP I 198 5.48 7.56 -39.24
CA ASP I 198 5.22 6.64 -38.13
C ASP I 198 5.28 7.37 -36.78
N PHE I 199 6.28 8.19 -36.56
CA PHE I 199 6.57 8.78 -35.27
C PHE I 199 6.86 10.26 -35.41
N THR I 200 6.60 10.95 -34.36
CA THR I 200 7.19 12.23 -34.09
C THR I 200 7.90 12.15 -32.75
N LYS I 201 8.59 13.21 -32.43
CA LYS I 201 9.65 13.20 -31.43
C LYS I 201 9.59 14.47 -30.58
N ASP I 202 9.35 14.32 -29.27
CA ASP I 202 9.76 15.32 -28.29
C ASP I 202 11.22 15.70 -28.52
N ASP I 203 11.49 16.96 -28.56
CA ASP I 203 12.88 17.37 -28.39
C ASP I 203 13.45 16.97 -27.03
N GLU I 204 14.73 16.59 -27.05
CA GLU I 204 15.44 16.06 -25.88
C GLU I 204 15.40 17.02 -24.68
N ASN I 205 15.33 18.34 -24.89
CA ASN I 205 15.25 19.25 -23.74
C ASN I 205 13.84 19.50 -23.20
N VAL I 206 12.81 19.13 -23.97
CA VAL I 206 11.42 19.33 -23.62
C VAL I 206 11.15 18.29 -22.55
N ASN I 207 11.14 18.68 -21.28
CA ASN I 207 10.78 17.72 -20.28
C ASN I 207 9.51 18.27 -19.68
N SER I 208 9.57 19.30 -18.87
CA SER I 208 8.40 19.94 -18.29
C SER I 208 8.87 21.34 -17.87
N GLN I 209 8.52 22.31 -18.58
CA GLN I 209 8.96 23.70 -18.48
C GLN I 209 7.80 24.63 -18.09
N PRO I 210 8.04 25.91 -17.73
CA PRO I 210 6.90 26.82 -17.57
C PRO I 210 6.09 27.03 -18.85
N PHE I 211 6.69 27.04 -20.03
CA PHE I 211 5.90 27.21 -21.26
C PHE I 211 5.09 25.95 -21.62
N MET I 212 5.41 24.79 -21.04
CA MET I 212 4.75 23.53 -21.42
C MET I 212 5.02 22.46 -20.36
N ARG I 213 4.07 22.23 -19.47
CA ARG I 213 4.22 21.26 -18.41
C ARG I 213 3.95 19.90 -18.97
N TRP I 214 4.64 18.89 -18.46
CA TRP I 214 4.64 17.56 -19.08
C TRP I 214 3.24 16.94 -19.22
N ARG I 215 2.41 17.05 -18.21
CA ARG I 215 1.19 16.26 -18.27
C ARG I 215 0.21 16.85 -19.32
N ASP I 216 0.18 18.18 -19.45
CA ASP I 216 -0.52 18.86 -20.55
C ASP I 216 0.01 18.42 -21.93
N ARG I 217 1.33 18.39 -22.11
CA ARG I 217 1.93 17.86 -23.34
C ARG I 217 1.47 16.41 -23.63
N PHE I 218 1.45 15.57 -22.61
CA PHE I 218 1.12 14.15 -22.80
C PHE I 218 -0.31 14.03 -23.30
N LEU I 219 -1.23 14.79 -22.70
CA LEU I 219 -2.65 14.71 -23.00
C LEU I 219 -2.93 15.18 -24.43
N PHE I 220 -2.46 16.37 -24.80
CA PHE I 220 -2.60 16.87 -26.18
C PHE I 220 -1.88 16.00 -27.21
N VAL I 221 -0.70 15.46 -26.92
CA VAL I 221 -0.08 14.52 -27.85
C VAL I 221 -0.93 13.24 -28.01
N ALA I 222 -1.51 12.73 -26.90
CA ALA I 222 -2.38 11.54 -27.00
C ALA I 222 -3.61 11.81 -27.87
N GLU I 223 -4.19 13.00 -27.79
CA GLU I 223 -5.28 13.34 -28.69
C GLU I 223 -4.80 13.38 -30.15
N ALA I 224 -3.64 13.97 -30.41
CA ALA I 224 -3.07 14.02 -31.74
C ALA I 224 -2.78 12.64 -32.32
N ILE I 225 -2.11 11.76 -31.55
CA ILE I 225 -1.77 10.40 -31.98
C ILE I 225 -3.04 9.64 -32.37
N TYR I 226 -4.06 9.69 -31.51
CA TYR I 226 -5.32 8.99 -31.78
C TYR I 226 -6.08 9.63 -32.95
N LYS I 227 -6.01 10.95 -33.11
CA LYS I 227 -6.65 11.58 -34.27
C LYS I 227 -6.00 11.12 -35.58
N ALA I 228 -4.67 11.22 -35.68
CA ALA I 228 -3.98 10.76 -36.87
C ALA I 228 -4.14 9.25 -37.11
N GLN I 229 -4.24 8.47 -36.04
CA GLN I 229 -4.48 7.03 -36.15
C GLN I 229 -5.90 6.72 -36.68
N ALA I 230 -6.91 7.39 -36.16
CA ALA I 230 -8.25 7.28 -36.72
C ALA I 230 -8.27 7.68 -38.21
N GLU I 231 -7.53 8.70 -38.56
CA GLU I 231 -7.53 9.23 -39.93
C GLU I 231 -6.77 8.31 -40.89
N THR I 232 -5.57 7.88 -40.52
CA THR I 232 -4.73 7.09 -41.42
C THR I 232 -5.11 5.60 -41.40
N GLY I 233 -5.70 5.13 -40.32
CA GLY I 233 -5.83 3.71 -40.07
C GLY I 233 -4.54 2.97 -39.74
N GLU I 234 -3.39 3.62 -39.64
CA GLU I 234 -2.12 3.00 -39.24
C GLU I 234 -1.80 3.33 -37.78
N VAL I 235 -1.04 2.44 -37.13
CA VAL I 235 -0.52 2.73 -35.80
C VAL I 235 0.42 3.96 -35.82
N LYS I 236 0.23 4.87 -34.89
CA LYS I 236 1.03 6.09 -34.79
C LYS I 236 1.60 6.25 -33.38
N GLY I 237 2.76 6.90 -33.27
CA GLY I 237 3.33 7.23 -32.01
C GLY I 237 3.97 8.61 -31.99
N HIS I 238 4.27 9.05 -30.80
CA HIS I 238 5.12 10.21 -30.58
C HIS I 238 6.01 9.84 -29.41
N TYR I 239 7.30 10.06 -29.52
CA TYR I 239 8.23 9.79 -28.44
C TYR I 239 8.03 10.81 -27.31
N LEU I 240 7.31 10.44 -26.29
CA LEU I 240 7.04 11.31 -25.15
C LEU I 240 8.21 11.26 -24.16
N ASN I 241 8.92 12.36 -24.06
CA ASN I 241 10.07 12.49 -23.20
C ASN I 241 9.69 12.30 -21.70
N ALA I 242 10.14 11.23 -21.11
CA ALA I 242 10.05 10.87 -19.71
C ALA I 242 11.25 11.31 -18.83
N THR I 243 12.35 11.73 -19.41
CA THR I 243 13.50 12.33 -18.69
C THR I 243 13.09 13.36 -17.62
N ALA I 244 13.54 13.17 -16.40
CA ALA I 244 13.09 14.00 -15.29
C ALA I 244 14.28 14.31 -14.36
N GLY I 245 14.10 15.24 -13.42
CA GLY I 245 15.07 15.39 -12.34
C GLY I 245 15.21 14.20 -11.41
N THR I 246 14.12 13.47 -11.14
CA THR I 246 14.13 12.39 -10.16
C THR I 246 13.49 11.12 -10.76
N CYS I 247 13.85 9.99 -10.18
CA CYS I 247 13.32 8.75 -10.65
C CYS I 247 11.81 8.75 -10.46
N GLU I 248 11.33 9.22 -9.31
CA GLU I 248 9.89 9.28 -9.04
C GLU I 248 9.15 10.15 -10.06
N GLU I 249 9.66 11.34 -10.39
CA GLU I 249 9.06 12.14 -11.48
C GLU I 249 9.10 11.42 -12.81
N MET I 250 10.23 10.81 -13.14
CA MET I 250 10.35 9.99 -14.35
C MET I 250 9.28 8.89 -14.42
N MET I 251 9.08 8.13 -13.33
CA MET I 251 8.08 7.05 -13.29
C MET I 251 6.66 7.61 -13.30
N LYS I 252 6.42 8.76 -12.67
CA LYS I 252 5.15 9.47 -12.86
C LYS I 252 4.84 9.74 -14.34
N ARG I 253 5.83 10.03 -15.13
CA ARG I 253 5.56 10.28 -16.53
C ARG I 253 5.33 8.98 -17.30
N ALA I 254 6.16 7.97 -17.05
CA ALA I 254 5.99 6.65 -17.66
C ALA I 254 4.62 6.04 -17.35
N VAL I 255 4.18 6.13 -16.09
CA VAL I 255 2.83 5.72 -15.66
C VAL I 255 1.68 6.48 -16.44
N ALA I 257 1.81 7.74 -19.46
CA ALA I 257 1.83 7.20 -20.83
C ALA I 257 1.14 5.86 -20.91
N LYS I 258 1.49 4.97 -19.97
CA LYS I 258 0.78 3.72 -19.74
C LYS I 258 -0.72 3.94 -19.69
N GLU I 259 -1.17 4.89 -18.85
CA GLU I 259 -2.61 5.08 -18.66
C GLU I 259 -3.29 5.73 -19.84
N LEU I 260 -2.58 6.55 -20.59
CA LEU I 260 -3.11 7.03 -21.86
C LEU I 260 -3.16 5.94 -22.91
N GLY I 261 -2.53 4.80 -22.68
CA GLY I 261 -2.44 3.73 -23.62
C GLY I 261 -1.61 4.03 -24.84
N VAL I 262 -0.70 5.00 -24.78
CA VAL I 262 0.08 5.42 -25.93
C VAL I 262 1.30 4.50 -26.13
N PRO I 263 1.87 4.42 -27.34
CA PRO I 263 2.81 3.32 -27.61
C PRO I 263 4.22 3.50 -27.10
N ILE I 264 4.73 4.73 -27.00
CA ILE I 264 6.17 4.94 -26.87
C ILE I 264 6.51 6.15 -25.99
N ILE I 265 7.56 6.01 -25.23
CA ILE I 265 8.16 7.08 -24.46
C ILE I 265 9.64 7.14 -24.82
N MET I 266 10.29 8.11 -24.26
CA MET I 266 11.63 8.53 -24.59
C MET I 266 12.49 8.83 -23.37
N HIS I 267 13.75 8.49 -23.43
CA HIS I 267 14.69 8.86 -22.37
C HIS I 267 16.05 9.30 -22.89
N ASP I 268 16.66 10.27 -22.22
CA ASP I 268 18.02 10.76 -22.55
C ASP I 268 18.99 10.06 -21.61
N TYR I 269 19.48 8.91 -22.03
CA TYR I 269 20.06 7.96 -21.08
C TYR I 269 21.37 8.45 -20.50
N LEU I 270 22.09 9.33 -21.19
CA LEU I 270 23.41 9.77 -20.71
C LEU I 270 23.31 10.92 -19.72
N THR I 271 22.24 11.69 -19.78
CA THR I 271 22.05 12.80 -18.87
C THR I 271 21.15 12.41 -17.68
N GLY I 272 20.12 11.60 -17.91
CA GLY I 272 19.43 10.91 -16.83
C GLY I 272 20.29 9.90 -16.08
N GLY I 273 21.01 9.09 -16.79
CA GLY I 273 21.91 8.14 -16.16
C GLY I 273 21.50 6.71 -16.43
N PHE I 274 22.49 5.82 -16.39
CA PHE I 274 22.21 4.40 -16.54
C PHE I 274 21.32 3.84 -15.46
N THR I 275 21.45 4.34 -14.21
CA THR I 275 20.59 3.78 -13.16
C THR I 275 19.12 4.06 -13.48
N ALA I 276 18.76 5.29 -13.79
CA ALA I 276 17.40 5.64 -14.21
C ALA I 276 17.00 4.96 -15.51
N ASN I 277 17.88 4.88 -16.52
CA ASN I 277 17.50 4.27 -17.80
C ASN I 277 17.11 2.78 -17.66
N THR I 278 17.87 2.02 -16.89
CA THR I 278 17.58 0.63 -16.63
C THR I 278 16.27 0.46 -15.85
N SER I 279 16.03 1.25 -14.83
CA SER I 279 14.72 1.29 -14.16
C SER I 279 13.60 1.55 -15.16
N LEU I 280 13.80 2.52 -16.04
CA LEU I 280 12.75 2.83 -17.00
C LEU I 280 12.53 1.69 -17.98
N ALA I 281 13.62 1.13 -18.55
CA ALA I 281 13.54 -0.01 -19.47
C ALA I 281 12.80 -1.21 -18.84
N ILE I 282 13.00 -1.46 -17.56
CA ILE I 282 12.26 -2.53 -16.87
C ILE I 282 10.77 -2.18 -16.72
N TYR I 283 10.44 -0.92 -16.40
CA TYR I 283 9.04 -0.49 -16.37
C TYR I 283 8.40 -0.72 -17.74
N CYS I 284 9.12 -0.38 -18.80
CA CYS I 284 8.60 -0.51 -20.15
C CYS I 284 8.41 -2.00 -20.54
N ARG I 285 9.31 -2.88 -20.15
CA ARG I 285 9.10 -4.30 -20.36
C ARG I 285 7.88 -4.78 -19.60
N ASP I 286 7.73 -4.37 -18.33
CA ASP I 286 6.60 -4.79 -17.50
C ASP I 286 5.24 -4.22 -17.98
N ASN I 287 5.20 -3.11 -18.70
CA ASN I 287 3.91 -2.50 -19.07
C ASN I 287 3.71 -2.36 -20.60
N GLY I 288 4.50 -3.05 -21.42
CA GLY I 288 4.49 -3.05 -22.87
C GLY I 288 4.75 -1.71 -23.55
N LEU I 289 5.36 -0.73 -22.91
CA LEU I 289 5.75 0.49 -23.62
C LEU I 289 7.05 0.28 -24.39
N LEU I 290 7.12 0.82 -25.57
CA LEU I 290 8.39 1.01 -26.30
C LEU I 290 9.23 2.18 -25.77
N LEU I 291 10.56 2.02 -25.81
CA LEU I 291 11.46 3.01 -25.21
C LEU I 291 12.43 3.59 -26.26
N HIS I 292 12.19 4.81 -26.68
CA HIS I 292 13.12 5.53 -27.57
C HIS I 292 14.26 6.18 -26.77
N ILE I 293 15.49 6.03 -27.21
CA ILE I 293 16.60 6.52 -26.43
C ILE I 293 17.35 7.64 -27.18
N HIS I 294 17.44 8.79 -26.57
CA HIS I 294 18.18 9.89 -27.14
C HIS I 294 19.56 10.05 -26.52
N ARG I 295 20.53 10.42 -27.30
CA ARG I 295 21.93 10.31 -26.87
C ARG I 295 22.57 11.66 -26.59
N ALA I 296 21.81 12.61 -26.04
CA ALA I 296 22.34 13.94 -25.71
C ALA I 296 23.52 13.83 -24.74
N MET I 297 24.57 14.60 -25.04
CA MET I 297 25.89 14.71 -24.39
C MET I 297 26.87 13.66 -24.85
N HIS I 298 26.48 12.77 -25.77
CA HIS I 298 27.42 11.76 -26.27
C HIS I 298 28.71 12.42 -26.81
N ALA I 299 28.61 13.61 -27.44
CA ALA I 299 29.79 14.23 -28.04
C ALA I 299 30.74 14.85 -26.99
N VAL I 300 30.26 15.07 -25.77
CA VAL I 300 31.14 15.42 -24.68
C VAL I 300 32.16 14.30 -24.45
N ILE I 301 31.72 13.06 -24.58
CA ILE I 301 32.48 11.82 -24.31
C ILE I 301 33.10 11.20 -25.57
N ASP I 302 32.38 11.19 -26.67
CA ASP I 302 32.69 10.28 -27.75
C ASP I 302 33.33 10.93 -28.96
N ARG I 303 33.59 12.21 -28.95
CA ARG I 303 33.97 12.86 -30.21
C ARG I 303 35.49 12.81 -30.45
N GLN I 304 36.29 13.18 -29.49
CA GLN I 304 37.73 13.28 -29.72
C GLN I 304 38.35 11.92 -29.92
N ARG I 305 39.12 11.81 -30.97
CA ARG I 305 39.74 10.54 -31.33
C ARG I 305 40.73 10.04 -30.27
N ASN I 306 41.36 10.91 -29.51
CA ASN I 306 42.35 10.41 -28.58
C ASN I 306 41.84 10.21 -27.15
N HIS I 307 40.66 10.70 -26.81
CA HIS I 307 40.22 10.63 -25.42
C HIS I 307 38.70 10.45 -25.32
N GLY I 308 38.28 9.70 -24.31
CA GLY I 308 36.89 9.46 -24.07
C GLY I 308 36.51 8.02 -24.29
N ILE I 309 35.28 7.85 -24.71
CA ILE I 309 34.67 6.54 -24.89
C ILE I 309 33.95 6.61 -26.21
N HIS I 310 34.37 5.80 -27.17
CA HIS I 310 33.74 5.72 -28.47
C HIS I 310 32.27 5.35 -28.33
N PHE I 311 31.46 5.90 -29.21
CA PHE I 311 30.01 5.68 -29.19
C PHE I 311 29.60 4.20 -29.24
N ARG I 312 30.35 3.34 -29.94
CA ARG I 312 29.98 1.93 -30.05
C ARG I 312 29.92 1.27 -28.66
N VAL I 313 30.79 1.69 -27.75
CA VAL I 313 30.74 1.24 -26.37
C VAL I 313 29.45 1.73 -25.69
N LEU I 314 29.13 3.01 -25.86
CA LEU I 314 27.95 3.65 -25.28
C LEU I 314 26.66 3.07 -25.87
N ALA I 315 26.70 2.65 -27.13
CA ALA I 315 25.60 1.95 -27.77
C ALA I 315 25.41 0.53 -27.21
N LYS I 316 26.52 -0.17 -27.01
CA LYS I 316 26.55 -1.51 -26.41
C LYS I 316 26.01 -1.42 -24.97
N ALA I 317 26.45 -0.42 -24.22
CA ALA I 317 25.91 -0.14 -22.88
C ALA I 317 24.41 0.05 -22.93
N LEU I 318 23.93 0.89 -23.85
CA LEU I 318 22.50 1.14 -24.01
C LEU I 318 21.74 -0.15 -24.33
N ARG I 319 22.22 -0.96 -25.27
CA ARG I 319 21.58 -2.24 -25.56
C ARG I 319 21.44 -3.14 -24.31
N MET I 320 22.41 -3.12 -23.43
CA MET I 320 22.35 -3.84 -22.17
C MET I 320 21.37 -3.17 -21.19
N SER I 321 21.49 -1.85 -21.01
CA SER I 321 20.60 -1.11 -20.09
C SER I 321 19.16 -1.18 -20.56
N GLY I 322 18.94 -0.99 -21.84
CA GLY I 322 17.68 -1.26 -22.44
C GLY I 322 17.15 -0.08 -23.17
N GLY I 323 16.94 -0.24 -24.44
CA GLY I 323 16.23 0.74 -25.26
C GLY I 323 15.73 0.11 -26.53
N ASP I 324 14.52 0.45 -26.99
CA ASP I 324 14.04 -0.12 -28.25
C ASP I 324 14.56 0.65 -29.48
N HIS I 325 14.77 1.96 -29.42
CA HIS I 325 15.43 2.74 -30.50
C HIS I 325 16.63 3.49 -29.95
N LEU I 326 17.64 3.76 -30.76
CA LEU I 326 18.73 4.62 -30.34
C LEU I 326 19.19 5.59 -31.43
N HIS I 327 19.21 6.88 -31.08
CA HIS I 327 19.83 7.88 -31.96
C HIS I 327 21.23 7.50 -32.32
N SER I 328 21.46 7.36 -33.58
CA SER I 328 22.70 6.78 -34.04
C SER I 328 23.47 7.70 -34.97
N GLY I 329 23.10 8.94 -35.02
CA GLY I 329 23.78 9.90 -35.87
C GLY I 329 23.17 10.14 -37.24
N THR I 330 23.92 10.84 -38.04
CA THR I 330 23.67 10.91 -39.47
C THR I 330 24.86 10.35 -40.20
N VAL I 331 24.62 9.88 -41.43
CA VAL I 331 25.70 9.57 -42.35
C VAL I 331 25.78 10.59 -43.49
N VAL I 332 24.91 11.59 -43.51
CA VAL I 332 25.05 12.72 -44.41
C VAL I 332 26.32 13.48 -44.08
N GLY I 333 27.08 13.84 -45.12
CA GLY I 333 28.29 14.60 -44.93
C GLY I 333 29.48 13.86 -44.36
N LYS I 334 29.44 12.53 -44.32
CA LYS I 334 30.56 11.77 -43.79
C LYS I 334 31.28 11.04 -44.91
N LEU I 335 32.59 10.88 -44.74
CA LEU I 335 33.40 10.12 -45.68
C LEU I 335 33.13 8.63 -45.51
N GLU I 336 33.59 7.84 -46.49
CA GLU I 336 33.40 6.38 -46.49
C GLU I 336 34.01 5.72 -45.25
N GLY I 337 35.14 6.25 -44.77
CA GLY I 337 35.76 5.71 -43.59
C GLY I 337 35.00 5.98 -42.30
N GLU I 338 34.41 7.16 -42.18
CA GLU I 338 33.54 7.44 -41.06
C GLU I 338 32.19 6.72 -41.18
N ARG I 339 31.83 6.35 -42.41
CA ARG I 339 30.63 5.56 -42.68
C ARG I 339 30.83 4.09 -42.35
N GLU I 340 32.03 3.56 -42.57
CA GLU I 340 32.38 2.21 -42.12
C GLU I 340 32.26 2.07 -40.60
N VAL I 341 32.69 3.08 -39.85
CA VAL I 341 32.59 3.07 -38.39
C VAL I 341 31.12 3.04 -37.96
N THR I 342 30.30 3.91 -38.55
CA THR I 342 28.88 4.01 -38.22
C THR I 342 28.17 2.69 -38.48
N LEU I 343 28.46 2.06 -39.62
CA LEU I 343 27.85 0.79 -39.91
C LEU I 343 28.34 -0.30 -38.96
N GLY I 344 29.55 -0.17 -38.41
CA GLY I 344 30.02 -1.11 -37.42
C GLY I 344 29.13 -1.09 -36.20
N PHE I 345 28.89 0.10 -35.64
CA PHE I 345 28.13 0.13 -34.39
C PHE I 345 26.65 -0.11 -34.66
N VAL I 346 26.18 0.15 -35.88
CA VAL I 346 24.81 -0.18 -36.25
C VAL I 346 24.60 -1.68 -36.22
N ASP I 347 25.62 -2.45 -36.66
CA ASP I 347 25.57 -3.90 -36.53
C ASP I 347 25.65 -4.37 -35.07
N LEU I 348 26.44 -3.70 -34.23
CA LEU I 348 26.47 -4.05 -32.81
C LEU I 348 25.13 -3.75 -32.14
N MET I 349 24.41 -2.77 -32.63
CA MET I 349 23.11 -2.40 -32.10
C MET I 349 22.06 -3.44 -32.48
N ARG I 350 22.14 -3.93 -33.70
CA ARG I 350 20.99 -4.63 -34.28
C ARG I 350 21.14 -6.14 -34.29
N ASP I 351 22.34 -6.65 -34.52
CA ASP I 351 22.57 -8.05 -34.84
C ASP I 351 22.75 -8.93 -33.61
N ASP I 352 22.56 -10.23 -33.83
CA ASP I 352 22.83 -11.21 -32.79
C ASP I 352 24.31 -11.54 -32.64
N TYR I 353 25.07 -11.64 -33.71
CA TYR I 353 26.46 -12.06 -33.66
C TYR I 353 27.28 -11.13 -34.53
N VAL I 354 28.26 -10.45 -33.98
CA VAL I 354 29.10 -9.59 -34.80
C VAL I 354 30.55 -10.05 -34.74
N GLU I 355 31.14 -10.32 -35.90
CA GLU I 355 32.54 -10.71 -36.02
C GLU I 355 33.49 -9.52 -35.96
N LYS I 356 34.64 -9.77 -35.34
CA LYS I 356 35.80 -8.91 -35.38
C LYS I 356 36.13 -8.36 -36.76
N ASP I 357 36.25 -7.05 -36.85
CA ASP I 357 36.43 -6.37 -38.13
C ASP I 357 37.03 -5.01 -37.82
N ARG I 358 38.36 -4.91 -37.92
CA ARG I 358 39.09 -3.72 -37.49
C ARG I 358 38.77 -2.51 -38.35
N SER I 359 38.59 -2.72 -39.66
CA SER I 359 38.34 -1.60 -40.56
C SER I 359 36.96 -0.99 -40.33
N ARG I 360 36.05 -1.73 -39.72
CA ARG I 360 34.82 -1.16 -39.23
C ARG I 360 34.93 -0.77 -37.77
N GLY I 361 36.12 -0.75 -37.19
CA GLY I 361 36.31 -0.39 -35.80
C GLY I 361 35.82 -1.41 -34.78
N ILE I 362 35.52 -2.62 -35.20
CA ILE I 362 35.05 -3.66 -34.32
C ILE I 362 36.26 -4.49 -33.85
N TYR I 363 36.57 -4.39 -32.55
CA TYR I 363 37.82 -4.98 -32.06
C TYR I 363 37.61 -6.37 -31.47
N PHE I 364 36.37 -6.77 -31.27
CA PHE I 364 36.08 -7.98 -30.55
C PHE I 364 34.92 -8.65 -31.27
N THR I 365 34.91 -9.96 -31.28
CA THR I 365 33.70 -10.67 -31.67
C THR I 365 32.67 -10.54 -30.54
N GLN I 366 31.50 -10.02 -30.85
CA GLN I 366 30.41 -9.82 -29.88
C GLN I 366 29.30 -10.81 -30.19
N ASP I 367 28.98 -11.65 -29.20
CA ASP I 367 27.85 -12.56 -29.25
C ASP I 367 26.74 -12.02 -28.32
N TRP I 368 25.67 -11.50 -28.90
CA TRP I 368 24.60 -10.97 -28.05
C TRP I 368 23.75 -12.03 -27.40
N CYS I 369 23.85 -13.30 -27.82
CA CYS I 369 23.23 -14.45 -27.13
C CYS I 369 21.70 -14.29 -26.98
N SER I 370 21.07 -13.88 -28.07
CA SER I 370 19.66 -13.60 -28.35
C SER I 370 19.09 -12.37 -27.61
N MET I 371 19.88 -11.52 -26.98
CA MET I 371 19.42 -10.21 -26.56
C MET I 371 18.88 -9.43 -27.75
N PRO I 372 17.65 -8.92 -27.67
CA PRO I 372 17.03 -8.22 -28.81
C PRO I 372 17.85 -7.02 -29.27
N GLY I 373 17.86 -6.81 -30.57
CA GLY I 373 18.53 -5.68 -31.15
C GLY I 373 17.79 -4.37 -30.93
N VAL I 374 18.49 -3.29 -31.14
CA VAL I 374 17.99 -1.94 -31.03
C VAL I 374 17.94 -1.32 -32.44
N MET I 375 16.84 -0.67 -32.75
CA MET I 375 16.64 0.09 -33.97
C MET I 375 17.47 1.39 -33.95
N PRO I 376 18.46 1.53 -34.81
CA PRO I 376 19.10 2.84 -35.00
C PRO I 376 18.15 3.90 -35.57
N VAL I 377 18.28 5.09 -35.08
CA VAL I 377 17.58 6.26 -35.60
C VAL I 377 18.58 7.22 -36.28
N ALA I 378 18.43 7.36 -37.57
CA ALA I 378 19.30 8.18 -38.39
C ALA I 378 18.69 9.54 -38.66
N SER I 379 19.48 10.55 -38.50
CA SER I 379 19.12 11.84 -39.07
C SER I 379 19.14 11.72 -40.60
N GLY I 380 17.98 11.82 -41.24
CA GLY I 380 17.93 12.14 -42.64
C GLY I 380 18.25 13.58 -42.87
N GLY I 381 18.61 13.93 -44.08
CA GLY I 381 19.00 15.28 -44.34
C GLY I 381 17.86 16.28 -44.36
N ILE I 382 18.22 17.47 -44.83
CA ILE I 382 17.28 18.56 -45.04
C ILE I 382 16.22 18.15 -46.04
N HIS I 383 16.60 17.33 -47.00
CA HIS I 383 15.70 17.08 -48.11
C HIS I 383 15.49 15.58 -48.33
N VAL I 384 14.68 15.29 -49.35
CA VAL I 384 14.23 13.93 -49.65
C VAL I 384 15.13 13.22 -50.65
N TRP I 385 16.13 13.90 -51.19
CA TRP I 385 17.06 13.33 -52.15
C TRP I 385 18.11 12.46 -51.49
N HIS I 386 18.26 12.55 -50.18
CA HIS I 386 19.09 11.60 -49.48
C HIS I 386 18.43 10.27 -49.26
N MET I 387 17.11 10.16 -49.50
CA MET I 387 16.39 8.90 -49.28
C MET I 387 17.01 7.67 -49.93
N PRO I 388 17.48 7.68 -51.20
CA PRO I 388 18.13 6.47 -51.75
C PRO I 388 19.39 6.04 -51.02
N ALA I 389 20.24 6.97 -50.61
CA ALA I 389 21.43 6.63 -49.85
C ALA I 389 21.09 6.02 -48.50
N LEU I 390 20.13 6.61 -47.77
CA LEU I 390 19.70 6.09 -46.45
C LEU I 390 19.16 4.68 -46.54
N VAL I 391 18.37 4.37 -47.56
CA VAL I 391 17.78 3.05 -47.69
C VAL I 391 18.84 2.03 -48.03
N GLU I 392 19.80 2.41 -48.86
CA GLU I 392 20.90 1.54 -49.23
C GLU I 392 21.84 1.28 -48.07
N ILE I 393 22.11 2.28 -47.26
CA ILE I 393 23.08 2.11 -46.19
C ILE I 393 22.46 1.38 -45.00
N PHE I 394 21.29 1.84 -44.55
CA PHE I 394 20.74 1.28 -43.33
C PHE I 394 19.97 -0.01 -43.59
N GLY I 395 19.43 -0.19 -44.77
CA GLY I 395 18.43 -1.21 -45.01
C GLY I 395 17.10 -0.87 -44.33
N ASP I 396 16.22 -1.86 -44.19
CA ASP I 396 14.91 -1.57 -43.67
C ASP I 396 14.89 -1.31 -42.15
N ASP I 397 15.79 -1.90 -41.36
CA ASP I 397 15.66 -1.84 -39.90
C ASP I 397 16.29 -0.57 -39.32
N ALA I 398 15.57 0.53 -39.47
CA ALA I 398 16.01 1.84 -39.03
C ALA I 398 14.84 2.82 -39.03
N CYS I 399 14.89 3.80 -38.17
CA CYS I 399 14.01 4.93 -38.30
C CYS I 399 14.81 6.05 -38.97
N LEU I 400 14.25 6.62 -39.97
CA LEU I 400 14.85 7.79 -40.58
C LEU I 400 14.13 9.01 -40.04
N GLN I 401 14.86 9.87 -39.35
CA GLN I 401 14.30 11.09 -38.82
C GLN I 401 14.56 12.23 -39.76
N PHE I 402 13.54 13.01 -40.03
CA PHE I 402 13.63 14.13 -40.92
C PHE I 402 13.45 15.40 -40.10
N GLY I 403 14.47 16.26 -40.15
CA GLY I 403 14.55 17.39 -39.24
C GLY I 403 13.80 18.59 -39.77
N GLY I 404 13.74 18.71 -41.08
CA GLY I 404 12.94 19.69 -41.78
C GLY I 404 12.51 19.24 -43.16
N GLY I 405 12.63 17.96 -43.49
CA GLY I 405 12.06 17.46 -44.75
C GLY I 405 10.56 17.70 -44.80
N THR I 406 9.87 17.23 -43.78
CA THR I 406 8.45 17.43 -43.60
C THR I 406 8.08 18.93 -43.46
N LEU I 407 8.97 19.75 -42.86
CA LEU I 407 8.52 21.10 -42.46
C LEU I 407 9.19 22.21 -43.27
N GLY I 408 10.30 21.90 -43.92
CA GLY I 408 10.76 22.84 -44.91
C GLY I 408 9.97 22.75 -46.19
N HIS I 409 9.14 21.71 -46.32
CA HIS I 409 8.24 21.56 -47.44
C HIS I 409 7.33 22.77 -47.56
N PRO I 410 7.13 23.29 -48.76
CA PRO I 410 6.39 24.55 -48.88
C PRO I 410 4.93 24.43 -48.57
N TRP I 411 4.33 23.25 -48.68
CA TRP I 411 2.90 23.11 -48.40
C TRP I 411 2.60 22.75 -46.93
N GLY I 412 3.58 22.57 -46.07
CA GLY I 412 3.35 22.39 -44.66
C GLY I 412 3.69 21.00 -44.17
N ASN I 413 3.33 20.72 -42.90
CA ASN I 413 3.72 19.46 -42.27
C ASN I 413 3.14 18.22 -42.97
N ALA I 414 1.84 18.15 -43.17
CA ALA I 414 1.25 16.91 -43.71
C ALA I 414 1.73 16.57 -45.13
N PRO I 415 1.79 17.50 -46.11
CA PRO I 415 2.38 17.12 -47.41
C PRO I 415 3.88 16.82 -47.33
N GLY I 416 4.57 17.47 -46.41
CA GLY I 416 5.97 17.15 -46.19
C GLY I 416 6.16 15.74 -45.68
N ALA I 417 5.33 15.33 -44.71
CA ALA I 417 5.30 13.95 -44.28
C ALA I 417 4.99 13.03 -45.43
N ALA I 418 4.00 13.42 -46.25
CA ALA I 418 3.59 12.59 -47.36
C ALA I 418 4.67 12.48 -48.41
N ALA I 419 5.43 13.55 -48.62
CA ALA I 419 6.56 13.52 -49.55
C ALA I 419 7.68 12.60 -49.05
N ASN I 420 8.00 12.64 -47.75
CA ASN I 420 8.98 11.70 -47.20
C ASN I 420 8.56 10.25 -47.33
N ARG I 421 7.27 9.95 -47.09
CA ARG I 421 6.77 8.60 -47.13
C ARG I 421 6.75 8.03 -48.55
N VAL I 422 6.37 8.85 -49.53
CA VAL I 422 6.41 8.47 -50.94
C VAL I 422 7.84 8.15 -51.38
N ALA I 423 8.78 9.02 -51.07
CA ALA I 423 10.19 8.83 -51.41
C ALA I 423 10.78 7.58 -50.77
N LEU I 424 10.46 7.31 -49.50
CA LEU I 424 10.92 6.10 -48.83
C LEU I 424 10.35 4.87 -49.50
N GLU I 425 9.07 4.91 -49.82
CA GLU I 425 8.39 3.75 -50.37
C GLU I 425 8.84 3.47 -51.80
N ALA I 426 9.09 4.52 -52.61
CA ALA I 426 9.57 4.34 -53.99
C ALA I 426 11.00 3.82 -54.01
N CYS I 427 11.85 4.32 -53.12
CA CYS I 427 13.19 3.77 -52.95
C CYS I 427 13.16 2.33 -52.45
N THR I 428 12.20 1.99 -51.57
CA THR I 428 12.06 0.62 -51.12
C THR I 428 11.63 -0.31 -52.24
N GLN I 429 10.62 0.11 -53.00
CA GLN I 429 10.16 -0.60 -54.18
C GLN I 429 11.29 -0.83 -55.18
N ALA I 430 12.07 0.21 -55.46
CA ALA I 430 13.15 0.13 -56.44
C ALA I 430 14.28 -0.79 -55.97
N ARG I 431 14.64 -0.72 -54.70
CA ARG I 431 15.57 -1.65 -54.07
C ARG I 431 15.10 -3.10 -54.19
N ASN I 432 13.82 -3.39 -53.94
CA ASN I 432 13.35 -4.77 -54.01
C ASN I 432 13.35 -5.28 -55.45
N GLU I 433 13.08 -4.41 -56.40
CA GLU I 433 13.15 -4.67 -57.85
C GLU I 433 14.56 -4.84 -58.37
N GLY I 434 15.59 -4.77 -57.55
CA GLY I 434 16.95 -5.01 -57.96
C GLY I 434 17.70 -3.82 -58.48
N ARG I 435 17.13 -2.61 -58.44
CA ARG I 435 17.83 -1.43 -58.91
C ARG I 435 18.91 -0.99 -57.93
N ASP I 436 19.96 -0.39 -58.48
CA ASP I 436 21.09 0.10 -57.71
C ASP I 436 20.76 1.52 -57.23
N LEU I 437 20.55 1.68 -55.93
CA LEU I 437 20.16 2.99 -55.43
C LEU I 437 21.32 3.97 -55.41
N ALA I 438 22.56 3.47 -55.38
CA ALA I 438 23.72 4.35 -55.49
C ALA I 438 23.74 5.05 -56.84
N ARG I 439 23.35 4.36 -57.89
CA ARG I 439 23.39 4.94 -59.22
C ARG I 439 22.07 5.58 -59.59
N GLU I 440 20.98 4.87 -59.37
CA GLU I 440 19.69 5.16 -59.96
C GLU I 440 18.73 5.85 -59.02
N GLY I 441 19.19 6.33 -57.86
CA GLY I 441 18.28 6.85 -56.86
C GLY I 441 17.66 8.18 -57.26
N GLY I 442 18.44 9.03 -57.93
CA GLY I 442 17.88 10.23 -58.52
C GLY I 442 16.82 9.94 -59.56
N ASP I 443 17.02 8.91 -60.36
CA ASP I 443 16.03 8.48 -61.33
C ASP I 443 14.78 7.88 -60.65
N VAL I 444 14.94 7.25 -59.49
CA VAL I 444 13.78 6.73 -58.75
C VAL I 444 12.92 7.85 -58.22
N ILE I 445 13.55 8.88 -57.65
CA ILE I 445 12.83 10.00 -57.07
C ILE I 445 12.11 10.82 -58.15
N ARG I 446 12.81 11.15 -59.25
CA ARG I 446 12.20 11.91 -60.36
C ARG I 446 11.01 11.16 -60.97
N SER I 447 11.08 9.85 -61.04
CA SER I 447 9.99 9.04 -61.53
C SER I 447 8.80 9.03 -60.56
N ALA I 448 9.05 9.15 -59.25
CA ALA I 448 7.93 9.22 -58.31
C ALA I 448 7.34 10.63 -58.27
N CYS I 449 8.14 11.65 -58.61
CA CYS I 449 7.65 13.03 -58.73
C CYS I 449 6.59 13.19 -59.80
N LYS I 450 6.58 12.34 -60.82
CA LYS I 450 5.61 12.48 -61.91
C LYS I 450 4.18 12.24 -61.43
N TRP I 451 3.97 11.26 -60.57
CA TRP I 451 2.64 11.04 -60.05
C TRP I 451 2.39 11.61 -58.65
N SER I 452 3.40 12.03 -57.89
CA SER I 452 3.12 12.55 -56.55
C SER I 452 3.32 14.05 -56.55
N PRO I 453 2.26 14.84 -56.46
CA PRO I 453 2.45 16.30 -56.39
C PRO I 453 3.19 16.77 -55.14
N GLU I 454 3.04 16.07 -54.02
CA GLU I 454 3.74 16.47 -52.81
C GLU I 454 5.24 16.26 -52.96
N LEU I 455 5.65 15.09 -53.45
CA LEU I 455 7.06 14.86 -53.71
C LEU I 455 7.61 15.79 -54.78
N ALA I 456 6.82 16.08 -55.81
CA ALA I 456 7.24 17.03 -56.86
C ALA I 456 7.48 18.43 -56.29
N ALA I 457 6.65 18.87 -55.34
CA ALA I 457 6.87 20.17 -54.72
C ALA I 457 8.06 20.18 -53.76
N ALA I 458 8.38 19.04 -53.15
CA ALA I 458 9.57 18.99 -52.29
C ALA I 458 10.84 19.03 -53.12
N CYS I 459 10.81 18.44 -54.32
CA CYS I 459 12.00 18.43 -55.17
C CYS I 459 12.17 19.72 -55.95
N GLU I 460 11.15 20.58 -56.01
CA GLU I 460 11.28 21.94 -56.52
C GLU I 460 12.24 22.76 -55.69
N VAL I 461 12.14 22.64 -54.36
CA VAL I 461 13.17 23.06 -53.42
C VAL I 461 14.52 22.46 -53.74
N MET J 46 24.25 -39.86 36.97
CA MET J 46 23.56 -39.01 36.00
C MET J 46 23.85 -37.59 36.45
N MET J 47 24.50 -36.82 35.60
CA MET J 47 25.01 -35.50 35.93
C MET J 47 24.21 -34.44 35.14
N VAL J 48 24.27 -33.18 35.56
CA VAL J 48 23.52 -32.09 34.94
C VAL J 48 24.50 -31.08 34.35
N TRP J 49 24.41 -30.86 33.03
CA TRP J 49 25.20 -29.84 32.37
C TRP J 49 24.83 -28.47 32.94
N THR J 50 25.77 -27.78 33.52
CA THR J 50 25.38 -26.59 34.28
C THR J 50 25.09 -25.40 33.36
N PRO J 51 24.01 -24.66 33.62
CA PRO J 51 23.73 -23.39 32.91
C PRO J 51 24.43 -22.19 33.52
N VAL J 52 25.13 -22.31 34.65
CA VAL J 52 25.67 -21.15 35.35
C VAL J 52 27.14 -21.00 34.98
N ASN J 53 27.53 -19.80 34.60
CA ASN J 53 28.93 -19.42 34.36
C ASN J 53 29.65 -20.41 33.45
N ASN J 54 28.99 -20.84 32.41
CA ASN J 54 29.48 -21.96 31.62
C ASN J 54 29.53 -21.54 30.14
N LYS J 55 30.04 -20.35 29.88
CA LYS J 55 30.19 -19.81 28.52
C LYS J 55 31.20 -20.58 27.65
N MET J 56 30.90 -20.72 26.37
CA MET J 56 31.75 -21.41 25.40
C MET J 56 32.26 -20.43 24.33
N PHE J 57 33.39 -20.74 23.72
CA PHE J 57 33.97 -19.80 22.77
C PHE J 57 34.24 -20.35 21.40
N GLU J 58 33.28 -21.15 20.94
CA GLU J 58 33.27 -21.89 19.68
C GLU J 58 34.26 -23.06 19.57
N THR J 59 34.93 -23.20 18.44
CA THR J 59 35.76 -24.38 18.23
C THR J 59 36.83 -24.63 19.30
N PHE J 60 36.81 -25.87 19.80
CA PHE J 60 37.69 -26.47 20.83
C PHE J 60 37.35 -26.08 22.28
N SER J 61 36.34 -25.24 22.49
CA SER J 61 36.00 -24.84 23.87
C SER J 61 35.36 -25.96 24.68
N TYR J 62 34.96 -27.04 24.06
CA TYR J 62 34.46 -28.17 24.83
C TYR J 62 35.57 -29.16 25.18
N LEU J 63 36.80 -28.90 24.76
CA LEU J 63 37.98 -29.69 25.12
C LEU J 63 38.65 -29.04 26.32
N PRO J 64 39.55 -29.75 27.03
CA PRO J 64 40.43 -29.05 27.98
C PRO J 64 41.25 -27.98 27.27
N PRO J 65 41.68 -26.92 27.98
CA PRO J 65 42.49 -25.86 27.35
C PRO J 65 43.73 -26.44 26.69
N LEU J 66 43.98 -26.00 25.48
CA LEU J 66 45.05 -26.60 24.72
C LEU J 66 46.38 -26.21 25.34
N SER J 67 47.21 -27.21 25.62
CA SER J 67 48.57 -26.95 26.07
C SER J 67 49.40 -26.34 24.95
N ASP J 68 50.62 -25.94 25.32
CA ASP J 68 51.53 -25.35 24.36
C ASP J 68 51.86 -26.31 23.22
N GLU J 69 52.00 -27.60 23.55
CA GLU J 69 52.22 -28.60 22.51
C GLU J 69 50.97 -28.79 21.65
N GLN J 70 49.79 -28.68 22.24
CA GLN J 70 48.58 -28.76 21.46
C GLN J 70 48.39 -27.52 20.58
N ILE J 71 48.80 -26.35 21.06
CA ILE J 71 48.73 -25.16 20.22
C ILE J 71 49.73 -25.26 19.08
N ALA J 72 50.93 -25.74 19.37
CA ALA J 72 51.99 -25.88 18.37
C ALA J 72 51.59 -26.85 17.27
N ALA J 73 50.90 -27.93 17.61
CA ALA J 73 50.43 -28.87 16.62
C ALA J 73 49.32 -28.31 15.74
N GLN J 74 48.41 -27.50 16.31
CA GLN J 74 47.43 -26.78 15.50
C GLN J 74 48.11 -25.78 14.57
N VAL J 75 49.16 -25.09 15.03
CA VAL J 75 49.89 -24.14 14.19
C VAL J 75 50.59 -24.85 13.04
N ASP J 76 51.13 -26.05 13.30
CA ASP J 76 51.64 -26.90 12.23
C ASP J 76 50.59 -27.24 11.19
N TYR J 77 49.34 -27.47 11.61
CA TYR J 77 48.28 -27.68 10.65
C TYR J 77 48.02 -26.43 9.83
N ILE J 78 48.05 -25.25 10.46
CA ILE J 78 47.89 -23.96 9.78
C ILE J 78 48.99 -23.74 8.75
N VAL J 79 50.23 -24.00 9.13
CA VAL J 79 51.38 -23.70 8.27
C VAL J 79 51.43 -24.62 7.06
N ALA J 80 51.25 -25.92 7.27
CA ALA J 80 51.26 -26.91 6.19
C ALA J 80 50.22 -26.62 5.13
N ASN J 81 49.08 -26.10 5.53
CA ASN J 81 48.05 -25.74 4.59
C ASN J 81 48.30 -24.43 3.88
N GLY J 82 49.38 -23.72 4.16
CA GLY J 82 49.59 -22.40 3.62
C GLY J 82 48.72 -21.32 4.21
N TRP J 83 48.17 -21.55 5.40
CA TRP J 83 47.26 -20.59 5.98
C TRP J 83 48.00 -19.54 6.78
N ILE J 84 47.34 -18.42 7.02
CA ILE J 84 47.95 -17.30 7.71
C ILE J 84 47.38 -17.24 9.13
N PRO J 85 48.17 -17.55 10.15
CA PRO J 85 47.73 -17.36 11.53
C PRO J 85 47.62 -15.89 11.90
N CYS J 86 46.71 -15.60 12.81
CA CYS J 86 46.54 -14.28 13.38
C CYS J 86 45.98 -14.45 14.79
N LEU J 87 46.33 -13.58 15.70
CA LEU J 87 45.73 -13.63 17.03
C LEU J 87 44.72 -12.51 17.21
N GLU J 88 43.70 -12.77 17.98
CA GLU J 88 42.68 -11.81 18.35
C GLU J 88 42.36 -11.92 19.83
N PHE J 89 41.95 -10.80 20.41
CA PHE J 89 41.68 -10.74 21.82
C PHE J 89 40.49 -9.83 22.11
N ALA J 90 39.87 -10.07 23.26
CA ALA J 90 38.70 -9.40 23.79
C ALA J 90 38.73 -9.41 25.33
N GLU J 91 38.29 -8.31 25.90
CA GLU J 91 38.06 -8.25 27.32
C GLU J 91 36.78 -9.09 27.56
N SER J 92 36.53 -9.52 28.79
CA SER J 92 35.39 -10.41 29.05
C SER J 92 34.02 -9.87 28.63
N ASP J 93 33.78 -8.59 28.80
CA ASP J 93 32.50 -7.96 28.43
C ASP J 93 32.29 -7.86 26.90
N LYS J 94 33.32 -8.16 26.14
CA LYS J 94 33.24 -8.12 24.70
C LYS J 94 33.49 -9.47 24.12
N ALA J 95 33.77 -10.45 24.96
CA ALA J 95 34.10 -11.78 24.49
C ALA J 95 32.99 -12.61 23.83
N TYR J 96 31.77 -12.54 24.35
CA TYR J 96 30.68 -13.36 23.79
C TYR J 96 29.56 -12.57 23.10
N VAL J 97 28.80 -13.23 22.24
CA VAL J 97 27.77 -12.53 21.47
C VAL J 97 26.74 -11.80 22.32
N SER J 98 26.39 -10.62 21.85
CA SER J 98 25.43 -9.75 22.51
C SER J 98 24.58 -9.01 21.46
N ASN J 99 23.46 -8.45 21.89
CA ASN J 99 22.51 -7.74 21.04
C ASN J 99 22.35 -6.25 21.30
N GLU J 100 23.28 -5.58 21.95
CA GLU J 100 22.95 -4.23 22.43
C GLU J 100 22.80 -3.18 21.32
N SER J 101 23.55 -3.27 20.21
CA SER J 101 23.38 -2.34 19.08
C SER J 101 22.00 -2.39 18.43
N ALA J 102 21.25 -3.47 18.61
CA ALA J 102 19.94 -3.64 17.98
C ALA J 102 18.90 -2.65 18.46
N ILE J 103 19.16 -1.94 19.55
CA ILE J 103 18.30 -0.85 19.99
C ILE J 103 18.14 0.20 18.89
N ARG J 104 19.16 0.42 18.07
CA ARG J 104 19.13 1.43 17.00
C ARG J 104 18.38 0.96 15.76
N PHE J 105 18.05 -0.30 15.67
CA PHE J 105 17.58 -0.90 14.42
C PHE J 105 16.07 -0.85 14.27
N GLY J 106 15.61 -0.78 13.02
CA GLY J 106 14.31 -1.29 12.63
C GLY J 106 14.25 -2.84 12.63
N SER J 107 13.61 -3.49 11.68
CA SER J 107 13.47 -4.95 11.78
C SER J 107 14.56 -5.74 11.07
N VAL J 108 15.82 -5.42 11.25
CA VAL J 108 16.88 -6.04 10.50
C VAL J 108 17.89 -6.68 11.46
N SER J 109 17.44 -7.17 12.61
CA SER J 109 18.44 -7.81 13.51
C SER J 109 18.88 -9.22 13.08
N CYS J 110 18.21 -9.83 12.11
CA CYS J 110 18.46 -11.20 11.67
C CYS J 110 19.94 -11.48 11.33
N LEU J 111 20.55 -12.36 12.11
CA LEU J 111 21.97 -12.71 12.03
C LEU J 111 22.94 -11.54 12.31
N TYR J 112 22.46 -10.44 12.81
CA TYR J 112 23.31 -9.43 13.40
C TYR J 112 23.61 -9.81 14.85
N TYR J 113 24.86 -9.75 15.22
CA TYR J 113 25.18 -9.80 16.66
C TYR J 113 26.45 -9.00 16.91
N ASP J 114 26.51 -8.33 18.01
CA ASP J 114 27.72 -7.63 18.39
C ASP J 114 28.70 -8.63 19.04
N ASN J 115 29.98 -8.27 19.05
CA ASN J 115 31.14 -8.97 19.64
C ASN J 115 31.60 -10.23 18.87
N ARG J 116 31.11 -10.48 17.66
CA ARG J 116 31.76 -11.44 16.79
C ARG J 116 33.16 -10.99 16.43
N TYR J 117 33.31 -9.75 16.01
CA TYR J 117 34.63 -9.17 15.84
C TYR J 117 35.31 -9.05 17.20
N TRP J 118 36.51 -9.55 17.28
CA TRP J 118 37.42 -9.20 18.38
C TRP J 118 38.50 -8.21 17.89
N THR J 119 39.46 -7.88 18.72
CA THR J 119 40.51 -6.93 18.35
C THR J 119 41.78 -7.69 17.92
N MET J 120 42.32 -7.32 16.77
CA MET J 120 43.51 -7.96 16.24
C MET J 120 44.78 -7.64 17.06
N TRP J 121 45.61 -8.66 17.28
CA TRP J 121 46.87 -8.45 17.98
C TRP J 121 47.89 -8.34 16.86
N LYS J 122 48.48 -7.16 16.74
CA LYS J 122 49.47 -6.87 15.70
C LYS J 122 48.89 -7.17 14.32
N LEU J 123 49.62 -7.93 13.52
CA LEU J 123 49.15 -8.23 12.19
C LEU J 123 49.14 -9.72 11.84
N PRO J 124 48.34 -10.11 10.84
CA PRO J 124 48.40 -11.48 10.36
C PRO J 124 49.83 -11.80 10.00
N MET J 125 50.26 -12.96 10.43
CA MET J 125 51.66 -13.35 10.36
C MET J 125 51.93 -13.93 8.99
N PHE J 126 52.08 -13.03 8.02
CA PHE J 126 52.32 -13.43 6.65
C PHE J 126 53.70 -14.08 6.58
N GLY J 127 53.75 -15.24 5.95
CA GLY J 127 54.97 -16.02 5.81
C GLY J 127 55.37 -16.79 7.03
N CYS J 128 54.47 -16.96 7.99
CA CYS J 128 54.74 -17.80 9.15
C CYS J 128 54.94 -19.24 8.74
N ARG J 129 56.11 -19.75 9.09
CA ARG J 129 56.49 -21.12 8.84
C ARG J 129 56.80 -21.87 10.13
N ASP J 130 57.26 -21.17 11.14
CA ASP J 130 57.66 -21.81 12.37
C ASP J 130 56.64 -21.56 13.47
N PRO J 131 56.23 -22.58 14.22
CA PRO J 131 55.20 -22.38 15.23
C PRO J 131 55.62 -21.64 16.47
N MET J 132 56.91 -21.37 16.64
CA MET J 132 57.38 -20.76 17.88
C MET J 132 57.12 -19.27 17.88
N GLN J 133 56.94 -18.67 16.71
CA GLN J 133 56.55 -17.27 16.62
C GLN J 133 55.12 -17.05 17.15
N VAL J 134 54.20 -17.95 16.82
CA VAL J 134 52.84 -17.83 17.30
C VAL J 134 52.81 -18.01 18.81
N LEU J 135 53.59 -18.97 19.31
CA LEU J 135 53.64 -19.22 20.75
C LEU J 135 54.25 -18.05 21.51
N ARG J 136 55.23 -17.39 20.90
CA ARG J 136 55.79 -16.17 21.48
C ARG J 136 54.75 -15.02 21.46
N GLU J 137 54.03 -14.87 20.35
CA GLU J 137 53.01 -13.84 20.27
C GLU J 137 51.85 -14.10 21.20
N ILE J 138 51.51 -15.36 21.46
CA ILE J 138 50.48 -15.68 22.44
C ILE J 138 50.88 -15.21 23.83
N VAL J 139 52.12 -15.50 24.22
CA VAL J 139 52.66 -15.04 25.49
C VAL J 139 52.68 -13.52 25.56
N ALA J 140 53.11 -12.85 24.50
CA ALA J 140 53.15 -11.38 24.50
C ALA J 140 51.76 -10.75 24.63
N CYS J 141 50.75 -11.30 23.93
CA CYS J 141 49.39 -10.77 24.03
C CYS J 141 48.83 -10.94 25.43
N THR J 142 49.02 -12.12 26.02
CA THR J 142 48.49 -12.38 27.35
C THR J 142 49.22 -11.58 28.41
N LYS J 143 50.50 -11.29 28.18
CA LYS J 143 51.25 -10.42 29.08
C LYS J 143 50.74 -8.99 29.02
N ALA J 144 50.49 -8.47 27.82
CA ALA J 144 49.93 -7.13 27.69
C ALA J 144 48.46 -7.09 28.14
N PHE J 145 47.73 -8.17 28.01
CA PHE J 145 46.31 -8.16 28.30
C PHE J 145 45.95 -9.34 29.18
N PRO J 146 46.19 -9.24 30.49
CA PRO J 146 45.98 -10.41 31.35
C PRO J 146 44.52 -10.72 31.62
N ASP J 147 43.64 -9.74 31.51
CA ASP J 147 42.22 -9.98 31.69
C ASP J 147 41.48 -10.33 30.39
N ALA J 148 42.19 -10.66 29.32
CA ALA J 148 41.61 -10.86 27.99
C ALA J 148 41.56 -12.34 27.58
N TYR J 149 40.46 -12.75 26.99
CA TYR J 149 40.46 -13.96 26.18
C TYR J 149 41.32 -13.75 24.93
N VAL J 150 42.01 -14.78 24.45
CA VAL J 150 42.85 -14.68 23.25
C VAL J 150 42.49 -15.83 22.32
N ARG J 151 42.20 -15.53 21.08
CA ARG J 151 41.89 -16.56 20.13
C ARG J 151 42.87 -16.55 18.98
N LEU J 152 43.15 -17.71 18.47
CA LEU J 152 44.02 -17.90 17.31
C LEU J 152 43.17 -18.16 16.09
N VAL J 153 43.31 -17.31 15.10
CA VAL J 153 42.51 -17.50 13.91
C VAL J 153 43.46 -17.82 12.77
N ALA J 154 42.90 -18.24 11.66
CA ALA J 154 43.69 -18.53 10.49
C ALA J 154 42.90 -18.17 9.24
N PHE J 155 43.58 -17.63 8.28
CA PHE J 155 43.00 -17.14 7.03
C PHE J 155 43.57 -17.96 5.88
N ASP J 156 42.72 -18.33 4.96
CA ASP J 156 43.14 -19.03 3.75
C ASP J 156 43.05 -18.06 2.60
N ASN J 157 44.22 -17.66 2.10
CA ASN J 157 44.28 -16.62 1.08
C ASN J 157 43.81 -17.14 -0.27
N GLN J 158 43.78 -18.47 -0.46
CA GLN J 158 43.18 -19.01 -1.66
C GLN J 158 41.68 -18.77 -1.68
N LYS J 159 40.96 -19.25 -0.69
CA LYS J 159 39.53 -19.09 -0.62
C LYS J 159 39.15 -17.69 -0.07
N GLN J 160 40.14 -16.87 0.31
CA GLN J 160 39.99 -15.49 0.81
C GLN J 160 38.93 -15.38 1.93
N VAL J 161 39.15 -16.09 3.03
CA VAL J 161 38.17 -16.22 4.10
C VAL J 161 38.87 -16.75 5.35
N GLN J 162 38.43 -16.28 6.51
CA GLN J 162 38.77 -16.94 7.76
C GLN J 162 38.40 -18.40 7.74
N ILE J 163 39.32 -19.25 8.14
CA ILE J 163 39.14 -20.69 8.04
C ILE J 163 39.33 -21.40 9.37
N MET J 164 39.97 -20.79 10.36
CA MET J 164 39.99 -21.33 11.71
C MET J 164 39.75 -20.24 12.73
N GLY J 165 39.39 -20.67 13.93
CA GLY J 165 39.33 -19.83 15.08
C GLY J 165 39.02 -20.67 16.30
N PHE J 166 39.94 -20.69 17.24
CA PHE J 166 39.82 -21.44 18.46
C PHE J 166 40.57 -20.66 19.51
N LEU J 167 40.17 -20.88 20.73
CA LEU J 167 40.65 -20.12 21.85
C LEU J 167 41.96 -20.70 22.37
N VAL J 168 42.89 -19.83 22.71
CA VAL J 168 44.15 -20.26 23.31
C VAL J 168 44.32 -19.78 24.72
N GLN J 169 43.54 -18.83 25.18
CA GLN J 169 43.73 -18.35 26.53
C GLN J 169 42.43 -17.80 27.09
N ARG J 170 42.11 -18.24 28.28
CA ARG J 170 41.07 -17.67 29.08
C ARG J 170 41.69 -16.86 30.20
N PRO J 171 41.13 -15.73 30.56
CA PRO J 171 41.66 -15.02 31.72
C PRO J 171 41.19 -15.67 33.00
N LYS J 172 42.12 -15.80 33.94
CA LYS J 172 41.84 -16.29 35.30
C LYS J 172 40.74 -15.49 35.97
N SER J 173 40.75 -14.18 35.78
CA SER J 173 39.77 -13.32 36.44
C SER J 173 38.36 -13.44 35.83
N ALA J 174 38.22 -14.13 34.70
CA ALA J 174 36.90 -14.35 34.15
C ALA J 174 36.16 -15.41 34.96
N ARG J 175 35.04 -15.02 35.51
CA ARG J 175 34.16 -16.01 36.13
C ARG J 175 33.13 -16.58 35.17
N ASP J 176 33.07 -16.10 33.94
CA ASP J 176 32.05 -16.49 32.94
C ASP J 176 32.12 -17.97 32.49
N TRP J 177 33.21 -18.67 32.76
CA TRP J 177 33.44 -19.97 32.15
C TRP J 177 33.82 -21.05 33.18
N GLN J 178 33.66 -22.27 32.82
CA GLN J 178 33.90 -23.31 33.82
C GLN J 178 35.14 -24.11 33.51
N PRO J 179 35.93 -24.43 34.56
CA PRO J 179 37.21 -25.13 34.41
C PRO J 179 37.09 -26.64 34.23
N ALA J 180 36.24 -27.05 33.30
CA ALA J 180 36.10 -28.43 32.83
C ALA J 180 35.72 -29.42 33.93
N ASN J 181 35.14 -28.90 35.02
CA ASN J 181 34.30 -29.57 36.01
C ASN J 181 32.92 -28.91 35.98
N LYS J 182 32.35 -28.89 34.76
CA LYS J 182 31.12 -28.27 34.29
C LYS J 182 29.94 -29.24 34.13
N ARG J 183 30.15 -30.52 34.40
CA ARG J 183 29.17 -31.53 34.79
C ARG J 183 27.98 -31.68 33.87
N LYS K 18 19.21 29.13 -37.10
CA LYS K 18 20.39 28.31 -36.84
C LYS K 18 21.71 28.96 -37.28
N ASP K 19 22.41 29.59 -36.32
CA ASP K 19 23.72 30.22 -36.53
C ASP K 19 23.65 31.28 -37.63
N TYR K 20 22.94 32.37 -37.34
CA TYR K 20 22.81 33.45 -38.31
C TYR K 20 23.89 34.50 -38.09
N ARG K 21 24.45 34.50 -36.87
CA ARG K 21 25.46 35.36 -36.26
C ARG K 21 24.88 36.71 -35.86
N LEU K 22 23.76 37.14 -36.40
CA LEU K 22 23.24 38.43 -35.95
C LEU K 22 22.03 38.18 -35.08
N THR K 23 21.43 37.02 -35.24
CA THR K 23 20.37 36.64 -34.33
C THR K 23 20.96 36.23 -32.97
N TYR K 24 22.06 35.46 -32.98
CA TYR K 24 22.45 34.72 -31.77
C TYR K 24 23.63 35.34 -31.10
N TYR K 25 24.44 36.04 -31.84
CA TYR K 25 25.54 36.78 -31.27
C TYR K 25 25.06 38.22 -31.10
N THR K 26 24.74 38.58 -29.87
CA THR K 26 24.13 39.85 -29.53
C THR K 26 24.99 40.53 -28.48
N PRO K 27 26.09 41.15 -28.91
CA PRO K 27 27.08 41.63 -27.93
C PRO K 27 26.65 42.82 -27.11
N ASP K 28 25.50 43.41 -27.37
CA ASP K 28 24.98 44.46 -26.52
C ASP K 28 23.83 43.98 -25.60
N TYR K 29 23.56 42.67 -25.54
CA TYR K 29 22.59 42.10 -24.62
C TYR K 29 22.96 42.39 -23.17
N VAL K 30 22.02 42.84 -22.37
CA VAL K 30 22.23 42.95 -20.93
C VAL K 30 21.78 41.65 -20.25
N VAL K 31 22.70 41.07 -19.49
CA VAL K 31 22.47 39.84 -18.76
C VAL K 31 21.44 40.08 -17.66
N ARG K 32 20.37 39.32 -17.70
CA ARG K 32 19.34 39.32 -16.67
C ARG K 32 19.82 38.56 -15.42
N ASP K 33 19.20 38.84 -14.29
CA ASP K 33 19.57 38.19 -13.03
C ASP K 33 19.12 36.73 -12.99
N THR K 34 18.07 36.40 -13.68
CA THR K 34 17.56 35.05 -13.68
C THR K 34 18.18 34.17 -14.76
N ASP K 35 18.97 34.72 -15.67
CA ASP K 35 19.63 33.94 -16.70
C ASP K 35 20.65 32.96 -16.13
N ILE K 36 20.76 31.85 -16.77
CA ILE K 36 21.84 30.91 -16.60
C ILE K 36 22.97 31.27 -17.58
N LEU K 37 24.15 31.45 -17.09
CA LEU K 37 25.23 31.84 -17.97
C LEU K 37 26.18 30.66 -18.16
N ALA K 38 26.78 30.57 -19.30
CA ALA K 38 27.76 29.55 -19.58
C ALA K 38 28.99 30.19 -20.20
N ALA K 39 30.15 29.71 -19.82
CA ALA K 39 31.40 30.08 -20.48
C ALA K 39 32.00 28.86 -21.18
N PHE K 40 31.98 28.88 -22.48
CA PHE K 40 32.58 27.87 -23.34
C PHE K 40 33.95 28.26 -23.87
N ARG K 41 34.96 27.48 -23.53
CA ARG K 41 36.23 27.51 -24.25
C ARG K 41 36.07 26.79 -25.57
N MET K 42 36.32 27.49 -26.63
CA MET K 42 35.86 27.18 -27.96
C MET K 42 37.04 27.14 -28.93
N THR K 43 37.14 26.08 -29.71
CA THR K 43 38.19 25.94 -30.72
C THR K 43 37.59 25.81 -32.11
N PRO K 44 37.43 26.92 -32.82
CA PRO K 44 36.79 26.88 -34.14
C PRO K 44 37.61 26.15 -35.18
N GLN K 45 36.93 25.55 -36.14
CA GLN K 45 37.60 25.04 -37.32
C GLN K 45 38.28 26.18 -38.06
N PRO K 46 39.46 25.92 -38.64
CA PRO K 46 40.24 26.99 -39.28
C PRO K 46 39.49 27.65 -40.43
N GLY K 47 39.45 28.98 -40.38
CA GLY K 47 38.65 29.75 -41.29
C GLY K 47 37.25 30.09 -40.82
N VAL K 48 36.79 29.56 -39.70
CA VAL K 48 35.46 29.84 -39.18
C VAL K 48 35.60 30.94 -38.13
N PRO K 49 34.93 32.07 -38.29
CA PRO K 49 35.19 33.20 -37.41
C PRO K 49 34.61 32.95 -36.04
N PRO K 50 35.16 33.59 -34.99
CA PRO K 50 34.70 33.32 -33.62
C PRO K 50 33.25 33.68 -33.35
N GLU K 51 32.74 34.70 -34.04
CA GLU K 51 31.38 35.15 -33.82
C GLU K 51 30.39 34.16 -34.40
N GLU K 52 30.76 33.49 -35.47
CA GLU K 52 29.93 32.44 -36.03
C GLU K 52 29.89 31.22 -35.11
N CYS K 53 31.00 30.90 -34.45
CA CYS K 53 31.02 29.74 -33.57
C CYS K 53 30.26 29.99 -32.28
N GLY K 54 30.48 31.16 -31.67
CA GLY K 54 29.75 31.52 -30.48
C GLY K 54 28.25 31.54 -30.69
N ALA K 55 27.82 32.05 -31.84
CA ALA K 55 26.41 32.06 -32.22
C ALA K 55 25.86 30.66 -32.42
N ALA K 56 26.62 29.78 -33.06
CA ALA K 56 26.23 28.38 -33.25
C ALA K 56 26.06 27.65 -31.92
N VAL K 57 26.94 27.88 -30.95
CA VAL K 57 26.81 27.28 -29.62
C VAL K 57 25.59 27.84 -28.91
N ALA K 58 25.34 29.16 -29.06
CA ALA K 58 24.13 29.77 -28.54
C ALA K 58 22.88 29.14 -29.15
N ALA K 59 22.91 28.88 -30.45
CA ALA K 59 21.73 28.45 -31.16
C ALA K 59 21.36 26.96 -30.96
N GLU K 60 22.33 26.08 -30.74
CA GLU K 60 22.17 24.58 -30.78
C GLU K 60 21.34 24.19 -31.99
N SER K 61 21.85 24.52 -33.16
CA SER K 61 21.20 24.30 -34.44
C SER K 61 20.76 22.85 -34.60
N SER K 62 19.68 22.61 -35.32
CA SER K 62 19.20 21.23 -35.38
C SER K 62 19.97 20.45 -36.46
N THR K 63 20.93 21.10 -37.12
CA THR K 63 21.91 20.44 -37.98
C THR K 63 23.33 20.67 -37.42
N GLY K 64 23.96 19.55 -37.03
CA GLY K 64 25.26 19.61 -36.37
C GLY K 64 26.36 19.27 -37.35
N THR K 65 25.99 18.61 -38.47
CA THR K 65 26.88 18.31 -39.59
C THR K 65 27.07 19.49 -40.57
N TRP K 66 25.99 20.19 -40.86
CA TRP K 66 26.01 21.29 -41.84
C TRP K 66 26.80 22.55 -41.53
N THR K 67 26.66 23.04 -40.30
CA THR K 67 27.25 24.30 -39.81
C THR K 67 26.73 25.53 -40.58
N THR K 68 25.49 25.48 -41.04
CA THR K 68 24.85 26.57 -41.76
C THR K 68 23.35 26.61 -41.50
N VAL K 69 22.76 27.79 -41.62
CA VAL K 69 21.32 27.90 -41.43
C VAL K 69 20.62 27.13 -42.54
N TRP K 70 19.56 26.41 -42.19
CA TRP K 70 18.81 25.66 -43.17
C TRP K 70 17.31 25.92 -42.99
N THR K 71 16.77 25.54 -41.82
CA THR K 71 15.39 25.80 -41.42
C THR K 71 15.43 26.87 -40.34
N ASP K 72 15.05 28.10 -40.69
CA ASP K 72 15.18 29.23 -39.78
C ASP K 72 13.82 29.86 -39.55
N GLY K 73 13.48 30.03 -38.27
CA GLY K 73 12.27 30.64 -37.73
C GLY K 73 11.41 29.73 -36.87
N LEU K 74 11.61 29.77 -35.55
CA LEU K 74 10.95 28.86 -34.61
C LEU K 74 10.38 29.63 -33.44
N THR K 75 9.48 28.97 -32.70
CA THR K 75 9.18 29.46 -31.37
C THR K 75 10.01 28.76 -30.31
N SER K 76 10.83 27.79 -30.70
CA SER K 76 11.91 27.38 -29.81
C SER K 76 13.14 28.23 -29.99
N LEU K 77 13.25 29.00 -31.09
CA LEU K 77 14.39 29.89 -31.36
C LEU K 77 14.01 31.39 -31.43
N ASP K 78 12.97 31.86 -30.75
CA ASP K 78 12.72 33.32 -30.75
C ASP K 78 12.86 33.90 -29.33
N ARG K 79 12.35 33.20 -28.30
CA ARG K 79 12.34 33.70 -26.92
C ARG K 79 12.98 32.68 -25.98
N TYR K 80 13.21 31.48 -26.47
CA TYR K 80 13.79 30.42 -25.67
C TYR K 80 15.19 30.12 -26.17
N LYS K 81 15.83 31.17 -26.69
CA LYS K 81 17.16 31.05 -27.24
C LYS K 81 18.28 31.58 -26.35
N GLY K 82 19.34 30.79 -26.24
CA GLY K 82 20.54 31.21 -25.56
C GLY K 82 21.19 32.23 -26.48
N ARG K 83 21.77 33.29 -25.95
CA ARG K 83 22.42 34.31 -26.78
C ARG K 83 23.90 34.43 -26.47
N CYS K 84 24.75 34.46 -27.48
CA CYS K 84 26.16 34.64 -27.21
C CYS K 84 26.42 36.12 -27.04
N TYR K 85 26.65 36.56 -25.82
CA TYR K 85 26.70 38.00 -25.56
C TYR K 85 28.12 38.56 -25.46
N ASP K 86 29.15 37.74 -25.59
CA ASP K 86 30.54 38.15 -25.42
C ASP K 86 31.46 37.03 -25.90
N ILE K 87 32.45 37.38 -26.70
CA ILE K 87 33.52 36.48 -27.10
C ILE K 87 34.85 37.14 -26.76
N GLU K 88 35.69 36.46 -25.99
CA GLU K 88 37.01 36.95 -25.64
C GLU K 88 38.10 35.99 -26.12
N PRO K 89 39.26 36.51 -26.54
CA PRO K 89 40.41 35.66 -26.82
C PRO K 89 41.02 35.09 -25.56
N VAL K 90 41.63 33.93 -25.70
CA VAL K 90 42.34 33.26 -24.62
C VAL K 90 43.81 33.66 -24.72
N PRO K 91 44.41 34.23 -23.67
CA PRO K 91 45.76 34.77 -23.80
C PRO K 91 46.82 33.68 -23.90
N GLY K 92 47.66 33.78 -24.91
CA GLY K 92 48.67 32.78 -25.15
C GLY K 92 48.25 31.72 -26.13
N GLU K 93 46.95 31.61 -26.40
CA GLU K 93 46.42 30.67 -27.37
C GLU K 93 46.12 31.46 -28.63
N ASP K 94 46.07 30.78 -29.76
CA ASP K 94 45.91 31.48 -31.02
C ASP K 94 44.55 31.20 -31.65
N ASN K 95 43.99 30.03 -31.37
CA ASN K 95 42.72 29.66 -31.97
C ASN K 95 41.67 29.31 -30.91
N GLN K 96 41.78 29.81 -29.69
CA GLN K 96 40.81 29.54 -28.65
C GLN K 96 40.15 30.80 -28.13
N TYR K 97 38.85 30.72 -27.89
CA TYR K 97 38.05 31.84 -27.41
C TYR K 97 37.17 31.38 -26.26
N ILE K 98 36.84 32.30 -25.36
CA ILE K 98 35.78 32.08 -24.39
C ILE K 98 34.52 32.72 -24.95
N ALA K 99 33.50 31.92 -25.21
CA ALA K 99 32.18 32.42 -25.57
C ALA K 99 31.24 32.33 -24.37
N TYR K 100 30.61 33.45 -24.03
CA TYR K 100 29.65 33.60 -22.94
C TYR K 100 28.22 33.51 -23.48
N VAL K 101 27.45 32.57 -22.96
CA VAL K 101 26.10 32.36 -23.46
C VAL K 101 25.13 32.54 -22.33
N ALA K 102 24.13 33.35 -22.56
CA ALA K 102 23.03 33.50 -21.63
C ALA K 102 21.85 32.62 -22.05
N TYR K 103 21.27 31.92 -21.10
CA TYR K 103 20.08 31.12 -21.33
C TYR K 103 18.94 31.64 -20.44
N PRO K 104 17.75 31.88 -20.97
CA PRO K 104 16.64 32.30 -20.10
C PRO K 104 16.19 31.14 -19.19
N ILE K 105 15.83 31.49 -17.96
CA ILE K 105 15.50 30.53 -16.92
C ILE K 105 14.26 29.69 -17.30
N ASP K 106 13.39 30.23 -18.14
CA ASP K 106 12.27 29.48 -18.69
C ASP K 106 12.64 28.25 -19.48
N LEU K 107 13.87 28.14 -19.97
CA LEU K 107 14.31 26.95 -20.65
C LEU K 107 14.39 25.72 -19.75
N PHE K 108 14.47 25.87 -18.44
CA PHE K 108 14.97 24.80 -17.61
C PHE K 108 13.86 24.21 -16.71
N GLU K 109 13.85 22.90 -16.56
CA GLU K 109 12.95 22.26 -15.60
C GLU K 109 13.45 22.51 -14.17
N GLU K 110 12.57 23.09 -13.33
CA GLU K 110 12.89 23.45 -11.95
C GLU K 110 13.39 22.24 -11.16
N GLY K 111 14.58 22.35 -10.62
CA GLY K 111 15.05 21.26 -9.77
C GLY K 111 15.62 20.07 -10.51
N SER K 112 15.96 20.18 -11.78
CA SER K 112 16.39 19.02 -12.54
C SER K 112 17.77 19.28 -13.11
N VAL K 113 18.81 18.84 -12.43
CA VAL K 113 20.16 18.92 -12.99
C VAL K 113 20.22 18.21 -14.32
N THR K 114 19.56 17.03 -14.43
CA THR K 114 19.48 16.27 -15.68
C THR K 114 19.06 17.18 -16.84
N ASN K 115 18.04 17.99 -16.62
CA ASN K 115 17.49 18.77 -17.71
C ASN K 115 18.38 19.98 -18.03
N MET K 116 19.12 20.48 -17.05
CA MET K 116 20.01 21.61 -17.36
C MET K 116 21.20 21.18 -18.22
N PHE K 117 21.79 20.01 -17.93
CA PHE K 117 22.81 19.49 -18.81
C PHE K 117 22.25 19.11 -20.17
N THR K 118 21.03 18.60 -20.24
CA THR K 118 20.46 18.31 -21.55
C THR K 118 20.31 19.61 -22.39
N SER K 119 19.89 20.67 -21.74
CA SER K 119 19.68 21.93 -22.45
C SER K 119 21.01 22.58 -22.86
N ILE K 120 22.02 22.54 -22.01
CA ILE K 120 23.26 23.26 -22.28
C ILE K 120 24.28 22.38 -23.05
N VAL K 121 24.52 21.16 -22.62
CA VAL K 121 25.55 20.32 -23.24
C VAL K 121 24.97 19.20 -24.06
N GLY K 122 23.68 19.21 -24.33
CA GLY K 122 23.03 18.08 -24.98
C GLY K 122 23.56 17.79 -26.39
N ASN K 123 23.77 18.84 -27.18
CA ASN K 123 24.09 18.70 -28.59
C ASN K 123 25.34 19.44 -29.11
N VAL K 124 25.73 20.59 -28.55
CA VAL K 124 26.71 21.47 -29.21
C VAL K 124 28.12 20.90 -29.27
N PHE K 125 28.42 19.83 -28.52
CA PHE K 125 29.80 19.39 -28.52
C PHE K 125 30.14 18.63 -29.79
N GLY K 126 29.17 18.19 -30.55
CA GLY K 126 29.31 17.62 -31.85
C GLY K 126 29.28 18.58 -33.04
N PHE K 127 29.21 19.89 -32.84
CA PHE K 127 28.94 20.78 -33.96
C PHE K 127 30.18 20.86 -34.84
N LYS K 128 30.01 20.76 -36.15
CA LYS K 128 31.17 20.57 -37.02
C LYS K 128 31.98 21.84 -37.20
N ALA K 129 31.39 23.00 -36.97
CA ALA K 129 32.11 24.27 -37.07
C ALA K 129 33.16 24.43 -35.98
N LEU K 130 33.05 23.63 -34.92
CA LEU K 130 33.96 23.61 -33.79
C LEU K 130 34.89 22.43 -34.02
N ARG K 131 36.15 22.62 -33.72
CA ARG K 131 37.06 21.49 -33.61
C ARG K 131 37.03 20.89 -32.21
N ALA K 132 36.98 21.74 -31.18
CA ALA K 132 36.92 21.32 -29.78
C ALA K 132 36.08 22.33 -29.00
N LEU K 133 35.50 21.88 -27.92
CA LEU K 133 34.61 22.70 -27.11
C LEU K 133 34.69 22.23 -25.68
N ARG K 134 35.02 23.13 -24.77
CA ARG K 134 35.02 22.82 -23.35
C ARG K 134 34.14 23.82 -22.60
N LEU K 135 33.26 23.29 -21.74
CA LEU K 135 32.41 24.08 -20.84
C LEU K 135 33.13 24.31 -19.51
N GLU K 136 33.52 25.56 -19.31
CA GLU K 136 34.38 25.95 -18.20
C GLU K 136 33.62 26.26 -16.93
N ASP K 137 32.49 26.96 -17.03
CA ASP K 137 31.83 27.50 -15.86
C ASP K 137 30.36 27.77 -16.18
N LEU K 138 29.58 27.82 -15.15
CA LEU K 138 28.18 28.17 -15.26
C LEU K 138 27.82 29.14 -14.17
N ARG K 139 27.02 30.09 -14.48
CA ARG K 139 26.43 30.95 -13.47
C ARG K 139 25.00 30.42 -13.23
N ILE K 140 24.76 29.88 -12.06
CA ILE K 140 23.44 29.40 -11.67
C ILE K 140 22.77 30.54 -10.92
N PRO K 141 21.70 31.12 -11.43
CA PRO K 141 21.07 32.26 -10.77
C PRO K 141 20.32 31.83 -9.52
N PRO K 142 20.23 32.72 -8.51
CA PRO K 142 19.36 32.48 -7.35
C PRO K 142 17.96 31.99 -7.68
N ALA K 143 17.35 32.44 -8.74
CA ALA K 143 16.02 31.95 -9.05
C ALA K 143 16.02 30.47 -9.47
N TYR K 144 17.09 29.98 -10.08
CA TYR K 144 17.17 28.57 -10.40
C TYR K 144 17.64 27.74 -9.20
N VAL K 145 18.68 28.23 -8.49
CA VAL K 145 19.22 27.60 -7.29
C VAL K 145 18.12 27.21 -6.29
N LYS K 146 17.12 28.08 -6.09
CA LYS K 146 16.12 27.83 -5.05
C LYS K 146 15.11 26.75 -5.46
N THR K 147 15.08 26.31 -6.72
CA THR K 147 14.20 25.20 -7.08
C THR K 147 14.73 23.81 -6.64
N PHE K 148 15.96 23.71 -6.16
CA PHE K 148 16.61 22.43 -5.88
C PHE K 148 16.55 22.14 -4.39
N VAL K 149 16.33 20.89 -4.07
CA VAL K 149 16.47 20.47 -2.69
C VAL K 149 17.90 20.65 -2.23
N GLY K 150 18.86 20.27 -3.06
CA GLY K 150 20.24 20.36 -2.71
C GLY K 150 20.75 19.31 -1.72
N PRO K 151 21.93 19.56 -1.15
CA PRO K 151 22.58 18.60 -0.26
C PRO K 151 21.70 18.24 0.94
N PRO K 152 21.66 16.98 1.33
CA PRO K 152 20.79 16.57 2.42
C PRO K 152 21.09 17.31 3.70
N HIS K 153 22.34 17.53 4.04
CA HIS K 153 22.75 18.24 5.27
C HIS K 153 23.71 19.40 5.01
N GLY K 154 24.75 19.21 4.26
CA GLY K 154 25.76 20.22 4.12
C GLY K 154 26.69 20.22 5.33
N ILE K 155 27.81 20.90 5.12
CA ILE K 155 28.97 20.85 6.00
C ILE K 155 28.62 21.14 7.46
N GLN K 156 27.94 22.23 7.73
CA GLN K 156 27.56 22.65 9.09
C GLN K 156 26.74 21.59 9.82
N VAL K 157 25.62 21.21 9.21
CA VAL K 157 24.72 20.24 9.82
C VAL K 157 25.48 18.97 10.08
N GLU K 158 26.33 18.57 9.12
CA GLU K 158 27.15 17.38 9.23
C GLU K 158 28.06 17.43 10.47
N ARG K 159 28.78 18.55 10.64
CA ARG K 159 29.60 18.73 11.85
C ARG K 159 28.76 18.68 13.13
N ASP K 160 27.56 19.29 13.13
CA ASP K 160 26.72 19.20 14.31
C ASP K 160 26.26 17.75 14.54
N LYS K 161 25.92 17.03 13.49
CA LYS K 161 25.43 15.67 13.69
C LYS K 161 26.57 14.75 14.08
N LEU K 162 27.75 14.97 13.54
CA LEU K 162 28.89 14.16 13.89
C LEU K 162 29.59 14.61 15.17
N ASN K 163 29.27 15.76 15.72
CA ASN K 163 29.90 16.34 16.93
C ASN K 163 31.42 16.54 16.76
N LYS K 164 31.86 17.07 15.62
CA LYS K 164 33.27 17.10 15.27
C LYS K 164 33.62 18.47 14.71
N TYR K 165 34.41 19.23 15.44
CA TYR K 165 34.64 20.65 15.18
C TYR K 165 36.13 20.95 15.19
N GLY K 166 36.53 21.91 14.36
CA GLY K 166 37.83 22.54 14.43
C GLY K 166 39.01 21.79 13.82
N ARG K 167 38.79 20.77 13.00
CA ARG K 167 39.80 20.02 12.28
C ARG K 167 39.14 19.39 11.05
N GLY K 168 39.97 18.97 10.09
CA GLY K 168 39.48 18.09 9.05
C GLY K 168 38.96 16.75 9.56
N LEU K 169 38.12 16.11 8.77
CA LEU K 169 37.70 14.74 9.04
C LEU K 169 38.71 13.82 8.37
N LEU K 170 38.84 12.61 8.88
CA LEU K 170 39.83 11.69 8.37
C LEU K 170 39.20 10.41 7.88
N GLY K 171 39.46 10.08 6.64
CA GLY K 171 39.01 8.83 6.08
C GLY K 171 40.14 7.98 5.56
N CYS K 172 39.79 6.76 5.16
CA CYS K 172 40.66 5.87 4.42
C CYS K 172 39.85 4.87 3.61
N THR K 173 40.37 4.46 2.46
CA THR K 173 39.72 3.41 1.68
C THR K 173 40.15 2.04 2.20
N ILE K 174 39.22 1.12 2.31
CA ILE K 174 39.47 -0.23 2.79
C ILE K 174 39.88 -1.09 1.60
N LYS K 175 41.09 -1.58 1.62
CA LYS K 175 41.58 -2.62 0.71
C LYS K 175 42.14 -3.79 1.53
N PRO K 176 41.32 -4.78 1.92
CA PRO K 176 41.79 -5.78 2.89
C PRO K 176 42.94 -6.63 2.34
N LYS K 177 43.82 -6.97 3.24
CA LYS K 177 44.92 -7.85 2.92
C LYS K 177 44.46 -9.29 2.79
N LEU K 178 43.33 -9.69 3.40
CA LEU K 178 43.07 -11.12 3.64
C LEU K 178 41.96 -11.69 2.75
N GLY K 179 41.10 -10.86 2.19
CA GLY K 179 40.02 -11.32 1.34
C GLY K 179 39.12 -10.14 1.03
N LEU K 180 38.29 -10.27 0.00
CA LEU K 180 37.28 -9.25 -0.18
C LEU K 180 35.93 -9.66 0.39
N SER K 181 35.89 -10.67 1.24
CA SER K 181 34.63 -11.07 1.83
C SER K 181 34.09 -9.97 2.73
N ALA K 182 32.78 -10.03 2.97
CA ALA K 182 32.11 -8.99 3.74
C ALA K 182 32.63 -8.94 5.17
N LYS K 183 32.84 -10.10 5.76
CA LYS K 183 33.34 -10.22 7.11
C LYS K 183 34.76 -9.66 7.27
N ASN K 184 35.66 -9.98 6.34
CA ASN K 184 37.00 -9.41 6.34
C ASN K 184 36.98 -7.94 6.01
N TYR K 185 36.05 -7.54 5.16
CA TYR K 185 35.90 -6.15 4.86
C TYR K 185 35.56 -5.39 6.16
N GLY K 186 34.62 -5.93 6.93
CA GLY K 186 34.20 -5.31 8.18
C GLY K 186 35.28 -5.30 9.25
N ARG K 187 36.11 -6.35 9.32
CA ARG K 187 37.25 -6.39 10.25
C ARG K 187 38.20 -5.24 10.02
N ALA K 188 38.53 -5.01 8.75
CA ALA K 188 39.39 -3.90 8.37
C ALA K 188 38.75 -2.55 8.67
N VAL K 189 37.44 -2.41 8.43
CA VAL K 189 36.73 -1.19 8.80
C VAL K 189 36.87 -0.94 10.28
N TYR K 190 36.63 -1.96 11.10
CA TYR K 190 36.76 -1.83 12.53
C TYR K 190 38.17 -1.38 12.92
N GLU K 191 39.20 -1.99 12.34
CA GLU K 191 40.58 -1.69 12.77
C GLU K 191 40.97 -0.24 12.45
N CYS K 192 40.61 0.26 11.28
CA CYS K 192 40.85 1.65 10.90
C CYS K 192 40.08 2.64 11.76
N LEU K 193 38.77 2.43 11.89
CA LEU K 193 37.93 3.35 12.67
C LEU K 193 38.34 3.42 14.13
N ARG K 194 38.68 2.29 14.73
CA ARG K 194 39.05 2.25 16.15
C ARG K 194 40.29 3.08 16.48
N GLY K 195 41.24 3.14 15.56
CA GLY K 195 42.46 3.88 15.70
C GLY K 195 42.36 5.39 15.67
N GLY K 196 41.24 5.96 15.22
CA GLY K 196 41.12 7.40 15.13
C GLY K 196 40.48 8.00 13.88
N LEU K 197 40.14 7.22 12.87
CA LEU K 197 39.56 7.81 11.67
C LEU K 197 38.09 8.07 11.91
N ASP K 198 37.61 9.14 11.35
CA ASP K 198 36.17 9.40 11.32
C ASP K 198 35.43 8.41 10.42
N PHE K 199 35.93 8.16 9.23
CA PHE K 199 35.23 7.41 8.20
C PHE K 199 36.15 6.41 7.55
N THR K 200 35.56 5.38 7.07
CA THR K 200 36.13 4.55 6.05
C THR K 200 35.18 4.55 4.86
N LYS K 201 35.63 3.94 3.79
CA LYS K 201 35.09 4.15 2.46
C LYS K 201 35.01 2.82 1.71
N ASP K 202 33.78 2.41 1.34
CA ASP K 202 33.59 1.49 0.23
C ASP K 202 34.36 1.97 -0.98
N ASP K 203 35.10 1.09 -1.59
CA ASP K 203 35.55 1.40 -2.95
C ASP K 203 34.38 1.57 -3.92
N GLU K 204 34.56 2.53 -4.84
CA GLU K 204 33.53 2.93 -5.79
C GLU K 204 32.99 1.75 -6.64
N ASN K 205 33.79 0.71 -6.90
CA ASN K 205 33.25 -0.42 -7.67
C ASN K 205 32.56 -1.49 -6.82
N VAL K 206 32.75 -1.47 -5.51
CA VAL K 206 32.17 -2.44 -4.58
C VAL K 206 30.69 -2.06 -4.54
N ASN K 207 29.84 -2.79 -5.25
CA ASN K 207 28.43 -2.51 -5.11
C ASN K 207 27.87 -3.77 -4.50
N SER K 208 27.72 -4.84 -5.25
CA SER K 208 27.26 -6.13 -4.77
C SER K 208 27.72 -7.15 -5.81
N GLN K 209 28.69 -7.89 -5.51
CA GLN K 209 29.41 -8.84 -6.36
C GLN K 209 29.23 -10.28 -5.88
N PRO K 210 29.63 -11.31 -6.65
CA PRO K 210 29.63 -12.66 -6.08
C PRO K 210 30.57 -12.82 -4.88
N PHE K 211 31.72 -12.15 -4.85
CA PHE K 211 32.61 -12.26 -3.68
C PHE K 211 32.05 -11.55 -2.44
N MET K 212 31.10 -10.64 -2.59
CA MET K 212 30.60 -9.83 -1.46
C MET K 212 29.27 -9.18 -1.86
N ARG K 213 28.16 -9.74 -1.40
CA ARG K 213 26.84 -9.22 -1.71
C ARG K 213 26.56 -8.07 -0.78
N TRP K 214 25.83 -7.07 -1.28
CA TRP K 214 25.69 -5.79 -0.55
C TRP K 214 25.11 -5.95 0.86
N ARG K 215 24.10 -6.77 1.04
CA ARG K 215 23.42 -6.72 2.33
C ARG K 215 24.32 -7.34 3.44
N ASP K 216 25.07 -8.39 3.09
CA ASP K 216 26.11 -8.93 3.97
C ASP K 216 27.18 -7.88 4.34
N ARG K 217 27.69 -7.16 3.33
CA ARG K 217 28.60 -6.03 3.57
C ARG K 217 28.00 -4.99 4.55
N PHE K 218 26.74 -4.64 4.36
CA PHE K 218 26.11 -3.61 5.18
C PHE K 218 26.07 -4.05 6.63
N LEU K 219 25.68 -5.31 6.86
CA LEU K 219 25.51 -5.85 8.20
C LEU K 219 26.85 -5.91 8.95
N PHE K 220 27.87 -6.51 8.35
CA PHE K 220 29.22 -6.56 8.95
C PHE K 220 29.83 -5.16 9.11
N VAL K 221 29.66 -4.24 8.17
CA VAL K 221 30.13 -2.87 8.40
C VAL K 221 29.38 -2.21 9.59
N ALA K 222 28.06 -2.43 9.71
CA ALA K 222 27.32 -1.87 10.84
C ALA K 222 27.83 -2.42 12.19
N GLU K 223 28.19 -3.69 12.26
CA GLU K 223 28.81 -4.22 13.46
C GLU K 223 30.16 -3.55 13.74
N ALA K 224 30.99 -3.37 12.70
CA ALA K 224 32.28 -2.71 12.85
C ALA K 224 32.14 -1.26 13.31
N ILE K 225 31.25 -0.47 12.68
CA ILE K 225 31.02 0.94 13.04
C ILE K 225 30.63 1.06 14.51
N TYR K 226 29.67 0.24 14.94
CA TYR K 226 29.20 0.27 16.32
C TYR K 226 30.26 -0.26 17.29
N LYS K 227 31.08 -1.24 16.88
CA LYS K 227 32.16 -1.69 17.75
C LYS K 227 33.20 -0.58 17.97
N ALA K 228 33.70 0.03 16.89
CA ALA K 228 34.65 1.13 17.03
C ALA K 228 34.05 2.34 17.75
N GLN K 229 32.76 2.59 17.59
CA GLN K 229 32.07 3.67 18.29
C GLN K 229 31.97 3.38 19.80
N ALA K 230 31.59 2.17 20.18
CA ALA K 230 31.63 1.77 21.59
C ALA K 230 33.04 1.93 22.17
N GLU K 231 34.05 1.58 21.39
CA GLU K 231 35.43 1.59 21.86
C GLU K 231 35.98 3.01 21.98
N THR K 232 35.81 3.83 20.96
CA THR K 232 36.38 5.19 20.94
C THR K 232 35.51 6.18 21.71
N GLY K 233 34.22 5.93 21.84
CA GLY K 233 33.29 6.93 22.30
C GLY K 233 32.99 8.06 21.31
N GLU K 234 33.57 8.08 20.10
CA GLU K 234 33.28 9.08 19.07
C GLU K 234 32.32 8.50 18.02
N VAL K 235 31.56 9.38 17.37
CA VAL K 235 30.74 8.98 16.23
C VAL K 235 31.62 8.46 15.08
N LYS K 236 31.25 7.34 14.51
CA LYS K 236 31.99 6.70 13.42
C LYS K 236 31.07 6.41 12.24
N GLY K 237 31.61 6.42 11.02
CA GLY K 237 30.89 6.04 9.85
C GLY K 237 31.73 5.23 8.88
N HIS K 238 31.05 4.65 7.93
CA HIS K 238 31.68 4.05 6.76
C HIS K 238 30.77 4.42 5.59
N TYR K 239 31.33 4.91 4.51
CA TYR K 239 30.55 5.24 3.33
C TYR K 239 30.07 3.97 2.65
N LEU K 240 28.84 3.59 2.89
CA LEU K 240 28.27 2.39 2.30
C LEU K 240 27.73 2.69 0.88
N ASN K 241 28.40 2.12 -0.10
CA ASN K 241 28.06 2.30 -1.48
C ASN K 241 26.64 1.79 -1.83
N ALA K 242 25.74 2.68 -2.13
CA ALA K 242 24.38 2.47 -2.59
C ALA K 242 24.21 2.42 -4.12
N THR K 243 25.19 2.83 -4.90
CA THR K 243 25.21 2.68 -6.39
C THR K 243 24.73 1.31 -6.88
N ALA K 244 23.74 1.29 -7.74
CA ALA K 244 23.11 0.03 -8.15
C ALA K 244 22.82 0.07 -9.65
N GLY K 245 22.46 -1.08 -10.25
CA GLY K 245 21.91 -1.07 -11.61
C GLY K 245 20.60 -0.31 -11.77
N THR K 246 19.72 -0.34 -10.76
CA THR K 246 18.39 0.24 -10.89
C THR K 246 18.07 1.13 -9.69
N CYS K 247 17.13 2.03 -9.88
CA CYS K 247 16.76 2.92 -8.82
C CYS K 247 16.19 2.10 -7.67
N GLU K 248 15.35 1.12 -7.96
CA GLU K 248 14.75 0.28 -6.92
C GLU K 248 15.82 -0.47 -6.12
N GLU K 249 16.82 -1.07 -6.75
CA GLU K 249 17.95 -1.66 -6.02
C GLU K 249 18.72 -0.64 -5.20
N MET K 250 18.98 0.52 -5.78
CA MET K 250 19.61 1.63 -5.05
C MET K 250 18.84 2.01 -3.78
N MET K 251 17.51 2.18 -3.87
CA MET K 251 16.67 2.54 -2.73
C MET K 251 16.55 1.40 -1.73
N LYS K 252 16.55 0.15 -2.19
CA LYS K 252 16.70 -1.00 -1.30
C LYS K 252 17.96 -0.89 -0.44
N ARG K 253 19.03 -0.37 -0.97
CA ARG K 253 20.23 -0.27 -0.16
C ARG K 253 20.17 0.91 0.80
N ALA K 254 19.70 2.06 0.32
CA ALA K 254 19.51 3.23 1.17
C ALA K 254 18.56 2.95 2.34
N VAL K 255 17.45 2.25 2.09
CA VAL K 255 16.52 1.78 3.13
C VAL K 255 17.22 0.84 4.20
N ALA K 257 20.38 0.87 5.08
CA ALA K 257 21.25 1.75 5.89
C ALA K 257 20.46 2.51 6.93
N LYS K 258 19.35 3.10 6.48
CA LYS K 258 18.35 3.69 7.37
C LYS K 258 18.00 2.75 8.51
N GLU K 259 17.65 1.49 8.19
CA GLU K 259 17.19 0.56 9.22
C GLU K 259 18.30 0.09 10.13
N LEU K 260 19.51 0.00 9.63
CA LEU K 260 20.66 -0.24 10.50
C LEU K 260 20.97 0.96 11.37
N GLY K 261 20.38 2.11 11.11
CA GLY K 261 20.66 3.33 11.81
C GLY K 261 22.04 3.89 11.61
N VAL K 262 22.73 3.53 10.52
CA VAL K 262 24.09 3.95 10.28
C VAL K 262 24.15 5.36 9.67
N PRO K 263 25.25 6.10 9.78
CA PRO K 263 25.19 7.53 9.48
C PRO K 263 25.26 7.91 8.03
N ILE K 264 25.91 7.15 7.17
CA ILE K 264 26.30 7.64 5.85
C ILE K 264 26.26 6.55 4.77
N ILE K 265 25.85 6.96 3.60
CA ILE K 265 25.92 6.14 2.40
C ILE K 265 26.65 6.92 1.33
N MET K 266 26.84 6.28 0.22
CA MET K 266 27.69 6.72 -0.87
C MET K 266 27.07 6.50 -2.24
N HIS K 267 27.30 7.43 -3.14
CA HIS K 267 26.87 7.25 -4.53
C HIS K 267 27.88 7.73 -5.55
N ASP K 268 27.97 7.03 -6.68
CA ASP K 268 28.87 7.41 -7.80
C ASP K 268 28.01 8.17 -8.81
N TYR K 269 27.93 9.46 -8.66
CA TYR K 269 26.83 10.21 -9.28
C TYR K 269 26.95 10.28 -10.78
N LEU K 270 28.15 10.15 -11.33
CA LEU K 270 28.34 10.28 -12.79
C LEU K 270 28.06 8.99 -13.54
N THR K 271 28.19 7.86 -12.87
CA THR K 271 27.94 6.58 -13.49
C THR K 271 26.53 6.06 -13.17
N GLY K 272 26.04 6.29 -11.96
CA GLY K 272 24.60 6.16 -11.68
C GLY K 272 23.72 7.16 -12.42
N GLY K 273 24.10 8.41 -12.42
CA GLY K 273 23.38 9.42 -13.15
C GLY K 273 22.78 10.45 -12.23
N PHE K 274 22.57 11.64 -12.78
CA PHE K 274 21.92 12.71 -12.02
C PHE K 274 20.50 12.37 -11.61
N THR K 275 19.74 11.63 -12.46
CA THR K 275 18.37 11.32 -12.06
C THR K 275 18.37 10.47 -10.79
N ALA K 276 19.14 9.40 -10.74
CA ALA K 276 19.28 8.58 -9.54
C ALA K 276 19.91 9.35 -8.38
N ASN K 277 20.95 10.17 -8.61
CA ASN K 277 21.59 10.90 -7.51
C ASN K 277 20.64 11.85 -6.78
N THR K 278 19.83 12.60 -7.52
CA THR K 278 18.85 13.50 -6.96
C THR K 278 17.77 12.74 -6.17
N SER K 279 17.25 11.66 -6.73
CA SER K 279 16.36 10.76 -5.96
C SER K 279 17.01 10.31 -4.65
N LEU K 280 18.27 9.91 -4.71
CA LEU K 280 18.92 9.45 -3.50
C LEU K 280 19.11 10.58 -2.49
N ALA K 281 19.59 11.76 -2.95
CA ALA K 281 19.77 12.94 -2.09
C ALA K 281 18.45 13.34 -1.38
N ILE K 282 17.33 13.25 -2.07
CA ILE K 282 16.02 13.52 -1.43
C ILE K 282 15.68 12.44 -0.38
N TYR K 283 15.94 11.15 -0.67
CA TYR K 283 15.75 10.11 0.33
C TYR K 283 16.59 10.41 1.57
N CYS K 284 17.83 10.82 1.36
CA CYS K 284 18.73 11.10 2.45
C CYS K 284 18.26 12.34 3.28
N ARG K 285 17.76 13.37 2.62
CA ARG K 285 17.17 14.49 3.35
C ARG K 285 15.97 14.02 4.16
N ASP K 286 15.09 13.22 3.55
CA ASP K 286 13.88 12.73 4.24
C ASP K 286 14.19 11.75 5.40
N ASN K 287 15.32 11.06 5.41
CA ASN K 287 15.57 10.05 6.46
C ASN K 287 16.85 10.33 7.29
N GLY K 288 17.40 11.53 7.23
CA GLY K 288 18.59 12.00 7.93
C GLY K 288 19.89 11.26 7.61
N LEU K 289 20.01 10.56 6.49
CA LEU K 289 21.31 9.99 6.10
C LEU K 289 22.19 11.06 5.46
N LEU K 290 23.46 11.04 5.77
CA LEU K 290 24.50 11.73 5.01
C LEU K 290 24.87 11.04 3.70
N LEU K 291 25.19 11.84 2.68
CA LEU K 291 25.44 11.29 1.33
C LEU K 291 26.86 11.64 0.83
N HIS K 292 27.73 10.67 0.84
CA HIS K 292 29.08 10.82 0.26
C HIS K 292 29.05 10.61 -1.27
N ILE K 293 29.68 11.48 -2.02
CA ILE K 293 29.59 11.38 -3.47
C ILE K 293 30.96 11.08 -4.10
N HIS K 294 31.05 10.01 -4.81
CA HIS K 294 32.27 9.66 -5.52
C HIS K 294 32.21 10.03 -7.00
N ARG K 295 33.31 10.44 -7.55
CA ARG K 295 33.28 11.09 -8.87
C ARG K 295 33.89 10.23 -9.97
N ALA K 296 33.70 8.91 -9.90
CA ALA K 296 34.21 7.98 -10.91
C ALA K 296 33.70 8.35 -12.30
N MET K 297 34.61 8.33 -13.28
CA MET K 297 34.49 8.69 -14.71
C MET K 297 34.63 10.18 -14.96
N HIS K 298 34.84 10.99 -13.93
CA HIS K 298 35.00 12.42 -14.14
C HIS K 298 36.13 12.71 -15.17
N ALA K 299 37.22 11.90 -15.17
CA ALA K 299 38.34 12.17 -16.06
C ALA K 299 38.05 11.81 -17.52
N VAL K 300 37.01 11.01 -17.78
CA VAL K 300 36.52 10.81 -19.12
C VAL K 300 36.05 12.14 -19.71
N ILE K 301 35.43 12.97 -18.89
CA ILE K 301 34.81 14.27 -19.25
C ILE K 301 35.71 15.47 -18.97
N ASP K 302 36.42 15.48 -17.85
CA ASP K 302 36.95 16.71 -17.33
C ASP K 302 38.43 16.90 -17.49
N ARG K 303 39.14 15.99 -18.13
CA ARG K 303 40.60 16.05 -18.07
C ARG K 303 41.20 16.92 -19.19
N GLN K 304 40.80 16.70 -20.42
CA GLN K 304 41.44 17.40 -21.53
C GLN K 304 41.10 18.88 -21.51
N ARG K 305 42.13 19.69 -21.63
CA ARG K 305 41.96 21.13 -21.56
C ARG K 305 41.10 21.69 -22.72
N ASN K 306 41.08 21.05 -23.86
CA ASN K 306 40.35 21.65 -24.95
C ASN K 306 38.93 21.10 -25.13
N HIS K 307 38.56 20.01 -24.47
CA HIS K 307 37.25 19.40 -24.73
C HIS K 307 36.66 18.76 -23.47
N GLY K 308 35.36 18.84 -23.35
CA GLY K 308 34.66 18.26 -22.25
C GLY K 308 34.02 19.31 -21.37
N ILE K 309 33.94 18.99 -20.10
CA ILE K 309 33.28 19.80 -19.10
C ILE K 309 34.20 19.80 -17.91
N HIS K 310 34.71 20.97 -17.55
CA HIS K 310 35.58 21.15 -16.40
C HIS K 310 34.88 20.68 -15.14
N PHE K 311 35.65 20.10 -14.24
CA PHE K 311 35.13 19.56 -12.98
C PHE K 311 34.33 20.57 -12.14
N ARG K 312 34.68 21.85 -12.16
CA ARG K 312 33.97 22.86 -11.36
C ARG K 312 32.49 22.92 -11.75
N VAL K 313 32.18 22.71 -13.01
CA VAL K 313 30.81 22.62 -13.47
C VAL K 313 30.14 21.37 -12.89
N LEU K 314 30.83 20.22 -12.96
CA LEU K 314 30.34 18.94 -12.44
C LEU K 314 30.17 18.96 -10.93
N ALA K 315 31.02 19.72 -10.23
CA ALA K 315 30.90 19.95 -8.80
C ALA K 315 29.69 20.81 -8.44
N LYS K 316 29.48 21.88 -9.23
CA LYS K 316 28.33 22.78 -9.11
C LYS K 316 27.03 21.99 -9.36
N ALA K 317 27.02 21.15 -10.40
CA ALA K 317 25.90 20.24 -10.66
C ALA K 317 25.63 19.36 -9.47
N LEU K 318 26.67 18.73 -8.92
CA LEU K 318 26.54 17.88 -7.73
C LEU K 318 25.96 18.64 -6.55
N ARG K 319 26.46 19.83 -6.25
CA ARG K 319 25.90 20.64 -5.17
C ARG K 319 24.38 20.91 -5.35
N MET K 320 23.94 21.09 -6.57
CA MET K 320 22.53 21.25 -6.89
C MET K 320 21.78 19.91 -6.75
N SER K 321 22.31 18.82 -7.34
CA SER K 321 21.67 17.51 -7.28
C SER K 321 21.63 16.99 -5.85
N GLY K 322 22.72 17.14 -5.13
CA GLY K 322 22.74 16.94 -3.72
C GLY K 322 23.79 15.95 -3.33
N GLY K 323 24.71 16.38 -2.51
CA GLY K 323 25.66 15.50 -1.86
C GLY K 323 26.26 16.16 -0.65
N ASP K 324 26.47 15.44 0.44
CA ASP K 324 27.10 16.06 1.61
C ASP K 324 28.64 16.10 1.52
N HIS K 325 29.30 15.12 0.90
CA HIS K 325 30.76 15.16 0.61
C HIS K 325 31.00 14.97 -0.88
N LEU K 326 32.08 15.50 -1.42
CA LEU K 326 32.46 15.22 -2.78
C LEU K 326 33.96 15.01 -2.98
N HIS K 327 34.31 13.87 -3.57
CA HIS K 327 35.70 13.64 -3.99
C HIS K 327 36.19 14.77 -4.87
N SER K 328 37.23 15.39 -4.41
CA SER K 328 37.66 16.63 -5.04
C SER K 328 39.10 16.55 -5.53
N GLY K 329 39.65 15.39 -5.61
CA GLY K 329 41.01 15.21 -6.07
C GLY K 329 42.09 15.16 -5.00
N THR K 330 43.30 15.21 -5.47
CA THR K 330 44.45 15.48 -4.63
C THR K 330 45.10 16.75 -5.09
N VAL K 331 45.79 17.41 -4.18
CA VAL K 331 46.69 18.50 -4.53
C VAL K 331 48.16 18.08 -4.40
N VAL K 332 48.42 16.84 -4.03
CA VAL K 332 49.78 16.30 -4.10
C VAL K 332 50.23 16.22 -5.55
N GLY K 333 51.48 16.61 -5.78
CA GLY K 333 52.04 16.54 -7.12
C GLY K 333 51.54 17.55 -8.12
N LYS K 334 50.85 18.59 -7.66
CA LYS K 334 50.32 19.59 -8.58
C LYS K 334 51.08 20.89 -8.41
N LEU K 335 51.23 21.60 -9.52
CA LEU K 335 51.86 22.92 -9.51
C LEU K 335 50.90 23.95 -8.91
N GLU K 336 51.45 25.14 -8.59
CA GLU K 336 50.69 26.23 -7.97
C GLU K 336 49.51 26.65 -8.83
N GLY K 337 49.66 26.63 -10.16
CA GLY K 337 48.57 26.99 -11.04
C GLY K 337 47.45 25.97 -11.08
N GLU K 338 47.79 24.68 -11.03
CA GLU K 338 46.77 23.65 -10.92
C GLU K 338 46.14 23.64 -9.53
N ARG K 339 46.86 24.15 -8.53
CA ARG K 339 46.38 24.28 -7.17
C ARG K 339 45.42 25.46 -7.01
N GLU K 340 45.67 26.55 -7.74
CA GLU K 340 44.73 27.66 -7.79
C GLU K 340 43.37 27.25 -8.36
N VAL K 341 43.38 26.40 -9.40
CA VAL K 341 42.13 25.89 -9.98
C VAL K 341 41.36 25.05 -8.96
N THR K 342 42.05 24.13 -8.29
CA THR K 342 41.44 23.26 -7.30
C THR K 342 40.81 24.05 -6.17
N LEU K 343 41.52 25.06 -5.67
CA LEU K 343 40.96 25.88 -4.63
C LEU K 343 39.77 26.69 -5.12
N GLY K 344 39.72 27.01 -6.42
CA GLY K 344 38.57 27.70 -6.97
C GLY K 344 37.32 26.85 -6.82
N PHE K 345 37.38 25.59 -7.27
CA PHE K 345 36.16 24.79 -7.23
C PHE K 345 35.86 24.34 -5.81
N VAL K 346 36.87 24.29 -4.94
CA VAL K 346 36.63 24.00 -3.53
C VAL K 346 35.82 25.11 -2.88
N ASP K 347 36.08 26.37 -3.27
CA ASP K 347 35.24 27.48 -2.83
C ASP K 347 33.83 27.43 -3.42
N LEU K 348 33.68 26.98 -4.68
CA LEU K 348 32.34 26.83 -5.25
C LEU K 348 31.56 25.72 -4.56
N MET K 349 32.25 24.73 -4.05
CA MET K 349 31.63 23.62 -3.35
C MET K 349 31.15 24.05 -1.98
N ARG K 350 31.93 24.87 -1.30
CA ARG K 350 31.76 25.07 0.12
C ARG K 350 31.07 26.37 0.49
N ASP K 351 31.33 27.44 -0.23
CA ASP K 351 30.96 28.79 0.18
C ASP K 351 29.57 29.20 -0.26
N ASP K 352 29.05 30.24 0.40
CA ASP K 352 27.79 30.83 0.03
C ASP K 352 27.90 31.77 -1.18
N TYR K 353 28.94 32.58 -1.25
CA TYR K 353 29.07 33.59 -2.29
C TYR K 353 30.48 33.52 -2.86
N VAL K 354 30.63 33.28 -4.15
CA VAL K 354 31.97 33.25 -4.73
C VAL K 354 32.08 34.33 -5.81
N GLU K 355 33.07 35.19 -5.66
CA GLU K 355 33.38 36.24 -6.63
C GLU K 355 34.16 35.73 -7.82
N LYS K 356 33.84 36.29 -8.98
CA LYS K 356 34.61 36.19 -10.20
C LYS K 356 36.12 36.36 -10.00
N ASP K 357 36.88 35.40 -10.48
CA ASP K 357 38.32 35.34 -10.25
C ASP K 357 38.91 34.44 -11.33
N ARG K 358 39.38 35.05 -12.41
CA ARG K 358 39.84 34.32 -13.59
C ARG K 358 41.05 33.45 -13.30
N SER K 359 41.97 33.95 -12.48
CA SER K 359 43.20 33.21 -12.20
C SER K 359 42.93 31.96 -11.38
N ARG K 360 41.81 31.91 -10.68
CA ARG K 360 41.36 30.67 -10.07
C ARG K 360 40.38 29.94 -10.96
N GLY K 361 40.23 30.35 -12.22
CA GLY K 361 39.31 29.72 -13.14
C GLY K 361 37.84 29.97 -12.89
N ILE K 362 37.50 30.94 -12.06
CA ILE K 362 36.12 31.26 -11.77
C ILE K 362 35.66 32.34 -12.73
N TYR K 363 34.77 31.97 -13.66
CA TYR K 363 34.40 32.90 -14.73
C TYR K 363 33.17 33.74 -14.37
N PHE K 364 32.46 33.40 -13.30
CA PHE K 364 31.20 34.03 -12.98
C PHE K 364 31.13 34.23 -11.49
N THR K 365 30.50 35.30 -11.05
CA THR K 365 30.13 35.40 -9.64
C THR K 365 28.98 34.43 -9.36
N GLN K 366 29.16 33.54 -8.41
CA GLN K 366 28.15 32.53 -8.04
C GLN K 366 27.60 32.87 -6.66
N ASP K 367 26.30 33.06 -6.58
CA ASP K 367 25.57 33.26 -5.33
C ASP K 367 24.76 31.98 -5.03
N TRP K 368 25.21 31.22 -4.04
CA TRP K 368 24.47 29.99 -3.72
C TRP K 368 23.18 30.23 -2.98
N CYS K 369 22.92 31.44 -2.47
CA CYS K 369 21.61 31.84 -1.90
C CYS K 369 21.17 30.90 -0.76
N SER K 370 22.09 30.63 0.15
CA SER K 370 22.06 29.78 1.34
C SER K 370 21.91 28.26 1.09
N MET K 371 22.02 27.77 -0.13
CA MET K 371 22.19 26.35 -0.38
C MET K 371 23.42 25.83 0.37
N PRO K 372 23.28 24.79 1.19
CA PRO K 372 24.40 24.28 2.01
C PRO K 372 25.58 23.86 1.15
N GLY K 373 26.76 24.10 1.68
CA GLY K 373 27.98 23.70 1.04
C GLY K 373 28.24 22.20 1.14
N VAL K 374 29.13 21.75 0.32
CA VAL K 374 29.58 20.37 0.24
C VAL K 374 31.04 20.30 0.75
N MET K 375 31.31 19.33 1.58
CA MET K 375 32.64 19.01 2.07
C MET K 375 33.49 18.36 0.96
N PRO K 376 34.54 19.01 0.49
CA PRO K 376 35.52 18.32 -0.36
C PRO K 376 36.25 17.19 0.35
N VAL K 377 36.47 16.12 -0.36
CA VAL K 377 37.30 15.00 0.07
C VAL K 377 38.60 14.95 -0.73
N ALA K 378 39.70 15.17 -0.06
CA ALA K 378 41.02 15.20 -0.66
C ALA K 378 41.75 13.89 -0.46
N SER K 379 42.32 13.39 -1.51
CA SER K 379 43.32 12.35 -1.36
C SER K 379 44.54 12.97 -0.63
N GLY K 380 44.79 12.52 0.59
CA GLY K 380 46.09 12.69 1.19
C GLY K 380 47.09 11.76 0.57
N GLY K 381 48.34 12.04 0.75
CA GLY K 381 49.34 11.24 0.11
C GLY K 381 49.54 9.88 0.74
N ILE K 382 50.62 9.24 0.27
CA ILE K 382 51.08 7.96 0.79
C ILE K 382 51.40 8.07 2.26
N HIS K 383 51.91 9.22 2.67
CA HIS K 383 52.45 9.33 3.99
C HIS K 383 51.82 10.50 4.75
N VAL K 384 52.28 10.65 6.00
CA VAL K 384 51.75 11.63 6.94
C VAL K 384 52.47 12.98 6.89
N TRP K 385 53.53 13.08 6.09
CA TRP K 385 54.29 14.32 5.97
C TRP K 385 53.61 15.32 5.06
N HIS K 386 52.62 14.91 4.31
CA HIS K 386 51.80 15.87 3.59
C HIS K 386 50.77 16.55 4.47
N MET K 387 50.55 16.06 5.70
CA MET K 387 49.55 16.65 6.59
C MET K 387 49.66 18.16 6.77
N PRO K 388 50.84 18.79 6.98
CA PRO K 388 50.86 20.27 7.09
C PRO K 388 50.40 21.00 5.84
N ALA K 389 50.75 20.54 4.65
CA ALA K 389 50.29 21.16 3.43
C ALA K 389 48.78 21.06 3.28
N LEU K 390 48.19 19.87 3.54
CA LEU K 390 46.74 19.67 3.44
C LEU K 390 45.96 20.57 4.38
N VAL K 391 46.43 20.74 5.61
CA VAL K 391 45.73 21.56 6.57
C VAL K 391 45.80 23.03 6.19
N GLU K 392 46.95 23.45 5.66
CA GLU K 392 47.12 24.81 5.20
C GLU K 392 46.29 25.12 3.97
N ILE K 393 46.18 24.18 3.05
CA ILE K 393 45.49 24.46 1.80
C ILE K 393 43.98 24.36 1.99
N PHE K 394 43.51 23.26 2.60
CA PHE K 394 42.07 23.05 2.67
C PHE K 394 41.44 23.81 3.83
N GLY K 395 42.17 24.06 4.89
CA GLY K 395 41.60 24.47 6.17
C GLY K 395 40.83 23.32 6.85
N ASP K 396 39.99 23.66 7.80
CA ASP K 396 39.32 22.61 8.56
C ASP K 396 38.22 21.90 7.77
N ASP K 397 37.51 22.56 6.84
CA ASP K 397 36.30 21.98 6.26
C ASP K 397 36.62 21.08 5.07
N ALA K 398 37.09 19.88 5.38
CA ALA K 398 37.50 18.90 4.39
C ALA K 398 37.67 17.54 5.04
N CYS K 399 37.45 16.49 4.29
CA CYS K 399 37.88 15.18 4.71
C CYS K 399 39.20 14.89 4.00
N LEU K 400 40.16 14.48 4.76
CA LEU K 400 41.39 14.02 4.18
C LEU K 400 41.36 12.51 4.11
N GLN K 401 41.43 11.97 2.93
CA GLN K 401 41.43 10.52 2.75
C GLN K 401 42.85 10.02 2.61
N PHE K 402 43.16 8.97 3.32
CA PHE K 402 44.49 8.39 3.30
C PHE K 402 44.38 7.02 2.64
N GLY K 403 45.13 6.83 1.57
CA GLY K 403 44.96 5.66 0.72
C GLY K 403 45.81 4.50 1.19
N GLY K 404 46.94 4.81 1.81
CA GLY K 404 47.78 3.85 2.47
C GLY K 404 48.58 4.43 3.63
N GLY K 405 48.24 5.63 4.12
CA GLY K 405 48.88 6.13 5.33
C GLY K 405 48.64 5.19 6.51
N THR K 406 47.37 4.95 6.76
CA THR K 406 46.91 4.01 7.78
C THR K 406 47.43 2.57 7.52
N LEU K 407 47.56 2.14 6.26
CA LEU K 407 47.78 0.70 6.01
C LEU K 407 49.18 0.39 5.50
N GLY K 408 49.87 1.37 4.95
CA GLY K 408 51.28 1.17 4.73
C GLY K 408 52.08 1.30 6.01
N HIS K 409 51.45 1.76 7.09
CA HIS K 409 52.04 1.81 8.41
C HIS K 409 52.49 0.41 8.82
N PRO K 410 53.69 0.27 9.38
CA PRO K 410 54.21 -1.06 9.63
C PRO K 410 53.49 -1.80 10.73
N TRP K 411 52.85 -1.11 11.67
CA TRP K 411 52.15 -1.77 12.76
C TRP K 411 50.69 -2.10 12.45
N GLY K 412 50.15 -1.73 11.30
CA GLY K 412 48.82 -2.15 10.89
C GLY K 412 47.83 -1.01 10.84
N ASN K 413 46.55 -1.37 10.61
CA ASN K 413 45.50 -0.37 10.40
C ASN K 413 45.30 0.57 11.61
N ALA K 414 45.08 0.05 12.80
CA ALA K 414 44.76 0.92 13.92
C ALA K 414 45.89 1.88 14.30
N PRO K 415 47.17 1.48 14.41
CA PRO K 415 48.22 2.49 14.66
C PRO K 415 48.42 3.45 13.47
N GLY K 416 48.17 2.97 12.27
CA GLY K 416 48.21 3.85 11.12
C GLY K 416 47.14 4.92 11.18
N ALA K 417 45.92 4.54 11.54
CA ALA K 417 44.87 5.50 11.79
C ALA K 417 45.29 6.46 12.89
N ALA K 418 45.88 5.91 13.96
CA ALA K 418 46.27 6.75 15.08
C ALA K 418 47.39 7.70 14.72
N ALA K 419 48.30 7.27 13.85
CA ALA K 419 49.36 8.14 13.36
C ALA K 419 48.81 9.29 12.49
N ASN K 420 47.84 8.99 11.62
CA ASN K 420 47.19 10.06 10.85
C ASN K 420 46.45 11.06 11.73
N ARG K 421 45.76 10.58 12.76
CA ARG K 421 44.97 11.46 13.63
C ARG K 421 45.87 12.35 14.48
N VAL K 422 46.99 11.82 14.98
CA VAL K 422 47.96 12.61 15.73
C VAL K 422 48.57 13.72 14.87
N ALA K 423 48.99 13.37 13.65
CA ALA K 423 49.57 14.33 12.73
C ALA K 423 48.59 15.44 12.34
N LEU K 424 47.31 15.09 12.09
CA LEU K 424 46.30 16.08 11.79
C LEU K 424 46.08 17.00 12.97
N GLU K 425 46.00 16.44 14.17
CA GLU K 425 45.70 17.22 15.35
C GLU K 425 46.88 18.13 15.73
N ALA K 426 48.12 17.65 15.57
CA ALA K 426 49.30 18.48 15.88
C ALA K 426 49.46 19.61 14.87
N CYS K 427 49.21 19.35 13.60
CA CYS K 427 49.16 20.39 12.59
C CYS K 427 48.03 21.39 12.84
N THR K 428 46.88 20.91 13.32
CA THR K 428 45.79 21.81 13.67
C THR K 428 46.15 22.70 14.85
N GLN K 429 46.69 22.10 15.91
CA GLN K 429 47.19 22.83 17.06
C GLN K 429 48.21 23.89 16.66
N ALA K 430 49.17 23.53 15.82
CA ALA K 430 50.23 24.44 15.41
C ALA K 430 49.71 25.59 14.56
N ARG K 431 48.79 25.30 13.63
CA ARG K 431 48.07 26.31 12.87
C ARG K 431 47.32 27.29 13.77
N ASN K 432 46.63 26.80 14.81
CA ASN K 432 45.86 27.72 15.67
C ASN K 432 46.80 28.59 16.50
N GLU K 433 47.95 28.05 16.89
CA GLU K 433 49.02 28.77 17.58
C GLU K 433 49.76 29.76 16.72
N GLY K 434 49.40 29.96 15.47
CA GLY K 434 49.98 30.95 14.62
C GLY K 434 51.22 30.53 13.86
N ARG K 435 51.61 29.26 13.93
CA ARG K 435 52.78 28.80 13.19
C ARG K 435 52.49 28.67 11.70
N ASP K 436 53.52 28.90 10.90
CA ASP K 436 53.44 28.80 9.45
C ASP K 436 53.66 27.34 9.05
N LEU K 437 52.62 26.68 8.57
CA LEU K 437 52.74 25.27 8.24
C LEU K 437 53.52 25.05 6.96
N ALA K 438 53.61 26.06 6.10
CA ALA K 438 54.44 25.97 4.91
C ALA K 438 55.91 25.83 5.27
N ARG K 439 56.32 26.52 6.32
CA ARG K 439 57.72 26.49 6.71
C ARG K 439 57.99 25.44 7.77
N GLU K 440 57.16 25.41 8.80
CA GLU K 440 57.43 24.72 10.04
C GLU K 440 56.72 23.38 10.17
N GLY K 441 56.14 22.87 9.09
CA GLY K 441 55.33 21.67 9.21
C GLY K 441 56.13 20.42 9.49
N GLY K 442 57.32 20.32 8.89
CA GLY K 442 58.25 19.27 9.25
C GLY K 442 58.66 19.31 10.70
N ASP K 443 58.87 20.51 11.23
CA ASP K 443 59.17 20.68 12.65
C ASP K 443 57.98 20.35 13.55
N VAL K 444 56.75 20.54 13.06
CA VAL K 444 55.57 20.15 13.85
C VAL K 444 55.45 18.64 13.94
N ILE K 445 55.66 17.95 12.83
CA ILE K 445 55.55 16.50 12.79
C ILE K 445 56.64 15.83 13.63
N ARG K 446 57.90 16.26 13.47
CA ARG K 446 59.02 15.70 14.24
C ARG K 446 58.84 15.92 15.74
N SER K 447 58.26 17.04 16.13
CA SER K 447 57.98 17.30 17.53
C SER K 447 56.84 16.41 18.07
N ALA K 448 55.88 16.03 17.22
CA ALA K 448 54.85 15.11 17.68
C ALA K 448 55.35 13.67 17.69
N CYS K 449 56.35 13.34 16.87
CA CYS K 449 56.98 12.03 16.87
C CYS K 449 57.65 11.69 18.20
N LYS K 450 58.07 12.71 18.96
CA LYS K 450 58.77 12.46 20.23
C LYS K 450 57.87 11.80 21.26
N TRP K 451 56.62 12.22 21.35
CA TRP K 451 55.71 11.58 22.29
C TRP K 451 54.78 10.54 21.65
N SER K 452 54.63 10.46 20.35
CA SER K 452 53.70 9.48 19.78
C SER K 452 54.51 8.37 19.12
N PRO K 453 54.53 7.17 19.69
CA PRO K 453 55.25 6.07 19.03
C PRO K 453 54.65 5.66 17.70
N GLU K 454 53.33 5.78 17.52
CA GLU K 454 52.72 5.43 16.25
C GLU K 454 53.16 6.38 15.16
N LEU K 455 53.10 7.69 15.42
CA LEU K 455 53.59 8.66 14.45
C LEU K 455 55.08 8.51 14.19
N ALA K 456 55.87 8.21 15.22
CA ALA K 456 57.31 8.00 15.05
C ALA K 456 57.60 6.79 14.15
N ALA K 457 56.80 5.73 14.27
CA ALA K 457 56.99 4.57 13.38
C ALA K 457 56.53 4.86 11.95
N ALA K 458 55.53 5.74 11.76
CA ALA K 458 55.14 6.10 10.40
C ALA K 458 56.20 6.97 9.73
N CYS K 459 56.89 7.81 10.50
CA CYS K 459 57.90 8.69 9.92
C CYS K 459 59.24 7.98 9.73
N GLU K 460 59.40 6.78 10.31
CA GLU K 460 60.54 5.93 10.03
C GLU K 460 60.53 5.45 8.59
N VAL K 461 59.35 5.06 8.09
CA VAL K 461 59.08 4.91 6.67
C VAL K 461 59.41 6.19 5.91
N MET L 46 -43.52 32.40 -24.50
CA MET L 46 -42.50 31.68 -23.75
C MET L 46 -42.10 30.53 -24.65
N MET L 47 -40.84 30.49 -25.03
CA MET L 47 -40.32 29.57 -26.02
C MET L 47 -39.37 28.56 -25.34
N VAL L 48 -39.07 27.43 -25.99
CA VAL L 48 -38.22 26.38 -25.42
C VAL L 48 -36.96 26.24 -26.27
N TRP L 49 -35.80 26.44 -25.66
CA TRP L 49 -34.52 26.22 -26.33
C TRP L 49 -34.42 24.74 -26.72
N THR L 50 -34.30 24.47 -27.99
CA THR L 50 -34.45 23.08 -28.41
C THR L 50 -33.18 22.26 -28.11
N PRO L 51 -33.33 21.05 -27.58
CA PRO L 51 -32.20 20.11 -27.42
C PRO L 51 -31.91 19.29 -28.68
N VAL L 52 -32.72 19.38 -29.73
CA VAL L 52 -32.57 18.49 -30.88
C VAL L 52 -31.79 19.21 -31.96
N ASN L 53 -30.78 18.54 -32.51
CA ASN L 53 -30.02 19.00 -33.67
C ASN L 53 -29.54 20.45 -33.52
N ASN L 54 -29.08 20.81 -32.36
CA ASN L 54 -28.84 22.19 -32.03
C ASN L 54 -27.40 22.37 -31.52
N LYS L 55 -26.46 21.73 -32.20
CA LYS L 55 -25.04 21.81 -31.85
C LYS L 55 -24.43 23.21 -32.04
N MET L 56 -23.52 23.58 -31.15
CA MET L 56 -22.81 24.87 -31.19
C MET L 56 -21.32 24.68 -31.42
N PHE L 57 -20.65 25.68 -31.96
CA PHE L 57 -19.25 25.51 -32.31
C PHE L 57 -18.33 26.54 -31.73
N GLU L 58 -18.60 26.84 -30.46
CA GLU L 58 -17.92 27.83 -29.62
C GLU L 58 -18.14 29.30 -30.01
N THR L 59 -17.08 30.08 -30.03
CA THR L 59 -17.27 31.52 -30.24
C THR L 59 -18.01 31.92 -31.52
N PHE L 60 -19.01 32.77 -31.31
CA PHE L 60 -19.91 33.36 -32.33
C PHE L 60 -21.01 32.41 -32.84
N SER L 61 -21.05 31.17 -32.37
CA SER L 61 -22.08 30.24 -32.87
C SER L 61 -23.49 30.57 -32.36
N TYR L 62 -23.61 31.45 -31.40
CA TYR L 62 -24.94 31.86 -30.97
C TYR L 62 -25.42 33.09 -31.75
N LEU L 63 -24.61 33.63 -32.65
CA LEU L 63 -24.98 34.73 -33.55
C LEU L 63 -25.46 34.15 -34.88
N PRO L 64 -26.14 34.93 -35.72
CA PRO L 64 -26.33 34.50 -37.12
C PRO L 64 -24.99 34.27 -37.79
N PRO L 65 -24.93 33.40 -38.82
CA PRO L 65 -23.66 33.16 -39.53
C PRO L 65 -23.05 34.45 -40.06
N LEU L 66 -21.77 34.61 -39.84
CA LEU L 66 -21.15 35.87 -40.16
C LEU L 66 -21.11 36.01 -41.68
N SER L 67 -21.62 37.13 -42.18
CA SER L 67 -21.49 37.46 -43.58
C SER L 67 -20.03 37.73 -43.94
N ASP L 68 -19.80 37.90 -45.24
CA ASP L 68 -18.46 38.17 -45.73
C ASP L 68 -17.91 39.47 -45.17
N GLU L 69 -18.78 40.46 -45.05
CA GLU L 69 -18.39 41.73 -44.43
C GLU L 69 -18.06 41.51 -42.95
N GLN L 70 -18.85 40.68 -42.26
CA GLN L 70 -18.58 40.38 -40.87
C GLN L 70 -17.31 39.59 -40.71
N ILE L 71 -17.00 38.67 -41.63
CA ILE L 71 -15.74 37.94 -41.55
C ILE L 71 -14.57 38.88 -41.83
N ALA L 72 -14.72 39.78 -42.80
CA ALA L 72 -13.68 40.73 -43.16
C ALA L 72 -13.36 41.67 -42.01
N ALA L 73 -14.36 42.09 -41.26
CA ALA L 73 -14.14 42.94 -40.11
C ALA L 73 -13.42 42.21 -38.97
N GLN L 74 -13.75 40.92 -38.75
CA GLN L 74 -12.99 40.12 -37.78
C GLN L 74 -11.54 39.94 -38.23
N VAL L 75 -11.30 39.76 -39.54
CA VAL L 75 -9.94 39.62 -40.04
C VAL L 75 -9.15 40.94 -39.87
N ASP L 76 -9.82 42.07 -40.04
CA ASP L 76 -9.22 43.35 -39.69
C ASP L 76 -8.81 43.43 -38.23
N TYR L 77 -9.61 42.88 -37.32
CA TYR L 77 -9.22 42.82 -35.94
C TYR L 77 -7.99 41.94 -35.75
N ILE L 78 -7.94 40.80 -36.44
CA ILE L 78 -6.78 39.90 -36.41
C ILE L 78 -5.51 40.60 -36.91
N VAL L 79 -5.61 41.29 -38.04
CA VAL L 79 -4.44 41.89 -38.67
C VAL L 79 -3.90 43.06 -37.85
N ALA L 80 -4.78 43.94 -37.37
CA ALA L 80 -4.37 45.09 -36.56
C ALA L 80 -3.62 44.69 -35.30
N ASN L 81 -3.99 43.56 -34.71
CA ASN L 81 -3.31 43.08 -33.54
C ASN L 81 -2.01 42.38 -33.85
N GLY L 82 -1.61 42.24 -35.10
CA GLY L 82 -0.45 41.44 -35.45
C GLY L 82 -0.66 39.95 -35.32
N TRP L 83 -1.88 39.48 -35.35
CA TRP L 83 -2.15 38.08 -35.17
C TRP L 83 -2.07 37.34 -36.49
N ILE L 84 -1.91 36.03 -36.40
CA ILE L 84 -1.75 35.21 -37.60
C ILE L 84 -3.04 34.43 -37.82
N PRO L 85 -3.81 34.74 -38.86
CA PRO L 85 -4.98 33.94 -39.19
C PRO L 85 -4.59 32.58 -39.74
N CYS L 86 -5.45 31.59 -39.51
CA CYS L 86 -5.32 30.26 -40.07
C CYS L 86 -6.73 29.68 -40.20
N LEU L 87 -6.95 28.84 -41.19
CA LEU L 87 -8.23 28.16 -41.31
C LEU L 87 -8.11 26.71 -40.90
N GLU L 88 -9.15 26.17 -40.34
CA GLU L 88 -9.27 24.77 -39.99
C GLU L 88 -10.63 24.20 -40.38
N PHE L 89 -10.67 22.92 -40.66
CA PHE L 89 -11.88 22.29 -41.12
C PHE L 89 -12.00 20.87 -40.55
N ALA L 90 -13.24 20.42 -40.50
CA ALA L 90 -13.59 19.10 -40.06
C ALA L 90 -14.89 18.63 -40.72
N GLU L 91 -15.00 17.33 -40.89
CA GLU L 91 -16.22 16.73 -41.38
C GLU L 91 -17.19 16.68 -40.18
N SER L 92 -18.49 16.54 -40.43
CA SER L 92 -19.46 16.61 -39.33
C SER L 92 -19.23 15.61 -38.18
N ASP L 93 -18.78 14.41 -38.49
CA ASP L 93 -18.49 13.40 -37.48
C ASP L 93 -17.20 13.72 -36.67
N LYS L 94 -16.42 14.71 -37.11
CA LYS L 94 -15.20 15.07 -36.43
C LYS L 94 -15.30 16.49 -35.86
N ALA L 95 -16.38 17.17 -36.19
CA ALA L 95 -16.58 18.55 -35.77
C ALA L 95 -16.78 18.87 -34.29
N TYR L 96 -17.54 18.05 -33.56
CA TYR L 96 -17.78 18.35 -32.15
C TYR L 96 -17.15 17.37 -31.14
N VAL L 97 -16.98 17.81 -29.90
CA VAL L 97 -16.30 16.99 -28.91
C VAL L 97 -16.90 15.61 -28.68
N SER L 98 -16.03 14.63 -28.56
CA SER L 98 -16.41 13.24 -28.35
C SER L 98 -15.42 12.57 -27.40
N ASN L 99 -15.80 11.41 -26.86
CA ASN L 99 -15.01 10.64 -25.91
C ASN L 99 -14.52 9.28 -26.37
N GLU L 100 -14.47 8.98 -27.65
CA GLU L 100 -14.30 7.58 -28.03
C GLU L 100 -12.91 7.02 -27.73
N SER L 101 -11.83 7.81 -27.80
CA SER L 101 -10.48 7.34 -27.43
C SER L 101 -10.35 6.91 -25.97
N ALA L 102 -11.24 7.34 -25.09
CA ALA L 102 -11.16 7.04 -23.66
C ALA L 102 -11.36 5.57 -23.34
N ILE L 103 -11.83 4.78 -24.30
CA ILE L 103 -11.90 3.33 -24.15
C ILE L 103 -10.51 2.75 -23.83
N ARG L 104 -9.44 3.35 -24.36
CA ARG L 104 -8.07 2.87 -24.16
C ARG L 104 -7.49 3.27 -22.81
N PHE L 105 -8.13 4.15 -22.09
CA PHE L 105 -7.52 4.80 -20.93
C PHE L 105 -7.78 4.06 -19.64
N GLY L 106 -6.85 4.18 -18.70
CA GLY L 106 -7.13 4.07 -17.28
C GLY L 106 -7.90 5.30 -16.74
N SER L 107 -7.63 5.81 -15.56
CA SER L 107 -8.47 6.89 -15.03
C SER L 107 -7.97 8.29 -15.34
N VAL L 108 -7.61 8.59 -16.56
CA VAL L 108 -7.01 9.87 -16.89
C VAL L 108 -7.84 10.57 -17.96
N SER L 109 -9.16 10.39 -17.97
CA SER L 109 -9.94 11.10 -19.01
C SER L 109 -10.16 12.60 -18.72
N CYS L 110 -9.86 13.07 -17.52
CA CYS L 110 -10.09 14.45 -17.08
C CYS L 110 -9.55 15.52 -18.05
N LEU L 111 -10.45 16.28 -18.65
CA LEU L 111 -10.17 17.29 -19.68
C LEU L 111 -9.56 16.73 -20.96
N TYR L 112 -9.56 15.44 -21.16
CA TYR L 112 -9.31 14.86 -22.47
C TYR L 112 -10.61 14.85 -23.27
N TYR L 113 -10.55 15.30 -24.48
CA TYR L 113 -11.67 15.03 -25.39
C TYR L 113 -11.12 14.94 -26.81
N ASP L 114 -11.70 14.07 -27.60
CA ASP L 114 -11.32 13.98 -28.99
C ASP L 114 -12.08 15.07 -29.78
N ASN L 115 -11.57 15.40 -30.96
CA ASN L 115 -12.09 16.34 -31.98
C ASN L 115 -11.95 17.84 -31.59
N ARG L 116 -11.21 18.18 -30.54
CA ARG L 116 -10.79 19.57 -30.37
C ARG L 116 -9.88 20.00 -31.51
N TYR L 117 -8.89 19.22 -31.81
CA TYR L 117 -8.09 19.44 -33.01
C TYR L 117 -8.97 19.26 -34.25
N TRP L 118 -8.96 20.23 -35.12
CA TRP L 118 -9.43 20.05 -36.50
C TRP L 118 -8.24 19.93 -37.47
N THR L 119 -8.51 19.87 -38.76
CA THR L 119 -7.44 19.74 -39.75
C THR L 119 -7.11 21.12 -40.37
N MET L 120 -5.83 21.47 -40.39
CA MET L 120 -5.38 22.74 -40.92
C MET L 120 -5.56 22.86 -42.45
N TRP L 121 -6.02 24.01 -42.91
CA TRP L 121 -6.15 24.24 -44.33
C TRP L 121 -4.90 25.01 -44.69
N LYS L 122 -4.06 24.39 -45.50
CA LYS L 122 -2.78 24.97 -45.93
C LYS L 122 -1.95 25.37 -44.71
N LEU L 123 -1.45 26.59 -44.70
CA LEU L 123 -0.62 27.04 -43.59
C LEU L 123 -1.08 28.34 -42.96
N PRO L 124 -0.67 28.59 -41.72
CA PRO L 124 -0.94 29.87 -41.09
C PRO L 124 -0.40 30.96 -42.00
N MET L 125 -1.21 31.98 -42.18
CA MET L 125 -0.97 33.01 -43.17
C MET L 125 -0.05 34.05 -42.56
N PHE L 126 1.23 33.70 -42.50
CA PHE L 126 2.24 34.59 -41.95
C PHE L 126 2.35 35.81 -42.85
N GLY L 127 2.34 36.98 -42.25
CA GLY L 127 2.39 38.24 -42.96
C GLY L 127 1.10 38.68 -43.59
N CYS L 128 -0.03 38.06 -43.22
CA CYS L 128 -1.32 38.49 -43.72
C CYS L 128 -1.64 39.88 -43.24
N ARG L 129 -1.86 40.77 -44.20
CA ARG L 129 -2.21 42.13 -43.96
C ARG L 129 -3.55 42.50 -44.59
N ASP L 130 -3.91 41.85 -45.69
CA ASP L 130 -5.13 42.18 -46.36
C ASP L 130 -6.19 41.12 -46.11
N PRO L 131 -7.43 41.50 -45.80
CA PRO L 131 -8.44 40.50 -45.47
C PRO L 131 -8.97 39.70 -46.65
N MET L 132 -8.63 40.05 -47.88
CA MET L 132 -9.23 39.40 -49.03
C MET L 132 -8.57 38.05 -49.29
N GLN L 133 -7.38 37.85 -48.78
CA GLN L 133 -6.72 36.55 -48.86
C GLN L 133 -7.44 35.50 -48.00
N VAL L 134 -7.87 35.86 -46.80
CA VAL L 134 -8.59 34.94 -45.94
C VAL L 134 -9.93 34.60 -46.57
N LEU L 135 -10.60 35.62 -47.14
CA LEU L 135 -11.89 35.40 -47.76
C LEU L 135 -11.78 34.51 -49.00
N ARG L 136 -10.69 34.66 -49.75
CA ARG L 136 -10.41 33.77 -50.87
C ARG L 136 -10.10 32.33 -50.37
N GLU L 137 -9.31 32.22 -49.30
CA GLU L 137 -9.00 30.91 -48.75
C GLU L 137 -10.22 30.23 -48.15
N ILE L 138 -11.15 31.00 -47.58
CA ILE L 138 -12.39 30.43 -47.07
C ILE L 138 -13.20 29.82 -48.20
N VAL L 139 -13.31 30.53 -49.32
CA VAL L 139 -13.99 30.02 -50.50
C VAL L 139 -13.30 28.77 -51.03
N ALA L 140 -11.97 28.78 -51.11
CA ALA L 140 -11.24 27.61 -51.61
C ALA L 140 -11.43 26.38 -50.73
N CYS L 141 -11.39 26.55 -49.40
CA CYS L 141 -11.59 25.42 -48.49
C CYS L 141 -12.99 24.83 -48.62
N THR L 142 -13.99 25.69 -48.69
CA THR L 142 -15.37 25.23 -48.78
C THR L 142 -15.65 24.60 -50.14
N LYS L 143 -14.98 25.09 -51.17
CA LYS L 143 -15.08 24.48 -52.49
C LYS L 143 -14.47 23.09 -52.52
N ALA L 144 -13.31 22.91 -51.89
CA ALA L 144 -12.70 21.59 -51.81
C ALA L 144 -13.44 20.69 -50.83
N PHE L 145 -14.06 21.24 -49.81
CA PHE L 145 -14.69 20.43 -48.78
C PHE L 145 -16.09 20.93 -48.52
N PRO L 146 -17.07 20.54 -49.36
CA PRO L 146 -18.41 21.12 -49.20
C PRO L 146 -19.18 20.56 -48.02
N ASP L 147 -18.84 19.38 -47.56
CA ASP L 147 -19.50 18.80 -46.39
C ASP L 147 -18.80 19.13 -45.06
N ALA L 148 -17.87 20.08 -45.05
CA ALA L 148 -17.04 20.37 -43.88
C ALA L 148 -17.44 21.67 -43.20
N TYR L 149 -17.46 21.65 -41.88
CA TYR L 149 -17.40 22.89 -41.11
C TYR L 149 -16.03 23.55 -41.31
N VAL L 150 -15.95 24.87 -41.33
CA VAL L 150 -14.68 25.59 -41.49
C VAL L 150 -14.57 26.65 -40.40
N ARG L 151 -13.49 26.66 -39.68
CA ARG L 151 -13.30 27.65 -38.65
C ARG L 151 -12.07 28.48 -38.93
N LEU L 152 -12.15 29.73 -38.53
CA LEU L 152 -11.06 30.67 -38.66
C LEU L 152 -10.40 30.85 -37.30
N VAL L 153 -9.13 30.57 -37.23
CA VAL L 153 -8.46 30.70 -35.95
C VAL L 153 -7.41 31.80 -36.10
N ALA L 154 -6.86 32.21 -34.99
CA ALA L 154 -5.82 33.21 -34.99
C ALA L 154 -4.83 32.91 -33.89
N PHE L 155 -3.57 33.14 -34.17
CA PHE L 155 -2.46 32.85 -33.27
C PHE L 155 -1.76 34.17 -32.95
N ASP L 156 -1.37 34.34 -31.70
CA ASP L 156 -0.62 35.50 -31.27
C ASP L 156 0.78 35.05 -30.95
N ASN L 157 1.71 35.46 -31.79
CA ASN L 157 3.09 34.97 -31.69
C ASN L 157 3.81 35.62 -30.51
N GLN L 158 3.29 36.74 -29.99
CA GLN L 158 3.82 37.26 -28.74
C GLN L 158 3.54 36.32 -27.58
N LYS L 159 2.29 36.03 -27.31
CA LYS L 159 1.93 35.17 -26.21
C LYS L 159 2.06 33.67 -26.60
N GLN L 160 2.45 33.37 -27.86
CA GLN L 160 2.65 32.02 -28.41
C GLN L 160 1.49 31.05 -28.08
N VAL L 161 0.30 31.38 -28.56
CA VAL L 161 -0.91 30.66 -28.22
C VAL L 161 -2.02 31.03 -29.21
N GLN L 162 -2.87 30.07 -29.54
CA GLN L 162 -4.12 30.36 -30.20
C GLN L 162 -4.94 31.36 -29.41
N ILE L 163 -5.44 32.38 -30.08
CA ILE L 163 -6.12 33.49 -29.42
C ILE L 163 -7.52 33.74 -29.96
N MET L 164 -7.85 33.25 -31.15
CA MET L 164 -9.24 33.27 -31.62
C MET L 164 -9.60 31.94 -32.25
N GLY L 165 -10.89 31.72 -32.39
CA GLY L 165 -11.44 30.64 -33.14
C GLY L 165 -12.95 30.77 -33.16
N PHE L 166 -13.48 30.95 -34.36
CA PHE L 166 -14.90 31.10 -34.60
C PHE L 166 -15.16 30.50 -35.95
N LEU L 167 -16.40 30.11 -36.13
CA LEU L 167 -16.82 29.36 -37.29
C LEU L 167 -17.17 30.30 -38.43
N VAL L 168 -16.77 29.94 -39.64
CA VAL L 168 -17.14 30.72 -40.82
C VAL L 168 -18.00 29.96 -41.79
N GLN L 169 -18.15 28.65 -41.65
CA GLN L 169 -18.99 27.93 -42.58
C GLN L 169 -19.52 26.67 -41.93
N ARG L 170 -20.82 26.50 -42.02
CA ARG L 170 -21.50 25.29 -41.64
C ARG L 170 -21.90 24.60 -42.94
N PRO L 171 -21.76 23.28 -43.03
CA PRO L 171 -22.19 22.62 -44.26
C PRO L 171 -23.71 22.47 -44.28
N LYS L 172 -24.28 22.77 -45.45
CA LYS L 172 -25.71 22.56 -45.71
C LYS L 172 -26.15 21.14 -45.35
N SER L 173 -25.35 20.14 -45.72
CA SER L 173 -25.73 18.76 -45.50
C SER L 173 -25.66 18.34 -44.03
N ALA L 174 -25.11 19.18 -43.17
CA ALA L 174 -25.14 18.90 -41.75
C ALA L 174 -26.52 19.13 -41.19
N ARG L 175 -27.11 18.10 -40.64
CA ARG L 175 -28.35 18.27 -39.90
C ARG L 175 -28.14 18.53 -38.41
N ASP L 176 -26.89 18.49 -37.94
CA ASP L 176 -26.53 18.61 -36.51
C ASP L 176 -26.86 19.97 -35.89
N TRP L 177 -27.10 21.02 -36.67
CA TRP L 177 -27.18 22.38 -36.17
C TRP L 177 -28.45 23.10 -36.62
N GLN L 178 -28.81 24.14 -35.95
CA GLN L 178 -30.09 24.77 -36.28
C GLN L 178 -29.90 26.12 -36.90
N PRO L 179 -30.72 26.43 -37.95
CA PRO L 179 -30.58 27.68 -38.72
C PRO L 179 -31.20 28.89 -38.06
N ALA L 180 -30.90 29.08 -36.78
CA ALA L 180 -31.22 30.28 -36.00
C ALA L 180 -32.71 30.54 -35.89
N ASN L 181 -33.52 29.49 -36.07
CA ASN L 181 -34.89 29.30 -35.62
C ASN L 181 -34.93 28.09 -34.67
N LYS L 182 -34.06 28.18 -33.64
CA LYS L 182 -33.70 27.24 -32.60
C LYS L 182 -34.37 27.51 -31.23
N ARG L 183 -35.18 28.54 -31.14
CA ARG L 183 -36.26 28.75 -30.18
C ARG L 183 -35.92 28.58 -28.72
N LYS M 18 14.32 44.84 19.62
CA LYS M 18 12.90 45.09 19.48
C LYS M 18 12.53 46.59 19.37
N ASP M 19 12.38 47.08 18.13
CA ASP M 19 12.01 48.47 17.84
C ASP M 19 13.01 49.45 18.45
N TYR M 20 14.22 49.47 17.89
CA TYR M 20 15.27 50.35 18.39
C TYR M 20 15.37 51.61 17.54
N ARG M 21 14.77 51.56 16.35
CA ARG M 21 14.61 52.57 15.31
C ARG M 21 15.90 52.80 14.54
N LEU M 22 17.06 52.45 15.08
CA LEU M 22 18.26 52.62 14.28
C LEU M 22 18.69 51.29 13.74
N THR M 23 18.30 50.25 14.45
CA THR M 23 18.54 48.92 13.92
C THR M 23 17.58 48.60 12.78
N TYR M 24 16.30 48.96 12.93
CA TYR M 24 15.28 48.37 12.05
C TYR M 24 14.81 49.33 11.01
N TYR M 25 14.91 50.61 11.28
CA TYR M 25 14.61 51.62 10.31
C TYR M 25 15.93 52.05 9.70
N THR M 26 16.20 51.56 8.49
CA THR M 26 17.47 51.73 7.81
C THR M 26 17.19 52.37 6.46
N PRO M 27 16.98 53.67 6.43
CA PRO M 27 16.48 54.29 5.20
C PRO M 27 17.49 54.40 4.07
N ASP M 28 18.73 53.99 4.27
CA ASP M 28 19.67 53.92 3.19
C ASP M 28 19.96 52.47 2.73
N TYR M 29 19.20 51.49 3.21
CA TYR M 29 19.29 50.11 2.75
C TYR M 29 19.00 50.00 1.25
N VAL M 30 19.81 49.28 0.53
CA VAL M 30 19.51 48.94 -0.86
C VAL M 30 18.76 47.60 -0.92
N VAL M 31 17.60 47.65 -1.55
CA VAL M 31 16.75 46.48 -1.72
C VAL M 31 17.43 45.47 -2.63
N ARG M 32 17.60 44.27 -2.13
CA ARG M 32 18.12 43.15 -2.89
C ARG M 32 17.03 42.57 -3.82
N ASP M 33 17.46 41.88 -4.86
CA ASP M 33 16.53 41.28 -5.81
C ASP M 33 15.77 40.09 -5.23
N THR M 34 16.36 39.41 -4.30
CA THR M 34 15.73 38.25 -3.71
C THR M 34 14.87 38.58 -2.49
N ASP M 35 14.88 39.81 -2.02
CA ASP M 35 14.05 40.22 -0.89
C ASP M 35 12.57 40.17 -1.22
N ILE M 36 11.80 39.87 -0.22
CA ILE M 36 10.37 40.02 -0.21
C ILE M 36 10.04 41.40 0.35
N LEU M 37 9.29 42.18 -0.37
CA LEU M 37 8.99 43.51 0.11
C LEU M 37 7.54 43.56 0.56
N ALA M 38 7.26 44.37 1.52
CA ALA M 38 5.91 44.59 2.00
C ALA M 38 5.65 46.08 2.11
N ALA M 39 4.46 46.50 1.75
CA ALA M 39 4.00 47.86 2.01
C ALA M 39 2.84 47.84 3.01
N PHE M 40 3.10 48.32 4.18
CA PHE M 40 2.11 48.48 5.23
C PHE M 40 1.56 49.90 5.34
N ARG M 41 0.26 50.04 5.14
CA ARG M 41 -0.45 51.24 5.57
C ARG M 41 -0.65 51.21 7.08
N MET M 42 -0.12 52.20 7.73
CA MET M 42 0.20 52.18 9.14
C MET M 42 -0.47 53.37 9.83
N THR M 43 -1.17 53.12 10.93
CA THR M 43 -1.81 54.17 11.72
C THR M 43 -1.26 54.19 13.14
N PRO M 44 -0.24 54.98 13.40
CA PRO M 44 0.40 54.99 14.72
C PRO M 44 -0.50 55.56 15.81
N GLN M 45 -0.32 55.07 17.02
CA GLN M 45 -0.94 55.69 18.17
C GLN M 45 -0.44 57.13 18.30
N PRO M 46 -1.31 58.05 18.72
CA PRO M 46 -0.95 59.47 18.74
C PRO M 46 0.22 59.76 19.67
N GLY M 47 1.18 60.50 19.14
CA GLY M 47 2.44 60.73 19.81
C GLY M 47 3.54 59.75 19.51
N VAL M 48 3.28 58.68 18.75
CA VAL M 48 4.30 57.69 18.42
C VAL M 48 4.82 58.02 17.03
N PRO M 49 6.11 58.26 16.86
CA PRO M 49 6.59 58.78 15.59
C PRO M 49 6.57 57.69 14.53
N PRO M 50 6.48 58.05 13.25
CA PRO M 50 6.36 57.04 12.18
C PRO M 50 7.54 56.11 12.05
N GLU M 51 8.73 56.60 12.37
CA GLU M 51 9.95 55.82 12.23
C GLU M 51 10.01 54.74 13.29
N GLU M 52 9.45 55.01 14.46
CA GLU M 52 9.35 54.00 15.50
C GLU M 52 8.32 52.93 15.13
N CYS M 53 7.24 53.30 14.46
CA CYS M 53 6.23 52.31 14.10
C CYS M 53 6.70 51.42 12.96
N GLY M 54 7.28 52.02 11.92
CA GLY M 54 7.84 51.26 10.82
C GLY M 54 8.90 50.28 11.27
N ALA M 55 9.74 50.70 12.20
CA ALA M 55 10.77 49.84 12.79
C ALA M 55 10.17 48.69 13.59
N ALA M 56 9.14 48.98 14.38
CA ALA M 56 8.43 47.96 15.15
C ALA M 56 7.79 46.89 14.24
N VAL M 57 7.19 47.30 13.13
CA VAL M 57 6.62 46.35 12.17
C VAL M 57 7.73 45.53 11.52
N ALA M 58 8.87 46.18 11.20
CA ALA M 58 10.03 45.46 10.69
C ALA M 58 10.53 44.43 11.70
N ALA M 59 10.54 44.80 12.97
CA ALA M 59 11.15 43.95 14.00
C ALA M 59 10.28 42.76 14.42
N GLU M 60 8.96 42.86 14.41
CA GLU M 60 8.01 41.88 15.03
C GLU M 60 8.51 41.51 16.43
N SER M 61 8.60 42.52 17.28
CA SER M 61 9.09 42.40 18.64
C SER M 61 8.36 41.30 19.41
N SER M 62 9.05 40.66 20.35
CA SER M 62 8.39 39.54 21.00
C SER M 62 7.49 40.02 22.15
N THR M 63 7.41 41.35 22.35
CA THR M 63 6.40 41.98 23.19
C THR M 63 5.49 42.90 22.34
N GLY M 64 4.20 42.52 22.29
CA GLY M 64 3.23 43.22 21.47
C GLY M 64 2.47 44.24 22.30
N THR M 65 2.46 44.02 23.63
CA THR M 65 1.85 44.92 24.61
C THR M 65 2.76 46.11 25.00
N TRP M 66 4.04 45.84 25.20
CA TRP M 66 5.06 46.83 25.65
C TRP M 66 5.53 48.01 24.79
N THR M 67 5.77 47.77 23.51
CA THR M 67 6.30 48.77 22.56
C THR M 67 7.68 49.36 22.95
N THR M 68 8.53 48.52 23.55
CA THR M 68 9.88 48.93 23.95
C THR M 68 10.88 47.78 23.77
N VAL M 69 12.15 48.09 23.62
CA VAL M 69 13.13 47.02 23.48
C VAL M 69 13.51 46.56 24.87
N TRP M 70 13.05 45.36 25.20
CA TRP M 70 13.27 44.77 26.50
C TRP M 70 14.42 43.77 26.44
N THR M 71 14.31 42.78 25.54
CA THR M 71 15.32 41.74 25.32
C THR M 71 15.89 41.97 23.92
N ASP M 72 17.10 42.54 23.86
CA ASP M 72 17.66 42.98 22.59
C ASP M 72 18.98 42.29 22.33
N GLY M 73 19.07 41.65 21.15
CA GLY M 73 20.23 40.98 20.56
C GLY M 73 20.05 39.49 20.31
N LEU M 74 19.60 39.12 19.10
CA LEU M 74 19.24 37.75 18.77
C LEU M 74 19.82 37.35 17.43
N THR M 75 20.07 36.06 17.26
CA THR M 75 20.40 35.59 15.92
C THR M 75 19.16 35.32 15.08
N SER M 76 17.97 35.42 15.68
CA SER M 76 16.79 35.58 14.84
C SER M 76 16.59 37.03 14.43
N LEU M 77 17.33 37.97 15.05
CA LEU M 77 17.20 39.41 14.79
C LEU M 77 18.52 40.12 14.45
N ASP M 78 19.50 39.42 13.87
CA ASP M 78 20.71 40.12 13.39
C ASP M 78 20.80 40.09 11.86
N ARG M 79 20.43 38.94 11.24
CA ARG M 79 20.56 38.72 9.78
C ARG M 79 19.25 38.21 9.19
N TYR M 80 18.32 37.86 10.05
CA TYR M 80 17.03 37.34 9.61
C TYR M 80 15.94 38.35 9.93
N LYS M 81 16.34 39.61 9.91
CA LYS M 81 15.45 40.71 10.23
C LYS M 81 14.92 41.49 9.03
N GLY M 82 13.61 41.75 9.05
CA GLY M 82 12.99 42.60 8.05
C GLY M 82 13.45 44.02 8.41
N ARG M 83 13.73 44.86 7.43
CA ARG M 83 14.17 46.23 7.70
C ARG M 83 13.20 47.25 7.10
N CYS M 84 12.82 48.26 7.88
CA CYS M 84 11.95 49.27 7.32
C CYS M 84 12.83 50.26 6.56
N TYR M 85 12.77 50.23 5.24
CA TYR M 85 13.71 51.01 4.45
C TYR M 85 13.15 52.31 3.92
N ASP M 86 11.88 52.63 4.16
CA ASP M 86 11.21 53.80 3.61
C ASP M 86 9.88 53.99 4.32
N ILE M 87 9.60 55.20 4.75
CA ILE M 87 8.30 55.61 5.26
C ILE M 87 7.82 56.82 4.48
N GLU M 88 6.63 56.74 3.89
CA GLU M 88 6.03 57.85 3.16
C GLU M 88 4.69 58.24 3.77
N PRO M 89 4.37 59.53 3.76
CA PRO M 89 3.02 59.98 4.14
C PRO M 89 1.98 59.61 3.09
N VAL M 90 0.76 59.43 3.55
CA VAL M 90 -0.38 59.14 2.68
C VAL M 90 -1.05 60.47 2.38
N PRO M 91 -1.24 60.84 1.11
CA PRO M 91 -1.76 62.18 0.79
C PRO M 91 -3.23 62.33 1.14
N GLY M 92 -3.54 63.41 1.85
CA GLY M 92 -4.89 63.65 2.28
C GLY M 92 -5.18 63.11 3.66
N GLU M 93 -4.40 62.17 4.14
CA GLU M 93 -4.54 61.60 5.46
C GLU M 93 -3.54 62.32 6.36
N ASP M 94 -3.80 62.30 7.66
CA ASP M 94 -2.98 63.07 8.57
C ASP M 94 -2.16 62.17 9.49
N ASN M 95 -2.67 61.00 9.79
CA ASN M 95 -1.97 60.09 10.70
C ASN M 95 -1.69 58.73 10.04
N GLN M 96 -1.60 58.65 8.73
CA GLN M 96 -1.34 57.39 8.04
C GLN M 96 -0.08 57.45 7.21
N TYR M 97 0.70 56.37 7.24
CA TYR M 97 1.96 56.28 6.52
C TYR M 97 2.03 54.94 5.79
N ILE M 98 2.76 54.90 4.70
CA ILE M 98 3.16 53.64 4.07
C ILE M 98 4.57 53.32 4.55
N ALA M 99 4.72 52.22 5.27
CA ALA M 99 6.02 51.69 5.62
C ALA M 99 6.39 50.50 4.72
N TYR M 100 7.55 50.59 4.09
CA TYR M 100 8.13 49.58 3.22
C TYR M 100 9.12 48.70 3.98
N VAL M 101 8.87 47.40 4.01
CA VAL M 101 9.71 46.49 4.77
C VAL M 101 10.30 45.48 3.83
N ALA M 102 11.59 45.32 3.90
CA ALA M 102 12.29 44.27 3.19
C ALA M 102 12.52 43.06 4.10
N TYR M 103 12.24 41.88 3.60
CA TYR M 103 12.51 40.63 4.30
C TYR M 103 13.50 39.79 3.49
N PRO M 104 14.56 39.27 4.08
CA PRO M 104 15.46 38.39 3.33
C PRO M 104 14.78 37.04 3.00
N ILE M 105 15.07 36.52 1.82
CA ILE M 105 14.43 35.33 1.29
C ILE M 105 14.72 34.10 2.17
N ASP M 106 15.83 34.10 2.88
CA ASP M 106 16.14 33.06 3.86
C ASP M 106 15.14 32.93 4.98
N LEU M 107 14.32 33.92 5.25
CA LEU M 107 13.29 33.79 6.25
C LEU M 107 12.19 32.79 5.88
N PHE M 108 12.02 32.44 4.62
CA PHE M 108 10.78 31.86 4.17
C PHE M 108 10.96 30.38 3.78
N GLU M 109 9.97 29.55 4.13
CA GLU M 109 9.96 28.17 3.64
C GLU M 109 9.56 28.14 2.15
N GLU M 110 10.43 27.54 1.33
CA GLU M 110 10.23 27.46 -0.12
C GLU M 110 8.89 26.82 -0.46
N GLY M 111 8.07 27.53 -1.21
CA GLY M 111 6.83 26.92 -1.66
C GLY M 111 5.72 26.90 -0.64
N SER M 112 5.79 27.70 0.43
CA SER M 112 4.79 27.61 1.48
C SER M 112 4.14 28.98 1.67
N VAL M 113 3.01 29.21 1.04
CA VAL M 113 2.26 30.44 1.28
C VAL M 113 1.93 30.57 2.75
N THR M 114 1.54 29.44 3.40
CA THR M 114 1.28 29.42 4.84
C THR M 114 2.41 30.06 5.64
N ASN M 115 3.64 29.73 5.30
CA ASN M 115 4.75 30.19 6.09
C ASN M 115 5.07 31.67 5.78
N MET M 116 4.79 32.12 4.58
CA MET M 116 5.05 33.54 4.27
C MET M 116 4.08 34.46 5.01
N PHE M 117 2.80 34.09 5.09
CA PHE M 117 1.88 34.86 5.92
C PHE M 117 2.21 34.75 7.39
N THR M 118 2.67 33.61 7.86
CA THR M 118 3.08 33.52 9.26
C THR M 118 4.25 34.48 9.56
N SER M 119 5.19 34.56 8.64
CA SER M 119 6.36 35.42 8.85
C SER M 119 6.00 36.89 8.76
N ILE M 120 5.15 37.28 7.83
CA ILE M 120 4.87 38.70 7.59
C ILE M 120 3.69 39.20 8.45
N VAL M 121 2.57 38.51 8.47
CA VAL M 121 1.39 38.98 9.17
C VAL M 121 1.10 38.22 10.45
N GLY M 122 2.04 37.40 10.92
CA GLY M 122 1.77 36.52 12.04
C GLY M 122 1.44 37.26 13.33
N ASN M 123 2.19 38.32 13.63
CA ASN M 123 2.12 39.01 14.92
C ASN M 123 1.89 40.53 14.90
N VAL M 124 2.35 41.27 13.89
CA VAL M 124 2.45 42.73 13.98
C VAL M 124 1.10 43.44 14.01
N PHE M 125 -0.01 42.74 13.68
CA PHE M 125 -1.24 43.49 13.61
C PHE M 125 -1.81 43.75 14.99
N GLY M 126 -1.33 43.08 16.01
CA GLY M 126 -1.62 43.35 17.40
C GLY M 126 -0.72 44.33 18.12
N PHE M 127 0.25 44.97 17.46
CA PHE M 127 1.26 45.71 18.19
C PHE M 127 0.65 46.99 18.74
N LYS M 128 0.90 47.29 20.01
CA LYS M 128 0.13 48.34 20.68
C LYS M 128 0.52 49.74 20.23
N ALA M 129 1.72 49.91 19.68
CA ALA M 129 2.17 51.21 19.17
C ALA M 129 1.39 51.64 17.93
N LEU M 130 0.71 50.69 17.28
CA LEU M 130 -0.11 50.91 16.11
C LEU M 130 -1.54 50.98 16.60
N ARG M 131 -2.32 51.89 16.05
CA ARG M 131 -3.76 51.83 16.22
C ARG M 131 -4.41 50.94 15.17
N ALA M 132 -3.92 51.01 13.93
CA ALA M 132 -4.44 50.22 12.82
C ALA M 132 -3.28 49.90 11.86
N LEU M 133 -3.39 48.81 11.16
CA LEU M 133 -2.34 48.34 10.27
C LEU M 133 -2.98 47.59 9.12
N ARG M 134 -2.71 48.01 7.90
CA ARG M 134 -3.16 47.31 6.72
C ARG M 134 -1.99 46.97 5.81
N LEU M 135 -1.92 45.71 5.38
CA LEU M 135 -0.94 45.22 4.41
C LEU M 135 -1.48 45.37 2.98
N GLU M 136 -0.88 46.30 2.27
CA GLU M 136 -1.37 46.73 0.96
C GLU M 136 -0.85 45.89 -0.17
N ASP M 137 0.43 45.53 -0.15
CA ASP M 137 1.07 44.92 -1.31
C ASP M 137 2.30 44.15 -0.87
N LEU M 138 2.70 43.23 -1.70
CA LEU M 138 3.90 42.47 -1.49
C LEU M 138 4.65 42.35 -2.79
N ARG M 139 5.93 42.46 -2.72
CA ARG M 139 6.77 42.14 -3.87
C ARG M 139 7.31 40.72 -3.64
N ILE M 140 6.88 39.78 -4.47
CA ILE M 140 7.37 38.41 -4.41
C ILE M 140 8.52 38.33 -5.42
N PRO M 141 9.74 38.09 -4.97
CA PRO M 141 10.88 38.06 -5.90
C PRO M 141 10.84 36.79 -6.75
N PRO M 142 11.38 36.87 -7.98
CA PRO M 142 11.60 35.66 -8.81
C PRO M 142 12.24 34.49 -8.10
N ALA M 143 13.16 34.71 -7.17
CA ALA M 143 13.75 33.59 -6.48
C ALA M 143 12.75 32.88 -5.55
N TYR M 144 11.78 33.60 -4.99
CA TYR M 144 10.77 32.95 -4.19
C TYR M 144 9.65 32.35 -5.04
N VAL M 145 9.19 33.12 -6.06
CA VAL M 145 8.15 32.69 -7.01
C VAL M 145 8.45 31.31 -7.58
N LYS M 146 9.72 31.02 -7.92
CA LYS M 146 10.03 29.75 -8.60
C LYS M 146 10.00 28.56 -7.65
N THR M 147 9.92 28.74 -6.34
CA THR M 147 9.78 27.60 -5.44
C THR M 147 8.35 27.00 -5.40
N PHE M 148 7.36 27.65 -6.01
CA PHE M 148 5.96 27.26 -5.90
C PHE M 148 5.54 26.49 -7.14
N VAL M 149 4.73 25.47 -6.93
CA VAL M 149 4.10 24.82 -8.05
C VAL M 149 3.19 25.78 -8.78
N GLY M 150 2.42 26.56 -8.03
CA GLY M 150 1.49 27.47 -8.64
C GLY M 150 0.22 26.85 -9.23
N PRO M 151 -0.49 27.64 -10.05
CA PRO M 151 -1.77 27.20 -10.60
C PRO M 151 -1.64 25.92 -11.41
N PRO M 152 -2.59 25.01 -11.29
CA PRO M 152 -2.48 23.73 -11.98
C PRO M 152 -2.37 23.90 -13.47
N HIS M 153 -3.12 24.80 -14.08
CA HIS M 153 -3.09 25.05 -15.53
C HIS M 153 -2.85 26.51 -15.90
N GLY M 154 -3.57 27.43 -15.32
CA GLY M 154 -3.50 28.80 -15.74
C GLY M 154 -4.33 29.01 -17.00
N ILE M 155 -4.56 30.30 -17.25
CA ILE M 155 -5.53 30.77 -18.24
C ILE M 155 -5.33 30.14 -19.62
N GLN M 156 -4.13 30.19 -20.16
CA GLN M 156 -3.81 29.64 -21.49
C GLN M 156 -4.14 28.16 -21.62
N VAL M 157 -3.55 27.35 -20.73
CA VAL M 157 -3.76 25.92 -20.77
C VAL M 157 -5.23 25.63 -20.65
N GLU M 158 -5.92 26.37 -19.76
CA GLU M 158 -7.35 26.21 -19.57
C GLU M 158 -8.14 26.44 -20.87
N ARG M 159 -7.84 27.54 -21.57
CA ARG M 159 -8.47 27.79 -22.88
C ARG M 159 -8.15 26.67 -23.88
N ASP M 160 -6.92 26.16 -23.91
CA ASP M 160 -6.62 25.06 -24.81
C ASP M 160 -7.39 23.80 -24.40
N LYS M 161 -7.50 23.53 -23.11
CA LYS M 161 -8.18 22.31 -22.69
C LYS M 161 -9.67 22.44 -22.89
N LEU M 162 -10.22 23.63 -22.69
CA LEU M 162 -11.64 23.84 -22.90
C LEU M 162 -11.99 24.13 -24.36
N ASN M 163 -11.04 24.37 -25.24
CA ASN M 163 -11.26 24.70 -26.66
C ASN M 163 -12.11 25.97 -26.84
N LYS M 164 -11.83 27.02 -26.07
CA LYS M 164 -12.70 28.19 -26.01
C LYS M 164 -11.86 29.45 -26.07
N TYR M 165 -11.97 30.19 -27.15
CA TYR M 165 -11.06 31.28 -27.49
C TYR M 165 -11.84 32.53 -27.87
N GLY M 166 -11.27 33.68 -27.54
CA GLY M 166 -11.70 34.97 -28.06
C GLY M 166 -12.94 35.59 -27.44
N ARG M 167 -13.38 35.15 -26.27
CA ARG M 167 -14.49 35.72 -25.51
C ARG M 167 -14.29 35.35 -24.02
N GLY M 168 -14.98 36.05 -23.13
CA GLY M 168 -15.10 35.57 -21.77
C GLY M 168 -15.80 34.22 -21.64
N LEU M 169 -15.56 33.54 -20.54
CA LEU M 169 -16.32 32.34 -20.20
C LEU M 169 -17.55 32.77 -19.42
N LEU M 170 -18.59 31.97 -19.47
CA LEU M 170 -19.84 32.33 -18.82
C LEU M 170 -20.24 31.31 -17.79
N GLY M 171 -20.45 31.77 -16.57
CA GLY M 171 -20.94 30.93 -15.52
C GLY M 171 -22.23 31.45 -14.91
N CYS M 172 -22.80 30.64 -14.03
CA CYS M 172 -23.90 31.02 -13.16
C CYS M 172 -23.95 30.16 -11.91
N THR M 173 -24.38 30.72 -10.80
CA THR M 173 -24.56 29.94 -9.58
C THR M 173 -25.93 29.26 -9.61
N ILE M 174 -25.98 28.00 -9.22
CA ILE M 174 -27.21 27.23 -9.19
C ILE M 174 -27.89 27.47 -7.85
N LYS M 175 -29.08 28.04 -7.89
CA LYS M 175 -29.99 28.11 -6.74
C LYS M 175 -31.35 27.55 -7.15
N PRO M 176 -31.59 26.23 -6.99
CA PRO M 176 -32.80 25.62 -7.59
C PRO M 176 -34.08 26.15 -6.98
N LYS M 177 -35.07 26.24 -7.81
CA LYS M 177 -36.38 26.64 -7.37
C LYS M 177 -37.10 25.51 -6.64
N LEU M 178 -36.73 24.23 -6.87
CA LEU M 178 -37.62 23.11 -6.48
C LEU M 178 -37.11 22.33 -5.26
N GLY M 179 -35.84 22.42 -4.94
CA GLY M 179 -35.28 21.70 -3.79
C GLY M 179 -33.79 21.84 -3.80
N LEU M 180 -33.15 21.56 -2.67
CA LEU M 180 -31.71 21.49 -2.71
C LEU M 180 -31.20 20.06 -2.86
N SER M 181 -32.04 19.13 -3.25
CA SER M 181 -31.60 17.76 -3.41
C SER M 181 -30.58 17.68 -4.55
N ALA M 182 -29.79 16.61 -4.53
CA ALA M 182 -28.72 16.45 -5.50
C ALA M 182 -29.27 16.31 -6.91
N LYS M 183 -30.36 15.57 -7.05
CA LYS M 183 -31.01 15.35 -8.33
C LYS M 183 -31.59 16.65 -8.93
N ASN M 184 -32.26 17.46 -8.11
CA ASN M 184 -32.76 18.75 -8.56
C ASN M 184 -31.64 19.73 -8.80
N TYR M 185 -30.57 19.60 -8.02
CA TYR M 185 -29.41 20.42 -8.26
C TYR M 185 -28.87 20.13 -9.65
N GLY M 186 -28.74 18.85 -9.99
CA GLY M 186 -28.24 18.42 -11.30
C GLY M 186 -29.14 18.80 -12.46
N ARG M 187 -30.47 18.78 -12.26
CA ARG M 187 -31.43 19.22 -13.29
C ARG M 187 -31.19 20.67 -13.68
N ALA M 188 -31.03 21.51 -12.67
CA ALA M 188 -30.75 22.91 -12.89
C ALA M 188 -29.39 23.13 -13.56
N VAL M 189 -28.38 22.37 -13.16
CA VAL M 189 -27.08 22.43 -13.84
C VAL M 189 -27.24 22.13 -15.31
N TYR M 190 -27.96 21.05 -15.61
CA TYR M 190 -28.20 20.68 -17.00
C TYR M 190 -28.89 21.81 -17.76
N GLU M 191 -29.93 22.40 -17.19
CA GLU M 191 -30.71 23.41 -17.92
C GLU M 191 -29.87 24.66 -18.24
N CYS M 192 -29.08 25.14 -17.29
CA CYS M 192 -28.18 26.27 -17.51
C CYS M 192 -27.09 25.97 -18.54
N LEU M 193 -26.38 24.85 -18.36
CA LEU M 193 -25.30 24.50 -19.27
C LEU M 193 -25.77 24.26 -20.71
N ARG M 194 -26.91 23.63 -20.88
CA ARG M 194 -27.42 23.33 -22.22
C ARG M 194 -27.72 24.60 -23.04
N GLY M 195 -28.17 25.66 -22.38
CA GLY M 195 -28.48 26.91 -23.00
C GLY M 195 -27.32 27.74 -23.52
N GLY M 196 -26.08 27.44 -23.12
CA GLY M 196 -24.95 28.23 -23.57
C GLY M 196 -23.87 28.57 -22.55
N LEU M 197 -24.03 28.27 -21.26
CA LEU M 197 -23.01 28.64 -20.31
C LEU M 197 -21.87 27.66 -20.37
N ASP M 198 -20.67 28.16 -20.17
CA ASP M 198 -19.52 27.27 -20.02
C ASP M 198 -19.57 26.49 -18.69
N PHE M 199 -19.88 27.16 -17.60
CA PHE M 199 -19.78 26.60 -16.26
C PHE M 199 -21.02 26.92 -15.46
N THR M 200 -21.28 26.07 -14.53
CA THR M 200 -22.07 26.39 -13.38
C THR M 200 -21.23 26.15 -12.14
N LYS M 201 -21.80 26.51 -11.01
CA LYS M 201 -21.06 26.75 -9.78
C LYS M 201 -21.84 26.20 -8.58
N ASP M 202 -21.25 25.21 -7.89
CA ASP M 202 -21.59 24.94 -6.50
C ASP M 202 -21.56 26.24 -5.70
N ASP M 203 -22.58 26.48 -4.94
CA ASP M 203 -22.42 27.50 -3.90
C ASP M 203 -21.34 27.12 -2.88
N GLU M 204 -20.62 28.15 -2.44
CA GLU M 204 -19.47 28.00 -1.54
C GLU M 204 -19.80 27.25 -0.24
N ASN M 205 -21.05 27.30 0.25
CA ASN M 205 -21.37 26.55 1.46
C ASN M 205 -21.83 25.10 1.22
N VAL M 206 -22.15 24.75 -0.03
CA VAL M 206 -22.61 23.43 -0.41
C VAL M 206 -21.36 22.57 -0.33
N ASN M 207 -21.20 21.80 0.74
CA ASN M 207 -20.06 20.91 0.76
C ASN M 207 -20.71 19.54 0.78
N SER M 208 -21.24 19.11 1.89
CA SER M 208 -21.95 17.83 2.00
C SER M 208 -22.82 17.96 3.25
N GLN M 209 -24.05 18.12 3.09
CA GLN M 209 -25.07 18.40 4.11
C GLN M 209 -26.07 17.24 4.24
N PRO M 210 -26.95 17.22 5.27
CA PRO M 210 -28.03 16.22 5.24
C PRO M 210 -28.97 16.34 4.05
N PHE M 211 -29.27 17.56 3.57
CA PHE M 211 -30.15 17.69 2.40
C PHE M 211 -29.48 17.24 1.09
N MET M 212 -28.15 17.13 1.05
CA MET M 212 -27.43 16.81 -0.20
C MET M 212 -25.99 16.39 0.15
N ARG M 213 -25.72 15.09 0.13
CA ARG M 213 -24.41 14.56 0.44
C ARG M 213 -23.56 14.68 -0.79
N TRP M 214 -22.27 14.93 -0.59
CA TRP M 214 -21.38 15.30 -1.70
C TRP M 214 -21.34 14.27 -2.84
N ARG M 215 -21.28 13.00 -2.52
CA ARG M 215 -21.01 12.05 -3.60
C ARG M 215 -22.24 11.91 -4.53
N ASP M 216 -23.44 11.97 -3.94
CA ASP M 216 -24.69 12.08 -4.72
C ASP M 216 -24.70 13.34 -5.62
N ARG M 217 -24.35 14.51 -5.07
CA ARG M 217 -24.20 15.72 -5.87
C ARG M 217 -23.22 15.53 -7.05
N PHE M 218 -22.09 14.90 -6.79
CA PHE M 218 -21.05 14.74 -7.82
C PHE M 218 -21.59 13.90 -8.96
N LEU M 219 -22.28 12.81 -8.63
CA LEU M 219 -22.78 11.86 -9.63
C LEU M 219 -23.85 12.50 -10.51
N PHE M 220 -24.87 13.12 -9.91
CA PHE M 220 -25.91 13.83 -10.68
C PHE M 220 -25.35 15.03 -11.45
N VAL M 221 -24.41 15.79 -10.91
CA VAL M 221 -23.77 16.85 -11.72
C VAL M 221 -23.01 16.25 -12.92
N ALA M 222 -22.31 15.12 -12.73
CA ALA M 222 -21.60 14.49 -13.84
C ALA M 222 -22.56 14.03 -14.94
N GLU M 223 -23.73 13.53 -14.58
CA GLU M 223 -24.73 13.20 -15.59
C GLU M 223 -25.20 14.47 -16.32
N ALA M 224 -25.45 15.56 -15.60
CA ALA M 224 -25.86 16.82 -16.19
C ALA M 224 -24.81 17.39 -17.14
N ILE M 225 -23.54 17.45 -16.72
CA ILE M 225 -22.44 17.98 -17.53
C ILE M 225 -22.33 17.21 -18.84
N TYR M 226 -22.35 15.88 -18.76
CA TYR M 226 -22.25 15.04 -19.95
C TYR M 226 -23.51 15.13 -20.82
N LYS M 227 -24.69 15.30 -20.22
CA LYS M 227 -25.90 15.49 -21.02
C LYS M 227 -25.84 16.80 -21.82
N ALA M 228 -25.55 17.92 -21.15
CA ALA M 228 -25.42 19.19 -21.84
C ALA M 228 -24.27 19.20 -22.86
N GLN M 229 -23.19 18.47 -22.58
CA GLN M 229 -22.07 18.34 -23.51
C GLN M 229 -22.47 17.55 -24.76
N ALA M 230 -23.13 16.42 -24.59
CA ALA M 230 -23.70 15.68 -25.73
C ALA M 230 -24.64 16.57 -26.55
N GLU M 231 -25.44 17.38 -25.89
CA GLU M 231 -26.44 18.21 -26.56
C GLU M 231 -25.81 19.39 -27.29
N THR M 232 -24.92 20.13 -26.64
CA THR M 232 -24.33 21.33 -27.22
C THR M 232 -23.17 21.01 -28.16
N GLY M 233 -22.51 19.89 -27.97
CA GLY M 233 -21.23 19.63 -28.58
C GLY M 233 -20.05 20.45 -28.07
N GLU M 234 -20.21 21.32 -27.06
CA GLU M 234 -19.13 22.08 -26.46
C GLU M 234 -18.71 21.45 -25.12
N VAL M 235 -17.45 21.66 -24.73
CA VAL M 235 -16.99 21.27 -23.40
C VAL M 235 -17.77 22.03 -22.31
N LYS M 236 -18.23 21.32 -21.30
CA LYS M 236 -19.01 21.88 -20.20
C LYS M 236 -18.40 21.50 -18.85
N GLY M 237 -18.54 22.36 -17.85
CA GLY M 237 -18.14 22.05 -16.50
C GLY M 237 -19.12 22.55 -15.46
N HIS M 238 -18.92 22.08 -14.27
CA HIS M 238 -19.57 22.62 -13.08
C HIS M 238 -18.50 22.63 -12.00
N TYR M 239 -18.33 23.73 -11.30
CA TYR M 239 -17.37 23.79 -10.21
C TYR M 239 -17.85 22.96 -9.03
N LEU M 240 -17.34 21.78 -8.89
CA LEU M 240 -17.72 20.88 -7.80
C LEU M 240 -16.90 21.19 -6.55
N ASN M 241 -17.58 21.71 -5.55
CA ASN M 241 -16.98 22.09 -4.30
C ASN M 241 -16.34 20.89 -3.55
N ALA M 242 -15.04 20.89 -3.47
CA ALA M 242 -14.19 19.96 -2.73
C ALA M 242 -13.85 20.39 -1.29
N THR M 243 -14.09 21.63 -0.90
CA THR M 243 -13.95 22.10 0.51
C THR M 243 -14.53 21.13 1.55
N ALA M 244 -13.73 20.74 2.51
CA ALA M 244 -14.15 19.71 3.47
C ALA M 244 -13.67 20.10 4.87
N GLY M 245 -14.13 19.38 5.91
CA GLY M 245 -13.53 19.53 7.23
C GLY M 245 -12.08 19.06 7.34
N THR M 246 -11.69 18.03 6.58
CA THR M 246 -10.36 17.43 6.70
C THR M 246 -9.70 17.29 5.32
N CYS M 247 -8.38 17.22 5.32
CA CYS M 247 -7.67 17.08 4.08
C CYS M 247 -8.08 15.76 3.43
N GLU M 248 -8.17 14.68 4.22
CA GLU M 248 -8.56 13.38 3.67
C GLU M 248 -9.95 13.40 3.04
N GLU M 249 -10.95 14.02 3.69
CA GLU M 249 -12.26 14.20 3.04
C GLU M 249 -12.17 15.05 1.78
N MET M 250 -11.43 16.13 1.82
CA MET M 250 -11.18 16.96 0.65
C MET M 250 -10.59 16.14 -0.52
N MET M 251 -9.57 15.32 -0.26
CA MET M 251 -8.95 14.48 -1.30
C MET M 251 -9.87 13.35 -1.75
N LYS M 252 -10.70 12.80 -0.85
CA LYS M 252 -11.79 11.91 -1.28
C LYS M 252 -12.67 12.56 -2.35
N ARG M 253 -12.94 13.83 -2.22
CA ARG M 253 -13.80 14.46 -3.20
C ARG M 253 -13.06 14.74 -4.52
N ALA M 254 -11.84 15.26 -4.42
CA ALA M 254 -11.00 15.49 -5.60
C ALA M 254 -10.78 14.20 -6.41
N VAL M 255 -10.49 13.09 -5.73
CA VAL M 255 -10.38 11.75 -6.34
C VAL M 255 -11.70 11.31 -7.08
N ALA M 257 -13.97 13.26 -8.43
CA ALA M 257 -14.05 14.10 -9.64
C ALA M 257 -13.16 13.59 -10.75
N LYS M 258 -11.91 13.30 -10.37
CA LYS M 258 -10.96 12.59 -11.23
C LYS M 258 -11.59 11.36 -11.85
N GLU M 259 -12.21 10.49 -11.03
CA GLU M 259 -12.74 9.23 -11.54
C GLU M 259 -13.98 9.41 -12.38
N LEU M 260 -14.77 10.43 -12.10
CA LEU M 260 -15.86 10.77 -13.00
C LEU M 260 -15.36 11.37 -14.31
N GLY M 261 -14.09 11.72 -14.41
CA GLY M 261 -13.52 12.38 -15.54
C GLY M 261 -14.02 13.77 -15.80
N VAL M 262 -14.55 14.46 -14.79
CA VAL M 262 -15.13 15.78 -14.96
C VAL M 262 -14.05 16.86 -14.93
N PRO M 263 -14.29 18.05 -15.50
CA PRO M 263 -13.16 18.96 -15.77
C PRO M 263 -12.67 19.78 -14.59
N ILE M 264 -13.52 20.12 -13.63
CA ILE M 264 -13.20 21.18 -12.69
C ILE M 264 -13.77 20.93 -11.28
N ILE M 265 -13.01 21.31 -10.30
CA ILE M 265 -13.44 21.33 -8.92
C ILE M 265 -13.19 22.72 -8.36
N MET M 266 -13.59 22.91 -7.14
CA MET M 266 -13.67 24.18 -6.45
C MET M 266 -13.17 24.12 -5.01
N HIS M 267 -12.50 25.16 -4.59
CA HIS M 267 -12.10 25.27 -3.18
C HIS M 267 -12.26 26.66 -2.60
N ASP M 268 -12.64 26.75 -1.34
CA ASP M 268 -12.77 28.03 -0.60
C ASP M 268 -11.49 28.24 0.19
N TYR M 269 -10.53 28.88 -0.44
CA TYR M 269 -9.14 28.76 0.03
C TYR M 269 -8.91 29.45 1.35
N LEU M 270 -9.73 30.45 1.70
CA LEU M 270 -9.50 31.20 2.95
C LEU M 270 -10.11 30.53 4.17
N THR M 271 -11.13 29.70 3.96
CA THR M 271 -11.77 29.00 5.05
C THR M 271 -11.24 27.57 5.19
N GLY M 272 -10.97 26.89 4.08
CA GLY M 272 -10.14 25.68 4.12
C GLY M 272 -8.71 25.92 4.57
N GLY M 273 -8.07 26.92 4.05
CA GLY M 273 -6.72 27.26 4.45
C GLY M 273 -5.73 27.09 3.33
N PHE M 274 -4.63 27.84 3.42
CA PHE M 274 -3.56 27.71 2.44
C PHE M 274 -2.92 26.33 2.43
N THR M 275 -2.79 25.69 3.60
CA THR M 275 -2.15 24.36 3.60
C THR M 275 -2.99 23.39 2.76
N ALA M 276 -4.29 23.30 2.99
CA ALA M 276 -5.17 22.47 2.17
C ALA M 276 -5.25 22.93 0.72
N ASN M 277 -5.31 24.25 0.45
CA ASN M 277 -5.42 24.72 -0.94
C ASN M 277 -4.21 24.31 -1.79
N THR M 278 -3.01 24.46 -1.26
CA THR M 278 -1.79 24.06 -1.95
C THR M 278 -1.74 22.55 -2.20
N SER M 279 -2.07 21.75 -1.20
CA SER M 279 -2.26 20.29 -1.40
C SER M 279 -3.24 20.01 -2.54
N LEU M 280 -4.36 20.70 -2.56
CA LEU M 280 -5.34 20.45 -3.59
C LEU M 280 -4.82 20.87 -4.97
N ALA M 281 -4.22 22.07 -5.08
CA ALA M 281 -3.63 22.57 -6.34
C ALA M 281 -2.58 21.59 -6.91
N ILE M 282 -1.76 20.98 -6.06
CA ILE M 282 -0.80 19.95 -6.51
C ILE M 282 -1.53 18.69 -7.00
N TYR M 283 -2.58 18.24 -6.30
CA TYR M 283 -3.38 17.11 -6.78
C TYR M 283 -3.94 17.43 -8.17
N CYS M 284 -4.45 18.64 -8.35
CA CYS M 284 -5.04 19.03 -9.60
C CYS M 284 -3.98 19.11 -10.74
N ARG M 285 -2.78 19.60 -10.44
CA ARG M 285 -1.71 19.56 -11.42
C ARG M 285 -1.38 18.12 -11.79
N ASP M 286 -1.26 17.24 -10.78
CA ASP M 286 -0.92 15.84 -11.01
C ASP M 286 -2.02 15.04 -11.76
N ASN M 287 -3.28 15.46 -11.70
CA ASN M 287 -4.35 14.65 -12.32
C ASN M 287 -5.15 15.42 -13.40
N GLY M 288 -4.65 16.55 -13.89
CA GLY M 288 -5.24 17.42 -14.90
C GLY M 288 -6.59 18.04 -14.55
N LEU M 289 -6.98 18.13 -13.28
CA LEU M 289 -8.20 18.87 -12.93
C LEU M 289 -7.92 20.38 -12.91
N LEU M 290 -8.84 21.15 -13.41
CA LEU M 290 -8.91 22.60 -13.15
C LEU M 290 -9.43 22.96 -11.76
N LEU M 291 -8.90 24.04 -11.18
CA LEU M 291 -9.24 24.40 -9.80
C LEU M 291 -9.85 25.82 -9.71
N HIS M 292 -11.14 25.89 -9.51
CA HIS M 292 -11.83 27.15 -9.26
C HIS M 292 -11.71 27.58 -7.79
N ILE M 293 -11.38 28.82 -7.53
CA ILE M 293 -11.15 29.24 -6.16
C ILE M 293 -12.17 30.30 -5.71
N HIS M 294 -12.89 30.00 -4.67
CA HIS M 294 -13.84 30.93 -4.11
C HIS M 294 -13.29 31.66 -2.88
N ARG M 295 -13.63 32.91 -2.72
CA ARG M 295 -12.90 33.76 -1.77
C ARG M 295 -13.75 34.11 -0.54
N ALA M 296 -14.57 33.17 -0.08
CA ALA M 296 -15.42 33.39 1.10
C ALA M 296 -14.58 33.75 2.33
N MET M 297 -15.04 34.77 3.07
CA MET M 297 -14.45 35.43 4.25
C MET M 297 -13.43 36.49 3.90
N HIS M 298 -13.16 36.72 2.61
CA HIS M 298 -12.21 37.76 2.25
C HIS M 298 -12.59 39.12 2.87
N ALA M 299 -13.90 39.42 3.00
CA ALA M 299 -14.31 40.72 3.53
C ALA M 299 -14.12 40.84 5.04
N VAL M 300 -13.97 39.74 5.74
CA VAL M 300 -13.55 39.77 7.14
C VAL M 300 -12.19 40.44 7.25
N ILE M 301 -11.30 40.17 6.29
CA ILE M 301 -9.89 40.61 6.25
C ILE M 301 -9.68 41.86 5.38
N ASP M 302 -10.33 41.95 4.24
CA ASP M 302 -9.89 42.85 3.20
C ASP M 302 -10.73 44.10 3.03
N ARG M 303 -11.76 44.30 3.82
CA ARG M 303 -12.70 45.36 3.49
C ARG M 303 -12.28 46.73 4.09
N GLN M 304 -11.96 46.78 5.36
CA GLN M 304 -11.70 48.06 6.00
C GLN M 304 -10.42 48.67 5.49
N ARG M 305 -10.50 49.93 5.12
CA ARG M 305 -9.37 50.63 4.54
C ARG M 305 -8.20 50.77 5.53
N ASN M 306 -8.45 50.82 6.81
CA ASN M 306 -7.33 51.05 7.71
C ASN M 306 -6.75 49.76 8.32
N HIS M 307 -7.40 48.62 8.20
CA HIS M 307 -6.92 47.43 8.88
C HIS M 307 -7.19 46.15 8.08
N GLY M 308 -6.26 45.23 8.15
CA GLY M 308 -6.39 43.97 7.49
C GLY M 308 -5.36 43.79 6.41
N ILE M 309 -5.76 43.08 5.38
CA ILE M 309 -4.91 42.68 4.27
C ILE M 309 -5.73 42.90 3.03
N HIS M 310 -5.29 43.82 2.19
CA HIS M 310 -5.94 44.11 0.92
C HIS M 310 -6.02 42.86 0.07
N PHE M 311 -7.11 42.73 -0.66
CA PHE M 311 -7.36 41.57 -1.52
C PHE M 311 -6.23 41.28 -2.53
N ARG M 312 -5.56 42.29 -3.06
CA ARG M 312 -4.49 42.06 -4.05
C ARG M 312 -3.38 41.18 -3.46
N VAL M 313 -3.11 41.31 -2.17
CA VAL M 313 -2.17 40.45 -1.48
C VAL M 313 -2.73 39.01 -1.43
N LEU M 314 -4.00 38.86 -1.06
CA LEU M 314 -4.68 37.57 -0.96
C LEU M 314 -4.81 36.89 -2.32
N ALA M 315 -4.94 37.68 -3.38
CA ALA M 315 -4.95 37.18 -4.75
C ALA M 315 -3.57 36.69 -5.20
N LYS M 316 -2.53 37.46 -4.84
CA LYS M 316 -1.13 37.11 -5.09
C LYS M 316 -0.78 35.81 -4.34
N ALA M 317 -1.20 35.71 -3.08
CA ALA M 317 -1.07 34.47 -2.30
C ALA M 317 -1.72 33.30 -3.02
N LEU M 318 -2.96 33.48 -3.47
CA LEU M 318 -3.69 32.44 -4.21
C LEU M 318 -2.95 32.02 -5.47
N ARG M 319 -2.48 32.97 -6.27
CA ARG M 319 -1.70 32.63 -7.46
C ARG M 319 -0.46 31.77 -7.14
N MET M 320 0.18 32.02 -6.02
CA MET M 320 1.29 31.21 -5.55
C MET M 320 0.81 29.84 -5.05
N SER M 321 -0.23 29.81 -4.19
CA SER M 321 -0.75 28.56 -3.65
C SER M 321 -1.34 27.69 -4.75
N GLY M 322 -2.09 28.28 -5.64
CA GLY M 322 -2.49 27.66 -6.85
C GLY M 322 -3.97 27.68 -7.02
N GLY M 323 -4.42 28.28 -8.09
CA GLY M 323 -5.81 28.21 -8.51
C GLY M 323 -5.94 28.58 -9.96
N ASP M 324 -6.78 27.90 -10.73
CA ASP M 324 -6.96 28.28 -12.13
C ASP M 324 -7.96 29.44 -12.32
N HIS M 325 -9.00 29.57 -11.50
CA HIS M 325 -9.90 30.75 -11.50
C HIS M 325 -9.96 31.37 -10.11
N LEU M 326 -10.20 32.66 -10.00
CA LEU M 326 -10.43 33.29 -8.72
C LEU M 326 -11.56 34.32 -8.73
N HIS M 327 -12.51 34.13 -7.81
CA HIS M 327 -13.54 35.15 -7.58
C HIS M 327 -12.91 36.49 -7.29
N SER M 328 -13.23 37.43 -8.11
CA SER M 328 -12.54 38.70 -8.08
C SER M 328 -13.48 39.87 -7.84
N GLY M 329 -14.67 39.61 -7.44
CA GLY M 329 -15.63 40.66 -7.18
C GLY M 329 -16.57 41.01 -8.32
N THR M 330 -17.28 42.10 -8.12
CA THR M 330 -18.00 42.76 -9.18
C THR M 330 -17.45 44.15 -9.35
N VAL M 331 -17.60 44.69 -10.55
CA VAL M 331 -17.37 46.10 -10.79
C VAL M 331 -18.68 46.87 -10.97
N VAL M 332 -19.81 46.20 -10.91
CA VAL M 332 -21.11 46.88 -10.86
C VAL M 332 -21.22 47.69 -9.58
N GLY M 333 -21.74 48.90 -9.72
CA GLY M 333 -21.93 49.77 -8.57
C GLY M 333 -20.69 50.38 -7.98
N LYS M 334 -19.55 50.31 -8.67
CA LYS M 334 -18.32 50.86 -8.13
C LYS M 334 -17.93 52.11 -8.90
N LEU M 335 -17.33 53.04 -8.19
CA LEU M 335 -16.80 54.26 -8.80
C LEU M 335 -15.52 53.93 -9.58
N GLU M 336 -15.10 54.89 -10.42
CA GLU M 336 -13.91 54.74 -11.27
C GLU M 336 -12.65 54.47 -10.44
N GLY M 337 -12.55 55.09 -9.26
CA GLY M 337 -11.41 54.86 -8.39
C GLY M 337 -11.37 53.48 -7.78
N GLU M 338 -12.53 52.95 -7.38
CA GLU M 338 -12.58 51.57 -6.92
C GLU M 338 -12.42 50.59 -8.08
N ARG M 339 -12.71 51.03 -9.29
CA ARG M 339 -12.52 50.24 -10.51
C ARG M 339 -11.05 50.19 -10.94
N GLU M 340 -10.32 51.29 -10.73
CA GLU M 340 -8.87 51.29 -10.91
C GLU M 340 -8.17 50.26 -10.02
N VAL M 341 -8.60 50.15 -8.76
CA VAL M 341 -8.04 49.18 -7.82
C VAL M 341 -8.29 47.76 -8.30
N THR M 342 -9.53 47.47 -8.69
CA THR M 342 -9.93 46.14 -9.15
C THR M 342 -9.12 45.74 -10.37
N LEU M 343 -8.95 46.65 -11.33
CA LEU M 343 -8.16 46.33 -12.49
C LEU M 343 -6.69 46.14 -12.15
N GLY M 344 -6.20 46.78 -11.08
CA GLY M 344 -4.85 46.56 -10.63
C GLY M 344 -4.65 45.10 -10.24
N PHE M 345 -5.53 44.57 -9.39
CA PHE M 345 -5.28 43.22 -8.91
C PHE M 345 -5.64 42.20 -9.98
N VAL M 346 -6.50 42.57 -10.93
CA VAL M 346 -6.79 41.70 -12.05
C VAL M 346 -5.56 41.52 -12.92
N ASP M 347 -4.76 42.59 -13.08
CA ASP M 347 -3.47 42.47 -13.75
C ASP M 347 -2.46 41.65 -12.96
N LEU M 348 -2.46 41.75 -11.62
CA LEU M 348 -1.58 40.91 -10.82
C LEU M 348 -1.96 39.45 -10.90
N MET M 349 -3.24 39.17 -11.10
CA MET M 349 -3.73 37.81 -11.22
C MET M 349 -3.33 37.20 -12.55
N ARG M 350 -3.38 37.99 -13.61
CA ARG M 350 -3.37 37.45 -14.96
C ARG M 350 -2.03 37.58 -15.66
N ASP M 351 -1.31 38.66 -15.45
CA ASP M 351 -0.17 39.03 -16.27
C ASP M 351 1.15 38.43 -15.78
N ASP M 352 2.13 38.42 -16.69
CA ASP M 352 3.47 37.99 -16.34
C ASP M 352 4.28 39.09 -15.64
N TYR M 353 4.16 40.33 -16.04
CA TYR M 353 4.98 41.41 -15.50
C TYR M 353 4.09 42.59 -15.19
N VAL M 354 4.04 43.04 -13.96
CA VAL M 354 3.21 44.20 -13.63
C VAL M 354 4.09 45.33 -13.08
N GLU M 355 4.02 46.49 -13.71
CA GLU M 355 4.73 47.68 -13.27
C GLU M 355 4.04 48.39 -12.13
N LYS M 356 4.87 48.92 -11.24
CA LYS M 356 4.47 49.88 -10.21
C LYS M 356 3.55 50.98 -10.72
N ASP M 357 2.43 51.15 -10.04
CA ASP M 357 1.38 52.06 -10.48
C ASP M 357 0.52 52.37 -9.25
N ARG M 358 0.82 53.47 -8.58
CA ARG M 358 0.19 53.80 -7.30
C ARG M 358 -1.30 54.07 -7.45
N SER M 359 -1.70 54.73 -8.53
CA SER M 359 -3.11 55.07 -8.72
C SER M 359 -3.96 53.84 -8.95
N ARG M 360 -3.37 52.74 -9.39
CA ARG M 360 -4.06 51.47 -9.39
C ARG M 360 -3.76 50.67 -8.15
N GLY M 361 -3.17 51.27 -7.13
CA GLY M 361 -2.85 50.59 -5.88
C GLY M 361 -1.73 49.57 -5.97
N ILE M 362 -0.95 49.59 -7.03
CA ILE M 362 0.16 48.67 -7.19
C ILE M 362 1.43 49.33 -6.67
N TYR M 363 1.94 48.81 -5.55
CA TYR M 363 3.03 49.50 -4.83
C TYR M 363 4.41 48.97 -5.26
N PHE M 364 4.46 47.87 -5.97
CA PHE M 364 5.71 47.21 -6.27
C PHE M 364 5.64 46.71 -7.71
N THR M 365 6.75 46.72 -8.41
CA THR M 365 6.83 45.98 -9.66
C THR M 365 6.86 44.48 -9.36
N GLN M 366 5.94 43.73 -9.91
CA GLN M 366 5.83 42.27 -9.69
C GLN M 366 6.20 41.57 -10.99
N ASP M 367 7.21 40.70 -10.92
CA ASP M 367 7.63 39.83 -11.99
C ASP M 367 7.19 38.39 -11.67
N TRP M 368 6.18 37.89 -12.35
CA TRP M 368 5.73 36.53 -12.06
C TRP M 368 6.65 35.46 -12.59
N CYS M 369 7.61 35.78 -13.47
CA CYS M 369 8.68 34.86 -13.92
C CYS M 369 8.11 33.56 -14.53
N SER M 370 7.14 33.73 -15.41
CA SER M 370 6.35 32.76 -16.17
C SER M 370 5.40 31.87 -15.34
N MET M 371 5.18 32.11 -14.06
CA MET M 371 4.08 31.49 -13.33
C MET M 371 2.76 31.80 -14.04
N PRO M 372 1.96 30.79 -14.37
CA PRO M 372 0.70 30.98 -15.12
C PRO M 372 -0.25 31.91 -14.37
N GLY M 373 -0.96 32.70 -15.14
CA GLY M 373 -1.96 33.58 -14.62
C GLY M 373 -3.23 32.85 -14.19
N VAL M 374 -4.02 33.54 -13.43
CA VAL M 374 -5.30 33.08 -12.92
C VAL M 374 -6.42 33.91 -13.60
N MET M 375 -7.44 33.22 -14.05
CA MET M 375 -8.64 33.82 -14.60
C MET M 375 -9.50 34.46 -13.49
N PRO M 376 -9.67 35.77 -13.48
CA PRO M 376 -10.67 36.39 -12.62
C PRO M 376 -12.10 36.00 -12.96
N VAL M 377 -12.89 35.80 -11.95
CA VAL M 377 -14.33 35.56 -12.07
C VAL M 377 -15.11 36.77 -11.53
N ALA M 378 -15.80 37.45 -12.42
CA ALA M 378 -16.57 38.64 -12.11
C ALA M 378 -18.03 38.31 -11.92
N SER M 379 -18.59 38.84 -10.88
CA SER M 379 -20.04 38.90 -10.80
C SER M 379 -20.55 39.86 -11.90
N GLY M 380 -21.25 39.31 -12.89
CA GLY M 380 -22.12 40.13 -13.72
C GLY M 380 -23.35 40.53 -12.97
N GLY M 381 -24.03 41.54 -13.44
CA GLY M 381 -25.18 42.01 -12.72
C GLY M 381 -26.40 41.10 -12.83
N ILE M 382 -27.50 41.68 -12.32
CA ILE M 382 -28.82 41.04 -12.41
C ILE M 382 -29.19 40.80 -13.85
N HIS M 383 -28.78 41.68 -14.74
CA HIS M 383 -29.28 41.64 -16.08
C HIS M 383 -28.14 41.62 -17.10
N VAL M 384 -28.55 41.59 -18.37
CA VAL M 384 -27.64 41.43 -19.50
C VAL M 384 -27.16 42.74 -20.10
N TRP M 385 -27.66 43.87 -19.60
CA TRP M 385 -27.26 45.18 -20.08
C TRP M 385 -25.93 45.62 -19.51
N HIS M 386 -25.43 44.95 -18.50
CA HIS M 386 -24.07 45.20 -18.07
C HIS M 386 -23.04 44.52 -18.95
N MET M 387 -23.45 43.62 -19.85
CA MET M 387 -22.51 42.91 -20.71
C MET M 387 -21.52 43.79 -21.46
N PRO M 388 -21.90 44.93 -22.10
CA PRO M 388 -20.87 45.78 -22.74
C PRO M 388 -19.81 46.34 -21.82
N ALA M 389 -20.18 46.77 -20.61
CA ALA M 389 -19.21 47.26 -19.65
C ALA M 389 -18.25 46.17 -19.22
N LEU M 390 -18.75 44.95 -18.91
CA LEU M 390 -17.90 43.83 -18.50
C LEU M 390 -16.89 43.44 -19.56
N VAL M 391 -17.29 43.41 -20.82
CA VAL M 391 -16.39 43.03 -21.89
C VAL M 391 -15.32 44.07 -22.10
N GLU M 392 -15.69 45.34 -21.98
CA GLU M 392 -14.74 46.43 -22.10
C GLU M 392 -13.76 46.50 -20.95
N ILE M 393 -14.21 46.22 -19.74
CA ILE M 393 -13.32 46.36 -18.60
C ILE M 393 -12.41 45.12 -18.48
N PHE M 394 -13.00 43.93 -18.53
CA PHE M 394 -12.19 42.74 -18.27
C PHE M 394 -11.43 42.29 -19.50
N GLY M 395 -11.91 42.56 -20.69
CA GLY M 395 -11.44 41.91 -21.90
C GLY M 395 -11.87 40.43 -21.96
N ASP M 396 -11.22 39.65 -22.82
CA ASP M 396 -11.66 38.27 -23.00
C ASP M 396 -11.29 37.36 -21.82
N ASP M 397 -10.18 37.60 -21.10
CA ASP M 397 -9.70 36.61 -20.13
C ASP M 397 -10.35 36.77 -18.78
N ALA M 398 -11.58 36.29 -18.69
CA ALA M 398 -12.41 36.37 -17.49
C ALA M 398 -13.60 35.45 -17.61
N CYS M 399 -14.08 34.97 -16.49
CA CYS M 399 -15.40 34.35 -16.46
C CYS M 399 -16.37 35.39 -15.92
N LEU M 400 -17.43 35.57 -16.62
CA LEU M 400 -18.50 36.41 -16.14
C LEU M 400 -19.54 35.52 -15.50
N GLN M 401 -19.77 35.68 -14.23
CA GLN M 401 -20.79 34.92 -13.53
C GLN M 401 -22.08 35.71 -13.46
N PHE M 402 -23.17 35.06 -13.77
CA PHE M 402 -24.47 35.67 -13.75
C PHE M 402 -25.28 35.04 -12.62
N GLY M 403 -25.73 35.88 -11.70
CA GLY M 403 -26.31 35.38 -10.47
C GLY M 403 -27.80 35.15 -10.59
N GLY M 404 -28.44 35.91 -11.48
CA GLY M 404 -29.81 35.71 -11.86
C GLY M 404 -30.13 36.18 -13.27
N GLY M 405 -29.11 36.44 -14.11
CA GLY M 405 -29.38 36.74 -15.51
C GLY M 405 -30.09 35.58 -16.19
N THR M 406 -29.47 34.43 -16.11
CA THR M 406 -30.01 33.18 -16.59
C THR M 406 -31.35 32.81 -15.92
N LEU M 407 -31.55 33.16 -14.64
CA LEU M 407 -32.69 32.57 -13.91
C LEU M 407 -33.76 33.60 -13.54
N GLY M 408 -33.42 34.88 -13.55
CA GLY M 408 -34.47 35.85 -13.52
C GLY M 408 -35.17 35.98 -14.86
N HIS M 409 -34.58 35.39 -15.91
CA HIS M 409 -35.18 35.35 -17.24
C HIS M 409 -36.54 34.70 -17.16
N PRO M 410 -37.55 35.26 -17.81
CA PRO M 410 -38.90 34.76 -17.63
C PRO M 410 -39.13 33.40 -18.23
N TRP M 411 -38.35 32.99 -19.23
CA TRP M 411 -38.55 31.68 -19.86
C TRP M 411 -37.76 30.55 -19.19
N GLY M 412 -36.93 30.82 -18.19
CA GLY M 412 -36.28 29.78 -17.42
C GLY M 412 -34.77 29.74 -17.64
N ASN M 413 -34.14 28.69 -17.09
CA ASN M 413 -32.67 28.62 -17.10
C ASN M 413 -32.08 28.56 -18.51
N ALA M 414 -32.50 27.66 -19.36
CA ALA M 414 -31.85 27.51 -20.66
C ALA M 414 -31.97 28.74 -21.57
N PRO M 415 -33.15 29.38 -21.73
CA PRO M 415 -33.16 30.64 -22.52
C PRO M 415 -32.42 31.78 -21.83
N GLY M 416 -32.37 31.78 -20.51
CA GLY M 416 -31.57 32.75 -19.80
C GLY M 416 -30.09 32.60 -20.08
N ALA M 417 -29.60 31.35 -20.05
CA ALA M 417 -28.25 31.07 -20.46
C ALA M 417 -28.04 31.52 -21.89
N ALA M 418 -29.02 31.23 -22.76
CA ALA M 418 -28.87 31.57 -24.17
C ALA M 418 -28.88 33.08 -24.38
N ALA M 419 -29.65 33.80 -23.59
CA ALA M 419 -29.65 35.26 -23.64
C ALA M 419 -28.31 35.85 -23.20
N ASN M 420 -27.71 35.31 -22.13
CA ASN M 420 -26.38 35.75 -21.72
C ASN M 420 -25.31 35.48 -22.77
N ARG M 421 -25.36 34.31 -23.41
CA ARG M 421 -24.36 33.93 -24.40
C ARG M 421 -24.46 34.78 -25.66
N VAL M 422 -25.68 35.08 -26.10
CA VAL M 422 -25.90 35.96 -27.25
C VAL M 422 -25.37 37.36 -26.98
N ALA M 423 -25.69 37.93 -25.82
CA ALA M 423 -25.23 39.26 -25.44
C ALA M 423 -23.72 39.34 -25.33
N LEU M 424 -23.06 38.32 -24.76
CA LEU M 424 -21.62 38.27 -24.68
C LEU M 424 -21.00 38.21 -26.07
N GLU M 425 -21.56 37.38 -26.93
CA GLU M 425 -20.99 37.18 -28.24
C GLU M 425 -21.19 38.41 -29.14
N ALA M 426 -22.35 39.09 -29.03
CA ALA M 426 -22.60 40.31 -29.82
C ALA M 426 -21.73 41.46 -29.35
N CYS M 427 -21.52 41.59 -28.04
CA CYS M 427 -20.56 42.56 -27.51
C CYS M 427 -19.14 42.22 -27.93
N THR M 428 -18.79 40.93 -27.99
CA THR M 428 -17.46 40.54 -28.46
C THR M 428 -17.27 40.89 -29.93
N GLN M 429 -18.25 40.53 -30.75
CA GLN M 429 -18.25 40.88 -32.17
C GLN M 429 -18.11 42.39 -32.38
N ALA M 430 -18.88 43.18 -31.63
CA ALA M 430 -18.86 44.63 -31.79
C ALA M 430 -17.54 45.25 -31.35
N ARG M 431 -16.97 44.76 -30.25
CA ARG M 431 -15.63 45.12 -29.81
C ARG M 431 -14.58 44.81 -30.88
N ASN M 432 -14.63 43.64 -31.51
CA ASN M 432 -13.61 43.30 -32.51
C ASN M 432 -13.75 44.17 -33.75
N GLU M 433 -14.98 44.54 -34.11
CA GLU M 433 -15.30 45.47 -35.19
C GLU M 433 -14.95 46.91 -34.89
N GLY M 434 -14.36 47.23 -33.76
CA GLY M 434 -13.89 48.54 -33.47
C GLY M 434 -14.89 49.48 -32.84
N ARG M 435 -16.07 48.99 -32.47
CA ARG M 435 -17.07 49.84 -31.84
C ARG M 435 -16.72 50.12 -30.38
N ASP M 436 -17.10 51.29 -29.90
CA ASP M 436 -16.88 51.72 -28.54
C ASP M 436 -18.00 51.19 -27.67
N LEU M 437 -17.69 50.23 -26.80
CA LEU M 437 -18.74 49.63 -25.99
C LEU M 437 -19.19 50.55 -24.87
N ALA M 438 -18.37 51.52 -24.48
CA ALA M 438 -18.80 52.51 -23.50
C ALA M 438 -19.95 53.34 -24.04
N ARG M 439 -19.90 53.64 -25.33
CA ARG M 439 -20.93 54.49 -25.91
C ARG M 439 -22.05 53.66 -26.51
N GLU M 440 -21.69 52.66 -27.31
CA GLU M 440 -22.58 51.99 -28.24
C GLU M 440 -23.09 50.65 -27.73
N GLY M 441 -22.87 50.33 -26.47
CA GLY M 441 -23.20 48.99 -25.99
C GLY M 441 -24.69 48.74 -25.89
N GLY M 442 -25.46 49.77 -25.51
CA GLY M 442 -26.90 49.68 -25.58
C GLY M 442 -27.42 49.47 -26.99
N ASP M 443 -26.81 50.14 -27.96
CA ASP M 443 -27.14 49.94 -29.36
C ASP M 443 -26.71 48.55 -29.86
N VAL M 444 -25.66 47.95 -29.29
CA VAL M 444 -25.27 46.58 -29.66
C VAL M 444 -26.29 45.57 -29.15
N ILE M 445 -26.74 45.74 -27.92
CA ILE M 445 -27.70 44.81 -27.32
C ILE M 445 -29.06 44.89 -28.04
N ARG M 446 -29.58 46.11 -28.25
CA ARG M 446 -30.86 46.29 -28.94
C ARG M 446 -30.85 45.72 -30.36
N SER M 447 -29.73 45.80 -31.04
CA SER M 447 -29.57 45.23 -32.36
C SER M 447 -29.54 43.70 -32.32
N ALA M 448 -29.04 43.10 -31.24
CA ALA M 448 -29.07 41.64 -31.14
C ALA M 448 -30.45 41.15 -30.70
N CYS M 449 -31.21 41.99 -30.00
CA CYS M 449 -32.59 41.69 -29.62
C CYS M 449 -33.51 41.48 -30.82
N LYS M 450 -33.19 42.10 -31.97
CA LYS M 450 -34.05 41.98 -33.15
C LYS M 450 -34.09 40.56 -33.68
N TRP M 451 -32.96 39.87 -33.70
CA TRP M 451 -32.97 38.49 -34.16
C TRP M 451 -32.98 37.44 -33.04
N SER M 452 -32.72 37.78 -31.78
CA SER M 452 -32.71 36.76 -30.74
C SER M 452 -33.94 36.93 -29.87
N PRO M 453 -34.91 36.02 -29.94
CA PRO M 453 -36.07 36.14 -29.05
C PRO M 453 -35.74 35.97 -27.58
N GLU M 454 -34.73 35.17 -27.24
CA GLU M 454 -34.35 35.00 -25.84
C GLU M 454 -33.78 36.28 -25.28
N LEU M 455 -32.84 36.90 -25.99
CA LEU M 455 -32.31 38.19 -25.56
C LEU M 455 -33.38 39.27 -25.53
N ALA M 456 -34.30 39.27 -26.50
CA ALA M 456 -35.39 40.23 -26.50
C ALA M 456 -36.30 40.09 -25.28
N ALA M 457 -36.55 38.85 -24.84
CA ALA M 457 -37.34 38.65 -23.63
C ALA M 457 -36.58 39.02 -22.35
N ALA M 458 -35.26 38.90 -22.35
CA ALA M 458 -34.50 39.34 -21.17
C ALA M 458 -34.48 40.86 -21.07
N CYS M 459 -34.48 41.56 -22.20
CA CYS M 459 -34.43 43.02 -22.18
C CYS M 459 -35.79 43.65 -21.95
N GLU M 460 -36.86 42.89 -22.09
CA GLU M 460 -38.21 43.30 -21.68
C GLU M 460 -38.26 43.56 -20.19
N VAL M 461 -37.63 42.68 -19.40
CA VAL M 461 -37.33 42.91 -18.00
C VAL M 461 -36.53 44.18 -17.80
N MET N 46 56.78 -3.18 17.56
CA MET N 46 55.45 -3.15 16.97
C MET N 46 54.51 -3.20 18.15
N MET N 47 53.70 -2.17 18.31
CA MET N 47 52.85 -1.96 19.48
C MET N 47 51.38 -2.12 19.06
N VAL N 48 50.48 -2.32 20.03
CA VAL N 48 49.05 -2.54 19.76
C VAL N 48 48.25 -1.38 20.37
N TRP N 49 47.51 -0.66 19.54
CA TRP N 49 46.59 0.37 20.03
C TRP N 49 45.54 -0.27 20.92
N THR N 50 45.47 0.12 22.16
CA THR N 50 44.64 -0.64 23.08
C THR N 50 43.15 -0.31 22.91
N PRO N 51 42.29 -1.32 22.91
CA PRO N 51 40.83 -1.12 22.93
C PRO N 51 40.25 -0.91 24.32
N VAL N 52 41.03 -1.05 25.39
CA VAL N 52 40.49 -1.04 26.75
C VAL N 52 40.67 0.35 27.33
N ASN N 53 39.60 0.90 27.89
CA ASN N 53 39.62 2.16 28.65
C ASN N 53 40.32 3.29 27.89
N ASN N 54 40.07 3.39 26.62
CA ASN N 54 40.85 4.25 25.75
C ASN N 54 39.92 5.20 24.98
N LYS N 55 38.94 5.75 25.68
CA LYS N 55 37.99 6.69 25.09
C LYS N 55 38.60 8.03 24.64
N MET N 56 38.10 8.56 23.53
CA MET N 56 38.57 9.83 22.96
C MET N 56 37.47 10.89 22.99
N PHE N 57 37.83 12.15 22.99
CA PHE N 57 36.82 13.18 23.13
C PHE N 57 36.84 14.24 22.05
N GLU N 58 37.03 13.74 20.83
CA GLU N 58 37.13 14.52 19.58
C GLU N 58 38.40 15.35 19.42
N THR N 59 38.29 16.57 18.91
CA THR N 59 39.48 17.35 18.60
C THR N 59 40.45 17.55 19.76
N PHE N 60 41.72 17.23 19.45
CA PHE N 60 42.93 17.30 20.32
C PHE N 60 43.07 16.16 21.33
N SER N 61 42.12 15.22 21.37
CA SER N 61 42.23 14.13 22.35
C SER N 61 43.33 13.12 22.01
N TYR N 62 43.88 13.18 20.82
CA TYR N 62 44.99 12.29 20.51
C TYR N 62 46.34 12.96 20.83
N LEU N 63 46.33 14.20 21.30
CA LEU N 63 47.53 14.92 21.77
C LEU N 63 47.66 14.74 23.27
N PRO N 64 48.83 15.02 23.87
CA PRO N 64 48.89 15.15 25.34
C PRO N 64 47.94 16.23 25.82
N PRO N 65 47.45 16.16 27.06
CA PRO N 65 46.54 17.19 27.58
C PRO N 65 47.14 18.58 27.48
N LEU N 66 46.36 19.51 27.00
CA LEU N 66 46.90 20.82 26.73
C LEU N 66 47.24 21.50 28.04
N SER N 67 48.46 21.97 28.16
CA SER N 67 48.85 22.78 29.29
C SER N 67 48.13 24.12 29.27
N ASP N 68 48.31 24.87 30.36
CA ASP N 68 47.69 26.19 30.48
C ASP N 68 48.15 27.14 29.39
N GLU N 69 49.44 27.06 29.02
CA GLU N 69 49.95 27.86 27.91
C GLU N 69 49.37 27.39 26.58
N GLN N 70 49.17 26.08 26.43
CA GLN N 70 48.54 25.57 25.23
C GLN N 70 47.08 25.96 25.16
N ILE N 71 46.37 26.00 26.30
CA ILE N 71 44.99 26.46 26.29
C ILE N 71 44.92 27.94 25.98
N ALA N 72 45.84 28.72 26.55
CA ALA N 72 45.89 30.17 26.35
C ALA N 72 46.15 30.52 24.89
N ALA N 73 46.99 29.75 24.23
CA ALA N 73 47.27 29.98 22.81
C ALA N 73 46.05 29.63 21.93
N GLN N 74 45.31 28.57 22.27
CA GLN N 74 44.06 28.28 21.56
C GLN N 74 43.03 29.39 21.78
N VAL N 75 42.96 29.94 23.01
CA VAL N 75 42.03 31.05 23.29
C VAL N 75 42.41 32.30 22.50
N ASP N 76 43.71 32.55 22.34
CA ASP N 76 44.17 33.61 21.44
C ASP N 76 43.71 33.40 20.01
N TYR N 77 43.69 32.15 19.53
CA TYR N 77 43.15 31.88 18.22
C TYR N 77 41.65 32.19 18.17
N ILE N 78 40.92 31.81 19.22
CA ILE N 78 39.48 32.11 19.32
C ILE N 78 39.21 33.62 19.30
N VAL N 79 39.97 34.37 20.07
CA VAL N 79 39.72 35.80 20.23
C VAL N 79 40.04 36.57 18.96
N ALA N 80 41.19 36.28 18.34
CA ALA N 80 41.61 36.94 17.10
C ALA N 80 40.60 36.77 15.98
N ASN N 81 39.95 35.61 15.93
CA ASN N 81 38.95 35.37 14.93
C ASN N 81 37.60 36.01 15.25
N GLY N 82 37.45 36.71 16.36
CA GLY N 82 36.16 37.21 16.78
C GLY N 82 35.21 36.15 17.28
N TRP N 83 35.71 35.00 17.69
CA TRP N 83 34.85 33.92 18.10
C TRP N 83 34.49 34.03 19.57
N ILE N 84 33.42 33.36 19.96
CA ILE N 84 32.92 33.44 21.32
C ILE N 84 33.26 32.14 22.04
N PRO N 85 34.19 32.15 22.99
CA PRO N 85 34.46 30.97 23.80
C PRO N 85 33.31 30.65 24.74
N CYS N 86 33.15 29.37 25.06
CA CYS N 86 32.19 28.90 26.04
C CYS N 86 32.73 27.60 26.62
N LEU N 87 32.45 27.32 27.87
CA LEU N 87 32.85 26.05 28.45
C LEU N 87 31.64 25.13 28.61
N GLU N 88 31.87 23.86 28.48
CA GLU N 88 30.88 22.82 28.70
C GLU N 88 31.45 21.66 29.49
N PHE N 89 30.60 20.99 30.24
CA PHE N 89 31.05 19.92 31.11
C PHE N 89 30.01 18.80 31.15
N ALA N 90 30.51 17.62 31.47
CA ALA N 90 29.73 16.43 31.62
C ALA N 90 30.38 15.47 32.63
N GLU N 91 29.54 14.69 33.30
CA GLU N 91 30.02 13.64 34.18
C GLU N 91 30.42 12.46 33.27
N SER N 92 31.22 11.54 33.78
CA SER N 92 31.73 10.46 32.93
C SER N 92 30.67 9.61 32.23
N ASP N 93 29.55 9.37 32.89
CA ASP N 93 28.45 8.62 32.29
C ASP N 93 27.69 9.40 31.18
N LYS N 94 27.96 10.69 31.05
CA LYS N 94 27.32 11.48 30.04
C LYS N 94 28.33 12.02 29.08
N ALA N 95 29.60 11.74 29.31
CA ALA N 95 30.65 12.28 28.47
C ALA N 95 30.74 11.80 27.02
N TYR N 96 30.53 10.51 26.77
CA TYR N 96 30.66 9.99 25.40
C TYR N 96 29.36 9.50 24.75
N VAL N 97 29.35 9.41 23.44
CA VAL N 97 28.12 9.06 22.73
C VAL N 97 27.51 7.73 23.15
N SER N 98 26.19 7.74 23.24
CA SER N 98 25.41 6.58 23.65
C SER N 98 24.09 6.54 22.87
N ASN N 99 23.44 5.39 22.88
CA ASN N 99 22.18 5.15 22.15
C ASN N 99 20.95 4.87 23.01
N GLU N 100 20.93 5.23 24.29
CA GLU N 100 19.87 4.67 25.13
C GLU N 100 18.47 5.22 24.83
N SER N 101 18.33 6.49 24.40
CA SER N 101 17.02 7.04 24.02
C SER N 101 16.36 6.35 22.83
N ALA N 102 17.14 5.64 22.01
CA ALA N 102 16.62 4.99 20.82
C ALA N 102 15.64 3.86 21.11
N ILE N 103 15.55 3.41 22.36
CA ILE N 103 14.52 2.46 22.76
C ILE N 103 13.13 3.00 22.46
N ARG N 104 12.92 4.33 22.55
CA ARG N 104 11.61 4.94 22.31
C ARG N 104 11.28 5.09 20.83
N PHE N 105 12.23 4.88 19.96
CA PHE N 105 12.09 5.28 18.56
C PHE N 105 11.50 4.18 17.68
N GLY N 106 10.82 4.60 16.64
CA GLY N 106 10.66 3.86 15.41
C GLY N 106 11.97 3.71 14.61
N SER N 107 11.96 3.76 13.29
CA SER N 107 13.22 3.58 12.54
C SER N 107 13.95 4.87 12.22
N VAL N 108 14.14 5.76 13.16
CA VAL N 108 14.70 7.06 12.87
C VAL N 108 15.96 7.28 13.73
N SER N 109 16.70 6.23 14.03
CA SER N 109 17.94 6.47 14.85
C SER N 109 19.11 7.08 14.05
N CYS N 110 19.04 7.14 12.73
CA CYS N 110 20.11 7.60 11.85
C CYS N 110 20.67 8.98 12.25
N LEU N 111 21.93 8.99 12.67
CA LEU N 111 22.64 10.16 13.16
C LEU N 111 22.04 10.77 14.44
N TYR N 112 21.15 10.09 15.10
CA TYR N 112 20.79 10.43 16.47
C TYR N 112 21.79 9.78 17.43
N TYR N 113 22.29 10.55 18.35
CA TYR N 113 23.00 9.93 19.47
C TYR N 113 22.82 10.80 20.71
N ASP N 114 22.70 10.17 21.84
CA ASP N 114 22.63 10.90 23.09
C ASP N 114 24.06 11.29 23.53
N ASN N 115 24.15 12.31 24.38
CA ASN N 115 25.36 12.86 25.05
C ASN N 115 26.26 13.69 24.11
N ARG N 116 25.85 14.03 22.90
CA ARG N 116 26.52 15.07 22.15
C ARG N 116 26.42 16.41 22.86
N TYR N 117 25.23 16.78 23.29
CA TYR N 117 25.06 17.94 24.15
C TYR N 117 25.75 17.67 25.50
N TRP N 118 26.57 18.58 25.93
CA TRP N 118 27.00 18.64 27.32
C TRP N 118 26.29 19.79 28.05
N THR N 119 26.64 20.06 29.30
CA THR N 119 26.00 21.12 30.07
C THR N 119 26.86 22.39 30.04
N MET N 120 26.26 23.52 29.72
CA MET N 120 26.96 24.79 29.65
C MET N 120 27.42 25.30 31.03
N TRP N 121 28.64 25.81 31.10
CA TRP N 121 29.14 26.39 32.33
C TRP N 121 28.92 27.88 32.15
N LYS N 122 28.03 28.43 32.97
CA LYS N 122 27.67 29.84 32.92
C LYS N 122 27.19 30.22 31.52
N LEU N 123 27.74 31.29 30.97
CA LEU N 123 27.31 31.72 29.65
C LEU N 123 28.44 31.92 28.66
N PRO N 124 28.13 31.88 27.36
CA PRO N 124 29.14 32.24 26.36
C PRO N 124 29.71 33.59 26.70
N MET N 125 31.01 33.67 26.62
CA MET N 125 31.76 34.82 27.09
C MET N 125 31.79 35.86 25.99
N PHE N 126 30.65 36.56 25.85
CA PHE N 126 30.53 37.59 24.85
C PHE N 126 31.49 38.72 25.19
N GLY N 127 32.25 39.15 24.20
CA GLY N 127 33.23 40.20 24.34
C GLY N 127 34.53 39.76 24.98
N CYS N 128 34.78 38.46 25.07
CA CYS N 128 36.04 37.98 25.59
C CYS N 128 37.19 38.38 24.68
N ARG N 129 38.13 39.09 25.26
CA ARG N 129 39.32 39.54 24.59
C ARG N 129 40.57 39.01 25.25
N ASP N 130 40.55 38.79 26.56
CA ASP N 130 41.72 38.36 27.27
C ASP N 130 41.61 36.89 27.61
N PRO N 131 42.67 36.10 27.40
CA PRO N 131 42.58 34.66 27.65
C PRO N 131 42.56 34.25 29.11
N MET N 132 42.80 35.17 30.03
CA MET N 132 42.94 34.79 31.43
C MET N 132 41.57 34.57 32.07
N GLN N 133 40.53 35.13 31.48
CA GLN N 133 39.17 34.87 31.92
C GLN N 133 38.74 33.43 31.66
N VAL N 134 39.10 32.88 30.49
CA VAL N 134 38.77 31.50 30.18
C VAL N 134 39.53 30.57 31.11
N LEU N 135 40.81 30.89 31.36
CA LEU N 135 41.63 30.06 32.24
C LEU N 135 41.13 30.09 33.67
N ARG N 136 40.62 31.24 34.12
CA ARG N 136 39.98 31.33 35.43
C ARG N 136 38.66 30.54 35.47
N GLU N 137 37.86 30.64 34.41
CA GLU N 137 36.61 29.89 34.34
C GLU N 137 36.84 28.40 34.25
N ILE N 138 37.93 27.97 33.60
CA ILE N 138 38.28 26.55 33.56
C ILE N 138 38.56 26.04 34.96
N VAL N 139 39.35 26.79 35.73
CA VAL N 139 39.64 26.43 37.12
C VAL N 139 38.36 26.41 37.96
N ALA N 140 37.49 27.40 37.80
CA ALA N 140 36.24 27.43 38.56
C ALA N 140 35.34 26.24 38.26
N CYS N 141 35.21 25.87 36.98
CA CYS N 141 34.37 24.72 36.61
C CYS N 141 34.91 23.42 37.19
N THR N 142 36.22 23.22 37.09
CA THR N 142 36.82 21.99 37.59
C THR N 142 36.79 21.95 39.11
N LYS N 143 36.86 23.10 39.75
CA LYS N 143 36.71 23.16 41.20
C LYS N 143 35.30 22.80 41.63
N ALA N 144 34.29 23.32 40.95
CA ALA N 144 32.91 22.95 41.26
C ALA N 144 32.60 21.52 40.83
N PHE N 145 33.24 21.01 39.80
CA PHE N 145 32.90 19.70 39.26
C PHE N 145 34.17 18.87 39.08
N PRO N 146 34.68 18.27 40.15
CA PRO N 146 35.97 17.58 40.03
C PRO N 146 35.89 16.26 39.30
N ASP N 147 34.72 15.63 39.25
CA ASP N 147 34.56 14.39 38.53
C ASP N 147 34.10 14.58 37.08
N ALA N 148 34.16 15.80 36.54
CA ALA N 148 33.61 16.13 35.23
C ALA N 148 34.70 16.34 34.19
N TYR N 149 34.48 15.82 32.99
CA TYR N 149 35.20 16.30 31.82
C TYR N 149 34.78 17.74 31.52
N VAL N 150 35.68 18.58 31.02
CA VAL N 150 35.38 19.98 30.68
C VAL N 150 35.88 20.26 29.28
N ARG N 151 35.03 20.78 28.43
CA ARG N 151 35.44 21.10 27.08
C ARG N 151 35.25 22.58 26.82
N LEU N 152 36.14 23.11 26.00
CA LEU N 152 36.10 24.48 25.57
C LEU N 152 35.56 24.56 24.17
N VAL N 153 34.48 25.27 23.99
CA VAL N 153 33.92 25.35 22.66
C VAL N 153 34.03 26.80 22.21
N ALA N 154 33.77 27.02 20.95
CA ALA N 154 33.78 28.36 20.40
C ALA N 154 32.72 28.48 19.32
N PHE N 155 32.07 29.62 19.29
CA PHE N 155 30.98 29.91 18.39
C PHE N 155 31.39 31.05 17.48
N ASP N 156 31.05 30.95 16.21
CA ASP N 156 31.30 32.01 15.26
C ASP N 156 29.99 32.64 14.90
N ASN N 157 29.79 33.87 15.37
CA ASN N 157 28.51 34.53 15.23
C ASN N 157 28.26 34.98 13.79
N GLN N 158 29.32 35.07 12.99
CA GLN N 158 29.12 35.30 11.55
C GLN N 158 28.45 34.12 10.89
N LYS N 159 29.05 32.95 10.96
CA LYS N 159 28.48 31.78 10.36
C LYS N 159 27.39 31.14 11.24
N GLN N 160 27.12 31.72 12.44
CA GLN N 160 26.09 31.29 13.41
C GLN N 160 26.12 29.78 13.68
N VAL N 161 27.25 29.28 14.19
CA VAL N 161 27.49 27.86 14.34
C VAL N 161 28.67 27.64 15.29
N GLN N 162 28.60 26.61 16.10
CA GLN N 162 29.77 26.10 16.80
C GLN N 162 30.91 25.82 15.85
N ILE N 163 32.09 26.30 16.17
CA ILE N 163 33.23 26.21 15.26
C ILE N 163 34.45 25.55 15.90
N MET N 164 34.52 25.48 17.23
CA MET N 164 35.55 24.67 17.88
C MET N 164 34.94 23.87 19.02
N GLY N 165 35.69 22.86 19.43
CA GLY N 165 35.41 22.12 20.62
C GLY N 165 36.52 21.12 20.87
N PHE N 166 37.21 21.29 21.98
CA PHE N 166 38.30 20.44 22.38
C PHE N 166 38.30 20.40 23.87
N LEU N 167 38.86 19.35 24.40
CA LEU N 167 38.81 19.05 25.80
C LEU N 167 39.92 19.79 26.54
N VAL N 168 39.60 20.32 27.71
CA VAL N 168 40.60 20.96 28.56
C VAL N 168 40.80 20.25 29.87
N GLN N 169 39.94 19.35 30.26
CA GLN N 169 40.13 18.68 31.52
C GLN N 169 39.47 17.33 31.51
N ARG N 170 40.23 16.35 31.94
CA ARG N 170 39.75 15.03 32.24
C ARG N 170 39.69 14.86 33.75
N PRO N 171 38.69 14.19 34.27
CA PRO N 171 38.71 13.89 35.71
C PRO N 171 39.66 12.74 35.99
N LYS N 172 40.45 12.92 37.04
CA LYS N 172 41.32 11.86 37.58
C LYS N 172 40.55 10.58 37.86
N SER N 173 39.36 10.71 38.42
CA SER N 173 38.58 9.54 38.80
C SER N 173 37.99 8.80 37.60
N ALA N 174 38.08 9.36 36.40
CA ALA N 174 37.64 8.64 35.22
C ALA N 174 38.65 7.56 34.86
N ARG N 175 38.20 6.34 34.84
CA ARG N 175 39.03 5.27 34.32
C ARG N 175 38.81 5.01 32.83
N ASP N 176 37.87 5.71 32.20
CA ASP N 176 37.49 5.51 30.80
C ASP N 176 38.59 5.83 29.78
N TRP N 177 39.65 6.53 30.15
CA TRP N 177 40.59 7.08 29.19
C TRP N 177 42.04 6.76 29.54
N GLN N 178 42.90 6.86 28.60
CA GLN N 178 44.28 6.44 28.88
C GLN N 178 45.23 7.61 28.90
N PRO N 179 46.18 7.60 29.87
CA PRO N 179 47.12 8.71 30.07
C PRO N 179 48.30 8.71 29.11
N ALA N 180 48.02 8.58 27.82
CA ALA N 180 48.96 8.76 26.72
C ALA N 180 50.15 7.80 26.77
N ASN N 181 49.96 6.67 27.48
CA ASN N 181 50.67 5.40 27.39
C ASN N 181 49.67 4.31 26.98
N LYS N 182 48.98 4.60 25.86
CA LYS N 182 47.88 3.90 25.21
C LYS N 182 48.29 3.06 24.00
N ARG N 183 49.56 3.05 23.65
CA ARG N 183 50.27 2.04 22.88
C ARG N 183 49.68 1.66 21.55
N LYS O 18 -34.10 37.92 -0.57
CA LYS O 18 -32.92 38.69 -0.25
C LYS O 18 -33.23 40.01 0.49
N ASP O 19 -33.19 39.96 1.83
CA ASP O 19 -33.41 41.11 2.71
C ASP O 19 -34.79 41.73 2.45
N TYR O 20 -35.83 40.98 2.79
CA TYR O 20 -37.19 41.48 2.61
C TYR O 20 -37.63 42.24 3.86
N ARG O 21 -36.92 42.00 4.96
CA ARG O 21 -37.09 42.39 6.34
C ARG O 21 -38.24 41.65 7.03
N LEU O 22 -39.19 41.10 6.29
CA LEU O 22 -40.27 40.42 7.01
C LEU O 22 -40.11 38.92 6.84
N THR O 23 -39.36 38.54 5.83
CA THR O 23 -39.02 37.13 5.73
C THR O 23 -37.95 36.77 6.76
N TYR O 24 -36.95 37.64 6.96
CA TYR O 24 -35.72 37.22 7.62
C TYR O 24 -35.60 37.75 9.02
N TYR O 25 -36.25 38.86 9.29
CA TYR O 25 -36.33 39.39 10.62
C TYR O 25 -37.64 38.90 11.21
N THR O 26 -37.55 37.91 12.08
CA THR O 26 -38.70 37.21 12.64
C THR O 26 -38.60 37.28 14.15
N PRO O 27 -38.96 38.41 14.75
CA PRO O 27 -38.65 38.61 16.16
C PRO O 27 -39.49 37.77 17.12
N ASP O 28 -40.45 37.02 16.65
CA ASP O 28 -41.17 36.10 17.51
C ASP O 28 -40.74 34.63 17.30
N TYR O 29 -39.69 34.36 16.53
CA TYR O 29 -39.13 33.02 16.35
C TYR O 29 -38.68 32.44 17.69
N VAL O 30 -39.03 31.20 17.95
CA VAL O 30 -38.47 30.51 19.11
C VAL O 30 -37.22 29.72 18.70
N VAL O 31 -36.14 30.00 19.40
CA VAL O 31 -34.85 29.37 19.15
C VAL O 31 -34.93 27.89 19.50
N ARG O 32 -34.61 27.06 18.53
CA ARG O 32 -34.52 25.62 18.72
C ARG O 32 -33.21 25.24 19.43
N ASP O 33 -33.19 24.05 20.02
CA ASP O 33 -32.00 23.59 20.74
C ASP O 33 -30.87 23.21 19.79
N THR O 34 -31.19 22.78 18.60
CA THR O 34 -30.19 22.36 17.64
C THR O 34 -29.69 23.52 16.77
N ASP O 35 -30.29 24.70 16.84
CA ASP O 35 -29.82 25.84 16.09
C ASP O 35 -28.44 26.31 16.51
N ILE O 36 -27.71 26.78 15.55
CA ILE O 36 -26.49 27.54 15.75
C ILE O 36 -26.85 29.02 15.84
N LEU O 37 -26.45 29.68 16.89
CA LEU O 37 -26.79 31.08 17.04
C LEU O 37 -25.56 31.93 16.80
N ALA O 38 -25.76 33.10 16.29
CA ALA O 38 -24.69 34.06 16.07
C ALA O 38 -25.11 35.41 16.62
N ALA O 39 -24.18 36.10 17.24
CA ALA O 39 -24.38 37.50 17.63
C ALA O 39 -23.42 38.39 16.83
N PHE O 40 -23.98 39.15 15.93
CA PHE O 40 -23.27 40.14 15.15
C PHE O 40 -23.39 41.57 15.69
N ARG O 41 -22.28 42.16 16.06
CA ARG O 41 -22.20 43.60 16.25
C ARG O 41 -22.16 44.28 14.89
N MET O 42 -23.12 45.12 14.64
CA MET O 42 -23.53 45.55 13.33
C MET O 42 -23.51 47.08 13.27
N THR O 43 -22.89 47.63 12.23
CA THR O 43 -22.84 49.08 12.02
C THR O 43 -23.48 49.45 10.70
N PRO O 44 -24.77 49.74 10.68
CA PRO O 44 -25.48 50.03 9.43
C PRO O 44 -25.01 51.32 8.77
N GLN O 45 -25.09 51.36 7.45
CA GLN O 45 -24.91 52.60 6.74
C GLN O 45 -25.99 53.59 7.16
N PRO O 46 -25.64 54.87 7.25
CA PRO O 46 -26.59 55.87 7.78
C PRO O 46 -27.83 55.99 6.94
N GLY O 47 -28.98 55.96 7.61
CA GLY O 47 -30.26 55.86 6.95
C GLY O 47 -30.80 54.47 6.73
N VAL O 48 -30.04 53.42 7.00
CA VAL O 48 -30.48 52.04 6.81
C VAL O 48 -30.96 51.52 8.16
N PRO O 49 -32.20 51.09 8.29
CA PRO O 49 -32.72 50.77 9.61
C PRO O 49 -32.13 49.46 10.12
N PRO O 50 -32.10 49.26 11.44
CA PRO O 50 -31.46 48.05 11.99
C PRO O 50 -32.11 46.76 11.60
N GLU O 51 -33.41 46.77 11.38
CA GLU O 51 -34.14 45.56 11.05
C GLU O 51 -33.84 45.11 9.64
N GLU O 52 -33.57 46.06 8.75
CA GLU O 52 -33.15 45.73 7.41
C GLU O 52 -31.74 45.14 7.41
N CYS O 53 -30.87 45.61 8.28
CA CYS O 53 -29.50 45.10 8.30
C CYS O 53 -29.43 43.72 8.91
N GLY O 54 -30.10 43.51 10.06
CA GLY O 54 -30.16 42.21 10.67
C GLY O 54 -30.72 41.15 9.75
N ALA O 55 -31.76 41.51 9.00
CA ALA O 55 -32.37 40.63 8.00
C ALA O 55 -31.42 40.30 6.87
N ALA O 56 -30.69 41.29 6.37
CA ALA O 56 -29.68 41.10 5.33
C ALA O 56 -28.56 40.15 5.77
N VAL O 57 -28.10 40.27 7.01
CA VAL O 57 -27.08 39.36 7.54
C VAL O 57 -27.67 37.96 7.70
N ALA O 58 -28.93 37.86 8.14
CA ALA O 58 -29.63 36.58 8.18
C ALA O 58 -29.72 35.95 6.80
N ALA O 59 -30.00 36.77 5.79
CA ALA O 59 -30.30 36.24 4.46
C ALA O 59 -29.05 35.83 3.65
N GLU O 60 -27.90 36.48 3.84
CA GLU O 60 -26.70 36.37 2.97
C GLU O 60 -27.11 36.42 1.50
N SER O 61 -27.72 37.54 1.14
CA SER O 61 -28.27 37.77 -0.19
C SER O 61 -27.21 37.52 -1.27
N SER O 62 -27.63 37.08 -2.45
CA SER O 62 -26.61 36.72 -3.43
C SER O 62 -26.12 37.97 -4.16
N THR O 63 -26.66 39.14 -3.80
CA THR O 63 -26.16 40.44 -4.22
C THR O 63 -25.72 41.25 -2.98
N GLY O 64 -24.43 41.61 -2.98
CA GLY O 64 -23.81 42.21 -1.81
C GLY O 64 -23.49 43.68 -2.07
N THR O 65 -23.47 44.05 -3.36
CA THR O 65 -23.38 45.43 -3.83
C THR O 65 -24.73 46.18 -3.79
N TRP O 66 -25.80 45.49 -4.20
CA TRP O 66 -27.16 46.04 -4.30
C TRP O 66 -28.02 46.44 -3.08
N THR O 67 -28.01 45.61 -2.05
CA THR O 67 -28.82 45.79 -0.82
C THR O 67 -30.35 45.82 -1.08
N THR O 68 -30.81 45.05 -2.06
CA THR O 68 -32.23 44.96 -2.41
C THR O 68 -32.62 43.54 -2.85
N VAL O 69 -33.90 43.19 -2.72
CA VAL O 69 -34.31 41.86 -3.15
C VAL O 69 -34.58 41.91 -4.65
N TRP O 70 -33.68 41.28 -5.38
CA TRP O 70 -33.74 41.24 -6.83
C TRP O 70 -34.35 39.94 -7.31
N THR O 71 -33.73 38.81 -6.92
CA THR O 71 -34.20 37.46 -7.22
C THR O 71 -34.66 36.82 -5.91
N ASP O 72 -35.97 36.72 -5.71
CA ASP O 72 -36.53 36.27 -4.46
C ASP O 72 -37.40 35.04 -4.69
N GLY O 73 -37.18 34.00 -3.89
CA GLY O 73 -37.87 32.72 -3.84
C GLY O 73 -37.01 31.50 -4.17
N LEU O 74 -36.42 30.88 -3.14
CA LEU O 74 -35.46 29.80 -3.31
C LEU O 74 -35.80 28.63 -2.41
N THR O 75 -35.20 27.48 -2.70
CA THR O 75 -35.18 26.43 -1.69
C THR O 75 -33.88 26.46 -0.91
N SER O 76 -32.97 27.37 -1.23
CA SER O 76 -31.91 27.69 -0.28
C SER O 76 -32.34 28.74 0.70
N LEU O 77 -33.40 29.52 0.41
CA LEU O 77 -33.92 30.58 1.28
C LEU O 77 -35.35 30.32 1.80
N ASP O 78 -35.78 29.06 2.00
CA ASP O 78 -37.10 28.86 2.61
C ASP O 78 -36.99 28.10 3.94
N ARG O 79 -36.15 27.04 4.00
CA ARG O 79 -36.02 26.20 5.20
C ARG O 79 -34.55 26.15 5.63
N TYR O 80 -33.67 26.64 4.79
CA TYR O 80 -32.24 26.62 5.10
C TYR O 80 -31.77 28.05 5.35
N LYS O 81 -32.70 28.86 5.83
CA LYS O 81 -32.44 30.25 6.11
C LYS O 81 -32.15 30.61 7.56
N GLY O 82 -31.09 31.39 7.77
CA GLY O 82 -30.78 31.93 9.07
C GLY O 82 -31.84 33.01 9.31
N ARG O 83 -32.33 33.15 10.52
CA ARG O 83 -33.36 34.18 10.80
C ARG O 83 -32.87 35.16 11.86
N CYS O 84 -33.05 36.46 11.62
CA CYS O 84 -32.64 37.41 12.63
C CYS O 84 -33.77 37.52 13.64
N TYR O 85 -33.58 36.95 14.82
CA TYR O 85 -34.70 36.85 15.76
C TYR O 85 -34.70 37.92 16.84
N ASP O 86 -33.72 38.81 16.88
CA ASP O 86 -33.57 39.82 17.93
C ASP O 86 -32.52 40.84 17.50
N ILE O 87 -32.83 42.11 17.65
CA ILE O 87 -31.88 43.20 17.47
C ILE O 87 -31.90 44.05 18.72
N GLU O 88 -30.74 44.24 19.34
CA GLU O 88 -30.60 45.09 20.52
C GLU O 88 -29.65 46.25 20.27
N PRO O 89 -29.92 47.42 20.84
CA PRO O 89 -28.93 48.51 20.82
C PRO O 89 -27.75 48.23 21.72
N VAL O 90 -26.61 48.81 21.36
CA VAL O 90 -25.38 48.71 22.13
C VAL O 90 -25.32 49.95 23.02
N PRO O 91 -25.16 49.80 24.33
CA PRO O 91 -25.23 50.97 25.22
C PRO O 91 -23.98 51.86 25.10
N GLY O 92 -24.23 53.15 24.95
CA GLY O 92 -23.15 54.09 24.78
C GLY O 92 -22.77 54.33 23.35
N GLU O 93 -23.21 53.48 22.44
CA GLU O 93 -22.97 53.62 21.02
C GLU O 93 -24.25 54.15 20.40
N ASP O 94 -24.14 54.78 19.25
CA ASP O 94 -25.31 55.43 18.66
C ASP O 94 -25.74 54.73 17.39
N ASN O 95 -24.82 54.12 16.67
CA ASN O 95 -25.14 53.46 15.42
C ASN O 95 -24.75 51.98 15.42
N GLN O 96 -24.66 51.33 16.57
CA GLN O 96 -24.28 49.92 16.64
C GLN O 96 -25.36 49.09 17.29
N TYR O 97 -25.60 47.91 16.75
CA TYR O 97 -26.62 46.99 17.22
C TYR O 97 -26.04 45.58 17.31
N ILE O 98 -26.54 44.78 18.24
CA ILE O 98 -26.31 43.35 18.24
C ILE O 98 -27.48 42.67 17.53
N ALA O 99 -27.21 42.04 16.40
CA ALA O 99 -28.19 41.20 15.74
C ALA O 99 -27.93 39.71 16.02
N TYR O 100 -28.95 39.02 16.52
CA TYR O 100 -28.94 37.60 16.82
C TYR O 100 -29.52 36.79 15.67
N VAL O 101 -28.75 35.86 15.15
CA VAL O 101 -29.19 35.08 14.00
C VAL O 101 -29.20 33.63 14.37
N ALA O 102 -30.28 32.96 14.10
CA ALA O 102 -30.38 31.53 14.25
C ALA O 102 -30.16 30.85 12.90
N TYR O 103 -29.36 29.81 12.88
CA TYR O 103 -29.13 28.99 11.71
C TYR O 103 -29.57 27.54 11.99
N PRO O 104 -30.36 26.92 11.13
CA PRO O 104 -30.72 25.52 11.36
C PRO O 104 -29.49 24.59 11.15
N ILE O 105 -29.41 23.58 11.99
CA ILE O 105 -28.27 22.68 12.05
C ILE O 105 -28.09 21.92 10.71
N ASP O 106 -29.17 21.74 9.97
CA ASP O 106 -29.11 21.18 8.63
C ASP O 106 -28.25 21.95 7.65
N LEU O 107 -27.95 23.22 7.90
CA LEU O 107 -27.07 23.98 7.04
C LEU O 107 -25.62 23.49 7.08
N PHE O 108 -25.20 22.76 8.08
CA PHE O 108 -23.78 22.65 8.37
C PHE O 108 -23.27 21.22 8.08
N GLU O 109 -22.07 21.12 7.53
CA GLU O 109 -21.42 19.82 7.40
C GLU O 109 -20.90 19.34 8.77
N GLU O 110 -21.34 18.14 9.17
CA GLU O 110 -20.99 17.56 10.47
C GLU O 110 -19.47 17.48 10.64
N GLY O 111 -18.96 18.10 11.69
CA GLY O 111 -17.54 17.96 11.97
C GLY O 111 -16.64 18.85 11.15
N SER O 112 -17.15 19.89 10.50
CA SER O 112 -16.31 20.69 9.62
C SER O 112 -16.35 22.14 10.07
N VAL O 113 -15.37 22.56 10.87
CA VAL O 113 -15.24 23.96 11.23
C VAL O 113 -15.15 24.82 9.97
N THR O 114 -14.37 24.36 8.97
CA THR O 114 -14.27 25.05 7.68
C THR O 114 -15.64 25.41 7.12
N ASN O 115 -16.58 24.48 7.16
CA ASN O 115 -17.86 24.70 6.53
C ASN O 115 -18.76 25.61 7.39
N MET O 116 -18.55 25.61 8.69
CA MET O 116 -19.38 26.51 9.53
C MET O 116 -18.98 27.97 9.34
N PHE O 117 -17.68 28.26 9.24
CA PHE O 117 -17.27 29.61 8.90
C PHE O 117 -17.66 29.98 7.50
N THR O 118 -17.62 29.06 6.55
CA THR O 118 -18.09 29.39 5.20
C THR O 118 -19.59 29.77 5.22
N SER O 119 -20.37 29.05 5.99
CA SER O 119 -21.80 29.32 6.03
C SER O 119 -22.12 30.62 6.77
N ILE O 120 -21.41 30.93 7.86
CA ILE O 120 -21.74 32.08 8.69
C ILE O 120 -21.00 33.35 8.24
N VAL O 121 -19.69 33.28 8.05
CA VAL O 121 -18.92 34.47 7.73
C VAL O 121 -18.46 34.52 6.28
N GLY O 122 -19.00 33.64 5.43
CA GLY O 122 -18.49 33.52 4.07
C GLY O 122 -18.64 34.79 3.25
N ASN O 123 -19.79 35.44 3.33
CA ASN O 123 -20.14 36.55 2.46
C ASN O 123 -20.60 37.85 3.13
N VAL O 124 -21.24 37.83 4.30
CA VAL O 124 -21.96 39.02 4.81
C VAL O 124 -21.05 40.16 5.22
N PHE O 125 -19.74 39.95 5.34
CA PHE O 125 -18.93 41.05 5.84
C PHE O 125 -18.68 42.09 4.75
N GLY O 126 -18.92 41.76 3.50
CA GLY O 126 -18.92 42.67 2.39
C GLY O 126 -20.22 43.37 2.05
N PHE O 127 -21.29 43.20 2.81
CA PHE O 127 -22.60 43.66 2.36
C PHE O 127 -22.64 45.18 2.45
N LYS O 128 -23.13 45.83 1.39
CA LYS O 128 -22.96 47.28 1.31
C LYS O 128 -23.86 48.05 2.26
N ALA O 129 -24.96 47.44 2.70
CA ALA O 129 -25.87 48.08 3.65
C ALA O 129 -25.24 48.24 5.04
N LEU O 130 -24.16 47.51 5.30
CA LEU O 130 -23.39 47.56 6.53
C LEU O 130 -22.18 48.44 6.25
N ARG O 131 -21.83 49.26 7.21
CA ARG O 131 -20.54 49.91 7.18
C ARG O 131 -19.45 49.04 7.83
N ALA O 132 -19.80 48.38 8.93
CA ALA O 132 -18.89 47.50 9.65
C ALA O 132 -19.70 46.35 10.26
N LEU O 133 -19.06 45.23 10.47
CA LEU O 133 -19.72 44.03 10.98
C LEU O 133 -18.70 43.23 11.76
N ARG O 134 -19.00 42.95 13.02
CA ARG O 134 -18.17 42.09 13.84
C ARG O 134 -19.00 40.93 14.40
N LEU O 135 -18.47 39.72 14.25
CA LEU O 135 -19.03 38.49 14.84
C LEU O 135 -18.48 38.25 16.23
N GLU O 136 -19.34 38.44 17.21
CA GLU O 136 -18.97 38.47 18.62
C GLU O 136 -18.96 37.09 19.24
N ASP O 137 -19.96 36.27 18.96
CA ASP O 137 -20.15 35.03 19.70
C ASP O 137 -20.97 34.05 18.86
N LEU O 138 -20.85 32.80 19.18
CA LEU O 138 -21.62 31.76 18.56
C LEU O 138 -22.12 30.80 19.61
N ARG O 139 -23.33 30.37 19.48
CA ARG O 139 -23.84 29.30 20.29
C ARG O 139 -23.74 28.03 19.46
N ILE O 140 -22.86 27.12 19.86
CA ILE O 140 -22.71 25.84 19.18
C ILE O 140 -23.58 24.85 19.94
N PRO O 141 -24.62 24.31 19.33
CA PRO O 141 -25.53 23.40 20.03
C PRO O 141 -24.88 22.05 20.27
N PRO O 142 -25.27 21.38 21.37
CA PRO O 142 -24.88 19.97 21.60
C PRO O 142 -25.00 19.05 20.40
N ALA O 143 -26.01 19.20 19.57
CA ALA O 143 -26.14 18.33 18.43
C ALA O 143 -25.03 18.58 17.38
N TYR O 144 -24.51 19.80 17.28
CA TYR O 144 -23.41 20.05 16.38
C TYR O 144 -22.07 19.71 17.03
N VAL O 145 -21.89 20.08 18.32
CA VAL O 145 -20.68 19.79 19.09
C VAL O 145 -20.29 18.32 19.00
N LYS O 146 -21.27 17.39 19.07
CA LYS O 146 -20.95 15.97 19.12
C LYS O 146 -20.51 15.41 17.76
N THR O 147 -20.64 16.16 16.67
CA THR O 147 -20.10 15.67 15.39
C THR O 147 -18.57 15.84 15.26
N PHE O 148 -17.91 16.51 16.17
CA PHE O 148 -16.49 16.87 16.06
C PHE O 148 -15.66 15.90 16.90
N VAL O 149 -14.52 15.53 16.36
CA VAL O 149 -13.56 14.80 17.16
C VAL O 149 -13.09 15.66 18.31
N GLY O 150 -12.80 16.93 18.04
CA GLY O 150 -12.29 17.81 19.04
C GLY O 150 -10.83 17.61 19.45
N PRO O 151 -10.45 18.22 20.58
CA PRO O 151 -9.06 18.19 21.03
C PRO O 151 -8.55 16.76 21.23
N PRO O 152 -7.31 16.49 20.83
CA PRO O 152 -6.79 15.13 20.92
C PRO O 152 -6.82 14.60 22.32
N HIS O 153 -6.49 15.39 23.31
CA HIS O 153 -6.47 14.98 24.73
C HIS O 153 -7.27 15.90 25.65
N GLY O 154 -7.08 17.19 25.58
CA GLY O 154 -7.70 18.08 26.51
C GLY O 154 -6.93 18.08 27.84
N ILE O 155 -7.23 19.11 28.62
CA ILE O 155 -6.48 19.50 29.80
C ILE O 155 -6.24 18.32 30.77
N GLN O 156 -7.29 17.63 31.16
CA GLN O 156 -7.21 16.51 32.11
C GLN O 156 -6.27 15.41 31.63
N VAL O 157 -6.53 14.88 30.45
CA VAL O 157 -5.72 13.80 29.90
C VAL O 157 -4.29 14.24 29.82
N GLU O 158 -4.09 15.49 29.40
CA GLU O 158 -2.75 16.07 29.30
C GLU O 158 -2.02 16.05 30.65
N ARG O 159 -2.68 16.52 31.71
CA ARG O 159 -2.09 16.45 33.05
C ARG O 159 -1.79 15.00 33.46
N ASP O 160 -2.68 14.05 33.16
CA ASP O 160 -2.39 12.66 33.48
C ASP O 160 -1.19 12.16 32.66
N LYS O 161 -1.11 12.52 31.40
CA LYS O 161 -0.02 12.01 30.58
C LYS O 161 1.29 12.68 30.97
N LEU O 162 1.25 13.95 31.34
CA LEU O 162 2.45 14.64 31.75
C LEU O 162 2.79 14.41 33.23
N ASN O 163 1.93 13.83 34.02
CA ASN O 163 2.12 13.61 35.47
C ASN O 163 2.35 14.92 36.24
N LYS O 164 1.57 15.96 35.96
CA LYS O 164 1.84 17.30 36.47
C LYS O 164 0.55 17.92 36.97
N TYR O 165 0.44 18.11 38.27
CA TYR O 165 -0.82 18.45 38.93
C TYR O 165 -0.62 19.64 39.87
N GLY O 166 -1.66 20.44 39.99
CA GLY O 166 -1.77 21.45 41.04
C GLY O 166 -0.98 22.74 40.86
N ARG O 167 -0.51 23.07 39.66
CA ARG O 167 0.15 24.31 39.31
C ARG O 167 -0.02 24.54 37.81
N GLY O 168 0.23 25.77 37.36
CA GLY O 168 0.40 26.01 35.94
C GLY O 168 1.60 25.27 35.33
N LEU O 169 1.57 25.09 34.03
CA LEU O 169 2.73 24.59 33.30
C LEU O 169 3.57 25.79 32.88
N LEU O 170 4.86 25.57 32.70
CA LEU O 170 5.76 26.67 32.39
C LEU O 170 6.45 26.45 31.07
N GLY O 171 6.32 27.42 30.19
CA GLY O 171 7.02 27.40 28.93
C GLY O 171 7.89 28.61 28.73
N CYS O 172 8.66 28.57 27.65
CA CYS O 172 9.40 29.71 27.15
C CYS O 172 9.69 29.55 25.65
N THR O 173 9.73 30.65 24.92
CA THR O 173 10.12 30.62 23.51
C THR O 173 11.64 30.64 23.39
N ILE O 174 12.17 29.82 22.52
CA ILE O 174 13.61 29.73 22.29
C ILE O 174 13.99 30.77 21.25
N LYS O 175 14.83 31.72 21.63
CA LYS O 175 15.49 32.65 20.73
C LYS O 175 17.00 32.61 20.99
N PRO O 176 17.76 31.72 20.32
CA PRO O 176 19.16 31.50 20.71
C PRO O 176 20.03 32.74 20.50
N LYS O 177 20.96 32.90 21.40
CA LYS O 177 21.92 33.96 21.30
C LYS O 177 22.97 33.67 20.24
N LEU O 178 23.21 32.39 19.87
CA LEU O 178 24.45 32.04 19.16
C LEU O 178 24.24 31.69 17.68
N GLY O 179 23.03 31.34 17.28
CA GLY O 179 22.73 30.99 15.90
C GLY O 179 21.31 30.48 15.82
N LEU O 180 20.75 30.45 14.63
CA LEU O 180 19.49 29.75 14.50
C LEU O 180 19.65 28.33 13.98
N SER O 181 20.86 27.79 14.02
CA SER O 181 21.05 26.42 13.57
C SER O 181 20.29 25.45 14.47
N ALA O 182 20.04 24.26 13.93
CA ALA O 182 19.23 23.27 14.64
C ALA O 182 19.93 22.81 15.91
N LYS O 183 21.24 22.62 15.84
CA LYS O 183 22.05 22.20 16.97
C LYS O 183 22.07 23.23 18.10
N ASN O 184 22.25 24.51 17.76
CA ASN O 184 22.17 25.58 18.76
C ASN O 184 20.77 25.77 19.27
N TYR O 185 19.80 25.55 18.40
CA TYR O 185 18.43 25.61 18.83
C TYR O 185 18.20 24.56 19.93
N GLY O 186 18.67 23.34 19.69
CA GLY O 186 18.53 22.25 20.66
C GLY O 186 19.29 22.45 21.95
N ARG O 187 20.48 23.09 21.89
CA ARG O 187 21.25 23.42 23.10
C ARG O 187 20.45 24.33 24.02
N ALA O 188 19.85 25.36 23.44
CA ALA O 188 19.01 26.26 24.19
C ALA O 188 17.76 25.58 24.75
N VAL O 189 17.14 24.69 23.98
CA VAL O 189 16.02 23.91 24.48
C VAL O 189 16.44 23.12 25.71
N TYR O 190 17.58 22.44 25.61
CA TYR O 190 18.09 21.67 26.74
C TYR O 190 18.30 22.56 27.96
N GLU O 191 18.92 23.72 27.79
CA GLU O 191 19.26 24.56 28.95
C GLU O 191 18.00 25.07 29.69
N CYS O 192 16.99 25.50 28.94
CA CYS O 192 15.72 25.93 29.51
C CYS O 192 14.98 24.80 30.21
N LEU O 193 14.79 23.67 29.52
CA LEU O 193 14.07 22.54 30.08
C LEU O 193 14.73 21.96 31.34
N ARG O 194 16.05 21.88 31.34
CA ARG O 194 16.77 21.30 32.48
C ARG O 194 16.57 22.10 33.78
N GLY O 195 16.45 23.42 33.66
CA GLY O 195 16.25 24.31 34.78
C GLY O 195 14.90 24.26 35.48
N GLY O 196 13.89 23.65 34.88
CA GLY O 196 12.57 23.61 35.49
C GLY O 196 11.36 23.83 34.60
N LEU O 197 11.51 24.20 33.33
CA LEU O 197 10.33 24.46 32.52
C LEU O 197 9.74 23.15 32.06
N ASP O 198 8.44 23.11 31.96
CA ASP O 198 7.76 21.96 31.34
C ASP O 198 8.02 21.92 29.82
N PHE O 199 7.90 23.04 29.15
CA PHE O 199 7.92 23.10 27.70
C PHE O 199 8.80 24.23 27.22
N THR O 200 9.31 24.04 26.05
CA THR O 200 9.78 25.11 25.23
C THR O 200 9.01 25.07 23.92
N LYS O 201 9.26 26.08 23.10
CA LYS O 201 8.36 26.46 22.02
C LYS O 201 9.17 26.85 20.78
N ASP O 202 9.00 26.09 19.69
CA ASP O 202 9.28 26.60 18.35
C ASP O 202 8.61 27.95 18.17
N ASP O 203 9.34 28.90 17.69
CA ASP O 203 8.67 30.09 17.14
C ASP O 203 7.77 29.75 15.95
N GLU O 204 6.64 30.45 15.90
CA GLU O 204 5.58 30.19 14.92
C GLU O 204 6.08 30.29 13.46
N ASN O 205 7.12 31.08 13.17
CA ASN O 205 7.62 31.12 11.79
C ASN O 205 8.67 30.05 11.45
N VAL O 206 9.23 29.38 12.46
CA VAL O 206 10.25 28.37 12.31
C VAL O 206 9.49 27.16 11.77
N ASN O 207 9.57 26.91 10.46
CA ASN O 207 8.93 25.73 9.97
C ASN O 207 10.10 24.91 9.44
N SER O 208 10.65 25.24 8.31
CA SER O 208 11.81 24.57 7.75
C SER O 208 12.42 25.56 6.75
N GLN O 209 13.48 26.15 7.09
CA GLN O 209 14.17 27.24 6.40
C GLN O 209 15.56 26.80 5.88
N PRO O 210 16.25 27.58 5.05
CA PRO O 210 17.65 27.24 4.75
C PRO O 210 18.56 27.25 5.98
N PHE O 211 18.36 28.15 6.94
CA PHE O 211 19.21 28.14 8.14
C PHE O 211 18.93 26.95 9.08
N MET O 212 17.78 26.28 8.94
CA MET O 212 17.39 25.20 9.86
C MET O 212 16.26 24.39 9.24
N ARG O 213 16.58 23.22 8.69
CA ARG O 213 15.60 22.36 8.05
C ARG O 213 14.89 21.59 9.13
N TRP O 214 13.62 21.31 8.93
CA TRP O 214 12.76 20.77 9.99
C TRP O 214 13.29 19.45 10.59
N ARG O 215 13.75 18.53 9.77
CA ARG O 215 14.02 17.21 10.33
C ARG O 215 15.28 17.25 11.23
N ASP O 216 16.27 18.05 10.85
CA ASP O 216 17.42 18.35 11.72
C ASP O 216 16.98 18.99 13.05
N ARG O 217 16.11 20.01 13.00
CA ARG O 217 15.53 20.58 14.21
C ARG O 217 14.85 19.52 15.10
N PHE O 218 14.08 18.63 14.50
CA PHE O 218 13.33 17.64 15.26
C PHE O 218 14.28 16.71 16.00
N LEU O 219 15.34 16.27 15.32
CA LEU O 219 16.30 15.33 15.87
C LEU O 219 17.06 15.93 17.05
N PHE O 220 17.66 17.11 16.87
CA PHE O 220 18.36 17.82 17.95
C PHE O 220 17.42 18.21 19.10
N VAL O 221 16.19 18.64 18.83
CA VAL O 221 15.24 18.88 19.93
C VAL O 221 14.93 17.58 20.70
N ALA O 222 14.77 16.45 19.99
CA ALA O 222 14.51 15.18 20.67
C ALA O 222 15.68 14.77 21.57
N GLU O 223 16.92 15.01 21.15
CA GLU O 223 18.05 14.76 22.02
C GLU O 223 18.01 15.68 23.26
N ALA O 224 17.68 16.95 23.07
CA ALA O 224 17.57 17.91 24.17
C ALA O 224 16.47 17.52 25.17
N ILE O 225 15.26 17.19 24.68
CA ILE O 225 14.13 16.80 25.53
C ILE O 225 14.50 15.60 26.38
N TYR O 226 15.08 14.58 25.76
CA TYR O 226 15.47 13.36 26.48
C TYR O 226 16.65 13.63 27.43
N LYS O 227 17.57 14.51 27.07
CA LYS O 227 18.66 14.85 27.99
C LYS O 227 18.11 15.55 29.26
N ALA O 228 17.31 16.60 29.09
CA ALA O 228 16.71 17.28 30.22
C ALA O 228 15.78 16.36 31.03
N GLN O 229 15.10 15.43 30.37
CA GLN O 229 14.24 14.46 31.06
C GLN O 229 15.06 13.47 31.89
N ALA O 230 16.14 12.92 31.34
CA ALA O 230 17.06 12.11 32.12
C ALA O 230 17.61 12.89 33.33
N GLU O 231 17.91 14.15 33.14
CA GLU O 231 18.52 14.97 34.19
C GLU O 231 17.51 15.35 35.28
N THR O 232 16.34 15.83 34.91
CA THR O 232 15.34 16.29 35.88
C THR O 232 14.53 15.15 36.48
N GLY O 233 14.40 14.05 35.77
CA GLY O 233 13.44 13.03 36.10
C GLY O 233 11.97 13.39 35.85
N GLU O 234 11.64 14.57 35.32
CA GLU O 234 10.28 14.97 34.98
C GLU O 234 10.05 14.85 33.46
N VAL O 235 8.79 14.63 33.08
CA VAL O 235 8.41 14.67 31.67
C VAL O 235 8.68 16.07 31.08
N LYS O 236 9.30 16.12 29.91
CA LYS O 236 9.64 17.36 29.23
C LYS O 236 9.12 17.34 27.78
N GLY O 237 8.78 18.51 27.25
CA GLY O 237 8.41 18.65 25.86
C GLY O 237 8.99 19.90 25.22
N HIS O 238 8.89 19.93 23.93
CA HIS O 238 9.13 21.14 23.14
C HIS O 238 8.05 21.13 22.07
N TYR O 239 7.36 22.24 21.87
CA TYR O 239 6.36 22.32 20.82
C TYR O 239 7.03 22.35 19.45
N LEU O 240 7.07 21.23 18.78
CA LEU O 240 7.69 21.12 17.46
C LEU O 240 6.69 21.55 16.37
N ASN O 241 7.00 22.68 15.75
CA ASN O 241 6.16 23.24 14.73
C ASN O 241 6.02 22.31 13.49
N ALA O 242 4.85 21.79 13.28
CA ALA O 242 4.42 20.98 12.16
C ALA O 242 3.78 21.78 10.99
N THR O 243 3.43 23.03 11.17
CA THR O 243 2.96 23.94 10.08
C THR O 243 3.80 23.84 8.80
N ALA O 244 3.15 23.59 7.69
CA ALA O 244 3.87 23.34 6.43
C ALA O 244 3.13 24.03 5.27
N GLY O 245 3.76 24.08 4.09
CA GLY O 245 3.03 24.48 2.89
C GLY O 245 1.93 23.53 2.45
N THR O 246 2.08 22.22 2.68
CA THR O 246 1.15 21.21 2.19
C THR O 246 0.75 20.24 3.32
N CYS O 247 -0.40 19.62 3.16
CA CYS O 247 -0.86 18.69 4.14
C CYS O 247 0.14 17.54 4.22
N GLU O 248 0.60 17.04 3.08
CA GLU O 248 1.56 15.93 3.07
C GLU O 248 2.87 16.29 3.78
N GLU O 249 3.43 17.48 3.56
CA GLU O 249 4.59 17.92 4.35
C GLU O 249 4.28 18.04 5.84
N MET O 250 3.13 18.61 6.17
CA MET O 250 2.66 18.67 7.55
C MET O 250 2.61 17.29 8.21
N MET O 251 2.02 16.29 7.54
CA MET O 251 1.90 14.93 8.08
C MET O 251 3.26 14.23 8.12
N LYS O 252 4.14 14.50 7.16
CA LYS O 252 5.54 14.07 7.27
C LYS O 252 6.19 14.55 8.57
N ARG O 253 5.87 15.73 9.01
CA ARG O 253 6.48 16.20 10.25
C ARG O 253 5.83 15.57 11.47
N ALA O 254 4.50 15.49 11.49
CA ALA O 254 3.77 14.83 12.57
C ALA O 254 4.20 13.37 12.75
N VAL O 255 4.34 12.63 11.64
CA VAL O 255 4.88 11.26 11.63
C VAL O 255 6.33 11.17 12.25
N ALA O 257 7.66 13.15 14.50
CA ALA O 257 7.51 13.36 15.96
C ALA O 257 7.02 12.10 16.66
N LYS O 258 5.99 11.49 16.08
CA LYS O 258 5.53 10.16 16.47
C LYS O 258 6.68 9.18 16.58
N GLU O 259 7.53 9.10 15.53
CA GLU O 259 8.60 8.10 15.53
C GLU O 259 9.72 8.43 16.49
N LEU O 260 9.97 9.70 16.73
CA LEU O 260 10.88 10.07 17.80
C LEU O 260 10.31 9.80 19.18
N GLY O 261 9.04 9.50 19.28
CA GLY O 261 8.35 9.31 20.52
C GLY O 261 8.22 10.53 21.39
N VAL O 262 8.30 11.72 20.81
CA VAL O 262 8.27 12.97 21.57
C VAL O 262 6.82 13.39 21.89
N PRO O 263 6.58 14.20 22.93
CA PRO O 263 5.21 14.34 23.42
C PRO O 263 4.31 15.27 22.65
N ILE O 264 4.82 16.31 22.01
CA ILE O 264 3.99 17.41 21.56
C ILE O 264 4.47 18.04 20.24
N ILE O 265 3.52 18.42 19.43
CA ILE O 265 3.76 19.20 18.24
C ILE O 265 2.89 20.43 18.28
N MET O 266 3.04 21.26 17.30
CA MET O 266 2.50 22.60 17.21
C MET O 266 1.94 22.94 15.84
N HIS O 267 0.84 23.65 15.81
CA HIS O 267 0.30 24.15 14.54
C HIS O 267 -0.21 25.58 14.62
N ASP O 268 -0.04 26.33 13.55
CA ASP O 268 -0.53 27.73 13.43
C ASP O 268 -1.86 27.67 12.67
N TYR O 269 -2.94 27.50 13.41
CA TYR O 269 -4.18 27.01 12.80
C TYR O 269 -4.81 28.01 11.86
N LEU O 270 -4.54 29.31 12.04
CA LEU O 270 -5.19 30.33 11.20
C LEU O 270 -4.47 30.56 9.88
N THR O 271 -3.18 30.25 9.83
CA THR O 271 -2.41 30.42 8.62
C THR O 271 -2.29 29.11 7.84
N GLY O 272 -2.14 27.97 8.53
CA GLY O 272 -2.36 26.66 7.91
C GLY O 272 -3.79 26.43 7.46
N GLY O 273 -4.74 26.73 8.29
CA GLY O 273 -6.14 26.60 7.93
C GLY O 273 -6.84 25.57 8.78
N PHE O 274 -8.16 25.74 8.90
CA PHE O 274 -8.97 24.76 9.63
C PHE O 274 -8.96 23.40 8.99
N THR O 275 -8.90 23.31 7.66
CA THR O 275 -8.90 21.97 7.05
C THR O 275 -7.65 21.19 7.49
N ALA O 276 -6.47 21.77 7.36
CA ALA O 276 -5.25 21.14 7.85
C ALA O 276 -5.23 20.95 9.37
N ASN O 277 -5.71 21.92 10.16
CA ASN O 277 -5.68 21.77 11.63
C ASN O 277 -6.51 20.56 12.11
N THR O 278 -7.71 20.39 11.57
CA THR O 278 -8.55 19.26 11.91
C THR O 278 -7.91 17.93 11.50
N SER O 279 -7.36 17.84 10.30
CA SER O 279 -6.57 16.67 9.90
C SER O 279 -5.45 16.39 10.91
N LEU O 280 -4.74 17.42 11.32
CA LEU O 280 -3.65 17.21 12.26
C LEU O 280 -4.16 16.75 13.63
N ALA O 281 -5.20 17.42 14.16
CA ALA O 281 -5.82 17.05 15.44
C ALA O 281 -6.28 15.57 15.44
N ILE O 282 -6.83 15.07 14.36
CA ILE O 282 -7.22 13.66 14.24
C ILE O 282 -5.97 12.75 14.23
N TYR O 283 -4.91 13.13 13.52
CA TYR O 283 -3.66 12.37 13.56
C TYR O 283 -3.15 12.28 15.00
N CYS O 284 -3.20 13.40 15.72
CA CYS O 284 -2.73 13.45 17.08
C CYS O 284 -3.59 12.59 18.03
N ARG O 285 -4.90 12.59 17.86
CA ARG O 285 -5.74 11.69 18.62
C ARG O 285 -5.40 10.24 18.31
N ASP O 286 -5.22 9.90 17.02
CA ASP O 286 -4.91 8.54 16.61
C ASP O 286 -3.50 8.06 17.06
N ASN O 287 -2.54 8.95 17.31
CA ASN O 287 -1.18 8.52 17.64
C ASN O 287 -0.68 9.03 19.02
N GLY O 288 -1.57 9.52 19.87
CA GLY O 288 -1.33 10.05 21.21
C GLY O 288 -0.41 11.27 21.29
N LEU O 289 -0.23 12.03 20.23
CA LEU O 289 0.51 13.30 20.33
C LEU O 289 -0.39 14.40 20.91
N LEU O 290 0.16 15.22 21.77
CA LEU O 290 -0.43 16.51 22.15
C LEU O 290 -0.25 17.60 21.08
N LEU O 291 -1.25 18.47 20.95
CA LEU O 291 -1.24 19.48 19.88
C LEU O 291 -1.31 20.92 20.46
N HIS O 292 -0.20 21.61 20.43
CA HIS O 292 -0.15 23.03 20.80
C HIS O 292 -0.59 23.93 19.63
N ILE O 293 -1.45 24.89 19.88
CA ILE O 293 -1.98 25.69 18.80
C ILE O 293 -1.54 27.16 18.93
N HIS O 294 -0.88 27.66 17.93
CA HIS O 294 -0.49 29.06 17.90
C HIS O 294 -1.41 29.91 17.04
N ARG O 295 -1.66 31.11 17.45
CA ARG O 295 -2.77 31.89 16.86
C ARG O 295 -2.28 33.04 15.98
N ALA O 296 -1.18 32.84 15.26
CA ALA O 296 -0.64 33.87 14.36
C ALA O 296 -1.67 34.29 13.33
N MET O 297 -1.76 35.61 13.13
CA MET O 297 -2.69 36.38 12.27
C MET O 297 -4.03 36.66 12.92
N HIS O 298 -4.25 36.20 14.16
CA HIS O 298 -5.52 36.47 14.82
C HIS O 298 -5.82 37.98 14.85
N ALA O 299 -4.79 38.84 14.99
CA ALA O 299 -5.02 40.28 15.10
C ALA O 299 -5.40 40.92 13.76
N VAL O 300 -5.13 40.26 12.65
CA VAL O 300 -5.65 40.68 11.37
C VAL O 300 -7.18 40.68 11.41
N ILE O 301 -7.77 39.68 12.07
CA ILE O 301 -9.21 39.41 12.16
C ILE O 301 -9.86 39.96 13.44
N ASP O 302 -9.19 39.85 14.56
CA ASP O 302 -9.87 39.95 15.83
C ASP O 302 -9.64 41.24 16.58
N ARG O 303 -8.87 42.17 16.05
CA ARG O 303 -8.45 43.29 16.89
C ARG O 303 -9.48 44.45 16.87
N GLN O 304 -9.93 44.87 15.71
CA GLN O 304 -10.76 46.05 15.65
C GLN O 304 -12.14 45.78 16.23
N ARG O 305 -12.56 46.68 17.10
CA ARG O 305 -13.82 46.52 17.80
C ARG O 305 -15.04 46.54 16.86
N ASN O 306 -14.96 47.22 15.73
CA ASN O 306 -16.16 47.29 14.91
C ASN O 306 -16.19 46.26 13.76
N HIS O 307 -15.09 45.58 13.46
CA HIS O 307 -15.08 44.69 12.31
C HIS O 307 -14.21 43.45 12.53
N GLY O 308 -14.64 42.34 11.98
CA GLY O 308 -13.92 41.11 12.07
C GLY O 308 -14.66 40.07 12.88
N ILE O 309 -13.89 39.25 13.54
CA ILE O 309 -14.38 38.11 14.31
C ILE O 309 -13.61 38.13 15.60
N HIS O 310 -14.31 38.33 16.70
CA HIS O 310 -13.74 38.32 18.03
C HIS O 310 -13.04 36.99 18.29
N PHE O 311 -11.95 37.05 19.02
CA PHE O 311 -11.13 35.87 19.33
C PHE O 311 -11.91 34.73 20.01
N ARG O 312 -12.91 35.04 20.83
CA ARG O 312 -13.67 33.99 21.53
C ARG O 312 -14.34 33.05 20.53
N VAL O 313 -14.77 33.57 19.39
CA VAL O 313 -15.31 32.76 18.32
C VAL O 313 -14.20 31.86 17.73
N LEU O 314 -13.03 32.45 17.45
CA LEU O 314 -11.87 31.75 16.89
C LEU O 314 -11.32 30.70 17.85
N ALA O 315 -11.44 30.95 19.16
CA ALA O 315 -11.09 29.98 20.20
C ALA O 315 -12.07 28.81 20.25
N LYS O 316 -13.37 29.12 20.14
CA LYS O 316 -14.45 28.14 20.09
C LYS O 316 -14.27 27.27 18.84
N ALA O 317 -13.97 27.89 17.70
CA ALA O 317 -13.64 27.17 16.47
C ALA O 317 -12.48 26.21 16.70
N LEU O 318 -11.39 26.70 17.31
CA LEU O 318 -10.22 25.87 17.62
C LEU O 318 -10.59 24.69 18.51
N ARG O 319 -11.34 24.92 19.58
CA ARG O 319 -11.77 23.82 20.44
C ARG O 319 -12.55 22.73 19.67
N MET O 320 -13.33 23.11 18.69
CA MET O 320 -14.03 22.17 17.84
C MET O 320 -13.06 21.49 16.86
N SER O 321 -12.20 22.27 16.18
CA SER O 321 -11.24 21.73 15.21
C SER O 321 -10.24 20.83 15.90
N GLY O 322 -9.74 21.24 17.04
CA GLY O 322 -8.97 20.41 17.89
C GLY O 322 -7.63 21.00 18.20
N GLY O 323 -7.40 21.23 19.46
CA GLY O 323 -6.08 21.60 19.97
C GLY O 323 -5.98 21.35 21.44
N ASP O 324 -4.85 20.85 21.94
CA ASP O 324 -4.72 20.65 23.38
C ASP O 324 -4.31 21.93 24.13
N HIS O 325 -3.50 22.83 23.54
CA HIS O 325 -3.20 24.16 24.12
C HIS O 325 -3.55 25.25 23.12
N LEU O 326 -3.92 26.44 23.59
CA LEU O 326 -4.11 27.57 22.71
C LEU O 326 -3.53 28.88 23.25
N HIS O 327 -2.68 29.52 22.45
CA HIS O 327 -2.23 30.87 22.77
C HIS O 327 -3.39 31.80 23.00
N SER O 328 -3.43 32.35 24.16
CA SER O 328 -4.60 33.08 24.59
C SER O 328 -4.28 34.53 24.95
N GLY O 329 -3.14 35.00 24.60
CA GLY O 329 -2.75 36.36 24.89
C GLY O 329 -1.95 36.58 26.16
N THR O 330 -1.82 37.83 26.50
CA THR O 330 -1.34 38.24 27.80
C THR O 330 -2.41 39.05 28.48
N VAL O 331 -2.41 39.03 29.81
CA VAL O 331 -3.18 39.97 30.59
C VAL O 331 -2.29 41.05 31.23
N VAL O 332 -1.00 41.03 30.97
CA VAL O 332 -0.14 42.13 31.36
C VAL O 332 -0.51 43.38 30.56
N GLY O 333 -0.58 44.51 31.26
CA GLY O 333 -0.88 45.76 30.61
C GLY O 333 -2.32 45.96 30.17
N LYS O 334 -3.25 45.15 30.65
CA LYS O 334 -4.64 45.31 30.26
C LYS O 334 -5.47 45.81 31.43
N LEU O 335 -6.47 46.61 31.11
CA LEU O 335 -7.40 47.11 32.11
C LEU O 335 -8.34 45.98 32.56
N GLU O 336 -9.05 46.21 33.68
CA GLU O 336 -9.97 45.23 34.26
C GLU O 336 -11.05 44.80 33.27
N GLY O 337 -11.53 45.72 32.44
CA GLY O 337 -12.54 45.40 31.46
C GLY O 337 -12.04 44.53 30.32
N GLU O 338 -10.81 44.78 29.86
CA GLU O 338 -10.21 43.89 28.88
C GLU O 338 -9.83 42.55 29.49
N ARG O 339 -9.64 42.52 30.81
CA ARG O 339 -9.35 41.30 31.56
C ARG O 339 -10.61 40.47 31.80
N GLU O 340 -11.76 41.12 32.01
CA GLU O 340 -13.06 40.44 32.02
C GLU O 340 -13.32 39.67 30.72
N VAL O 341 -13.00 40.30 29.58
CA VAL O 341 -13.17 39.66 28.26
C VAL O 341 -12.28 38.43 28.13
N THR O 342 -11.01 38.57 28.48
CA THR O 342 -10.04 37.48 28.38
C THR O 342 -10.46 36.30 29.24
N LEU O 343 -10.90 36.58 30.47
CA LEU O 343 -11.37 35.49 31.30
C LEU O 343 -12.65 34.86 30.77
N GLY O 344 -13.46 35.61 30.02
CA GLY O 344 -14.62 35.02 29.39
C GLY O 344 -14.21 33.93 28.41
N PHE O 345 -13.27 34.24 27.51
CA PHE O 345 -12.97 33.25 26.50
C PHE O 345 -12.11 32.14 27.07
N VAL O 346 -11.39 32.41 28.17
CA VAL O 346 -10.65 31.36 28.85
C VAL O 346 -11.60 30.33 29.44
N ASP O 347 -12.76 30.78 29.96
CA ASP O 347 -13.80 29.86 30.39
C ASP O 347 -14.43 29.08 29.22
N LEU O 348 -14.61 29.72 28.06
CA LEU O 348 -15.12 29.01 26.89
C LEU O 348 -14.13 27.97 26.40
N MET O 349 -12.86 28.20 26.60
CA MET O 349 -11.80 27.29 26.18
C MET O 349 -11.78 26.07 27.10
N ARG O 350 -11.98 26.28 28.39
CA ARG O 350 -11.62 25.28 29.37
C ARG O 350 -12.80 24.51 29.94
N ASP O 351 -13.93 25.16 30.14
CA ASP O 351 -15.04 24.63 30.91
C ASP O 351 -16.00 23.78 30.10
N ASP O 352 -16.78 22.98 30.81
CA ASP O 352 -17.85 22.20 30.20
C ASP O 352 -19.11 23.02 29.92
N TYR O 353 -19.51 23.90 30.81
CA TYR O 353 -20.75 24.63 30.68
C TYR O 353 -20.49 26.10 30.98
N VAL O 354 -20.75 26.99 30.05
CA VAL O 354 -20.56 28.41 30.32
C VAL O 354 -21.88 29.16 30.20
N GLU O 355 -22.25 29.86 31.25
CA GLU O 355 -23.46 30.70 31.28
C GLU O 355 -23.26 32.05 30.62
N LYS O 356 -24.31 32.48 29.95
CA LYS O 356 -24.49 33.85 29.46
C LYS O 356 -24.07 34.92 30.48
N ASP O 357 -23.20 35.82 30.04
CA ASP O 357 -22.59 36.81 30.91
C ASP O 357 -22.08 37.93 30.02
N ARG O 358 -22.90 38.97 29.84
CA ARG O 358 -22.60 40.04 28.88
C ARG O 358 -21.36 40.83 29.26
N SER O 359 -21.17 41.08 30.55
CA SER O 359 -20.04 41.89 30.99
C SER O 359 -18.71 41.17 30.79
N ARG O 360 -18.74 39.86 30.66
CA ARG O 360 -17.58 39.12 30.22
C ARG O 360 -17.62 38.85 28.73
N GLY O 361 -18.51 39.49 27.99
CA GLY O 361 -18.63 39.33 26.55
C GLY O 361 -19.20 38.01 26.07
N ILE O 362 -19.77 37.22 26.96
CA ILE O 362 -20.37 35.95 26.63
C ILE O 362 -21.85 36.17 26.31
N TYR O 363 -22.21 36.00 25.04
CA TYR O 363 -23.57 36.36 24.62
C TYR O 363 -24.52 35.17 24.65
N PHE O 364 -24.01 33.97 24.82
CA PHE O 364 -24.81 32.79 24.68
C PHE O 364 -24.39 31.82 25.77
N THR O 365 -25.31 31.06 26.29
CA THR O 365 -24.96 29.93 27.10
C THR O 365 -24.36 28.84 26.20
N GLN O 366 -23.15 28.41 26.49
CA GLN O 366 -22.44 27.37 25.71
C GLN O 366 -22.35 26.11 26.56
N ASP O 367 -22.89 25.02 26.04
CA ASP O 367 -22.78 23.68 26.61
C ASP O 367 -21.81 22.85 25.75
N TRP O 368 -20.61 22.61 26.27
CA TRP O 368 -19.66 21.83 25.47
C TRP O 368 -19.96 20.36 25.43
N CYS O 369 -20.89 19.85 26.26
CA CYS O 369 -21.41 18.46 26.17
C CYS O 369 -20.29 17.41 26.24
N SER O 370 -19.39 17.59 27.20
CA SER O 370 -18.19 16.86 27.57
C SER O 370 -17.04 16.88 26.54
N MET O 371 -17.07 17.71 25.51
CA MET O 371 -15.89 17.99 24.70
C MET O 371 -14.76 18.50 25.60
N PRO O 372 -13.58 17.88 25.55
CA PRO O 372 -12.46 18.28 26.43
C PRO O 372 -12.08 19.74 26.25
N GLY O 373 -11.71 20.35 27.34
CA GLY O 373 -11.24 21.71 27.34
C GLY O 373 -9.84 21.86 26.77
N VAL O 374 -9.50 23.07 26.44
CA VAL O 374 -8.21 23.46 25.92
C VAL O 374 -7.49 24.32 26.99
N MET O 375 -6.23 24.02 27.21
CA MET O 375 -5.35 24.79 28.08
C MET O 375 -4.97 26.14 27.42
N PRO O 376 -5.38 27.26 27.98
CA PRO O 376 -4.83 28.55 27.55
C PRO O 376 -3.35 28.70 27.84
N VAL O 377 -2.65 29.30 26.92
CA VAL O 377 -1.25 29.68 27.08
C VAL O 377 -1.12 31.21 27.17
N ALA O 378 -0.70 31.68 28.32
CA ALA O 378 -0.56 33.09 28.61
C ALA O 378 0.88 33.54 28.44
N SER O 379 1.05 34.64 27.79
CA SER O 379 2.31 35.36 27.88
C SER O 379 2.46 35.88 29.33
N GLY O 380 3.43 35.33 30.06
CA GLY O 380 3.94 36.02 31.23
C GLY O 380 4.81 37.18 30.83
N GLY O 381 5.03 38.09 31.74
CA GLY O 381 5.78 39.26 31.39
C GLY O 381 7.28 39.02 31.24
N ILE O 382 7.96 40.16 31.14
CA ILE O 382 9.42 40.19 31.09
C ILE O 382 10.00 39.57 32.35
N HIS O 383 9.34 39.74 33.46
CA HIS O 383 9.93 39.36 34.71
C HIS O 383 9.04 38.41 35.50
N VAL O 384 9.55 38.02 36.68
CA VAL O 384 8.91 37.03 37.55
C VAL O 384 7.97 37.64 38.57
N TRP O 385 7.89 38.96 38.63
CA TRP O 385 7.02 39.66 39.57
C TRP O 385 5.57 39.66 39.12
N HIS O 386 5.31 39.32 37.88
CA HIS O 386 3.94 39.11 37.46
C HIS O 386 3.39 37.76 37.87
N MET O 387 4.24 36.85 38.36
CA MET O 387 3.78 35.51 38.75
C MET O 387 2.59 35.48 39.71
N PRO O 388 2.50 36.30 40.78
CA PRO O 388 1.29 36.27 41.62
C PRO O 388 0.00 36.64 40.91
N ALA O 389 0.04 37.65 40.03
CA ALA O 389 -1.14 38.02 39.27
C ALA O 389 -1.57 36.91 38.33
N LEU O 390 -0.64 36.28 37.59
CA LEU O 390 -0.95 35.19 36.66
C LEU O 390 -1.59 34.00 37.37
N VAL O 391 -1.09 33.64 38.54
CA VAL O 391 -1.64 32.49 39.26
C VAL O 391 -3.02 32.79 39.78
N GLU O 392 -3.25 34.02 40.22
CA GLU O 392 -4.55 34.43 40.70
C GLU O 392 -5.57 34.52 39.58
N ILE O 393 -5.18 35.00 38.42
CA ILE O 393 -6.15 35.20 37.35
C ILE O 393 -6.45 33.87 36.64
N PHE O 394 -5.41 33.13 36.25
CA PHE O 394 -5.65 31.95 35.45
C PHE O 394 -6.02 30.74 36.30
N GLY O 395 -5.58 30.68 37.54
CA GLY O 395 -5.59 29.46 38.32
C GLY O 395 -4.57 28.43 37.80
N ASP O 396 -4.74 27.17 38.19
CA ASP O 396 -3.74 26.18 37.82
C ASP O 396 -3.79 25.78 36.33
N ASP O 397 -4.95 25.79 35.68
CA ASP O 397 -5.06 25.19 34.34
C ASP O 397 -4.68 26.17 33.25
N ALA O 398 -3.37 26.34 33.08
CA ALA O 398 -2.80 27.27 32.12
C ALA O 398 -1.31 26.99 31.96
N CYS O 399 -0.78 27.28 30.81
CA CYS O 399 0.65 27.36 30.65
C CYS O 399 1.04 28.83 30.69
N LEU O 400 1.98 29.14 31.49
CA LEU O 400 2.53 30.48 31.50
C LEU O 400 3.79 30.47 30.68
N GLN O 401 3.80 31.24 29.61
CA GLN O 401 4.98 31.34 28.76
C GLN O 401 5.78 32.56 29.14
N PHE O 402 7.07 32.38 29.27
CA PHE O 402 7.98 33.44 29.64
C PHE O 402 8.86 33.74 28.44
N GLY O 403 8.80 35.00 28.00
CA GLY O 403 9.42 35.37 26.73
C GLY O 403 10.88 35.73 26.89
N GLY O 404 11.21 36.27 28.07
CA GLY O 404 12.57 36.54 28.45
C GLY O 404 12.79 36.49 29.96
N GLY O 405 11.85 35.93 30.73
CA GLY O 405 12.10 35.70 32.15
C GLY O 405 13.29 34.79 32.35
N THR O 406 13.23 33.63 31.73
CA THR O 406 14.30 32.66 31.72
C THR O 406 15.60 33.20 31.09
N LEU O 407 15.51 34.09 30.08
CA LEU O 407 16.71 34.40 29.29
C LEU O 407 17.21 35.83 29.52
N GLY O 408 16.35 36.73 29.99
CA GLY O 408 16.88 37.97 30.48
C GLY O 408 17.54 37.82 31.82
N HIS O 409 17.37 36.66 32.47
CA HIS O 409 18.06 36.34 33.71
C HIS O 409 19.56 36.44 33.51
N PRO O 410 20.27 37.06 34.44
CA PRO O 410 21.70 37.32 34.20
C PRO O 410 22.54 36.06 34.20
N TRP O 411 22.12 34.99 34.87
CA TRP O 411 22.93 33.77 34.90
C TRP O 411 22.63 32.80 33.76
N GLY O 412 21.69 33.07 32.87
CA GLY O 412 21.49 32.26 31.69
C GLY O 412 20.17 31.51 31.72
N ASN O 413 19.99 30.62 30.73
CA ASN O 413 18.71 29.93 30.56
C ASN O 413 18.32 29.04 31.76
N ALA O 414 19.19 28.14 32.19
CA ALA O 414 18.78 27.20 33.25
C ALA O 414 18.45 27.88 34.59
N PRO O 415 19.25 28.82 35.12
CA PRO O 415 18.80 29.51 36.36
C PRO O 415 17.57 30.39 36.13
N GLY O 416 17.40 30.92 34.93
CA GLY O 416 16.20 31.65 34.62
C GLY O 416 14.97 30.77 34.64
N ALA O 417 15.06 29.58 34.07
CA ALA O 417 14.02 28.60 34.19
C ALA O 417 13.77 28.27 35.64
N ALA O 418 14.85 28.10 36.40
CA ALA O 418 14.71 27.72 37.80
C ALA O 418 14.09 28.85 38.63
N ALA O 419 14.39 30.09 38.28
CA ALA O 419 13.77 31.24 38.93
C ALA O 419 12.27 31.32 38.63
N ASN O 420 11.86 31.07 37.39
CA ASN O 420 10.43 31.03 37.07
C ASN O 420 9.70 29.91 37.80
N ARG O 421 10.31 28.73 37.91
CA ARG O 421 9.67 27.58 38.54
C ARG O 421 9.52 27.79 40.05
N VAL O 422 10.53 28.37 40.69
CA VAL O 422 10.47 28.69 42.12
C VAL O 422 9.35 29.69 42.41
N ALA O 423 9.30 30.77 41.63
CA ALA O 423 8.27 31.79 41.77
C ALA O 423 6.86 31.26 41.56
N LEU O 424 6.66 30.38 40.56
CA LEU O 424 5.37 29.77 40.33
C LEU O 424 4.98 28.88 41.49
N GLU O 425 5.94 28.10 41.98
CA GLU O 425 5.64 27.14 43.04
C GLU O 425 5.38 27.85 44.38
N ALA O 426 6.11 28.94 44.67
CA ALA O 426 5.89 29.70 45.91
C ALA O 426 4.56 30.44 45.88
N CYS O 427 4.19 31.00 44.73
CA CYS O 427 2.86 31.59 44.56
C CYS O 427 1.77 30.52 44.66
N THR O 428 2.02 29.31 44.15
CA THR O 428 1.05 28.24 44.27
C THR O 428 0.87 27.81 45.73
N GLN O 429 1.98 27.62 46.42
CA GLN O 429 1.97 27.31 47.85
C GLN O 429 1.22 28.37 48.65
N ALA O 430 1.49 29.64 48.38
CA ALA O 430 0.88 30.74 49.11
C ALA O 430 -0.63 30.84 48.84
N ARG O 431 -1.05 30.66 47.59
CA ARG O 431 -2.45 30.55 47.22
C ARG O 431 -3.15 29.42 47.95
N ASN O 432 -2.54 28.23 48.04
CA ASN O 432 -3.21 27.11 48.70
C ASN O 432 -3.33 27.36 50.21
N GLU O 433 -2.36 28.03 50.79
CA GLU O 433 -2.36 28.47 52.20
C GLU O 433 -3.33 29.59 52.48
N GLY O 434 -4.13 30.04 51.55
CA GLY O 434 -5.15 31.03 51.77
C GLY O 434 -4.69 32.47 51.68
N ARG O 435 -3.45 32.73 51.26
CA ARG O 435 -2.99 34.10 51.14
C ARG O 435 -3.55 34.78 49.90
N ASP O 436 -3.73 36.08 50.00
CA ASP O 436 -4.27 36.91 48.94
C ASP O 436 -3.14 37.34 48.03
N LEU O 437 -3.08 36.78 46.81
CA LEU O 437 -1.98 37.08 45.93
C LEU O 437 -2.06 38.47 45.34
N ALA O 438 -3.25 39.06 45.29
CA ALA O 438 -3.39 40.45 44.87
C ALA O 438 -2.66 41.39 45.82
N ARG O 439 -2.72 41.09 47.11
CA ARG O 439 -2.09 41.96 48.08
C ARG O 439 -0.67 41.52 48.38
N GLU O 440 -0.50 40.23 48.69
CA GLU O 440 0.68 39.70 49.33
C GLU O 440 1.67 39.06 48.37
N GLY O 441 1.49 39.24 47.06
CA GLY O 441 2.31 38.51 46.11
C GLY O 441 3.74 38.98 46.07
N GLY O 442 3.95 40.29 46.23
CA GLY O 442 5.29 40.83 46.39
C GLY O 442 5.97 40.29 47.63
N ASP O 443 5.23 40.15 48.72
CA ASP O 443 5.76 39.54 49.93
C ASP O 443 6.05 38.05 49.77
N VAL O 444 5.29 37.35 48.90
CA VAL O 444 5.58 35.93 48.63
C VAL O 444 6.88 35.77 47.85
N ILE O 445 7.09 36.61 46.85
CA ILE O 445 8.29 36.53 46.03
C ILE O 445 9.55 36.88 46.83
N ARG O 446 9.50 38.00 47.59
CA ARG O 446 10.64 38.41 48.42
C ARG O 446 11.01 37.36 49.46
N SER O 447 10.04 36.65 49.99
CA SER O 447 10.28 35.59 50.93
C SER O 447 10.91 34.35 50.27
N ALA O 448 10.61 34.11 48.98
CA ALA O 448 11.25 33.01 48.29
C ALA O 448 12.66 33.38 47.83
N CYS O 449 12.91 34.68 47.62
CA CYS O 449 14.25 35.18 47.29
C CYS O 449 15.27 34.91 48.38
N LYS O 450 14.83 34.80 49.64
CA LYS O 450 15.76 34.59 50.75
C LYS O 450 16.46 33.25 50.64
N TRP O 451 15.76 32.21 50.26
CA TRP O 451 16.41 30.91 50.11
C TRP O 451 16.76 30.54 48.66
N SER O 452 16.25 31.21 47.64
CA SER O 452 16.57 30.81 46.27
C SER O 452 17.52 31.84 45.68
N PRO O 453 18.79 31.50 45.46
CA PRO O 453 19.69 32.47 44.82
C PRO O 453 19.33 32.81 43.39
N GLU O 454 18.73 31.86 42.65
CA GLU O 454 18.33 32.15 41.28
C GLU O 454 17.20 33.16 41.24
N LEU O 455 16.17 32.96 42.06
CA LEU O 455 15.09 33.93 42.14
C LEU O 455 15.58 35.28 42.68
N ALA O 456 16.51 35.27 43.64
CA ALA O 456 17.07 36.52 44.15
C ALA O 456 17.83 37.29 43.08
N ALA O 457 18.54 36.59 42.19
CA ALA O 457 19.23 37.27 41.09
C ALA O 457 18.26 37.77 40.01
N ALA O 458 17.12 37.11 39.82
CA ALA O 458 16.14 37.62 38.87
C ALA O 458 15.46 38.88 39.41
N CYS O 459 15.27 38.96 40.72
CA CYS O 459 14.60 40.12 41.31
C CYS O 459 15.55 41.29 41.51
N GLU O 460 16.86 41.07 41.40
CA GLU O 460 17.84 42.16 41.34
C GLU O 460 17.63 43.01 40.10
N VAL O 461 17.38 42.37 38.96
CA VAL O 461 16.84 43.00 37.77
C VAL O 461 15.53 43.72 38.08
N MET P 46 -51.31 -19.71 -22.86
CA MET P 46 -50.08 -19.35 -22.17
C MET P 46 -49.31 -18.50 -23.16
N MET P 47 -49.06 -17.26 -22.79
CA MET P 47 -48.51 -16.24 -23.67
C MET P 47 -47.08 -15.90 -23.21
N VAL P 48 -46.28 -15.28 -24.08
CA VAL P 48 -44.87 -14.94 -23.79
C VAL P 48 -44.71 -13.43 -23.79
N TRP P 49 -44.28 -12.87 -22.66
CA TRP P 49 -43.95 -11.45 -22.58
C TRP P 49 -42.82 -11.13 -23.54
N THR P 50 -43.06 -10.27 -24.50
CA THR P 50 -42.08 -10.14 -25.57
C THR P 50 -40.86 -9.31 -25.13
N PRO P 51 -39.65 -9.75 -25.46
CA PRO P 51 -38.43 -8.95 -25.24
C PRO P 51 -38.13 -7.97 -26.37
N VAL P 52 -38.89 -7.97 -27.46
CA VAL P 52 -38.53 -7.17 -28.63
C VAL P 52 -39.35 -5.89 -28.59
N ASN P 53 -38.69 -4.75 -28.79
CA ASN P 53 -39.32 -3.44 -28.95
C ASN P 53 -40.35 -3.15 -27.86
N ASN P 54 -40.05 -3.48 -26.64
CA ASN P 54 -41.03 -3.48 -25.59
C ASN P 54 -40.52 -2.65 -24.40
N LYS P 55 -39.95 -1.50 -24.70
CA LYS P 55 -39.44 -0.57 -23.69
C LYS P 55 -40.53 0.04 -22.78
N MET P 56 -40.20 0.23 -21.52
CA MET P 56 -41.10 0.81 -20.52
C MET P 56 -40.57 2.14 -19.99
N PHE P 57 -41.45 3.00 -19.51
CA PHE P 57 -41.00 4.32 -19.10
C PHE P 57 -41.37 4.71 -17.69
N GLU P 58 -41.21 3.72 -16.82
CA GLU P 58 -41.50 3.75 -15.38
C GLU P 58 -42.99 3.82 -15.01
N THR P 59 -43.35 4.69 -14.08
CA THR P 59 -44.72 4.67 -13.60
C THR P 59 -45.83 4.85 -14.65
N PHE P 60 -46.78 3.94 -14.59
CA PHE P 60 -47.97 3.82 -15.46
C PHE P 60 -47.70 3.26 -16.87
N SER P 61 -46.45 2.95 -17.20
CA SER P 61 -46.17 2.42 -18.55
C SER P 61 -46.70 1.00 -18.77
N TYR P 62 -47.10 0.32 -17.73
CA TYR P 62 -47.69 -0.99 -17.91
C TYR P 62 -49.22 -0.90 -18.05
N LEU P 63 -49.80 0.29 -17.97
CA LEU P 63 -51.22 0.55 -18.21
C LEU P 63 -51.41 0.97 -19.66
N PRO P 64 -52.64 0.93 -20.20
CA PRO P 64 -52.89 1.62 -21.48
C PRO P 64 -52.54 3.10 -21.37
N PRO P 65 -52.20 3.76 -22.49
CA PRO P 65 -51.88 5.20 -22.44
C PRO P 65 -53.02 6.01 -21.83
N LEU P 66 -52.66 6.90 -20.94
CA LEU P 66 -53.68 7.59 -20.19
C LEU P 66 -54.40 8.54 -21.14
N SER P 67 -55.72 8.45 -21.16
CA SER P 67 -56.53 9.41 -21.90
C SER P 67 -56.46 10.78 -21.25
N ASP P 68 -57.06 11.76 -21.94
CA ASP P 68 -57.08 13.12 -21.45
C ASP P 68 -57.80 13.23 -20.11
N GLU P 69 -58.87 12.45 -19.97
CA GLU P 69 -59.60 12.37 -18.71
C GLU P 69 -58.71 11.75 -17.62
N GLN P 70 -57.94 10.72 -17.98
CA GLN P 70 -57.04 10.09 -17.03
C GLN P 70 -55.89 11.01 -16.66
N ILE P 71 -55.39 11.82 -17.61
CA ILE P 71 -54.35 12.77 -17.26
C ILE P 71 -54.89 13.87 -16.36
N ALA P 72 -56.11 14.33 -16.66
CA ALA P 72 -56.76 15.38 -15.87
C ALA P 72 -57.00 14.94 -14.43
N ALA P 73 -57.36 13.68 -14.24
CA ALA P 73 -57.57 13.17 -12.89
C ALA P 73 -56.25 13.04 -12.12
N GLN P 74 -55.15 12.65 -12.79
CA GLN P 74 -53.84 12.67 -12.15
C GLN P 74 -53.42 14.09 -11.79
N VAL P 75 -53.70 15.07 -12.66
CA VAL P 75 -53.37 16.46 -12.37
C VAL P 75 -54.17 16.99 -11.17
N ASP P 76 -55.43 16.57 -11.05
CA ASP P 76 -56.21 16.84 -9.85
C ASP P 76 -55.57 16.28 -8.59
N TYR P 77 -54.97 15.08 -8.68
CA TYR P 77 -54.23 14.56 -7.54
C TYR P 77 -53.02 15.42 -7.23
N ILE P 78 -52.30 15.88 -8.25
CA ILE P 78 -51.15 16.78 -8.08
C ILE P 78 -51.56 18.08 -7.41
N VAL P 79 -52.64 18.69 -7.89
CA VAL P 79 -53.05 20.01 -7.41
C VAL P 79 -53.55 19.95 -5.97
N ALA P 80 -54.39 18.96 -5.65
CA ALA P 80 -54.93 18.80 -4.29
C ALA P 80 -53.84 18.63 -3.25
N ASN P 81 -52.75 17.96 -3.62
CA ASN P 81 -51.64 17.79 -2.71
C ASN P 81 -50.76 19.02 -2.60
N GLY P 82 -51.03 20.10 -3.32
CA GLY P 82 -50.13 21.23 -3.36
C GLY P 82 -48.85 21.00 -4.14
N TRP P 83 -48.84 20.03 -5.04
CA TRP P 83 -47.64 19.71 -5.77
C TRP P 83 -47.52 20.57 -7.02
N ILE P 84 -46.31 20.65 -7.54
CA ILE P 84 -46.03 21.49 -8.69
C ILE P 84 -45.85 20.60 -9.90
N PRO P 85 -46.78 20.61 -10.85
CA PRO P 85 -46.59 19.87 -12.11
C PRO P 85 -45.52 20.51 -12.98
N CYS P 86 -44.85 19.69 -13.78
CA CYS P 86 -43.89 20.12 -14.77
C CYS P 86 -43.88 19.09 -15.89
N LEU P 87 -43.64 19.51 -17.11
CA LEU P 87 -43.50 18.55 -18.20
C LEU P 87 -42.04 18.40 -18.60
N GLU P 88 -41.68 17.22 -19.02
CA GLU P 88 -40.36 16.91 -19.56
C GLU P 88 -40.47 16.07 -20.81
N PHE P 89 -39.48 16.20 -21.68
CA PHE P 89 -39.51 15.51 -22.95
C PHE P 89 -38.10 15.07 -23.36
N ALA P 90 -38.06 14.06 -24.21
CA ALA P 90 -36.88 13.41 -24.75
C ALA P 90 -37.17 12.85 -26.15
N GLU P 91 -36.17 12.96 -27.00
CA GLU P 91 -36.22 12.29 -28.29
C GLU P 91 -36.00 10.78 -27.96
N SER P 92 -36.36 9.90 -28.88
CA SER P 92 -36.28 8.46 -28.57
C SER P 92 -34.90 7.96 -28.17
N ASP P 93 -33.84 8.46 -28.77
CA ASP P 93 -32.48 8.04 -28.46
C ASP P 93 -31.99 8.52 -27.07
N LYS P 94 -32.75 9.40 -26.44
CA LYS P 94 -32.43 9.90 -25.14
C LYS P 94 -33.47 9.51 -24.14
N ALA P 95 -34.50 8.82 -24.57
CA ALA P 95 -35.60 8.46 -23.70
C ALA P 95 -35.34 7.42 -22.61
N TYR P 96 -34.57 6.39 -22.89
CA TYR P 96 -34.32 5.35 -21.88
C TYR P 96 -32.89 5.25 -21.36
N VAL P 97 -32.70 4.64 -20.20
CA VAL P 97 -31.38 4.59 -19.59
C VAL P 97 -30.30 3.96 -20.46
N SER P 98 -29.13 4.58 -20.42
CA SER P 98 -27.98 4.15 -21.19
C SER P 98 -26.70 4.36 -20.37
N ASN P 99 -25.61 3.72 -20.78
CA ASN P 99 -24.31 3.77 -20.11
C ASN P 99 -23.17 4.44 -20.87
N GLU P 100 -23.43 5.26 -21.87
CA GLU P 100 -22.32 5.62 -22.76
C GLU P 100 -21.28 6.54 -22.12
N SER P 101 -21.66 7.44 -21.19
CA SER P 101 -20.68 8.29 -20.50
C SER P 101 -19.67 7.51 -19.64
N ALA P 102 -19.98 6.27 -19.28
CA ALA P 102 -19.11 5.48 -18.41
C ALA P 102 -17.78 5.12 -19.04
N ILE P 103 -17.63 5.31 -20.35
CA ILE P 103 -16.34 5.16 -21.01
C ILE P 103 -15.29 6.07 -20.38
N ARG P 104 -15.69 7.26 -19.89
CA ARG P 104 -14.76 8.22 -19.28
C ARG P 104 -14.37 7.87 -17.85
N PHE P 105 -15.05 6.95 -17.23
CA PHE P 105 -14.96 6.75 -15.78
C PHE P 105 -13.88 5.78 -15.40
N GLY P 106 -13.32 5.94 -14.20
CA GLY P 106 -12.74 4.85 -13.45
C GLY P 106 -13.79 3.86 -12.87
N SER P 107 -13.68 3.38 -11.65
CA SER P 107 -14.65 2.38 -11.17
C SER P 107 -15.82 2.97 -10.41
N VAL P 108 -16.46 4.00 -10.92
CA VAL P 108 -17.51 4.67 -10.18
C VAL P 108 -18.80 4.66 -10.98
N SER P 109 -19.05 3.63 -11.77
CA SER P 109 -20.34 3.63 -12.52
C SER P 109 -21.58 3.28 -11.67
N CYS P 110 -21.40 2.80 -10.44
CA CYS P 110 -22.48 2.36 -9.57
C CYS P 110 -23.62 3.38 -9.40
N LEU P 111 -24.80 3.02 -9.89
CA LEU P 111 -26.00 3.87 -9.93
C LEU P 111 -25.85 5.14 -10.79
N TYR P 112 -24.82 5.26 -11.57
CA TYR P 112 -24.77 6.24 -12.64
C TYR P 112 -25.49 5.69 -13.87
N TYR P 113 -26.36 6.47 -14.44
CA TYR P 113 -26.85 6.13 -15.77
C TYR P 113 -27.17 7.42 -16.51
N ASP P 114 -26.91 7.45 -17.79
CA ASP P 114 -27.28 8.58 -18.61
C ASP P 114 -28.77 8.45 -18.99
N ASN P 115 -29.38 9.59 -19.36
CA ASN P 115 -30.77 9.79 -19.84
C ASN P 115 -31.84 9.68 -18.74
N ARG P 116 -31.48 9.63 -17.46
CA ARG P 116 -32.48 9.87 -16.42
C ARG P 116 -33.02 11.27 -16.50
N TYR P 117 -32.17 12.25 -16.60
CA TYR P 117 -32.60 13.61 -16.89
C TYR P 117 -33.22 13.66 -18.29
N TRP P 118 -34.40 14.20 -18.39
CA TRP P 118 -34.95 14.66 -19.67
C TRP P 118 -34.87 16.19 -19.78
N THR P 119 -35.44 16.77 -20.82
CA THR P 119 -35.39 18.21 -21.02
C THR P 119 -36.71 18.85 -20.56
N MET P 120 -36.62 19.88 -19.74
CA MET P 120 -37.79 20.57 -19.22
C MET P 120 -38.56 21.36 -20.30
N TRP P 121 -39.88 21.28 -20.27
CA TRP P 121 -40.70 22.03 -21.20
C TRP P 121 -41.12 23.25 -20.40
N LYS P 122 -40.65 24.40 -20.82
CA LYS P 122 -40.93 25.68 -20.15
C LYS P 122 -40.53 25.61 -18.69
N LEU P 123 -41.42 25.99 -17.79
CA LEU P 123 -41.09 25.97 -16.38
C LEU P 123 -42.10 25.23 -15.52
N PRO P 124 -41.67 24.79 -14.33
CA PRO P 124 -42.61 24.22 -13.37
C PRO P 124 -43.74 25.20 -13.17
N MET P 125 -44.94 24.68 -13.19
CA MET P 125 -46.15 25.49 -13.22
C MET P 125 -46.52 25.86 -11.79
N PHE P 126 -45.79 26.84 -11.26
CA PHE P 126 -46.02 27.30 -9.90
C PHE P 126 -47.40 27.94 -9.86
N GLY P 127 -48.17 27.56 -8.86
CA GLY P 127 -49.52 28.03 -8.66
C GLY P 127 -50.56 27.39 -9.55
N CYS P 128 -50.23 26.28 -10.19
CA CYS P 128 -51.20 25.54 -10.99
C CYS P 128 -52.31 25.01 -10.11
N ARG P 129 -53.52 25.41 -10.44
CA ARG P 129 -54.72 24.99 -9.75
C ARG P 129 -55.70 24.31 -10.68
N ASP P 130 -55.70 24.68 -11.95
CA ASP P 130 -56.63 24.13 -12.89
C ASP P 130 -55.95 23.13 -13.80
N PRO P 131 -56.53 21.96 -14.05
CA PRO P 131 -55.85 20.95 -14.86
C PRO P 131 -55.81 21.23 -16.35
N MET P 132 -56.51 22.25 -16.83
CA MET P 132 -56.61 22.45 -18.26
C MET P 132 -55.36 23.12 -18.80
N GLN P 133 -54.60 23.78 -17.94
CA GLN P 133 -53.31 24.34 -18.31
C GLN P 133 -52.29 23.26 -18.63
N VAL P 134 -52.25 22.19 -17.83
CA VAL P 134 -51.33 21.09 -18.09
C VAL P 134 -51.71 20.40 -19.38
N LEU P 135 -53.02 20.21 -19.60
CA LEU P 135 -53.49 19.57 -20.83
C LEU P 135 -53.18 20.40 -22.06
N ARG P 136 -53.27 21.72 -21.94
CA ARG P 136 -52.86 22.61 -23.03
C ARG P 136 -51.33 22.55 -23.25
N GLU P 137 -50.55 22.53 -22.17
CA GLU P 137 -49.11 22.44 -22.30
C GLU P 137 -48.66 21.11 -22.86
N ILE P 138 -49.38 20.02 -22.57
CA ILE P 138 -49.08 18.72 -23.16
C ILE P 138 -49.25 18.78 -24.67
N VAL P 139 -50.37 19.34 -25.12
CA VAL P 139 -50.62 19.52 -26.55
C VAL P 139 -49.54 20.38 -27.19
N ALA P 140 -49.18 21.50 -26.56
CA ALA P 140 -48.15 22.38 -27.12
C ALA P 140 -46.78 21.70 -27.23
N CYS P 141 -46.38 20.93 -26.22
CA CYS P 141 -45.10 20.22 -26.27
C CYS P 141 -45.08 19.19 -27.38
N THR P 142 -46.16 18.42 -27.51
CA THR P 142 -46.21 17.38 -28.53
C THR P 142 -46.31 17.97 -29.92
N LYS P 143 -46.93 19.14 -30.04
CA LYS P 143 -46.98 19.85 -31.31
C LYS P 143 -45.59 20.35 -31.71
N ALA P 144 -44.85 20.92 -30.76
CA ALA P 144 -43.48 21.35 -31.06
C ALA P 144 -42.55 20.16 -31.24
N PHE P 145 -42.80 19.05 -30.58
CA PHE P 145 -41.87 17.92 -30.61
C PHE P 145 -42.63 16.64 -30.91
N PRO P 146 -42.94 16.39 -32.18
CA PRO P 146 -43.79 15.22 -32.49
C PRO P 146 -43.08 13.89 -32.37
N ASP P 147 -41.76 13.87 -32.48
CA ASP P 147 -41.02 12.64 -32.32
C ASP P 147 -40.53 12.41 -30.88
N ALA P 148 -41.05 13.13 -29.90
CA ALA P 148 -40.60 13.09 -28.52
C ALA P 148 -41.55 12.35 -27.59
N TYR P 149 -41.00 11.53 -26.71
CA TYR P 149 -41.75 11.12 -25.51
C TYR P 149 -41.96 12.34 -24.59
N VAL P 150 -43.08 12.41 -23.90
CA VAL P 150 -43.38 13.51 -22.98
C VAL P 150 -43.80 12.94 -21.64
N ARG P 151 -43.18 13.36 -20.58
CA ARG P 151 -43.56 12.89 -19.27
C ARG P 151 -44.00 14.05 -18.40
N LEU P 152 -44.94 13.75 -17.52
CA LEU P 152 -45.46 14.70 -16.56
C LEU P 152 -44.87 14.40 -15.21
N VAL P 153 -44.19 15.37 -14.64
CA VAL P 153 -43.58 15.13 -13.35
C VAL P 153 -44.26 16.05 -12.35
N ALA P 154 -43.99 15.83 -11.10
CA ALA P 154 -44.52 16.66 -10.04
C ALA P 154 -43.51 16.77 -8.91
N PHE P 155 -43.43 17.94 -8.35
CA PHE P 155 -42.47 18.29 -7.30
C PHE P 155 -43.24 18.65 -6.05
N ASP P 156 -42.77 18.19 -4.91
CA ASP P 156 -43.36 18.53 -3.63
C ASP P 156 -42.41 19.45 -2.91
N ASN P 157 -42.81 20.72 -2.82
CA ASN P 157 -41.93 21.75 -2.28
C ASN P 157 -41.77 21.60 -0.78
N GLN P 158 -42.69 20.89 -0.12
CA GLN P 158 -42.47 20.57 1.29
C GLN P 158 -41.27 19.66 1.47
N LYS P 159 -41.30 18.50 0.85
CA LYS P 159 -40.22 17.55 0.97
C LYS P 159 -39.06 17.88 0.02
N GLN P 160 -39.18 18.96 -0.77
CA GLN P 160 -38.19 19.46 -1.76
C GLN P 160 -37.60 18.33 -2.62
N VAL P 161 -38.46 17.66 -3.39
CA VAL P 161 -38.08 16.47 -4.14
C VAL P 161 -39.14 16.18 -5.21
N GLN P 162 -38.69 15.71 -6.37
CA GLN P 162 -39.61 15.10 -7.32
C GLN P 162 -40.39 13.98 -6.69
N ILE P 163 -41.70 13.99 -6.90
CA ILE P 163 -42.59 13.05 -6.23
C ILE P 163 -43.46 12.27 -7.21
N MET P 164 -43.63 12.73 -8.45
CA MET P 164 -44.27 11.92 -9.48
C MET P 164 -43.49 12.00 -10.78
N GLY P 165 -43.77 11.04 -11.64
CA GLY P 165 -43.31 11.04 -13.00
C GLY P 165 -43.91 9.87 -13.74
N PHE P 166 -44.71 10.17 -14.73
CA PHE P 166 -45.38 9.19 -15.56
C PHE P 166 -45.50 9.79 -16.92
N LEU P 167 -45.61 8.92 -17.88
CA LEU P 167 -45.57 9.28 -19.28
C LEU P 167 -46.96 9.71 -19.76
N VAL P 168 -47.02 10.75 -20.57
CA VAL P 168 -48.28 11.18 -21.17
C VAL P 168 -48.28 11.06 -22.67
N GLN P 169 -47.15 10.88 -23.31
CA GLN P 169 -47.17 10.78 -24.74
C GLN P 169 -45.99 9.96 -25.23
N ARG P 170 -46.29 9.03 -26.11
CA ARG P 170 -45.31 8.32 -26.87
C ARG P 170 -45.34 8.83 -28.29
N PRO P 171 -44.20 8.95 -28.96
CA PRO P 171 -44.24 9.30 -30.37
C PRO P 171 -44.62 8.08 -31.19
N LYS P 172 -45.51 8.32 -32.15
CA LYS P 172 -45.90 7.32 -33.14
C LYS P 172 -44.68 6.74 -33.86
N SER P 173 -43.72 7.59 -34.22
CA SER P 173 -42.56 7.14 -34.97
C SER P 173 -41.60 6.29 -34.13
N ALA P 174 -41.79 6.21 -32.82
CA ALA P 174 -40.99 5.32 -32.01
C ALA P 174 -41.40 3.87 -32.24
N ARG P 175 -40.46 3.08 -32.69
CA ARG P 175 -40.70 1.65 -32.74
C ARG P 175 -40.24 0.92 -31.47
N ASP P 176 -39.63 1.63 -30.53
CA ASP P 176 -39.05 1.05 -29.30
C ASP P 176 -40.07 0.42 -28.34
N TRP P 177 -41.37 0.68 -28.50
CA TRP P 177 -42.36 0.32 -27.50
C TRP P 177 -43.56 -0.42 -28.09
N GLN P 178 -44.28 -1.10 -27.28
CA GLN P 178 -45.36 -1.92 -27.83
C GLN P 178 -46.72 -1.38 -27.46
N PRO P 179 -47.66 -1.39 -28.44
CA PRO P 179 -48.99 -0.82 -28.25
C PRO P 179 -49.97 -1.70 -27.52
N ALA P 180 -49.54 -2.24 -26.37
CA ALA P 180 -50.35 -2.99 -25.41
C ALA P 180 -51.00 -4.23 -25.99
N ASN P 181 -50.39 -4.76 -27.07
CA ASN P 181 -50.47 -6.13 -27.58
C ASN P 181 -49.06 -6.74 -27.55
N LYS P 182 -48.46 -6.67 -26.35
CA LYS P 182 -47.12 -7.03 -25.92
C LYS P 182 -47.01 -8.37 -25.21
N ARG P 183 -48.11 -9.06 -25.00
CA ARG P 183 -48.23 -10.51 -24.81
C ARG P 183 -47.38 -11.12 -23.72
N ARG Q 3 -13.00 27.35 43.49
CA ARG Q 3 -12.11 27.11 44.62
C ARG Q 3 -12.55 27.91 45.84
N VAL Q 4 -12.73 27.21 46.96
CA VAL Q 4 -13.16 27.84 48.19
C VAL Q 4 -11.95 28.38 48.96
N SER Q 5 -12.18 29.37 49.82
CA SER Q 5 -11.10 29.96 50.64
C SER Q 5 -10.65 28.95 51.71
N PRO Q 6 -9.37 28.52 51.74
CA PRO Q 6 -8.90 27.55 52.71
C PRO Q 6 -8.88 28.09 54.15
N THR Q 7 -9.80 27.66 55.01
CA THR Q 7 -9.76 28.09 56.41
C THR Q 7 -8.79 27.19 57.17
N ARG Q 8 -7.82 27.80 57.85
CA ARG Q 8 -6.79 27.09 58.60
C ARG Q 8 -7.31 26.30 59.81
N SER Q 9 -6.72 25.12 60.04
CA SER Q 9 -7.09 24.27 61.17
C SER Q 9 -6.00 24.34 62.22
N VAL Q 10 -6.32 24.76 63.44
CA VAL Q 10 -5.30 24.76 64.46
C VAL Q 10 -4.94 23.33 64.80
N LEU Q 11 -3.64 23.06 64.84
CA LEU Q 11 -3.17 21.74 65.19
C LEU Q 11 -3.30 21.58 66.70
N PRO Q 12 -3.38 20.32 67.17
CA PRO Q 12 -3.49 20.04 68.60
C PRO Q 12 -2.24 20.54 69.34
N ALA Q 13 -2.40 20.92 70.60
CA ALA Q 13 -1.29 21.46 71.39
C ALA Q 13 -0.11 20.50 71.51
N ASN Q 14 -0.39 19.21 71.65
CA ASN Q 14 0.63 18.19 71.78
C ASN Q 14 1.00 17.56 70.43
N TRP Q 15 0.57 18.14 69.31
CA TRP Q 15 0.85 17.55 68.01
C TRP Q 15 2.34 17.39 67.75
N ARG Q 16 3.13 18.36 68.12
CA ARG Q 16 4.55 18.24 67.92
C ARG Q 16 4.98 17.04 68.75
N GLN Q 17 4.38 16.87 69.94
CA GLN Q 17 4.77 15.77 70.80
C GLN Q 17 4.19 14.44 70.30
N GLU Q 18 3.05 14.49 69.62
CA GLU Q 18 2.42 13.30 69.02
C GLU Q 18 3.16 12.67 67.81
N LEU Q 19 3.61 13.51 66.88
CA LEU Q 19 4.35 13.07 65.70
C LEU Q 19 5.73 12.56 66.06
N GLU Q 20 6.36 13.18 67.05
CA GLU Q 20 7.69 12.77 67.46
C GLU Q 20 7.68 11.34 68.02
N SER Q 21 6.65 11.00 68.80
CA SER Q 21 6.54 9.66 69.37
C SER Q 21 6.35 8.61 68.28
N LEU Q 22 5.53 8.95 67.30
CA LEU Q 22 5.23 8.03 66.21
C LEU Q 22 6.45 7.71 65.35
N ARG Q 23 7.27 8.72 65.11
CA ARG Q 23 8.47 8.56 64.28
C ARG Q 23 9.43 7.55 64.89
N ASN Q 24 9.58 7.60 66.20
CA ASN Q 24 10.47 6.70 66.92
C ASN Q 24 10.00 5.24 66.83
N ARG R 3 -25.98 -42.43 -18.18
CA ARG R 3 -26.80 -42.18 -19.36
C ARG R 3 -27.54 -43.43 -19.80
N VAL R 4 -28.84 -43.30 -20.06
CA VAL R 4 -29.65 -44.41 -20.49
C VAL R 4 -29.69 -44.48 -22.01
N SER R 5 -29.97 -45.68 -22.54
CA SER R 5 -30.07 -45.88 -24.01
C SER R 5 -31.33 -45.18 -24.55
N PRO R 6 -31.20 -44.22 -25.48
CA PRO R 6 -32.35 -43.50 -26.02
C PRO R 6 -33.26 -44.40 -26.87
N THR R 7 -34.43 -44.78 -26.38
CA THR R 7 -35.37 -45.56 -27.20
C THR R 7 -36.17 -44.59 -28.08
N ARG R 8 -36.16 -44.84 -29.38
CA ARG R 8 -36.85 -43.98 -30.36
C ARG R 8 -38.38 -43.98 -30.25
N SER R 9 -38.98 -42.82 -30.46
CA SER R 9 -40.43 -42.67 -30.41
C SER R 9 -40.97 -42.51 -31.83
N VAL R 10 -41.87 -43.40 -32.26
CA VAL R 10 -42.42 -43.23 -33.58
C VAL R 10 -43.30 -42.00 -33.60
N LEU R 11 -43.11 -41.17 -34.60
CA LEU R 11 -43.93 -39.98 -34.74
C LEU R 11 -45.28 -40.40 -35.30
N PRO R 12 -46.30 -39.58 -35.05
CA PRO R 12 -47.66 -39.87 -35.53
C PRO R 12 -47.71 -39.86 -37.07
N ALA R 13 -48.62 -40.63 -37.64
CA ALA R 13 -48.71 -40.75 -39.09
C ALA R 13 -48.95 -39.42 -39.79
N ASN R 14 -49.77 -38.56 -39.19
CA ASN R 14 -50.08 -37.26 -39.74
C ASN R 14 -49.16 -36.14 -39.22
N TRP R 15 -48.06 -36.51 -38.55
CA TRP R 15 -47.19 -35.48 -37.98
C TRP R 15 -46.64 -34.54 -39.05
N ARG R 16 -46.27 -35.06 -40.19
CA ARG R 16 -45.79 -34.20 -41.24
C ARG R 16 -46.94 -33.28 -41.60
N GLN R 17 -48.17 -33.81 -41.61
CA GLN R 17 -49.32 -33.00 -41.96
C GLN R 17 -49.72 -32.05 -40.84
N GLU R 18 -49.45 -32.45 -39.60
CA GLU R 18 -49.71 -31.60 -38.42
C GLU R 18 -48.83 -30.35 -38.25
N LEU R 19 -47.52 -30.49 -38.47
CA LEU R 19 -46.56 -29.41 -38.39
C LEU R 19 -46.73 -28.41 -39.53
N GLU R 20 -47.06 -28.93 -40.71
CA GLU R 20 -47.24 -28.07 -41.87
C GLU R 20 -48.41 -27.10 -41.67
N SER R 21 -49.50 -27.58 -41.08
CA SER R 21 -50.66 -26.74 -40.81
C SER R 21 -50.34 -25.64 -39.82
N LEU R 22 -49.60 -25.99 -38.79
CA LEU R 22 -49.22 -25.05 -37.74
C LEU R 22 -48.34 -23.91 -38.23
N ARG R 23 -47.42 -24.24 -39.13
CA ARG R 23 -46.48 -23.27 -39.68
C ARG R 23 -47.21 -22.18 -40.43
N ASN R 24 -48.24 -22.56 -41.19
CA ASN R 24 -49.02 -21.61 -41.97
C ASN R 24 -49.79 -20.65 -41.07
N ARG S 3 -9.95 -36.67 36.95
CA ARG S 3 -9.01 -36.67 38.07
C ARG S 3 -9.34 -37.77 39.06
N VAL S 4 -8.32 -38.53 39.47
CA VAL S 4 -8.50 -39.61 40.42
C VAL S 4 -8.27 -39.11 41.83
N SER S 5 -8.86 -39.81 42.81
CA SER S 5 -8.69 -39.45 44.24
C SER S 5 -7.24 -39.74 44.68
N PRO S 6 -6.48 -38.73 45.16
CA PRO S 6 -5.09 -38.94 45.57
C PRO S 6 -4.98 -39.80 46.84
N THR S 7 -4.55 -41.06 46.73
CA THR S 7 -4.36 -41.88 47.93
C THR S 7 -2.96 -41.56 48.51
N ARG S 8 -2.93 -41.19 49.79
CA ARG S 8 -1.68 -40.83 50.46
C ARG S 8 -0.69 -41.98 50.63
N SER S 9 0.60 -41.66 50.49
CA SER S 9 1.66 -42.64 50.65
C SER S 9 2.40 -42.39 51.95
N VAL S 10 2.44 -43.37 52.85
CA VAL S 10 3.18 -43.18 54.08
C VAL S 10 4.65 -43.11 53.77
N LEU S 11 5.31 -42.11 54.34
CA LEU S 11 6.74 -41.95 54.15
C LEU S 11 7.44 -42.97 55.03
N PRO S 12 8.68 -43.32 54.68
CA PRO S 12 9.48 -44.27 55.47
C PRO S 12 9.77 -43.73 56.87
N ALA S 13 9.93 -44.62 57.83
CA ALA S 13 10.15 -44.21 59.22
C ALA S 13 11.40 -43.34 59.41
N ASN S 14 12.46 -43.64 58.66
CA ASN S 14 13.70 -42.88 58.73
C ASN S 14 13.77 -41.76 57.69
N TRP S 15 12.65 -41.44 57.04
CA TRP S 15 12.69 -40.42 55.99
C TRP S 15 13.18 -39.07 56.51
N ARG S 16 12.76 -38.69 57.69
CA ARG S 16 13.24 -37.45 58.25
C ARG S 16 14.74 -37.60 58.42
N GLN S 17 15.18 -38.79 58.84
CA GLN S 17 16.60 -39.01 59.06
C GLN S 17 17.36 -39.16 57.75
N GLU S 18 16.68 -39.67 56.72
CA GLU S 18 17.26 -39.82 55.36
C GLU S 18 17.54 -38.51 54.59
N LEU S 19 16.60 -37.57 54.62
CA LEU S 19 16.73 -36.27 53.97
C LEU S 19 17.74 -35.38 54.67
N GLU S 20 17.80 -35.48 56.00
CA GLU S 20 18.73 -34.68 56.77
C GLU S 20 20.19 -35.02 56.43
N SER S 21 20.47 -36.31 56.25
CA SER S 21 21.81 -36.74 55.89
C SER S 21 22.22 -36.25 54.52
N LEU S 22 21.29 -36.31 53.58
CA LEU S 22 21.53 -35.88 52.21
C LEU S 22 21.85 -34.40 52.09
N ARG S 23 21.14 -33.60 52.87
CA ARG S 23 21.30 -32.15 52.83
C ARG S 23 22.71 -31.74 53.24
N ASN S 24 23.25 -32.42 54.25
CA ASN S 24 24.59 -32.15 54.73
C ASN S 24 25.66 -32.47 53.69
N ARG T 3 21.06 -9.82 -47.66
CA ARG T 3 20.10 -9.76 -48.76
C ARG T 3 20.76 -10.08 -50.09
N VAL T 4 20.14 -10.96 -50.86
CA VAL T 4 20.67 -11.36 -52.15
C VAL T 4 20.12 -10.47 -53.25
N SER T 5 20.84 -10.38 -54.37
CA SER T 5 20.38 -9.56 -55.53
C SER T 5 19.18 -10.23 -56.19
N PRO T 6 18.01 -9.56 -56.28
CA PRO T 6 16.81 -10.15 -56.88
C PRO T 6 16.95 -10.36 -58.39
N THR T 7 17.27 -11.58 -58.83
CA THR T 7 17.37 -11.83 -60.29
C THR T 7 15.95 -11.94 -60.85
N ARG T 8 15.65 -11.20 -61.91
CA ARG T 8 14.31 -11.15 -62.50
C ARG T 8 13.82 -12.44 -63.19
N SER T 9 12.52 -12.71 -63.07
CA SER T 9 11.90 -13.88 -63.69
C SER T 9 11.00 -13.42 -64.83
N VAL T 10 11.23 -13.93 -66.04
CA VAL T 10 10.36 -13.57 -67.14
C VAL T 10 9.03 -14.27 -66.96
N LEU T 11 7.97 -13.51 -67.11
CA LEU T 11 6.63 -14.07 -67.02
C LEU T 11 6.35 -14.82 -68.31
N PRO T 12 5.42 -15.79 -68.26
CA PRO T 12 5.07 -16.56 -69.45
C PRO T 12 4.44 -15.66 -70.51
N ALA T 13 4.61 -16.02 -71.79
CA ALA T 13 4.12 -15.19 -72.88
C ALA T 13 2.60 -14.95 -72.84
N ASN T 14 1.85 -15.97 -72.44
CA ASN T 14 0.40 -15.88 -72.34
C ASN T 14 -0.08 -15.48 -70.93
N TRP T 15 0.83 -15.03 -70.07
CA TRP T 15 0.43 -14.68 -68.70
C TRP T 15 -0.65 -13.61 -68.66
N ARG T 16 -0.53 -12.60 -69.50
CA ARG T 16 -1.55 -11.58 -69.51
C ARG T 16 -2.85 -12.28 -69.88
N GLN T 17 -2.77 -13.25 -70.80
CA GLN T 17 -3.97 -13.95 -71.24
C GLN T 17 -4.46 -14.94 -70.19
N GLU T 18 -3.53 -15.48 -69.39
CA GLU T 18 -3.85 -16.41 -68.30
C GLU T 18 -4.59 -15.80 -67.08
N LEU T 19 -4.15 -14.63 -66.62
CA LEU T 19 -4.75 -13.91 -65.51
C LEU T 19 -6.11 -13.35 -65.87
N GLU T 20 -6.26 -12.90 -67.12
CA GLU T 20 -7.52 -12.34 -67.57
C GLU T 20 -8.64 -13.39 -67.54
N SER T 21 -8.33 -14.62 -67.95
CA SER T 21 -9.30 -15.68 -67.94
C SER T 21 -9.75 -16.03 -66.53
N LEU T 22 -8.79 -16.06 -65.62
CA LEU T 22 -9.06 -16.40 -64.22
C LEU T 22 -9.97 -15.39 -63.53
N ARG T 23 -9.76 -14.12 -63.83
CA ARG T 23 -10.52 -13.05 -63.22
C ARG T 23 -12.00 -13.16 -63.55
N ASN T 24 -12.29 -13.52 -64.80
CA ASN T 24 -13.67 -13.68 -65.26
C ASN T 24 -14.38 -14.83 -64.56
N ARG U 3 43.40 -30.41 1.42
CA ARG U 3 44.14 -30.33 2.67
C ARG U 3 45.39 -31.20 2.63
N VAL U 4 46.52 -30.64 3.04
CA VAL U 4 47.77 -31.36 3.06
C VAL U 4 47.99 -32.04 4.40
N SER U 5 48.80 -33.09 4.41
CA SER U 5 49.12 -33.82 5.67
C SER U 5 50.00 -32.95 6.56
N PRO U 6 49.57 -32.62 7.80
CA PRO U 6 50.35 -31.77 8.70
C PRO U 6 51.64 -32.45 9.19
N THR U 7 52.80 -32.05 8.69
CA THR U 7 54.05 -32.63 9.20
C THR U 7 54.46 -31.87 10.46
N ARG U 8 54.67 -32.62 11.55
CA ARG U 8 55.02 -32.04 12.85
C ARG U 8 56.40 -31.36 12.88
N SER U 9 56.47 -30.24 13.62
CA SER U 9 57.70 -29.50 13.77
C SER U 9 58.23 -29.69 15.19
N VAL U 10 59.45 -30.19 15.34
CA VAL U 10 59.99 -30.34 16.67
C VAL U 10 60.29 -28.97 17.22
N LEU U 11 59.87 -28.74 18.45
CA LEU U 11 60.14 -27.48 19.12
C LEU U 11 61.58 -27.49 19.60
N PRO U 12 62.14 -26.29 19.83
CA PRO U 12 63.52 -26.16 20.32
C PRO U 12 63.68 -26.79 21.71
N ALA U 13 64.89 -27.26 22.01
CA ALA U 13 65.14 -27.93 23.29
C ALA U 13 64.84 -27.05 24.51
N ASN U 14 65.14 -25.76 24.41
CA ASN U 14 64.91 -24.81 25.49
C ASN U 14 63.55 -24.11 25.37
N TRP U 15 62.67 -24.61 24.50
CA TRP U 15 61.37 -23.94 24.32
C TRP U 15 60.59 -23.84 25.62
N ARG U 16 60.60 -24.91 26.41
CA ARG U 16 59.90 -24.86 27.66
C ARG U 16 60.57 -23.77 28.48
N GLN U 17 61.90 -23.67 28.39
CA GLN U 17 62.62 -22.67 29.17
C GLN U 17 62.47 -21.28 28.59
N GLU U 18 62.26 -21.19 27.27
CA GLU U 18 62.02 -19.92 26.56
C GLU U 18 60.67 -19.21 26.84
N LEU U 19 59.58 -19.99 26.86
CA LEU U 19 58.25 -19.49 27.15
C LEU U 19 58.09 -19.10 28.61
N GLU U 20 58.72 -19.85 29.50
CA GLU U 20 58.64 -19.57 30.92
C GLU U 20 59.24 -18.21 31.26
N SER U 21 60.36 -17.87 30.63
CA SER U 21 61.02 -16.59 30.86
C SER U 21 60.15 -15.44 30.39
N LEU U 22 59.53 -15.61 29.23
CA LEU U 22 58.69 -14.59 28.63
C LEU U 22 57.46 -14.27 29.47
N ARG U 23 56.86 -15.30 30.05
CA ARG U 23 55.66 -15.13 30.85
C ARG U 23 55.92 -14.25 32.07
N ASN U 24 57.08 -14.45 32.69
CA ASN U 24 57.46 -13.67 33.86
C ASN U 24 57.65 -12.19 33.53
N ARG V 3 -4.30 45.56 -26.73
CA ARG V 3 -5.09 45.47 -27.95
C ARG V 3 -5.15 46.80 -28.68
N VAL V 4 -4.90 46.77 -29.98
CA VAL V 4 -4.92 47.97 -30.79
C VAL V 4 -6.31 48.19 -31.39
N SER V 5 -6.61 49.44 -31.73
CA SER V 5 -7.92 49.79 -32.35
C SER V 5 -7.99 49.23 -33.77
N PRO V 6 -8.96 48.35 -34.09
CA PRO V 6 -9.06 47.76 -35.43
C PRO V 6 -9.46 48.79 -36.50
N THR V 7 -8.48 49.29 -37.25
CA THR V 7 -8.83 50.26 -38.33
C THR V 7 -9.41 49.46 -39.51
N ARG V 8 -10.56 49.87 -40.02
CA ARG V 8 -11.27 49.15 -41.10
C ARG V 8 -10.60 49.18 -42.48
N SER V 9 -10.71 48.07 -43.21
CA SER V 9 -10.16 47.94 -44.54
C SER V 9 -11.29 47.94 -45.57
N VAL V 10 -11.27 48.86 -46.52
CA VAL V 10 -12.29 48.85 -47.53
C VAL V 10 -12.01 47.68 -48.45
N LEU V 11 -13.05 46.92 -48.74
CA LEU V 11 -12.90 45.79 -49.64
C LEU V 11 -12.72 46.34 -51.04
N PRO V 12 -11.98 45.61 -51.88
CA PRO V 12 -11.73 46.05 -53.26
C PRO V 12 -13.02 46.12 -54.07
N ALA V 13 -13.07 47.04 -55.03
CA ALA V 13 -14.27 47.23 -55.83
C ALA V 13 -14.65 45.92 -56.51
N ASN V 14 -15.94 45.62 -56.47
CA ASN V 14 -16.53 44.39 -56.98
C ASN V 14 -15.96 43.13 -56.32
N TRP V 15 -15.65 43.24 -55.03
CA TRP V 15 -15.13 42.11 -54.29
C TRP V 15 -16.24 41.07 -54.36
N ARG V 16 -17.47 41.54 -54.31
CA ARG V 16 -18.60 40.67 -54.35
C ARG V 16 -18.53 39.92 -55.66
N GLN V 17 -18.11 40.60 -56.73
CA GLN V 17 -18.07 39.90 -58.00
C GLN V 17 -16.93 38.88 -58.04
N GLU V 18 -15.86 39.13 -57.30
CA GLU V 18 -14.72 38.21 -57.19
C GLU V 18 -14.98 36.88 -56.43
N LEU V 19 -15.67 36.96 -55.28
CA LEU V 19 -16.01 35.81 -54.48
C LEU V 19 -17.07 34.95 -55.14
N GLU V 20 -18.01 35.59 -55.84
CA GLU V 20 -19.06 34.86 -56.52
C GLU V 20 -18.50 33.95 -57.62
N SER V 21 -17.50 34.44 -58.35
CA SER V 21 -16.88 33.65 -59.42
C SER V 21 -16.16 32.45 -58.85
N LEU V 22 -15.45 32.66 -57.74
CA LEU V 22 -14.69 31.60 -57.09
C LEU V 22 -15.55 30.46 -56.58
N ARG V 23 -16.71 30.82 -56.02
CA ARG V 23 -17.63 29.84 -55.46
C ARG V 23 -18.11 28.86 -56.52
N ASN V 24 -18.41 29.38 -57.70
CA ASN V 24 -18.89 28.57 -58.80
C ASN V 24 -17.83 27.57 -59.28
N ARG W 3 40.23 33.57 7.96
CA ARG W 3 40.90 33.41 9.25
C ARG W 3 42.02 34.43 9.41
N VAL W 4 42.06 35.07 10.58
CA VAL W 4 43.07 36.06 10.86
C VAL W 4 44.27 35.42 11.55
N SER W 5 45.43 36.06 11.45
CA SER W 5 46.66 35.55 12.09
C SER W 5 46.56 35.71 13.61
N PRO W 6 46.63 34.61 14.40
CA PRO W 6 46.51 34.70 15.86
C PRO W 6 47.70 35.42 16.52
N THR W 7 47.51 36.65 17.00
CA THR W 7 48.61 37.33 17.71
C THR W 7 48.60 36.88 19.18
N ARG W 8 49.74 36.38 19.64
CA ARG W 8 49.88 35.87 21.01
C ARG W 8 49.73 36.94 22.10
N SER W 9 49.08 36.56 23.21
CA SER W 9 48.89 37.47 24.33
C SER W 9 49.80 37.04 25.48
N VAL W 10 50.68 37.93 25.93
CA VAL W 10 51.52 37.57 27.05
C VAL W 10 50.65 37.46 28.28
N LEU W 11 50.82 36.38 29.02
CA LEU W 11 50.09 36.19 30.25
C LEU W 11 50.73 37.04 31.33
N PRO W 12 49.98 37.34 32.39
CA PRO W 12 50.49 38.15 33.50
C PRO W 12 51.65 37.43 34.20
N ALA W 13 52.57 38.20 34.77
CA ALA W 13 53.75 37.62 35.41
C ALA W 13 53.42 36.67 36.56
N ASN W 14 52.39 36.99 37.32
CA ASN W 14 51.95 36.17 38.44
C ASN W 14 50.85 35.15 38.05
N TRP W 15 50.62 34.97 36.76
CA TRP W 15 49.55 34.07 36.33
C TRP W 15 49.75 32.65 36.85
N ARG W 16 50.98 32.16 36.83
CA ARG W 16 51.21 30.84 37.35
C ARG W 16 50.82 30.88 38.82
N GLN W 17 51.12 32.00 39.49
CA GLN W 17 50.80 32.10 40.91
C GLN W 17 49.31 32.34 41.14
N GLU W 18 48.64 32.98 40.18
CA GLU W 18 47.19 33.21 40.24
C GLU W 18 46.28 31.96 40.09
N LEU W 19 46.61 31.09 39.12
CA LEU W 19 45.88 29.86 38.88
C LEU W 19 46.09 28.85 39.99
N GLU W 20 47.30 28.81 40.54
CA GLU W 20 47.59 27.88 41.62
C GLU W 20 46.75 28.16 42.86
N SER W 21 46.56 29.44 43.18
CA SER W 21 45.77 29.83 44.34
C SER W 21 44.31 29.43 44.16
N LEU W 22 43.80 29.64 42.95
CA LEU W 22 42.41 29.33 42.63
C LEU W 22 42.09 27.84 42.73
N ARG W 23 43.02 27.02 42.29
CA ARG W 23 42.84 25.58 42.29
C ARG W 23 42.66 25.04 43.71
N ASN W 24 43.42 25.58 44.65
CA ASN W 24 43.36 25.18 46.04
C ASN W 24 42.01 25.54 46.67
N ARG X 3 -51.31 12.91 2.72
CA ARG X 3 -51.97 13.02 1.42
C ARG X 3 -53.43 13.42 1.57
N VAL X 4 -53.85 14.41 0.79
CA VAL X 4 -55.22 14.88 0.84
C VAL X 4 -56.09 14.14 -0.17
N SER X 5 -57.39 14.10 0.08
CA SER X 5 -58.35 13.44 -0.85
C SER X 5 -58.46 14.25 -2.15
N PRO X 6 -58.15 13.66 -3.32
CA PRO X 6 -58.21 14.38 -4.60
C PRO X 6 -59.65 14.73 -5.01
N THR X 7 -60.07 15.98 -4.90
CA THR X 7 -61.41 16.36 -5.36
C THR X 7 -61.36 16.61 -6.87
N ARG X 8 -62.23 15.93 -7.61
CA ARG X 8 -62.28 16.02 -9.07
C ARG X 8 -62.68 17.40 -9.61
N SER X 9 -62.06 17.80 -10.72
CA SER X 9 -62.36 19.07 -11.36
C SER X 9 -63.13 18.81 -12.64
N VAL X 10 -64.33 19.36 -12.77
CA VAL X 10 -65.06 19.17 -14.01
C VAL X 10 -64.36 19.94 -15.12
N LEU X 11 -64.14 19.27 -16.24
CA LEU X 11 -63.53 19.90 -17.38
C LEU X 11 -64.56 20.79 -18.05
N PRO X 12 -64.10 21.80 -18.80
CA PRO X 12 -65.01 22.71 -19.50
C PRO X 12 -65.82 21.95 -20.55
N ALA X 13 -67.03 22.43 -20.83
CA ALA X 13 -67.92 21.75 -21.77
C ALA X 13 -67.33 21.59 -23.17
N ASN X 14 -66.60 22.60 -23.63
CA ASN X 14 -65.97 22.59 -24.94
C ASN X 14 -64.52 22.09 -24.90
N TRP X 15 -64.09 21.51 -23.78
CA TRP X 15 -62.69 21.07 -23.67
C TRP X 15 -62.30 20.08 -24.75
N ARG X 16 -63.18 19.15 -25.06
CA ARG X 16 -62.87 18.20 -26.10
C ARG X 16 -62.68 19.02 -27.37
N GLN X 17 -63.50 20.05 -27.54
CA GLN X 17 -63.40 20.87 -28.75
C GLN X 17 -62.20 21.79 -28.71
N GLU X 18 -61.77 22.18 -27.51
CA GLU X 18 -60.58 23.02 -27.31
C GLU X 18 -59.21 22.35 -27.60
N LEU X 19 -59.03 21.12 -27.13
CA LEU X 19 -57.82 20.34 -27.35
C LEU X 19 -57.69 19.90 -28.80
N GLU X 20 -58.80 19.59 -29.43
CA GLU X 20 -58.78 19.15 -30.82
C GLU X 20 -58.27 20.26 -31.74
N SER X 21 -58.68 21.50 -31.49
CA SER X 21 -58.24 22.63 -32.29
C SER X 21 -56.74 22.87 -32.14
N LEU X 22 -56.26 22.76 -30.92
CA LEU X 22 -54.85 22.96 -30.62
C LEU X 22 -53.94 21.96 -31.29
N ARG X 23 -54.37 20.71 -31.33
CA ARG X 23 -53.59 19.63 -31.92
C ARG X 23 -53.33 19.86 -33.39
N ASN X 24 -54.35 20.36 -34.10
CA ASN X 24 -54.24 20.65 -35.51
C ASN X 24 -53.25 21.77 -35.80
#